data_7XZH
#
_entry.id   7XZH
#
_cell.length_a   1.00
_cell.length_b   1.00
_cell.length_c   1.00
_cell.angle_alpha   90.00
_cell.angle_beta   90.00
_cell.angle_gamma   90.00
#
_symmetry.space_group_name_H-M   'P 1'
#
loop_
_entity.id
_entity.type
_entity.pdbx_description
1 polymer 'Volume-regulated anion channel subunit LRRC8A'
2 non-polymer O-[(R)-{[(2R)-2,3-bis(octadecanoyloxy)propyl]oxy}(hydroxy)phosphoryl]-L-serine
3 non-polymer '(2S)-3-(hexadecanoyloxy)-2-[(9Z)-octadec-9-enoyloxy]propyl 2-(trimethylammonio)ethyl phosphate'
4 non-polymer CHOLESTEROL
#
_entity_poly.entity_id   1
_entity_poly.type   'polypeptide(L)'
_entity_poly.pdbx_seq_one_letter_code
;MIPVTELRYFADTQPAYRILKPWWDVFTDYISIVMLMIAVFGGTLQVTQDKMICLPCKWVTKDSCNDSFRGWAAPGPEPT
YPNSTILPTPDTGPTGIKYDLDRHQYNYVDAVCYENRLHWFAKYFPYLVLLHTLIFLACSNFWFKFPRTSSKLEHFVSIL
LKCFDSPWTTRALSETVVEESDPKPAFSKMNGSMDKKSSTVSEDVEATVPMLQRTKSRIEQGIVDRSETGVLDKKEGEQA
KALFEKVKKFRTHVEEGDIVYRLYMRQTIIKVIKFILIICYTVYYVHNIKFDVDCTVDIESLTGYRTYRCAHPLATLFKI
LASFYISLVIFYGLICMYTLWWMLRRSLKKYSFESIREESSYSDIPDVKNDFAFMLHLIDQYDPLYSKRFAVFLSEVSEN
KLRQLNLNNEWTLDKLRQRLTKNAQDKLELHLFMLSGIPDTVFDLVELEVLKLELIPDVTIPPSIAQLTGLKELWLYHTA
AKIEAPALAFLRENLRALHIKFTDIKEIPLWIYSLKTLEELHLTGNLSAENNRYIVIDGLRELKRLKVLRLKSNLSKLPQ
VVTDVGVHLQKLSINNEGTKLIVLNSLKKMANLTELELIRCDLERIPHSIFSLHNLQEIDLKDNNLKTIEEIISFQHLHR
LTCLKLWYNHIAYIPIQIGNLTNLERLYLNRNKIEKIPTQLFYCRKLRYLDLSHNNLTFLPADIGLLQNLQNLAITANRI
ETLPPELFQCRKLRALHLGNNVLQSLPSRVGELTNLTQIELRGNRLECLPVELGECPLLKRSGLVVEEDLFNTLPPEVKE
RLWRADKE
;
_entity_poly.pdbx_strand_id   A,B,C,D,E,F
#
loop_
_chem_comp.id
_chem_comp.type
_chem_comp.name
_chem_comp.formula
CLR non-polymer CHOLESTEROL 'C27 H46 O'
P5S non-polymer O-[(R)-{[(2R)-2,3-bis(octadecanoyloxy)propyl]oxy}(hydroxy)phosphoryl]-L-serine 'C42 H82 N O10 P'
POV non-polymer '(2S)-3-(hexadecanoyloxy)-2-[(9Z)-octadec-9-enoyloxy]propyl 2-(trimethylammonio)ethyl phosphate' 'C42 H82 N O8 P'
#
# COMPACT_ATOMS: atom_id res chain seq x y z
N MET A 1 -11.20 59.45 -10.23
CA MET A 1 -11.04 58.84 -11.54
C MET A 1 -9.90 57.84 -11.53
N ILE A 2 -10.14 56.71 -10.87
CA ILE A 2 -9.23 55.58 -10.88
C ILE A 2 -10.06 54.33 -11.12
N PRO A 3 -9.83 53.62 -12.22
CA PRO A 3 -10.66 52.46 -12.57
C PRO A 3 -11.01 51.55 -11.40
N VAL A 4 -12.23 51.02 -11.42
CA VAL A 4 -12.78 50.28 -10.29
C VAL A 4 -11.91 49.08 -9.97
N THR A 5 -11.39 48.41 -11.01
CA THR A 5 -10.71 47.14 -10.81
C THR A 5 -9.55 47.26 -9.82
N GLU A 6 -8.89 48.41 -9.79
CA GLU A 6 -7.87 48.62 -8.78
C GLU A 6 -8.38 49.37 -7.56
N LEU A 7 -9.58 49.93 -7.62
CA LEU A 7 -10.28 50.27 -6.40
C LEU A 7 -10.87 49.04 -5.77
N ARG A 8 -11.04 47.97 -6.54
CA ARG A 8 -11.40 46.68 -6.02
C ARG A 8 -10.12 45.96 -5.61
N TYR A 9 -9.31 46.68 -4.90
CA TYR A 9 -8.30 46.18 -4.00
C TYR A 9 -8.79 46.21 -2.58
N PHE A 10 -9.46 47.28 -2.19
CA PHE A 10 -10.03 47.40 -0.86
C PHE A 10 -11.23 46.50 -0.69
N ALA A 11 -12.02 46.34 -1.75
CA ALA A 11 -13.31 45.64 -1.71
C ALA A 11 -13.19 44.19 -2.10
N ASP A 12 -12.29 43.42 -1.49
CA ASP A 12 -12.27 42.01 -1.81
C ASP A 12 -11.62 41.25 -0.66
N THR A 13 -12.04 40.00 -0.50
CA THR A 13 -11.43 39.09 0.47
C THR A 13 -11.39 37.70 -0.14
N GLN A 14 -10.46 36.90 0.36
CA GLN A 14 -10.29 35.55 -0.16
C GLN A 14 -11.60 34.79 -0.02
N PRO A 15 -11.97 33.99 -1.02
CA PRO A 15 -13.29 33.32 -0.98
C PRO A 15 -13.41 32.31 0.12
N ALA A 16 -12.32 31.97 0.81
CA ALA A 16 -12.40 31.10 1.97
C ALA A 16 -13.34 31.64 3.02
N TYR A 17 -13.71 32.91 2.93
CA TYR A 17 -14.47 33.57 3.96
C TYR A 17 -15.94 33.74 3.63
N ARG A 18 -16.42 33.18 2.53
CA ARG A 18 -17.86 33.26 2.29
C ARG A 18 -18.65 32.70 3.45
N ILE A 19 -18.08 31.73 4.16
CA ILE A 19 -18.76 31.18 5.32
C ILE A 19 -18.98 32.25 6.36
N LEU A 20 -18.11 33.24 6.42
CA LEU A 20 -18.15 34.20 7.51
C LEU A 20 -18.89 35.48 7.14
N LYS A 21 -19.37 35.51 6.00
CA LYS A 21 -20.06 36.72 5.58
C LYS A 21 -21.55 36.48 5.56
N PRO A 22 -22.30 36.98 6.51
CA PRO A 22 -23.75 36.80 6.49
C PRO A 22 -24.39 37.57 5.36
N TRP A 23 -25.71 37.52 5.24
CA TRP A 23 -26.36 38.20 4.13
C TRP A 23 -26.20 39.70 4.22
N TRP A 24 -26.11 40.26 5.42
CA TRP A 24 -25.92 41.70 5.50
C TRP A 24 -24.55 42.10 5.00
N ASP A 25 -23.53 41.28 5.27
CA ASP A 25 -22.20 41.60 4.74
C ASP A 25 -22.18 41.50 3.22
N VAL A 26 -22.87 40.51 2.66
CA VAL A 26 -22.95 40.39 1.21
C VAL A 26 -23.65 41.61 0.61
N PHE A 27 -24.77 42.01 1.21
CA PHE A 27 -25.52 43.14 0.68
C PHE A 27 -24.71 44.42 0.77
N THR A 28 -24.01 44.63 1.88
CA THR A 28 -23.20 45.83 1.99
C THR A 28 -22.02 45.79 1.03
N ASP A 29 -21.46 44.62 0.77
CA ASP A 29 -20.39 44.54 -0.23
C ASP A 29 -20.92 44.93 -1.60
N TYR A 30 -22.08 44.40 -1.98
CA TYR A 30 -22.67 44.76 -3.26
C TYR A 30 -22.95 46.25 -3.34
N ILE A 31 -23.58 46.80 -2.31
CA ILE A 31 -23.93 48.21 -2.31
C ILE A 31 -22.68 49.06 -2.39
N SER A 32 -21.63 48.68 -1.66
CA SER A 32 -20.38 49.41 -1.70
C SER A 32 -19.78 49.41 -3.08
N ILE A 33 -19.84 48.28 -3.78
CA ILE A 33 -19.36 48.25 -5.16
C ILE A 33 -20.16 49.23 -6.02
N VAL A 34 -21.47 49.29 -5.80
CA VAL A 34 -22.27 50.20 -6.62
C VAL A 34 -21.93 51.66 -6.31
N MET A 35 -21.78 52.01 -5.03
CA MET A 35 -21.40 53.38 -4.71
C MET A 35 -20.02 53.71 -5.23
N LEU A 36 -19.12 52.73 -5.23
CA LEU A 36 -17.82 52.93 -5.84
C LEU A 36 -17.95 53.19 -7.33
N MET A 37 -18.87 52.49 -7.98
CA MET A 37 -19.11 52.71 -9.39
C MET A 37 -19.57 54.13 -9.66
N ILE A 38 -20.53 54.61 -8.88
CA ILE A 38 -21.00 55.98 -9.13
C ILE A 38 -19.96 57.01 -8.72
N ALA A 39 -19.12 56.72 -7.74
CA ALA A 39 -18.02 57.63 -7.43
C ALA A 39 -17.07 57.74 -8.60
N VAL A 40 -16.71 56.60 -9.19
CA VAL A 40 -15.85 56.62 -10.37
C VAL A 40 -16.51 57.38 -11.51
N PHE A 41 -17.79 57.11 -11.75
CA PHE A 41 -18.47 57.76 -12.86
C PHE A 41 -18.50 59.27 -12.66
N GLY A 42 -18.87 59.72 -11.46
CA GLY A 42 -18.88 61.14 -11.20
C GLY A 42 -17.49 61.76 -11.30
N GLY A 43 -16.47 61.02 -10.87
CA GLY A 43 -15.11 61.55 -10.96
C GLY A 43 -14.68 61.79 -12.40
N THR A 44 -14.91 60.79 -13.26
CA THR A 44 -14.58 60.99 -14.67
C THR A 44 -15.42 62.09 -15.28
N LEU A 45 -16.70 62.15 -14.90
CA LEU A 45 -17.59 63.16 -15.43
C LEU A 45 -17.08 64.55 -15.10
N GLN A 46 -16.63 64.75 -13.86
CA GLN A 46 -16.12 66.05 -13.47
C GLN A 46 -14.80 66.35 -14.14
N VAL A 47 -13.89 65.38 -14.17
CA VAL A 47 -12.56 65.63 -14.72
C VAL A 47 -12.64 66.00 -16.19
N THR A 48 -13.41 65.24 -16.96
CA THR A 48 -13.49 65.51 -18.39
C THR A 48 -14.30 66.77 -18.69
N GLN A 49 -15.32 67.07 -17.88
CA GLN A 49 -16.03 68.33 -18.06
C GLN A 49 -16.51 68.83 -16.70
N ASP A 50 -15.67 69.63 -16.04
CA ASP A 50 -16.12 70.44 -14.91
C ASP A 50 -16.44 71.85 -15.37
N LYS A 51 -17.19 71.97 -16.45
CA LYS A 51 -17.36 73.28 -17.04
C LYS A 51 -18.33 74.10 -16.21
N MET A 52 -18.33 75.41 -16.46
CA MET A 52 -19.32 76.29 -15.88
C MET A 52 -19.40 77.53 -16.76
N ILE A 53 -20.39 77.59 -17.63
CA ILE A 53 -20.46 78.62 -18.67
C ILE A 53 -21.08 79.87 -18.06
N CYS A 54 -20.37 80.98 -18.13
CA CYS A 54 -20.80 82.21 -17.50
C CYS A 54 -20.91 83.32 -18.54
N LEU A 55 -21.99 84.07 -18.47
CA LEU A 55 -22.22 85.27 -19.26
C LEU A 55 -22.43 86.46 -18.34
N PRO A 56 -21.97 87.64 -18.73
CA PRO A 56 -22.20 88.82 -17.89
C PRO A 56 -23.64 89.29 -17.97
N CYS A 57 -24.03 90.07 -16.98
CA CYS A 57 -25.34 90.72 -16.95
C CYS A 57 -25.14 92.21 -17.09
N LYS A 58 -25.83 92.82 -18.04
CA LYS A 58 -25.68 94.25 -18.27
C LYS A 58 -26.57 95.06 -17.35
N TRP A 59 -27.84 94.69 -17.23
CA TRP A 59 -28.78 95.38 -16.36
C TRP A 59 -28.89 94.57 -15.07
N VAL A 60 -28.66 95.23 -13.94
CA VAL A 60 -28.69 94.60 -12.64
C VAL A 60 -29.74 95.30 -11.79
N THR A 61 -30.63 94.52 -11.20
CA THR A 61 -31.66 95.01 -10.28
C THR A 61 -31.54 94.29 -8.96
N LYS A 62 -31.54 95.05 -7.88
CA LYS A 62 -31.35 94.56 -6.50
C LYS A 62 -30.30 93.44 -6.45
N ASP A 63 -29.12 93.78 -6.96
CA ASP A 63 -27.95 92.89 -6.94
C ASP A 63 -28.23 91.59 -7.69
N SER A 64 -29.01 91.70 -8.76
CA SER A 64 -29.31 90.56 -9.60
C SER A 64 -29.63 91.06 -11.00
N CYS A 65 -29.47 90.18 -11.98
CA CYS A 65 -29.77 90.52 -13.36
C CYS A 65 -31.25 90.83 -13.48
N ASN A 66 -31.56 91.90 -14.24
CA ASN A 66 -32.96 92.33 -14.33
C ASN A 66 -33.84 91.28 -15.01
N ASP A 67 -33.26 90.42 -15.85
CA ASP A 67 -33.99 89.37 -16.54
C ASP A 67 -35.17 89.93 -17.32
N SER A 68 -34.99 91.11 -17.92
CA SER A 68 -36.04 91.77 -18.67
C SER A 68 -35.74 91.73 -20.17
N THR A 92 -35.62 96.60 -35.59
CA THR A 92 -36.68 95.72 -36.08
C THR A 92 -36.59 94.34 -35.44
N GLY A 93 -35.88 93.44 -36.10
CA GLY A 93 -35.74 92.07 -35.65
C GLY A 93 -34.80 91.94 -34.47
N PRO A 94 -34.84 90.78 -33.81
CA PRO A 94 -33.94 90.55 -32.69
C PRO A 94 -32.49 90.52 -33.14
N THR A 95 -31.61 90.98 -32.25
CA THR A 95 -30.18 91.03 -32.51
C THR A 95 -29.45 90.55 -31.28
N GLY A 96 -28.23 90.04 -31.49
CA GLY A 96 -27.47 89.51 -30.38
C GLY A 96 -26.90 90.60 -29.49
N ILE A 97 -26.73 90.26 -28.22
CA ILE A 97 -26.12 91.16 -27.25
C ILE A 97 -24.61 91.06 -27.38
N LYS A 98 -23.96 92.21 -27.53
CA LYS A 98 -22.52 92.26 -27.74
C LYS A 98 -21.83 92.55 -26.41
N TYR A 99 -21.11 91.57 -25.90
CA TYR A 99 -20.45 91.72 -24.61
C TYR A 99 -19.00 92.18 -24.71
N ASP A 100 -18.43 92.16 -25.91
CA ASP A 100 -17.08 92.69 -26.14
C ASP A 100 -16.01 91.96 -25.34
N LEU A 101 -16.24 90.71 -24.99
CA LEU A 101 -15.23 89.95 -24.26
C LEU A 101 -14.54 88.99 -25.20
N ASP A 102 -13.23 88.86 -25.01
CA ASP A 102 -12.47 87.83 -25.69
C ASP A 102 -12.91 86.46 -25.20
N ARG A 103 -12.46 85.41 -25.88
CA ARG A 103 -12.73 84.07 -25.38
C ARG A 103 -12.02 83.82 -24.08
N HIS A 104 -10.81 84.33 -23.92
CA HIS A 104 -10.03 84.09 -22.73
C HIS A 104 -10.58 84.80 -21.51
N GLN A 105 -11.18 85.98 -21.67
CA GLN A 105 -11.87 86.60 -20.55
C GLN A 105 -13.05 85.75 -20.10
N TYR A 106 -13.75 85.13 -21.05
CA TYR A 106 -14.81 84.20 -20.71
C TYR A 106 -14.26 83.03 -19.92
N ASN A 107 -13.13 82.48 -20.36
CA ASN A 107 -12.51 81.40 -19.61
C ASN A 107 -12.15 81.85 -18.20
N TYR A 108 -11.63 83.06 -18.06
CA TYR A 108 -11.24 83.56 -16.75
C TYR A 108 -12.44 83.69 -15.83
N VAL A 109 -13.54 84.27 -16.33
CA VAL A 109 -14.70 84.42 -15.47
C VAL A 109 -15.30 83.07 -15.14
N ASP A 110 -15.25 82.11 -16.06
CA ASP A 110 -15.71 80.77 -15.73
C ASP A 110 -14.89 80.19 -14.59
N ALA A 111 -13.57 80.30 -14.67
CA ALA A 111 -12.72 79.76 -13.61
C ALA A 111 -12.98 80.47 -12.30
N VAL A 112 -13.11 81.79 -12.32
CA VAL A 112 -13.30 82.55 -11.09
C VAL A 112 -14.64 82.21 -10.46
N CYS A 113 -15.71 82.18 -11.25
CA CYS A 113 -17.02 81.88 -10.68
C CYS A 113 -17.17 80.42 -10.34
N TYR A 114 -16.38 79.55 -10.94
CA TYR A 114 -16.39 78.14 -10.54
C TYR A 114 -15.64 77.95 -9.24
N GLU A 115 -14.60 78.73 -9.00
CA GLU A 115 -13.85 78.63 -7.76
C GLU A 115 -14.56 79.31 -6.59
N ASN A 116 -15.10 80.50 -6.81
CA ASN A 116 -15.56 81.31 -5.69
C ASN A 116 -17.05 81.20 -5.43
N ARG A 117 -17.86 81.00 -6.47
CA ARG A 117 -19.30 81.09 -6.30
C ARG A 117 -20.03 79.82 -6.67
N LEU A 118 -19.34 78.69 -6.76
CA LEU A 118 -19.98 77.40 -6.92
C LEU A 118 -19.84 76.63 -5.62
N HIS A 119 -20.93 76.05 -5.15
CA HIS A 119 -20.90 75.40 -3.84
C HIS A 119 -19.97 74.20 -3.85
N TRP A 120 -19.25 74.02 -2.75
CA TRP A 120 -18.22 72.99 -2.68
C TRP A 120 -18.81 71.60 -2.89
N PHE A 121 -20.06 71.39 -2.48
CA PHE A 121 -20.69 70.10 -2.68
C PHE A 121 -20.81 69.77 -4.16
N ALA A 122 -21.23 70.75 -4.97
CA ALA A 122 -21.37 70.52 -6.40
C ALA A 122 -20.03 70.12 -7.02
N LYS A 123 -18.94 70.73 -6.57
CA LYS A 123 -17.63 70.40 -7.13
C LYS A 123 -17.17 69.03 -6.66
N TYR A 124 -17.13 68.81 -5.35
CA TYR A 124 -16.44 67.66 -4.78
C TYR A 124 -17.38 66.55 -4.36
N PHE A 125 -18.58 66.50 -4.92
CA PHE A 125 -19.46 65.38 -4.61
C PHE A 125 -18.81 64.03 -4.91
N PRO A 126 -18.31 63.77 -6.13
CA PRO A 126 -17.76 62.42 -6.40
C PRO A 126 -16.59 62.05 -5.53
N TYR A 127 -15.71 62.99 -5.19
CA TYR A 127 -14.57 62.63 -4.35
C TYR A 127 -15.00 62.31 -2.93
N LEU A 128 -16.00 63.02 -2.42
CA LEU A 128 -16.56 62.65 -1.12
C LEU A 128 -17.20 61.27 -1.19
N VAL A 129 -17.87 60.96 -2.28
CA VAL A 129 -18.45 59.63 -2.43
C VAL A 129 -17.37 58.57 -2.41
N LEU A 130 -16.26 58.81 -3.13
CA LEU A 130 -15.17 57.86 -3.14
C LEU A 130 -14.56 57.69 -1.77
N LEU A 131 -14.37 58.79 -1.04
CA LEU A 131 -13.79 58.70 0.29
C LEU A 131 -14.69 57.92 1.23
N HIS A 132 -16.00 58.19 1.19
CA HIS A 132 -16.93 57.48 2.05
C HIS A 132 -16.96 56.00 1.71
N THR A 133 -16.95 55.67 0.43
CA THR A 133 -16.97 54.26 0.05
C THR A 133 -15.70 53.55 0.49
N LEU A 134 -14.56 54.22 0.38
CA LEU A 134 -13.31 53.61 0.86
C LEU A 134 -13.36 53.37 2.36
N ILE A 135 -13.90 54.34 3.12
CA ILE A 135 -14.01 54.14 4.56
C ILE A 135 -14.93 52.98 4.87
N PHE A 136 -16.05 52.87 4.14
CA PHE A 136 -16.95 51.75 4.35
C PHE A 136 -16.26 50.43 4.07
N LEU A 137 -15.51 50.35 2.98
CA LEU A 137 -14.85 49.10 2.63
C LEU A 137 -13.79 48.73 3.66
N ALA A 138 -13.04 49.73 4.13
CA ALA A 138 -12.06 49.49 5.17
C ALA A 138 -12.72 48.98 6.43
N CYS A 139 -13.82 49.61 6.85
CA CYS A 139 -14.51 49.16 8.04
C CYS A 139 -15.08 47.76 7.86
N SER A 140 -15.46 47.40 6.64
CA SER A 140 -15.99 46.07 6.39
C SER A 140 -14.90 45.01 6.45
N ASN A 141 -13.72 45.28 5.92
CA ASN A 141 -12.68 44.26 5.77
C ASN A 141 -11.56 44.38 6.78
N PHE A 142 -11.67 45.29 7.75
CA PHE A 142 -10.58 45.48 8.70
C PHE A 142 -10.29 44.22 9.47
N TRP A 143 -11.32 43.56 9.98
CA TRP A 143 -11.12 42.37 10.77
C TRP A 143 -10.64 41.19 9.94
N PHE A 144 -10.83 41.22 8.63
CA PHE A 144 -10.19 40.26 7.74
C PHE A 144 -8.75 40.62 7.47
N LYS A 145 -8.37 41.89 7.58
CA LYS A 145 -6.99 42.30 7.35
C LYS A 145 -6.15 42.35 8.61
N PHE A 146 -6.74 42.68 9.75
CA PHE A 146 -6.05 42.72 11.02
C PHE A 146 -5.50 41.34 11.34
N PRO A 147 -4.18 41.18 11.45
CA PRO A 147 -3.62 39.84 11.68
C PRO A 147 -4.10 39.19 12.96
N ARG A 148 -4.29 39.95 14.03
CA ARG A 148 -4.66 39.34 15.30
C ARG A 148 -6.03 38.67 15.23
N THR A 149 -6.91 39.15 14.35
CA THR A 149 -8.19 38.49 14.12
C THR A 149 -8.26 37.72 12.81
N SER A 150 -7.47 38.13 11.81
CA SER A 150 -7.40 37.35 10.58
C SER A 150 -6.89 35.95 10.84
N SER A 151 -5.87 35.82 11.70
CA SER A 151 -5.35 34.51 12.03
C SER A 151 -6.41 33.65 12.70
N LYS A 152 -7.15 34.23 13.65
CA LYS A 152 -8.19 33.47 14.33
C LYS A 152 -9.27 33.03 13.36
N LEU A 153 -9.70 33.92 12.47
CA LEU A 153 -10.75 33.55 11.52
C LEU A 153 -10.28 32.45 10.58
N GLU A 154 -9.03 32.56 10.08
CA GLU A 154 -8.53 31.52 9.19
C GLU A 154 -8.42 30.18 9.90
N HIS A 155 -7.89 30.19 11.13
CA HIS A 155 -7.76 28.96 11.90
C HIS A 155 -9.11 28.34 12.15
N PHE A 156 -10.08 29.16 12.57
CA PHE A 156 -11.42 28.66 12.85
C PHE A 156 -12.08 28.10 11.61
N VAL A 157 -11.96 28.78 10.48
CA VAL A 157 -12.62 28.31 9.28
C VAL A 157 -11.97 27.04 8.75
N SER A 158 -10.65 26.90 8.86
CA SER A 158 -10.01 25.66 8.47
C SER A 158 -10.50 24.50 9.34
N ILE A 159 -10.57 24.73 10.66
CA ILE A 159 -11.08 23.68 11.55
C ILE A 159 -12.52 23.34 11.21
N LEU A 160 -13.34 24.35 10.94
CA LEU A 160 -14.73 24.12 10.61
C LEU A 160 -14.89 23.32 9.33
N LEU A 161 -14.11 23.63 8.31
CA LEU A 161 -14.15 22.87 7.07
C LEU A 161 -13.68 21.44 7.26
N LYS A 162 -12.61 21.23 8.04
CA LYS A 162 -12.16 19.88 8.29
C LYS A 162 -13.21 19.06 9.03
N CYS A 163 -13.86 19.66 10.03
CA CYS A 163 -14.94 18.96 10.71
C CYS A 163 -16.09 18.64 9.76
N PHE A 164 -16.52 19.63 8.99
CA PHE A 164 -17.67 19.44 8.11
C PHE A 164 -17.41 18.35 7.10
N ASP A 165 -16.17 18.25 6.65
CA ASP A 165 -15.82 17.25 5.64
C ASP A 165 -15.32 15.92 6.20
N SER A 166 -15.00 15.87 7.50
CA SER A 166 -14.45 14.64 8.05
C SER A 166 -15.51 13.53 8.11
N PRO A 167 -15.13 12.29 7.81
CA PRO A 167 -16.12 11.20 7.75
C PRO A 167 -16.71 10.84 9.10
N TRP A 168 -16.01 11.11 10.19
CA TRP A 168 -16.56 10.75 11.49
C TRP A 168 -17.76 11.61 11.87
N THR A 169 -17.92 12.76 11.22
CA THR A 169 -19.11 13.56 11.46
C THR A 169 -20.38 12.87 10.98
N THR A 170 -20.32 12.19 9.84
CA THR A 170 -21.46 11.42 9.37
C THR A 170 -21.49 10.03 9.96
N ARG A 171 -20.34 9.52 10.42
CA ARG A 171 -20.35 8.30 11.23
C ARG A 171 -21.06 8.56 12.54
N ALA A 172 -20.88 9.75 13.12
CA ALA A 172 -21.63 10.10 14.33
C ALA A 172 -22.85 10.89 13.90
N LEU A 173 -23.53 11.54 14.85
CA LEU A 173 -24.75 12.31 14.55
C LEU A 173 -25.74 11.58 13.66
N SER A 174 -25.83 10.26 13.81
CA SER A 174 -26.74 9.46 13.02
C SER A 174 -27.17 8.40 13.99
N GLU A 175 -26.22 7.92 14.79
CA GLU A 175 -26.56 6.96 15.82
C GLU A 175 -27.06 7.82 16.97
N VAL A 231 -13.91 -2.69 12.10
CA VAL A 231 -13.46 -2.97 10.74
C VAL A 231 -13.52 -1.71 9.89
N LEU A 232 -13.24 -0.57 10.52
CA LEU A 232 -13.22 0.72 9.85
C LEU A 232 -11.79 1.06 9.47
N ASP A 233 -11.64 1.98 8.53
CA ASP A 233 -10.31 2.37 8.09
C ASP A 233 -9.58 3.04 9.23
N LYS A 234 -8.31 2.67 9.41
CA LYS A 234 -7.52 3.32 10.44
C LYS A 234 -7.06 4.71 10.03
N LYS A 235 -6.81 4.91 8.73
CA LYS A 235 -6.39 6.22 8.25
C LYS A 235 -7.39 7.30 8.68
N GLU A 236 -8.68 7.05 8.49
CA GLU A 236 -9.66 8.01 8.95
C GLU A 236 -9.76 8.05 10.47
N GLY A 237 -9.48 6.94 11.15
CA GLY A 237 -9.53 6.94 12.60
C GLY A 237 -8.51 7.86 13.23
N GLU A 238 -7.26 7.83 12.74
CA GLU A 238 -6.26 8.70 13.33
C GLU A 238 -6.47 10.16 12.95
N GLN A 239 -6.97 10.45 11.74
CA GLN A 239 -7.34 11.82 11.42
C GLN A 239 -8.47 12.31 12.32
N ALA A 240 -9.45 11.45 12.60
CA ALA A 240 -10.53 11.84 13.51
C ALA A 240 -9.99 12.12 14.90
N LYS A 241 -9.07 11.27 15.37
CA LYS A 241 -8.47 11.49 16.69
C LYS A 241 -7.70 12.81 16.72
N ALA A 242 -6.88 13.05 15.70
CA ALA A 242 -6.09 14.27 15.64
C ALA A 242 -6.98 15.50 15.56
N LEU A 243 -8.06 15.42 14.79
CA LEU A 243 -8.97 16.54 14.66
C LEU A 243 -9.70 16.80 15.97
N PHE A 244 -10.00 15.74 16.73
CA PHE A 244 -10.52 15.93 18.07
C PHE A 244 -9.55 16.71 18.94
N GLU A 245 -8.26 16.39 18.87
CA GLU A 245 -7.28 17.20 19.60
C GLU A 245 -7.18 18.62 19.08
N LYS A 246 -7.22 18.81 17.76
CA LYS A 246 -7.14 20.15 17.20
C LYS A 246 -8.29 21.02 17.68
N VAL A 247 -9.49 20.45 17.74
CA VAL A 247 -10.64 21.23 18.19
C VAL A 247 -10.45 21.69 19.62
N LYS A 248 -9.98 20.81 20.49
CA LYS A 248 -9.79 21.20 21.89
C LYS A 248 -8.71 22.26 22.02
N LYS A 249 -7.60 22.10 21.30
CA LYS A 249 -6.53 23.09 21.39
C LYS A 249 -7.00 24.45 20.87
N PHE A 250 -7.71 24.45 19.74
CA PHE A 250 -8.20 25.70 19.17
C PHE A 250 -9.24 26.35 20.07
N ARG A 251 -10.10 25.54 20.69
CA ARG A 251 -11.08 26.08 21.62
C ARG A 251 -10.40 26.73 22.81
N THR A 252 -9.36 26.08 23.34
CA THR A 252 -8.61 26.68 24.44
C THR A 252 -7.96 27.98 24.00
N HIS A 253 -7.42 28.01 22.77
CA HIS A 253 -6.78 29.21 22.25
C HIS A 253 -7.75 30.37 22.14
N VAL A 254 -8.94 30.11 21.59
CA VAL A 254 -9.81 31.20 21.15
C VAL A 254 -10.76 31.62 22.26
N GLU A 255 -11.22 30.65 23.05
CA GLU A 255 -12.37 30.86 23.92
C GLU A 255 -12.20 32.02 24.89
N GLU A 256 -10.97 32.40 25.23
CA GLU A 256 -10.79 33.55 26.10
C GLU A 256 -10.48 34.82 25.32
N GLY A 257 -10.53 34.77 24.00
CA GLY A 257 -10.10 35.89 23.18
C GLY A 257 -10.90 37.16 23.34
N ASP A 258 -12.15 37.12 22.92
CA ASP A 258 -13.12 38.22 22.87
C ASP A 258 -12.78 39.22 21.77
N ILE A 259 -11.65 39.09 21.09
CA ILE A 259 -11.19 40.16 20.21
C ILE A 259 -12.04 40.22 18.94
N VAL A 260 -12.37 39.07 18.36
CA VAL A 260 -13.07 39.08 17.08
C VAL A 260 -14.44 39.72 17.22
N TYR A 261 -15.18 39.34 18.25
CA TYR A 261 -16.48 39.94 18.47
C TYR A 261 -16.38 41.43 18.73
N ARG A 262 -15.41 41.84 19.54
CA ARG A 262 -15.24 43.27 19.83
C ARG A 262 -14.93 44.06 18.58
N LEU A 263 -14.05 43.52 17.73
CA LEU A 263 -13.67 44.22 16.52
C LEU A 263 -14.83 44.32 15.55
N TYR A 264 -15.58 43.23 15.39
CA TYR A 264 -16.78 43.28 14.54
C TYR A 264 -17.78 44.30 15.06
N MET A 265 -17.98 44.33 16.38
CA MET A 265 -18.91 45.28 16.95
C MET A 265 -18.46 46.70 16.68
N ARG A 266 -17.18 46.99 16.86
CA ARG A 266 -16.67 48.34 16.63
C ARG A 266 -16.82 48.72 15.17
N GLN A 267 -16.55 47.80 14.25
CA GLN A 267 -16.74 48.10 12.84
C GLN A 267 -18.17 48.48 12.57
N THR A 268 -19.12 47.76 13.17
CA THR A 268 -20.52 48.07 12.92
C THR A 268 -20.90 49.43 13.51
N ILE A 269 -20.41 49.76 14.71
CA ILE A 269 -20.67 51.09 15.25
C ILE A 269 -20.12 52.16 14.32
N ILE A 270 -18.91 51.94 13.80
CA ILE A 270 -18.33 52.95 12.91
C ILE A 270 -19.17 53.12 11.68
N LYS A 271 -19.62 52.02 11.07
CA LYS A 271 -20.46 52.12 9.88
C LYS A 271 -21.75 52.86 10.17
N VAL A 272 -22.39 52.56 11.30
CA VAL A 272 -23.65 53.22 11.61
C VAL A 272 -23.47 54.70 11.88
N ILE A 273 -22.46 55.10 12.65
CA ILE A 273 -22.27 56.51 12.95
C ILE A 273 -21.66 57.21 11.73
N LYS A 274 -21.26 56.44 10.72
CA LYS A 274 -20.82 57.02 9.47
C LYS A 274 -22.00 57.30 8.55
N PHE A 275 -22.91 56.34 8.43
CA PHE A 275 -24.15 56.55 7.70
C PHE A 275 -24.97 57.68 8.30
N ILE A 276 -25.05 57.73 9.63
CA ILE A 276 -25.84 58.77 10.28
C ILE A 276 -25.32 60.16 9.98
N LEU A 277 -24.04 60.31 9.67
CA LEU A 277 -23.47 61.61 9.32
C LEU A 277 -23.52 61.87 7.83
N ILE A 278 -23.29 60.84 7.02
CA ILE A 278 -23.33 61.00 5.58
C ILE A 278 -24.73 61.43 5.14
N ILE A 279 -25.75 60.75 5.64
CA ILE A 279 -27.11 61.15 5.29
C ILE A 279 -27.38 62.57 5.74
N CYS A 280 -26.99 62.91 6.97
CA CYS A 280 -27.27 64.23 7.49
C CYS A 280 -26.69 65.32 6.59
N TYR A 281 -25.39 65.26 6.34
CA TYR A 281 -24.78 66.36 5.61
C TYR A 281 -25.12 66.32 4.12
N THR A 282 -25.24 65.13 3.53
CA THR A 282 -25.61 65.06 2.13
C THR A 282 -26.99 65.64 1.89
N VAL A 283 -27.95 65.31 2.75
CA VAL A 283 -29.28 65.88 2.57
C VAL A 283 -29.26 67.37 2.85
N TYR A 284 -28.48 67.81 3.85
CA TYR A 284 -28.47 69.24 4.14
C TYR A 284 -27.86 70.05 3.02
N TYR A 285 -26.92 69.49 2.27
CA TYR A 285 -26.21 70.27 1.25
C TYR A 285 -26.59 69.97 -0.18
N VAL A 286 -27.36 68.90 -0.44
CA VAL A 286 -27.61 68.53 -1.83
C VAL A 286 -28.51 69.53 -2.54
N HIS A 287 -29.25 70.35 -1.80
CA HIS A 287 -30.06 71.37 -2.45
C HIS A 287 -29.22 72.44 -3.11
N ASN A 288 -27.92 72.48 -2.85
CA ASN A 288 -27.04 73.49 -3.40
C ASN A 288 -26.50 73.13 -4.77
N ILE A 289 -26.76 71.92 -5.25
CA ILE A 289 -26.40 71.59 -6.63
C ILE A 289 -27.49 72.12 -7.54
N LYS A 290 -27.32 73.35 -8.02
CA LYS A 290 -28.29 73.96 -8.89
C LYS A 290 -27.66 74.24 -10.24
N PHE A 291 -28.51 74.33 -11.27
CA PHE A 291 -28.01 74.56 -12.62
C PHE A 291 -27.65 76.02 -12.82
N ASP A 292 -28.61 76.91 -12.62
CA ASP A 292 -28.40 78.34 -12.83
C ASP A 292 -27.69 78.91 -11.61
N VAL A 293 -26.38 79.06 -11.72
CA VAL A 293 -25.62 79.72 -10.67
C VAL A 293 -25.43 81.19 -11.01
N ASP A 294 -25.57 82.04 -10.00
CA ASP A 294 -25.42 83.47 -10.18
C ASP A 294 -24.22 83.91 -9.35
N CYS A 295 -23.24 84.55 -9.99
CA CYS A 295 -22.00 84.91 -9.31
C CYS A 295 -21.73 86.40 -9.42
N THR A 296 -21.08 86.92 -8.38
CA THR A 296 -20.66 88.32 -8.33
C THR A 296 -19.27 88.31 -7.69
N VAL A 297 -18.23 88.33 -8.53
CA VAL A 297 -16.90 87.96 -8.09
C VAL A 297 -15.94 89.14 -8.06
N ASP A 298 -16.40 90.36 -8.32
CA ASP A 298 -15.59 91.55 -8.17
C ASP A 298 -14.33 91.49 -9.04
N ILE A 299 -14.56 91.30 -10.34
CA ILE A 299 -13.51 91.52 -11.33
C ILE A 299 -14.04 92.49 -12.37
N GLU A 300 -13.88 93.78 -12.12
CA GLU A 300 -14.20 94.78 -13.12
C GLU A 300 -12.96 95.27 -13.82
N SER A 301 -11.80 95.12 -13.19
CA SER A 301 -10.56 95.58 -13.79
C SER A 301 -10.12 94.66 -14.92
N LEU A 302 -10.61 93.43 -14.94
CA LEU A 302 -10.20 92.49 -15.96
C LEU A 302 -11.23 92.28 -17.05
N THR A 303 -12.51 92.38 -16.74
CA THR A 303 -13.54 92.20 -17.76
C THR A 303 -14.45 93.40 -17.92
N GLY A 304 -14.62 94.22 -16.89
CA GLY A 304 -15.56 95.32 -16.96
C GLY A 304 -16.97 94.99 -16.55
N TYR A 305 -17.23 93.77 -16.12
CA TYR A 305 -18.55 93.34 -15.68
C TYR A 305 -18.49 92.92 -14.22
N ARG A 306 -19.44 93.41 -13.44
CA ARG A 306 -19.49 93.14 -12.01
C ARG A 306 -20.09 91.77 -11.72
N THR A 307 -21.28 91.49 -12.23
CA THR A 307 -22.00 90.26 -11.94
C THR A 307 -22.16 89.45 -13.21
N TYR A 308 -22.16 88.13 -13.07
CA TYR A 308 -22.33 87.21 -14.18
C TYR A 308 -23.50 86.27 -13.89
N ARG A 309 -23.93 85.54 -14.91
CA ARG A 309 -25.02 84.58 -14.80
C ARG A 309 -24.49 83.27 -15.36
N CYS A 310 -24.01 82.40 -14.48
CA CYS A 310 -23.35 81.18 -14.90
C CYS A 310 -24.37 80.06 -15.12
N ALA A 311 -23.86 78.90 -15.52
CA ALA A 311 -24.70 77.73 -15.77
C ALA A 311 -23.83 76.50 -15.63
N HIS A 312 -24.18 75.66 -14.69
CA HIS A 312 -23.45 74.45 -14.40
C HIS A 312 -24.06 73.30 -15.17
N PRO A 313 -23.54 72.95 -16.35
CA PRO A 313 -24.23 71.97 -17.19
C PRO A 313 -24.35 70.61 -16.55
N LEU A 314 -23.48 70.30 -15.61
CA LEU A 314 -23.44 68.99 -14.98
C LEU A 314 -24.30 68.93 -13.73
N ALA A 315 -25.05 69.99 -13.43
CA ALA A 315 -25.75 70.05 -12.15
C ALA A 315 -26.86 69.01 -12.06
N THR A 316 -27.63 68.83 -13.14
CA THR A 316 -28.76 67.90 -13.05
C THR A 316 -28.27 66.47 -12.92
N LEU A 317 -27.26 66.10 -13.68
CA LEU A 317 -26.69 64.77 -13.53
C LEU A 317 -26.09 64.57 -12.15
N PHE A 318 -25.51 65.62 -11.57
CA PHE A 318 -24.97 65.48 -10.22
C PHE A 318 -26.06 65.35 -9.19
N LYS A 319 -27.19 66.04 -9.37
CA LYS A 319 -28.32 65.83 -8.47
C LYS A 319 -28.83 64.41 -8.58
N ILE A 320 -28.89 63.88 -9.80
CA ILE A 320 -29.33 62.50 -9.99
C ILE A 320 -28.38 61.54 -9.28
N LEU A 321 -27.07 61.73 -9.46
CA LEU A 321 -26.11 60.86 -8.82
C LEU A 321 -26.16 61.00 -7.31
N ALA A 322 -26.35 62.21 -6.81
CA ALA A 322 -26.42 62.42 -5.36
C ALA A 322 -27.66 61.77 -4.77
N SER A 323 -28.79 61.85 -5.46
CA SER A 323 -29.98 61.18 -4.98
C SER A 323 -29.81 59.67 -5.00
N PHE A 324 -29.22 59.13 -6.07
CA PHE A 324 -28.98 57.70 -6.15
C PHE A 324 -28.04 57.25 -5.03
N TYR A 325 -27.01 58.05 -4.77
CA TYR A 325 -26.07 57.75 -3.69
C TYR A 325 -26.73 57.84 -2.33
N ILE A 326 -27.62 58.80 -2.14
CA ILE A 326 -28.35 58.88 -0.88
C ILE A 326 -29.20 57.64 -0.69
N SER A 327 -29.83 57.17 -1.76
CA SER A 327 -30.62 55.94 -1.66
C SER A 327 -29.74 54.76 -1.26
N LEU A 328 -28.57 54.64 -1.90
CA LEU A 328 -27.68 53.55 -1.55
C LEU A 328 -27.19 53.67 -0.10
N VAL A 329 -26.89 54.87 0.35
CA VAL A 329 -26.44 55.06 1.73
C VAL A 329 -27.57 54.73 2.70
N ILE A 330 -28.81 55.05 2.34
CA ILE A 330 -29.93 54.69 3.19
C ILE A 330 -30.06 53.19 3.31
N PHE A 331 -29.93 52.46 2.20
CA PHE A 331 -30.00 51.00 2.24
C PHE A 331 -28.88 50.49 3.11
N TYR A 332 -27.67 51.00 2.90
CA TYR A 332 -26.51 50.57 3.66
C TYR A 332 -26.70 50.81 5.14
N GLY A 333 -27.24 51.96 5.52
CA GLY A 333 -27.46 52.26 6.91
C GLY A 333 -28.53 51.39 7.52
N LEU A 334 -29.58 51.09 6.76
CA LEU A 334 -30.60 50.18 7.26
C LEU A 334 -30.01 48.82 7.54
N ILE A 335 -29.17 48.33 6.63
CA ILE A 335 -28.55 47.02 6.82
C ILE A 335 -27.61 47.05 8.03
N CYS A 336 -26.84 48.12 8.16
CA CYS A 336 -25.91 48.21 9.28
C CYS A 336 -26.62 48.35 10.62
N MET A 337 -27.70 49.10 10.71
CA MET A 337 -28.48 49.11 11.94
C MET A 337 -29.16 47.77 12.19
N TYR A 338 -29.55 47.04 11.16
CA TYR A 338 -30.04 45.69 11.41
C TYR A 338 -28.95 44.83 12.03
N THR A 339 -27.73 44.93 11.49
CA THR A 339 -26.62 44.17 12.05
C THR A 339 -26.36 44.58 13.49
N LEU A 340 -26.40 45.88 13.76
CA LEU A 340 -26.20 46.35 15.12
C LEU A 340 -27.26 45.82 16.06
N TRP A 341 -28.52 45.79 15.62
CA TRP A 341 -29.58 45.25 16.46
C TRP A 341 -29.38 43.75 16.67
N TRP A 342 -29.02 43.04 15.61
CA TRP A 342 -28.83 41.60 15.71
C TRP A 342 -27.73 41.27 16.71
N MET A 343 -26.66 42.06 16.70
CA MET A 343 -25.58 41.84 17.65
C MET A 343 -25.92 42.30 19.05
N LEU A 344 -26.66 43.40 19.18
CA LEU A 344 -26.89 44.04 20.47
C LEU A 344 -27.79 43.24 21.38
N ARG A 345 -28.79 42.56 20.82
CA ARG A 345 -29.62 41.66 21.60
C ARG A 345 -29.01 40.27 21.63
N ARG A 346 -29.54 39.44 22.53
CA ARG A 346 -29.27 38.00 22.56
C ARG A 346 -27.85 37.67 23.04
N SER A 347 -27.00 38.69 23.22
CA SER A 347 -25.71 38.52 23.86
C SER A 347 -24.86 37.47 23.12
N LEU A 348 -24.46 37.82 21.91
CA LEU A 348 -23.73 36.92 21.02
C LEU A 348 -22.41 36.43 21.59
N LYS A 349 -22.06 36.87 22.79
CA LYS A 349 -20.84 36.40 23.45
C LYS A 349 -20.97 35.00 24.00
N LYS A 350 -22.16 34.41 23.96
CA LYS A 350 -22.39 33.11 24.57
C LYS A 350 -23.28 32.29 23.64
N TYR A 351 -22.92 31.03 23.44
CA TYR A 351 -23.65 30.14 22.56
C TYR A 351 -24.55 29.23 23.39
N SER A 352 -25.36 28.42 22.70
CA SER A 352 -26.33 27.57 23.39
C SER A 352 -26.10 26.09 23.14
N PHE A 353 -26.02 25.67 21.89
CA PHE A 353 -26.00 24.26 21.48
C PHE A 353 -27.23 23.50 21.96
N GLU A 354 -28.30 24.21 22.35
CA GLU A 354 -29.50 23.53 22.82
C GLU A 354 -30.14 22.71 21.73
N SER A 355 -30.21 23.24 20.51
CA SER A 355 -30.89 22.53 19.43
C SER A 355 -30.19 21.21 19.11
N ILE A 356 -28.87 21.23 19.08
CA ILE A 356 -28.12 20.04 18.69
C ILE A 356 -28.32 18.91 19.69
N ARG A 357 -28.26 19.22 20.98
CA ARG A 357 -28.36 18.19 22.01
C ARG A 357 -29.78 17.72 22.26
N GLU A 358 -30.71 18.04 21.37
CA GLU A 358 -32.06 17.50 21.42
C GLU A 358 -32.27 16.36 20.43
N GLU A 359 -31.79 16.53 19.20
CA GLU A 359 -31.94 15.51 18.16
C GLU A 359 -30.77 14.53 18.14
N SER A 360 -29.73 14.77 18.94
CA SER A 360 -28.57 13.90 18.96
C SER A 360 -28.35 13.21 20.31
N SER A 361 -29.10 13.61 21.33
CA SER A 361 -29.01 12.99 22.66
C SER A 361 -27.60 13.04 23.22
N TYR A 362 -26.91 14.16 23.00
CA TYR A 362 -25.58 14.40 23.56
C TYR A 362 -25.70 15.62 24.44
N SER A 363 -26.14 15.40 25.69
CA SER A 363 -26.27 16.53 26.61
C SER A 363 -24.92 17.03 27.10
N ASP A 364 -23.83 16.36 26.73
CA ASP A 364 -22.49 16.73 27.21
C ASP A 364 -21.80 17.69 26.26
N ILE A 365 -22.49 18.74 25.83
CA ILE A 365 -21.90 19.77 25.01
C ILE A 365 -22.07 21.11 25.73
N PRO A 366 -20.98 21.70 26.22
CA PRO A 366 -21.12 22.86 27.11
C PRO A 366 -21.45 24.13 26.35
N ASP A 367 -21.97 25.10 27.09
CA ASP A 367 -22.15 26.43 26.53
C ASP A 367 -20.79 27.04 26.25
N VAL A 368 -20.68 27.68 25.10
CA VAL A 368 -19.41 28.22 24.62
C VAL A 368 -19.30 29.69 24.97
N LYS A 369 -18.10 30.11 25.39
CA LYS A 369 -17.86 31.46 25.83
C LYS A 369 -17.54 32.36 24.64
N ASN A 370 -17.05 33.56 24.93
CA ASN A 370 -16.93 34.62 23.95
C ASN A 370 -15.91 34.30 22.86
N ASP A 371 -16.10 34.94 21.70
CA ASP A 371 -15.18 34.98 20.56
C ASP A 371 -15.20 33.62 19.87
N PHE A 372 -15.68 32.61 20.57
CA PHE A 372 -15.95 31.31 19.98
C PHE A 372 -17.44 31.09 19.82
N ALA A 373 -18.24 31.63 20.73
CA ALA A 373 -19.68 31.69 20.49
C ALA A 373 -19.97 32.60 19.31
N PHE A 374 -19.23 33.69 19.17
CA PHE A 374 -19.53 34.64 18.11
C PHE A 374 -19.25 34.05 16.74
N MET A 375 -18.13 33.36 16.59
CA MET A 375 -17.83 32.83 15.28
C MET A 375 -18.77 31.70 14.90
N LEU A 376 -19.39 31.06 15.89
CA LEU A 376 -20.43 30.09 15.59
C LEU A 376 -21.74 30.77 15.25
N HIS A 377 -22.07 31.86 15.95
CA HIS A 377 -23.23 32.65 15.57
C HIS A 377 -23.12 33.15 14.14
N LEU A 378 -21.91 33.49 13.71
CA LEU A 378 -21.70 33.93 12.34
C LEU A 378 -21.98 32.82 11.34
N ILE A 379 -21.54 31.59 11.62
CA ILE A 379 -21.78 30.51 10.68
C ILE A 379 -23.25 30.14 10.65
N ASP A 380 -23.94 30.20 11.78
CA ASP A 380 -25.36 29.94 11.78
C ASP A 380 -26.11 30.84 10.81
N GLN A 381 -25.60 32.06 10.60
CA GLN A 381 -26.19 32.95 9.61
C GLN A 381 -25.90 32.49 8.20
N TYR A 382 -24.93 31.60 8.01
CA TYR A 382 -24.65 31.02 6.71
C TYR A 382 -25.34 29.68 6.53
N ASP A 383 -25.02 28.72 7.37
CA ASP A 383 -25.61 27.39 7.31
C ASP A 383 -25.53 26.72 8.68
N PRO A 384 -26.66 26.47 9.34
CA PRO A 384 -26.60 25.83 10.66
C PRO A 384 -26.00 24.46 10.63
N LEU A 385 -25.94 23.82 9.47
CA LEU A 385 -25.35 22.50 9.36
C LEU A 385 -23.88 22.52 9.75
N TYR A 386 -23.17 23.61 9.50
CA TYR A 386 -21.77 23.67 9.89
C TYR A 386 -21.61 23.58 11.39
N SER A 387 -22.39 24.37 12.14
CA SER A 387 -22.33 24.30 13.59
C SER A 387 -22.80 22.95 14.10
N LYS A 388 -23.81 22.37 13.47
CA LYS A 388 -24.27 21.06 13.88
C LYS A 388 -23.18 20.01 13.71
N ARG A 389 -22.54 19.98 12.56
CA ARG A 389 -21.50 19.00 12.30
C ARG A 389 -20.25 19.27 13.03
N PHE A 390 -20.07 20.48 13.54
CA PHE A 390 -18.91 20.79 14.36
C PHE A 390 -19.13 20.50 15.83
N ALA A 391 -20.37 20.55 16.31
CA ALA A 391 -20.65 20.34 17.72
C ALA A 391 -20.29 18.93 18.18
N VAL A 392 -20.10 18.00 17.25
CA VAL A 392 -19.78 16.63 17.65
C VAL A 392 -18.43 16.59 18.34
N PHE A 393 -17.48 17.40 17.89
CA PHE A 393 -16.14 17.41 18.45
C PHE A 393 -16.04 18.16 19.76
N LEU A 394 -17.16 18.48 20.38
CA LEU A 394 -17.15 19.18 21.65
C LEU A 394 -17.71 18.34 22.78
N SER A 395 -18.19 17.14 22.51
CA SER A 395 -18.81 16.30 23.51
C SER A 395 -17.86 15.17 23.91
N GLU A 396 -17.74 14.94 25.21
CA GLU A 396 -16.91 13.84 25.68
C GLU A 396 -17.43 12.50 25.18
N VAL A 397 -18.75 12.40 24.99
CA VAL A 397 -19.34 11.16 24.52
C VAL A 397 -18.79 10.80 23.16
N SER A 398 -18.61 11.79 22.30
CA SER A 398 -18.06 11.54 20.96
C SER A 398 -16.63 11.04 21.05
N GLU A 399 -15.82 11.63 21.93
CA GLU A 399 -14.45 11.14 22.10
C GLU A 399 -14.44 9.71 22.60
N ASN A 400 -15.30 9.40 23.58
CA ASN A 400 -15.35 8.05 24.12
C ASN A 400 -15.77 7.06 23.05
N LYS A 401 -16.78 7.42 22.25
CA LYS A 401 -17.22 6.53 21.18
C LYS A 401 -16.13 6.35 20.13
N LEU A 402 -15.41 7.42 19.80
CA LEU A 402 -14.34 7.29 18.82
C LEU A 402 -13.23 6.39 19.34
N ARG A 403 -12.85 6.55 20.62
CA ARG A 403 -11.80 5.71 21.17
C ARG A 403 -12.25 4.26 21.25
N GLN A 404 -13.52 4.03 21.58
CA GLN A 404 -14.04 2.67 21.60
C GLN A 404 -14.01 2.05 20.23
N LEU A 405 -14.40 2.81 19.21
CA LEU A 405 -14.40 2.30 17.84
C LEU A 405 -12.99 2.08 17.32
N ASN A 406 -12.04 2.92 17.71
CA ASN A 406 -10.65 2.66 17.36
C ASN A 406 -10.14 1.41 18.06
N LEU A 407 -10.47 1.26 19.34
CA LEU A 407 -10.02 0.12 20.14
C LEU A 407 -10.52 -1.20 19.60
N ASN A 408 -11.82 -1.28 19.38
CA ASN A 408 -12.40 -2.50 18.82
C ASN A 408 -11.82 -2.85 17.46
N ASN A 409 -11.22 -1.89 16.76
CA ASN A 409 -10.61 -2.16 15.47
C ASN A 409 -9.13 -2.53 15.56
N GLU A 410 -8.46 -2.25 16.69
CA GLU A 410 -7.07 -2.71 16.87
C GLU A 410 -7.13 -4.11 17.48
N TRP A 411 -8.10 -4.35 18.37
CA TRP A 411 -8.30 -5.68 18.96
C TRP A 411 -9.77 -6.04 18.74
N THR A 412 -10.04 -6.78 17.67
CA THR A 412 -11.41 -7.24 17.40
C THR A 412 -11.70 -8.38 18.34
N LEU A 413 -12.98 -8.63 18.60
CA LEU A 413 -13.39 -9.76 19.42
C LEU A 413 -12.89 -11.06 18.80
N ASP A 414 -12.85 -11.12 17.47
CA ASP A 414 -12.38 -12.30 16.78
C ASP A 414 -10.91 -12.56 17.07
N LYS A 415 -10.10 -11.51 17.07
CA LYS A 415 -8.68 -11.65 17.35
C LYS A 415 -8.45 -11.84 18.85
N LEU A 416 -9.41 -11.42 19.66
CA LEU A 416 -9.31 -11.60 21.11
C LEU A 416 -9.54 -13.06 21.41
N ARG A 417 -10.22 -13.76 20.51
CA ARG A 417 -10.44 -15.18 20.69
C ARG A 417 -9.11 -15.91 20.65
N GLN A 418 -8.27 -15.57 19.68
CA GLN A 418 -6.95 -16.21 19.57
C GLN A 418 -6.03 -15.76 20.69
N ARG A 419 -6.39 -14.68 21.38
CA ARG A 419 -5.56 -14.16 22.45
C ARG A 419 -5.93 -14.73 23.81
N LEU A 420 -7.12 -15.30 23.95
CA LEU A 420 -7.57 -15.82 25.24
C LEU A 420 -6.65 -16.91 25.76
N THR A 421 -6.72 -17.15 27.07
CA THR A 421 -5.91 -18.17 27.71
C THR A 421 -6.72 -18.85 28.82
N LYS A 422 -6.63 -20.18 28.87
CA LYS A 422 -7.11 -20.96 30.00
C LYS A 422 -5.99 -21.07 31.02
N ASN A 423 -6.23 -20.59 32.23
CA ASN A 423 -5.16 -20.35 33.18
C ASN A 423 -4.91 -21.55 34.08
N ALA A 424 -4.05 -21.35 35.08
CA ALA A 424 -3.64 -22.44 35.96
C ALA A 424 -4.79 -23.00 36.78
N GLN A 425 -5.78 -22.17 37.10
CA GLN A 425 -6.94 -22.62 37.85
C GLN A 425 -8.05 -23.14 36.96
N ASP A 426 -7.73 -23.51 35.72
CA ASP A 426 -8.67 -24.11 34.78
C ASP A 426 -9.84 -23.18 34.49
N LYS A 427 -9.58 -21.86 34.57
CA LYS A 427 -10.56 -20.84 34.23
C LYS A 427 -10.10 -20.10 32.99
N LEU A 428 -11.02 -19.88 32.06
CA LEU A 428 -10.71 -19.10 30.88
C LEU A 428 -10.60 -17.63 31.26
N GLU A 429 -9.45 -17.03 30.99
CA GLU A 429 -9.18 -15.66 31.38
C GLU A 429 -8.80 -14.82 30.17
N LEU A 430 -9.05 -13.52 30.29
CA LEU A 430 -8.47 -12.52 29.40
C LEU A 430 -7.73 -11.51 30.26
N HIS A 431 -6.54 -11.11 29.80
CA HIS A 431 -5.74 -10.11 30.48
C HIS A 431 -5.58 -8.89 29.58
N LEU A 432 -6.00 -7.75 30.10
CA LEU A 432 -5.90 -6.47 29.41
C LEU A 432 -5.15 -5.48 30.29
N PHE A 433 -4.41 -4.58 29.64
CA PHE A 433 -3.56 -3.65 30.35
C PHE A 433 -3.46 -2.35 29.56
N MET A 434 -3.45 -1.25 30.28
CA MET A 434 -2.97 0.03 29.77
C MET A 434 -3.70 0.48 28.51
N LEU A 435 -5.00 0.22 28.47
CA LEU A 435 -5.86 0.73 27.41
C LEU A 435 -6.56 2.00 27.86
N SER A 436 -7.17 2.67 26.90
CA SER A 436 -7.92 3.88 27.19
C SER A 436 -9.29 3.59 27.77
N GLY A 437 -9.82 2.39 27.55
CA GLY A 437 -11.09 1.98 28.09
C GLY A 437 -11.29 0.50 27.88
N ILE A 438 -12.52 0.04 27.90
CA ILE A 438 -12.86 -1.36 27.65
C ILE A 438 -13.37 -1.46 26.22
N PRO A 439 -12.76 -2.25 25.34
CA PRO A 439 -13.39 -2.50 24.04
C PRO A 439 -14.73 -3.19 24.20
N ASP A 440 -15.71 -2.73 23.41
CA ASP A 440 -17.01 -3.37 23.42
C ASP A 440 -16.97 -4.80 22.89
N THR A 441 -15.95 -5.15 22.09
CA THR A 441 -15.81 -6.52 21.60
C THR A 441 -15.54 -7.51 22.72
N VAL A 442 -15.15 -7.02 23.90
CA VAL A 442 -14.89 -7.90 25.04
C VAL A 442 -16.14 -8.69 25.40
N PHE A 443 -17.29 -8.04 25.36
CA PHE A 443 -18.50 -8.60 25.93
C PHE A 443 -19.22 -9.54 24.99
N ASP A 444 -18.66 -9.84 23.82
CA ASP A 444 -19.09 -10.96 23.00
C ASP A 444 -18.33 -12.24 23.34
N LEU A 445 -17.32 -12.17 24.20
CA LEU A 445 -16.52 -13.34 24.57
C LEU A 445 -17.22 -14.06 25.72
N VAL A 446 -18.31 -14.73 25.36
CA VAL A 446 -19.24 -15.33 26.31
C VAL A 446 -18.63 -16.46 27.13
N GLU A 447 -17.47 -16.98 26.73
CA GLU A 447 -16.83 -18.10 27.42
C GLU A 447 -16.07 -17.67 28.66
N LEU A 448 -16.04 -16.39 28.99
CA LEU A 448 -15.10 -15.86 29.96
C LEU A 448 -15.43 -16.29 31.38
N GLU A 449 -14.39 -16.37 32.21
CA GLU A 449 -14.56 -16.63 33.64
C GLU A 449 -13.72 -15.69 34.51
N VAL A 450 -12.62 -15.17 33.98
CA VAL A 450 -11.71 -14.28 34.72
C VAL A 450 -11.37 -13.09 33.85
N LEU A 451 -11.67 -11.89 34.33
CA LEU A 451 -11.29 -10.66 33.64
C LEU A 451 -10.25 -9.93 34.47
N LYS A 452 -9.16 -9.52 33.82
CA LYS A 452 -8.11 -8.74 34.43
C LYS A 452 -8.02 -7.40 33.72
N LEU A 453 -8.05 -6.32 34.49
CA LEU A 453 -7.90 -4.97 33.98
C LEU A 453 -6.77 -4.29 34.73
N GLU A 454 -5.81 -3.77 33.99
CA GLU A 454 -4.58 -3.23 34.53
C GLU A 454 -4.36 -1.82 33.99
N LEU A 455 -4.34 -0.84 34.90
CA LEU A 455 -3.94 0.52 34.56
C LEU A 455 -4.79 1.11 33.43
N ILE A 456 -6.10 1.05 33.59
CA ILE A 456 -7.04 1.64 32.64
C ILE A 456 -7.77 2.75 33.38
N PRO A 457 -7.75 4.00 32.90
CA PRO A 457 -8.42 5.08 33.64
C PRO A 457 -9.90 5.19 33.33
N ASP A 458 -10.63 5.71 34.31
CA ASP A 458 -11.96 6.30 34.12
C ASP A 458 -12.94 5.30 33.52
N VAL A 459 -12.96 4.09 34.06
CA VAL A 459 -13.78 3.02 33.52
C VAL A 459 -15.18 3.08 34.12
N THR A 460 -16.18 2.88 33.27
CA THR A 460 -17.55 2.64 33.69
C THR A 460 -17.99 1.32 33.08
N ILE A 461 -18.51 0.44 33.92
CA ILE A 461 -18.91 -0.90 33.49
C ILE A 461 -20.24 -0.80 32.75
N PRO A 462 -20.35 -1.27 31.50
CA PRO A 462 -21.62 -1.14 30.79
C PRO A 462 -22.55 -2.30 31.10
N PRO A 463 -23.83 -2.18 30.75
CA PRO A 463 -24.78 -3.26 31.07
C PRO A 463 -24.53 -4.54 30.30
N SER A 464 -23.82 -4.49 29.17
CA SER A 464 -23.58 -5.69 28.38
C SER A 464 -22.76 -6.73 29.11
N ILE A 465 -22.17 -6.38 30.26
CA ILE A 465 -21.51 -7.36 31.12
C ILE A 465 -22.48 -8.44 31.58
N ALA A 466 -23.78 -8.16 31.57
CA ALA A 466 -24.75 -9.21 31.88
C ALA A 466 -24.75 -10.33 30.86
N GLN A 467 -24.18 -10.11 29.67
CA GLN A 467 -24.04 -11.19 28.70
C GLN A 467 -23.06 -12.26 29.17
N LEU A 468 -22.11 -11.91 30.02
CA LEU A 468 -21.06 -12.83 30.44
C LEU A 468 -21.56 -13.60 31.67
N THR A 469 -22.40 -14.60 31.37
CA THR A 469 -23.11 -15.34 32.41
C THR A 469 -22.20 -16.23 33.24
N GLY A 470 -21.04 -16.60 32.72
CA GLY A 470 -20.12 -17.49 33.39
C GLY A 470 -18.98 -16.80 34.10
N LEU A 471 -19.02 -15.48 34.24
CA LEU A 471 -17.94 -14.75 34.89
C LEU A 471 -17.90 -15.07 36.37
N LYS A 472 -16.71 -15.42 36.86
CA LYS A 472 -16.49 -15.79 38.25
C LYS A 472 -15.44 -14.96 38.95
N GLU A 473 -14.56 -14.28 38.23
CA GLU A 473 -13.54 -13.44 38.84
C GLU A 473 -13.40 -12.16 38.05
N LEU A 474 -13.14 -11.08 38.77
CA LEU A 474 -12.76 -9.80 38.18
C LEU A 474 -11.54 -9.31 38.95
N TRP A 475 -10.50 -8.94 38.22
CA TRP A 475 -9.30 -8.35 38.81
C TRP A 475 -9.16 -6.92 38.32
N LEU A 476 -9.17 -5.98 39.25
CA LEU A 476 -9.03 -4.56 38.95
C LEU A 476 -7.71 -4.09 39.57
N TYR A 477 -6.70 -3.98 38.74
CA TYR A 477 -5.38 -3.56 39.18
C TYR A 477 -5.16 -2.12 38.72
N HIS A 478 -5.26 -1.20 39.67
CA HIS A 478 -5.11 0.22 39.41
C HIS A 478 -6.06 0.68 38.32
N THR A 479 -7.32 0.31 38.49
CA THR A 479 -8.37 0.59 37.52
C THR A 479 -9.63 0.94 38.30
N ALA A 480 -9.85 2.24 38.51
CA ALA A 480 -11.10 2.68 39.13
C ALA A 480 -12.26 2.36 38.22
N ALA A 481 -13.39 1.99 38.84
CA ALA A 481 -14.56 1.56 38.09
C ALA A 481 -15.83 2.13 38.71
N LYS A 482 -16.76 2.54 37.84
CA LYS A 482 -18.09 2.94 38.23
C LYS A 482 -19.09 2.04 37.53
N ILE A 483 -20.34 2.05 38.01
CA ILE A 483 -21.32 1.08 37.53
C ILE A 483 -22.72 1.55 37.91
N GLU A 484 -23.71 1.12 37.14
CA GLU A 484 -25.12 1.37 37.40
C GLU A 484 -25.81 0.08 37.83
N ALA A 485 -27.10 0.21 38.17
CA ALA A 485 -27.77 -0.84 38.94
C ALA A 485 -27.95 -2.17 38.21
N PRO A 486 -28.26 -2.22 36.90
CA PRO A 486 -28.46 -3.55 36.28
C PRO A 486 -27.19 -4.38 36.23
N ALA A 487 -26.11 -3.82 35.67
CA ALA A 487 -24.82 -4.50 35.70
C ALA A 487 -24.40 -4.80 37.13
N LEU A 488 -24.67 -3.86 38.04
CA LEU A 488 -24.29 -4.04 39.44
C LEU A 488 -25.00 -5.25 40.04
N ALA A 489 -26.29 -5.39 39.77
CA ALA A 489 -27.04 -6.54 40.29
C ALA A 489 -26.55 -7.83 39.67
N PHE A 490 -26.24 -7.80 38.38
CA PHE A 490 -25.67 -8.98 37.73
C PHE A 490 -24.41 -9.42 38.44
N LEU A 491 -23.54 -8.47 38.76
CA LEU A 491 -22.31 -8.81 39.45
C LEU A 491 -22.57 -9.22 40.90
N ARG A 492 -23.60 -8.64 41.52
CA ARG A 492 -23.99 -9.06 42.86
C ARG A 492 -24.36 -10.54 42.88
N GLU A 493 -24.98 -11.01 41.81
CA GLU A 493 -25.51 -12.37 41.78
C GLU A 493 -24.57 -13.39 41.17
N ASN A 494 -23.50 -12.96 40.49
CA ASN A 494 -22.70 -13.82 39.63
C ASN A 494 -21.21 -13.57 39.81
N LEU A 495 -20.73 -13.61 41.06
CA LEU A 495 -19.31 -13.42 41.31
C LEU A 495 -18.89 -14.18 42.55
N ARG A 496 -17.70 -14.80 42.47
CA ARG A 496 -17.13 -15.59 43.56
C ARG A 496 -15.94 -14.92 44.22
N ALA A 497 -15.06 -14.28 43.45
CA ALA A 497 -13.83 -13.71 43.96
C ALA A 497 -13.58 -12.34 43.34
N LEU A 498 -12.96 -11.46 44.11
CA LEU A 498 -12.57 -10.14 43.66
C LEU A 498 -11.15 -9.85 44.12
N HIS A 499 -10.29 -9.45 43.19
CA HIS A 499 -8.92 -9.02 43.46
C HIS A 499 -8.76 -7.56 43.11
N ILE A 500 -8.14 -6.79 44.00
CA ILE A 500 -7.90 -5.36 43.79
C ILE A 500 -6.47 -5.06 44.18
N LYS A 501 -5.75 -4.41 43.28
CA LYS A 501 -4.43 -3.86 43.54
C LYS A 501 -4.50 -2.36 43.38
N PHE A 502 -4.14 -1.63 44.44
CA PHE A 502 -4.49 -0.23 44.54
C PHE A 502 -3.31 0.59 45.03
N THR A 503 -3.31 1.86 44.65
CA THR A 503 -2.42 2.86 45.22
C THR A 503 -3.01 3.49 46.46
N ASP A 504 -4.30 3.81 46.42
CA ASP A 504 -4.99 4.46 47.55
C ASP A 504 -6.48 4.16 47.41
N ILE A 505 -7.29 4.88 48.20
CA ILE A 505 -8.72 4.54 48.30
C ILE A 505 -9.45 4.81 46.99
N LYS A 506 -9.00 5.78 46.20
CA LYS A 506 -9.73 6.13 44.99
C LYS A 506 -9.81 4.99 43.98
N GLU A 507 -8.93 3.99 44.10
CA GLU A 507 -8.98 2.79 43.27
C GLU A 507 -9.71 1.64 43.93
N ILE A 508 -10.44 1.91 45.01
CA ILE A 508 -11.30 0.94 45.69
C ILE A 508 -12.74 1.27 45.29
N PRO A 509 -13.44 0.41 44.55
CA PRO A 509 -14.86 0.70 44.29
C PRO A 509 -15.66 0.58 45.58
N LEU A 510 -16.47 1.60 45.84
CA LEU A 510 -17.24 1.64 47.08
C LEU A 510 -18.38 0.62 47.08
N TRP A 511 -18.77 0.10 45.92
CA TRP A 511 -19.94 -0.78 45.85
C TRP A 511 -19.67 -2.18 46.34
N ILE A 512 -18.41 -2.52 46.62
CA ILE A 512 -18.05 -3.90 46.91
C ILE A 512 -18.74 -4.40 48.17
N TYR A 513 -18.96 -3.52 49.14
CA TYR A 513 -19.59 -3.93 50.39
C TYR A 513 -21.09 -4.17 50.23
N SER A 514 -21.70 -3.70 49.14
CA SER A 514 -23.08 -4.04 48.83
C SER A 514 -23.22 -5.36 48.10
N LEU A 515 -22.15 -6.14 47.98
CA LEU A 515 -22.18 -7.42 47.30
C LEU A 515 -22.59 -8.52 48.28
N LYS A 516 -23.10 -9.61 47.72
CA LYS A 516 -23.76 -10.62 48.53
C LYS A 516 -23.26 -12.03 48.25
N THR A 517 -22.90 -12.33 46.99
CA THR A 517 -22.44 -13.66 46.62
C THR A 517 -20.92 -13.81 46.60
N LEU A 518 -20.19 -12.84 47.14
CA LEU A 518 -18.72 -12.93 47.10
C LEU A 518 -18.22 -14.00 48.04
N GLU A 519 -17.20 -14.74 47.59
CA GLU A 519 -16.53 -15.75 48.40
C GLU A 519 -15.07 -15.44 48.71
N GLU A 520 -14.42 -14.58 47.93
CA GLU A 520 -13.04 -14.20 48.16
C GLU A 520 -12.91 -12.70 47.95
N LEU A 521 -12.16 -12.04 48.83
CA LEU A 521 -11.76 -10.65 48.62
C LEU A 521 -10.25 -10.57 48.80
N HIS A 522 -9.58 -9.91 47.86
CA HIS A 522 -8.13 -9.81 47.84
C HIS A 522 -7.74 -8.37 47.61
N LEU A 523 -7.11 -7.75 48.61
CA LEU A 523 -6.66 -6.36 48.54
C LEU A 523 -5.14 -6.35 48.61
N THR A 524 -4.53 -5.67 47.65
CA THR A 524 -3.07 -5.52 47.57
C THR A 524 -2.73 -4.05 47.71
N GLY A 525 -2.12 -3.70 48.82
CA GLY A 525 -1.74 -2.33 49.11
C GLY A 525 -1.88 -2.05 50.58
N ASN A 526 -1.27 -0.93 51.01
CA ASN A 526 -1.34 -0.55 52.40
C ASN A 526 -2.75 -0.07 52.71
N LEU A 527 -3.38 -0.70 53.70
CA LEU A 527 -4.75 -0.40 54.07
C LEU A 527 -4.86 0.72 55.08
N SER A 528 -3.74 1.25 55.56
CA SER A 528 -3.72 2.16 56.69
C SER A 528 -3.05 3.48 56.30
N ALA A 529 -3.40 4.52 57.04
CA ALA A 529 -2.79 5.82 56.94
C ALA A 529 -2.45 6.30 58.33
N GLU A 530 -1.73 7.41 58.40
CA GLU A 530 -1.31 7.94 59.69
C GLU A 530 -2.53 8.33 60.53
N ASN A 531 -2.61 7.76 61.74
CA ASN A 531 -3.64 8.08 62.72
C ASN A 531 -5.05 7.74 62.25
N ASN A 532 -5.19 6.87 61.23
CA ASN A 532 -6.50 6.54 60.68
C ASN A 532 -6.57 5.05 60.36
N ARG A 533 -6.19 4.22 61.33
CA ARG A 533 -6.10 2.78 61.09
C ARG A 533 -7.46 2.18 60.73
N TYR A 534 -7.50 1.53 59.58
CA TYR A 534 -8.58 0.62 59.19
C TYR A 534 -9.91 1.34 59.05
N ILE A 535 -9.88 2.65 58.81
CA ILE A 535 -11.10 3.35 58.43
C ILE A 535 -11.58 2.87 57.07
N VAL A 536 -10.64 2.52 56.18
CA VAL A 536 -10.98 2.07 54.83
C VAL A 536 -11.85 0.82 54.84
N ILE A 537 -11.74 -0.01 55.87
CA ILE A 537 -12.35 -1.34 55.88
C ILE A 537 -13.47 -1.45 56.91
N ASP A 538 -13.94 -0.32 57.45
CA ASP A 538 -15.01 -0.34 58.44
C ASP A 538 -16.24 -1.09 57.95
N GLY A 539 -16.47 -1.10 56.64
CA GLY A 539 -17.62 -1.74 56.04
C GLY A 539 -17.53 -3.24 55.87
N LEU A 540 -16.42 -3.88 56.29
CA LEU A 540 -16.29 -5.33 56.11
C LEU A 540 -17.40 -6.11 56.81
N ARG A 541 -18.08 -5.49 57.78
CA ARG A 541 -19.19 -6.14 58.46
C ARG A 541 -20.31 -6.54 57.51
N GLU A 542 -20.44 -5.83 56.38
CA GLU A 542 -21.56 -6.11 55.48
C GLU A 542 -21.36 -7.35 54.61
N LEU A 543 -20.12 -7.84 54.48
CA LEU A 543 -19.83 -9.00 53.63
C LEU A 543 -19.90 -10.25 54.48
N LYS A 544 -21.13 -10.79 54.57
CA LYS A 544 -21.45 -11.83 55.53
C LYS A 544 -21.24 -13.26 55.02
N ARG A 545 -20.85 -13.43 53.76
CA ARG A 545 -20.62 -14.76 53.18
C ARG A 545 -19.16 -15.00 52.78
N LEU A 546 -18.24 -14.11 53.16
CA LEU A 546 -16.85 -14.23 52.75
C LEU A 546 -16.18 -15.43 53.41
N LYS A 547 -15.56 -16.29 52.59
CA LYS A 547 -14.88 -17.48 53.09
C LYS A 547 -13.38 -17.37 53.10
N VAL A 548 -12.81 -16.45 52.33
CA VAL A 548 -11.35 -16.29 52.23
C VAL A 548 -11.06 -14.79 52.19
N LEU A 549 -10.20 -14.33 53.09
CA LEU A 549 -9.64 -12.99 53.03
C LEU A 549 -8.13 -13.12 53.10
N ARG A 550 -7.44 -12.51 52.14
CA ARG A 550 -5.99 -12.40 52.13
C ARG A 550 -5.61 -10.93 52.10
N LEU A 551 -4.68 -10.53 52.97
CA LEU A 551 -4.22 -9.15 53.04
C LEU A 551 -2.70 -9.11 53.05
N LYS A 552 -2.14 -8.27 52.17
CA LYS A 552 -0.71 -8.07 52.06
C LYS A 552 -0.51 -6.56 52.16
N SER A 553 -0.50 -6.05 53.39
CA SER A 553 -0.71 -4.63 53.61
C SER A 553 0.19 -4.01 54.69
N ASN A 554 1.23 -4.70 55.14
CA ASN A 554 2.16 -4.16 56.14
C ASN A 554 1.41 -3.74 57.41
N LEU A 555 0.72 -4.71 58.01
CA LEU A 555 -0.24 -4.41 59.07
C LEU A 555 0.41 -4.55 60.44
N SER A 556 0.23 -3.52 61.28
CA SER A 556 0.75 -3.56 62.63
C SER A 556 -0.02 -4.52 63.52
N LYS A 557 -1.31 -4.70 63.25
CA LYS A 557 -2.17 -5.56 64.06
C LYS A 557 -3.16 -6.24 63.13
N LEU A 558 -3.83 -7.25 63.68
CA LEU A 558 -4.97 -7.85 63.01
C LEU A 558 -6.20 -6.99 63.27
N PRO A 559 -6.96 -6.57 62.25
CA PRO A 559 -8.10 -5.69 62.53
C PRO A 559 -9.13 -6.35 63.42
N GLN A 560 -9.71 -5.55 64.30
CA GLN A 560 -10.84 -6.04 65.09
C GLN A 560 -11.99 -6.46 64.19
N VAL A 561 -12.22 -5.71 63.11
CA VAL A 561 -13.36 -5.95 62.24
C VAL A 561 -13.23 -7.30 61.54
N VAL A 562 -12.01 -7.74 61.23
CA VAL A 562 -11.82 -9.06 60.62
C VAL A 562 -12.30 -10.15 61.59
N THR A 563 -11.84 -10.08 62.84
CA THR A 563 -12.24 -11.07 63.83
C THR A 563 -13.73 -10.97 64.14
N ASP A 564 -14.31 -9.78 63.99
CA ASP A 564 -15.76 -9.64 64.12
C ASP A 564 -16.48 -10.34 62.98
N VAL A 565 -15.89 -10.33 61.78
CA VAL A 565 -16.44 -10.98 60.60
C VAL A 565 -16.04 -12.46 60.58
N GLY A 566 -15.25 -12.87 61.57
CA GLY A 566 -14.75 -14.23 61.66
C GLY A 566 -15.80 -15.30 61.94
N VAL A 567 -17.08 -14.95 62.02
CA VAL A 567 -18.12 -15.94 62.26
C VAL A 567 -18.16 -16.96 61.13
N HIS A 568 -17.95 -16.53 59.89
CA HIS A 568 -18.16 -17.35 58.71
C HIS A 568 -16.90 -17.50 57.87
N LEU A 569 -15.86 -16.70 58.12
CA LEU A 569 -14.59 -16.87 57.44
C LEU A 569 -14.01 -18.25 57.72
N GLN A 570 -13.44 -18.87 56.69
CA GLN A 570 -12.83 -20.19 56.79
C GLN A 570 -11.32 -20.18 56.72
N LYS A 571 -10.73 -19.30 55.91
CA LYS A 571 -9.28 -19.18 55.77
C LYS A 571 -8.90 -17.71 55.80
N LEU A 572 -7.98 -17.36 56.68
CA LEU A 572 -7.41 -16.03 56.76
C LEU A 572 -5.91 -16.12 56.50
N SER A 573 -5.41 -15.23 55.64
CA SER A 573 -4.00 -15.20 55.28
C SER A 573 -3.51 -13.76 55.37
N ILE A 574 -2.50 -13.53 56.21
CA ILE A 574 -1.87 -12.22 56.35
C ILE A 574 -0.42 -12.37 55.94
N ASN A 575 -0.01 -11.61 54.93
CA ASN A 575 1.38 -11.49 54.52
C ASN A 575 1.85 -10.11 54.91
N ASN A 576 2.55 -10.02 56.04
CA ASN A 576 2.87 -8.73 56.65
C ASN A 576 4.27 -8.24 56.26
N GLU A 577 5.01 -9.02 55.46
CA GLU A 577 6.31 -8.60 54.94
C GLU A 577 7.30 -8.26 56.06
N GLY A 578 7.32 -9.09 57.09
CA GLY A 578 8.25 -8.93 58.18
C GLY A 578 7.85 -7.92 59.22
N THR A 579 6.80 -7.13 58.97
CA THR A 579 6.30 -6.23 59.99
C THR A 579 5.63 -7.03 61.10
N LYS A 580 5.89 -6.66 62.34
CA LYS A 580 5.39 -7.43 63.48
C LYS A 580 3.87 -7.33 63.57
N LEU A 581 3.21 -8.47 63.58
CA LEU A 581 1.77 -8.54 63.75
C LEU A 581 1.44 -8.81 65.21
N ILE A 582 0.51 -8.04 65.77
CA ILE A 582 -0.01 -8.25 67.11
C ILE A 582 -1.34 -8.98 66.97
N VAL A 583 -1.46 -10.14 67.63
CA VAL A 583 -2.74 -10.86 67.61
C VAL A 583 -3.52 -10.26 68.76
N LEU A 584 -3.25 -10.71 69.98
CA LEU A 584 -3.88 -10.08 71.14
C LEU A 584 -5.14 -10.69 71.74
N ASN A 585 -5.49 -11.94 71.42
CA ASN A 585 -6.65 -12.50 72.10
C ASN A 585 -7.92 -12.52 71.26
N SER A 586 -7.90 -11.90 70.07
CA SER A 586 -9.09 -11.91 69.21
C SER A 586 -9.18 -13.20 68.42
N LEU A 587 -8.04 -13.78 68.07
CA LEU A 587 -7.97 -14.98 67.25
C LEU A 587 -8.74 -16.15 67.84
N LYS A 588 -9.05 -16.11 69.15
CA LYS A 588 -9.79 -17.18 69.78
C LYS A 588 -11.20 -17.34 69.21
N LYS A 589 -11.74 -16.32 68.52
CA LYS A 589 -13.10 -16.45 68.01
C LYS A 589 -13.21 -17.30 66.74
N MET A 590 -12.09 -17.63 66.10
CA MET A 590 -12.13 -18.20 64.75
C MET A 590 -12.18 -19.73 64.82
N ALA A 591 -13.22 -20.22 65.50
CA ALA A 591 -13.39 -21.66 65.68
C ALA A 591 -13.66 -22.37 64.35
N ASN A 592 -14.14 -21.63 63.35
CA ASN A 592 -14.43 -22.20 62.04
C ASN A 592 -13.19 -22.31 61.16
N LEU A 593 -12.08 -21.73 61.58
CA LEU A 593 -10.84 -21.74 60.81
C LEU A 593 -10.29 -23.16 60.68
N THR A 594 -10.03 -23.58 59.44
CA THR A 594 -9.41 -24.86 59.14
C THR A 594 -7.98 -24.74 58.65
N GLU A 595 -7.62 -23.63 58.02
CA GLU A 595 -6.27 -23.39 57.51
C GLU A 595 -5.88 -21.97 57.87
N LEU A 596 -4.71 -21.80 58.50
CA LEU A 596 -4.20 -20.50 58.88
C LEU A 596 -2.80 -20.30 58.33
N GLU A 597 -2.59 -19.14 57.71
CA GLU A 597 -1.28 -18.72 57.24
C GLU A 597 -1.01 -17.33 57.78
N LEU A 598 -0.05 -17.22 58.71
CA LEU A 598 0.39 -15.94 59.24
C LEU A 598 1.82 -15.77 58.74
N ILE A 599 1.92 -15.09 57.62
CA ILE A 599 3.10 -15.12 56.77
C ILE A 599 3.88 -13.84 56.94
N ARG A 600 5.19 -13.98 57.17
CA ARG A 600 6.11 -12.85 57.22
C ARG A 600 5.62 -11.81 58.24
N CYS A 601 5.20 -12.30 59.40
CA CYS A 601 4.60 -11.48 60.43
C CYS A 601 5.53 -11.27 61.63
N ASP A 602 6.76 -11.77 61.57
CA ASP A 602 7.77 -11.57 62.61
C ASP A 602 7.20 -11.92 63.99
N LEU A 603 6.52 -13.06 64.05
CA LEU A 603 5.73 -13.37 65.23
C LEU A 603 6.62 -13.64 66.44
N GLU A 604 7.68 -14.43 66.25
CA GLU A 604 8.70 -14.73 67.25
C GLU A 604 8.22 -15.68 68.35
N ARG A 605 6.93 -16.03 68.35
CA ARG A 605 6.38 -16.99 69.29
C ARG A 605 5.15 -17.60 68.66
N ILE A 606 5.00 -18.91 68.82
CA ILE A 606 3.78 -19.59 68.40
C ILE A 606 2.69 -19.09 69.34
N PRO A 607 1.66 -18.39 68.89
CA PRO A 607 0.65 -17.89 69.83
C PRO A 607 -0.15 -19.04 70.42
N HIS A 608 -0.33 -19.00 71.75
CA HIS A 608 -1.04 -20.06 72.45
C HIS A 608 -2.51 -20.13 72.06
N SER A 609 -3.06 -19.04 71.55
CA SER A 609 -4.45 -19.02 71.08
C SER A 609 -4.74 -20.10 70.05
N ILE A 610 -3.72 -20.58 69.35
CA ILE A 610 -3.90 -21.65 68.37
C ILE A 610 -4.48 -22.90 69.04
N PHE A 611 -4.16 -23.14 70.31
CA PHE A 611 -4.50 -24.40 70.94
C PHE A 611 -6.00 -24.55 71.15
N SER A 612 -6.76 -23.46 71.12
CA SER A 612 -8.21 -23.51 71.21
C SER A 612 -8.90 -23.74 69.88
N LEU A 613 -8.15 -23.70 68.76
CA LEU A 613 -8.74 -23.75 67.43
C LEU A 613 -8.71 -25.21 66.95
N HIS A 614 -9.68 -25.98 67.43
CA HIS A 614 -9.67 -27.43 67.32
C HIS A 614 -10.01 -27.97 65.93
N ASN A 615 -10.29 -27.10 64.96
CA ASN A 615 -10.60 -27.52 63.60
C ASN A 615 -9.45 -27.33 62.63
N LEU A 616 -8.29 -26.86 63.10
CA LEU A 616 -7.20 -26.52 62.20
C LEU A 616 -6.64 -27.77 61.52
N GLN A 617 -6.44 -27.67 60.21
CA GLN A 617 -5.86 -28.73 59.39
C GLN A 617 -4.45 -28.41 58.90
N GLU A 618 -4.14 -27.13 58.70
CA GLU A 618 -2.89 -26.70 58.11
C GLU A 618 -2.40 -25.45 58.80
N ILE A 619 -1.09 -25.35 58.99
CA ILE A 619 -0.45 -24.17 59.54
C ILE A 619 0.75 -23.85 58.67
N ASP A 620 0.97 -22.57 58.39
CA ASP A 620 2.14 -22.11 57.66
C ASP A 620 2.74 -20.93 58.40
N LEU A 621 4.03 -21.02 58.72
CA LEU A 621 4.74 -20.02 59.50
C LEU A 621 6.02 -19.58 58.79
N LYS A 622 5.90 -19.23 57.51
CA LYS A 622 6.96 -18.60 56.75
C LYS A 622 7.59 -17.44 57.51
N ASP A 623 8.91 -17.49 57.63
CA ASP A 623 9.72 -16.36 58.06
C ASP A 623 9.26 -15.81 59.41
N ASN A 624 9.59 -16.56 60.46
CA ASN A 624 9.42 -16.09 61.83
C ASN A 624 10.66 -16.33 62.67
N ASN A 625 11.80 -16.65 62.05
CA ASN A 625 13.08 -16.75 62.73
C ASN A 625 13.03 -17.78 63.85
N LEU A 626 12.25 -18.84 63.65
CA LEU A 626 12.02 -19.81 64.69
C LEU A 626 13.25 -20.69 64.87
N LYS A 627 13.68 -20.82 66.11
CA LYS A 627 14.82 -21.67 66.48
C LYS A 627 14.40 -22.90 67.27
N THR A 628 13.40 -22.75 68.13
CA THR A 628 12.81 -23.87 68.85
C THR A 628 11.29 -23.83 68.68
N ILE A 629 10.71 -25.01 68.58
CA ILE A 629 9.29 -25.18 68.27
C ILE A 629 8.64 -26.08 69.31
N GLU A 630 9.10 -26.00 70.56
CA GLU A 630 8.64 -26.92 71.60
C GLU A 630 7.12 -26.91 71.77
N GLU A 631 6.48 -25.77 71.46
CA GLU A 631 5.05 -25.59 71.65
C GLU A 631 4.20 -26.65 70.96
N ILE A 632 4.77 -27.36 69.98
CA ILE A 632 4.05 -28.41 69.27
C ILE A 632 3.54 -29.51 70.19
N ILE A 633 4.08 -29.60 71.41
CA ILE A 633 3.57 -30.58 72.37
C ILE A 633 2.06 -30.41 72.56
N SER A 634 1.57 -29.17 72.51
CA SER A 634 0.14 -28.95 72.70
C SER A 634 -0.67 -29.07 71.41
N PHE A 635 -0.02 -29.19 70.25
CA PHE A 635 -0.75 -29.42 69.01
C PHE A 635 -1.40 -30.80 68.96
N GLN A 636 -1.04 -31.72 69.87
CA GLN A 636 -1.58 -33.08 69.86
C GLN A 636 -3.10 -33.13 69.98
N HIS A 637 -3.75 -32.07 70.44
CA HIS A 637 -5.20 -32.01 70.53
C HIS A 637 -5.86 -31.50 69.25
N LEU A 638 -5.08 -31.13 68.24
CA LEU A 638 -5.61 -30.69 66.94
C LEU A 638 -5.62 -31.91 66.04
N HIS A 639 -6.77 -32.60 66.03
CA HIS A 639 -6.82 -33.96 65.51
C HIS A 639 -6.76 -34.04 63.99
N ARG A 640 -7.08 -32.97 63.28
CA ARG A 640 -7.04 -32.98 61.82
C ARG A 640 -5.78 -32.33 61.26
N LEU A 641 -4.83 -31.97 62.11
CA LEU A 641 -3.63 -31.30 61.62
C LEU A 641 -2.80 -32.33 60.86
N THR A 642 -2.70 -32.13 59.54
CA THR A 642 -1.99 -33.04 58.67
C THR A 642 -0.79 -32.41 57.97
N CYS A 643 -0.65 -31.09 58.00
CA CYS A 643 0.37 -30.39 57.24
C CYS A 643 0.94 -29.27 58.09
N LEU A 644 2.23 -29.36 58.41
CA LEU A 644 2.94 -28.33 59.16
C LEU A 644 4.06 -27.79 58.29
N LYS A 645 4.07 -26.47 58.11
CA LYS A 645 4.94 -25.78 57.16
C LYS A 645 5.78 -24.75 57.90
N LEU A 646 7.04 -25.11 58.20
CA LEU A 646 7.94 -24.30 59.03
C LEU A 646 9.24 -23.96 58.32
N TRP A 647 9.24 -23.87 56.99
CA TRP A 647 10.45 -23.59 56.24
C TRP A 647 11.10 -22.27 56.65
N TYR A 648 12.33 -22.08 56.16
CA TYR A 648 13.05 -20.81 56.20
C TYR A 648 13.01 -20.17 57.59
N ASN A 649 13.46 -20.96 58.56
CA ASN A 649 13.63 -20.48 59.92
C ASN A 649 15.00 -20.97 60.36
N HIS A 650 15.33 -20.79 61.63
CA HIS A 650 16.63 -21.10 62.18
C HIS A 650 16.56 -22.27 63.13
N ILE A 651 15.73 -23.25 62.81
CA ILE A 651 15.47 -24.37 63.71
C ILE A 651 16.71 -25.25 63.76
N ALA A 652 17.16 -25.56 64.96
CA ALA A 652 18.37 -26.34 65.17
C ALA A 652 18.09 -27.82 65.40
N TYR A 653 16.92 -28.17 65.91
CA TYR A 653 16.59 -29.55 66.20
C TYR A 653 15.08 -29.72 66.21
N ILE A 654 14.65 -30.97 66.13
CA ILE A 654 13.24 -31.34 66.16
C ILE A 654 12.92 -31.86 67.57
N PRO A 655 12.03 -31.22 68.32
CA PRO A 655 11.66 -31.79 69.62
C PRO A 655 11.02 -33.17 69.52
N ILE A 656 11.21 -33.97 70.57
CA ILE A 656 10.81 -35.37 70.58
C ILE A 656 9.30 -35.54 70.58
N GLN A 657 8.56 -34.60 71.15
CA GLN A 657 7.11 -34.74 71.28
C GLN A 657 6.38 -34.80 69.95
N ILE A 658 7.06 -34.55 68.84
CA ILE A 658 6.48 -34.66 67.50
C ILE A 658 5.84 -36.01 67.29
N GLY A 659 6.33 -37.06 67.96
CA GLY A 659 5.74 -38.38 67.83
C GLY A 659 4.30 -38.46 68.29
N ASN A 660 3.84 -37.52 69.12
CA ASN A 660 2.45 -37.47 69.54
C ASN A 660 1.55 -36.76 68.53
N LEU A 661 2.11 -36.27 67.43
CA LEU A 661 1.32 -35.70 66.33
C LEU A 661 1.08 -36.79 65.29
N THR A 662 0.26 -37.75 65.69
CA THR A 662 0.12 -39.02 64.99
C THR A 662 -0.69 -38.91 63.70
N ASN A 663 -1.44 -37.82 63.50
CA ASN A 663 -2.28 -37.67 62.33
C ASN A 663 -1.59 -36.95 61.18
N LEU A 664 -0.30 -36.65 61.31
CA LEU A 664 0.39 -35.84 60.30
C LEU A 664 0.57 -36.61 59.00
N GLU A 665 0.25 -35.96 57.88
CA GLU A 665 0.48 -36.51 56.55
C GLU A 665 1.50 -35.75 55.74
N ARG A 666 1.73 -34.47 56.05
CA ARG A 666 2.71 -33.64 55.38
C ARG A 666 3.53 -32.96 56.47
N LEU A 667 4.85 -32.95 56.33
CA LEU A 667 5.71 -32.22 57.24
C LEU A 667 6.85 -31.61 56.44
N TYR A 668 6.95 -30.28 56.46
CA TYR A 668 7.99 -29.55 55.75
C TYR A 668 8.84 -28.79 56.75
N LEU A 669 10.09 -29.23 56.91
CA LEU A 669 11.09 -28.57 57.73
C LEU A 669 12.32 -28.20 56.91
N ASN A 670 12.20 -28.14 55.59
CA ASN A 670 13.32 -27.81 54.74
C ASN A 670 13.79 -26.38 54.96
N ARG A 671 15.01 -26.11 54.49
CA ARG A 671 15.59 -24.77 54.55
C ARG A 671 15.70 -24.31 56.00
N ASN A 672 16.33 -25.15 56.81
CA ASN A 672 16.50 -24.88 58.24
C ASN A 672 17.89 -25.36 58.63
N LYS A 673 18.16 -25.40 59.94
CA LYS A 673 19.48 -25.67 60.49
C LYS A 673 19.50 -26.96 61.28
N ILE A 674 18.74 -27.95 60.82
CA ILE A 674 18.55 -29.17 61.59
C ILE A 674 19.75 -30.09 61.35
N GLU A 675 20.26 -30.64 62.44
CA GLU A 675 21.50 -31.42 62.43
C GLU A 675 21.27 -32.91 62.45
N LYS A 676 20.13 -33.36 63.00
CA LYS A 676 19.83 -34.78 63.10
C LYS A 676 18.32 -34.95 63.03
N ILE A 677 17.91 -36.19 62.85
CA ILE A 677 16.50 -36.58 62.86
C ILE A 677 16.24 -37.34 64.15
N PRO A 678 15.35 -36.89 65.03
CA PRO A 678 14.93 -37.75 66.14
C PRO A 678 14.09 -38.90 65.63
N THR A 679 14.26 -40.07 66.26
CA THR A 679 13.44 -41.21 65.91
C THR A 679 11.96 -40.97 66.19
N GLN A 680 11.64 -40.06 67.12
CA GLN A 680 10.25 -39.87 67.52
C GLN A 680 9.39 -39.31 66.39
N LEU A 681 10.02 -38.59 65.46
CA LEU A 681 9.37 -38.20 64.22
C LEU A 681 8.64 -39.35 63.55
N PHE A 682 9.19 -40.55 63.64
CA PHE A 682 8.61 -41.67 62.91
C PHE A 682 7.43 -42.37 63.57
N TYR A 683 6.89 -41.76 64.62
CA TYR A 683 5.69 -42.32 65.23
C TYR A 683 4.55 -41.72 64.43
N CYS A 684 4.85 -40.69 63.64
CA CYS A 684 3.87 -40.10 62.74
C CYS A 684 3.74 -40.99 61.50
N ARG A 685 3.02 -42.09 61.68
CA ARG A 685 3.00 -43.15 60.68
C ARG A 685 2.03 -42.88 59.53
N LYS A 686 1.33 -41.74 59.55
CA LYS A 686 0.50 -41.33 58.43
C LYS A 686 1.20 -40.36 57.47
N LEU A 687 2.49 -40.09 57.67
CA LEU A 687 3.19 -39.15 56.81
C LEU A 687 3.28 -39.65 55.38
N ARG A 688 2.85 -38.79 54.45
CA ARG A 688 2.99 -39.03 53.02
C ARG A 688 4.13 -38.26 52.40
N TYR A 689 4.31 -37.00 52.79
CA TYR A 689 5.32 -36.11 52.24
C TYR A 689 6.18 -35.60 53.38
N LEU A 690 7.49 -35.69 53.21
CA LEU A 690 8.45 -35.12 54.14
C LEU A 690 9.52 -34.42 53.33
N ASP A 691 9.80 -33.17 53.65
CA ASP A 691 10.83 -32.39 52.97
C ASP A 691 11.82 -31.90 54.01
N LEU A 692 13.06 -32.38 53.90
CA LEU A 692 14.14 -32.01 54.80
C LEU A 692 15.35 -31.52 54.03
N SER A 693 15.15 -31.03 52.81
CA SER A 693 16.24 -30.54 52.00
C SER A 693 16.87 -29.32 52.65
N HIS A 694 18.17 -29.15 52.42
CA HIS A 694 18.91 -27.98 52.85
C HIS A 694 18.87 -27.82 54.37
N ASN A 695 19.31 -28.89 55.03
CA ASN A 695 19.56 -28.91 56.47
C ASN A 695 20.98 -29.43 56.64
N ASN A 696 21.37 -29.84 57.84
CA ASN A 696 22.74 -30.32 58.09
C ASN A 696 22.71 -31.81 58.43
N LEU A 697 21.94 -32.58 57.68
CA LEU A 697 21.81 -34.01 57.93
C LEU A 697 22.97 -34.77 57.31
N THR A 698 23.48 -35.75 58.05
CA THR A 698 24.56 -36.62 57.60
C THR A 698 24.10 -38.02 57.25
N PHE A 699 23.04 -38.51 57.90
CA PHE A 699 22.53 -39.86 57.68
C PHE A 699 21.02 -39.84 57.85
N LEU A 700 20.39 -40.92 57.40
CA LEU A 700 18.97 -41.14 57.59
C LEU A 700 18.79 -42.26 58.61
N PRO A 701 18.06 -42.08 59.72
CA PRO A 701 17.87 -43.20 60.66
C PRO A 701 17.10 -44.36 60.03
N ALA A 702 17.40 -45.56 60.52
CA ALA A 702 16.70 -46.76 60.06
C ALA A 702 15.21 -46.70 60.33
N ASP A 703 14.81 -45.99 61.39
CA ASP A 703 13.40 -45.88 61.78
C ASP A 703 12.53 -45.24 60.71
N ILE A 704 13.13 -44.67 59.67
CA ILE A 704 12.37 -44.16 58.53
C ILE A 704 11.55 -45.26 57.87
N GLY A 705 11.90 -46.53 58.10
CA GLY A 705 11.08 -47.62 57.60
C GLY A 705 9.68 -47.65 58.18
N LEU A 706 9.41 -46.90 59.25
CA LEU A 706 8.10 -46.91 59.89
C LEU A 706 7.07 -46.03 59.18
N LEU A 707 7.47 -45.20 58.21
CA LEU A 707 6.52 -44.34 57.50
C LEU A 707 5.92 -45.13 56.35
N GLN A 708 4.92 -45.94 56.70
CA GLN A 708 4.30 -46.85 55.75
C GLN A 708 3.48 -46.12 54.70
N ASN A 709 3.07 -44.87 54.96
CA ASN A 709 2.27 -44.10 54.03
C ASN A 709 3.07 -43.07 53.24
N LEU A 710 4.41 -43.10 53.35
CA LEU A 710 5.27 -42.12 52.68
C LEU A 710 5.25 -42.34 51.16
N GLN A 711 5.07 -41.25 50.41
CA GLN A 711 5.02 -41.30 48.95
C GLN A 711 6.09 -40.46 48.26
N ASN A 712 6.37 -39.25 48.75
CA ASN A 712 7.42 -38.41 48.20
C ASN A 712 8.31 -37.91 49.33
N LEU A 713 9.59 -37.69 49.00
CA LEU A 713 10.59 -37.41 50.02
C LEU A 713 11.75 -36.68 49.36
N ALA A 714 12.17 -35.56 49.96
CA ALA A 714 13.30 -34.79 49.49
C ALA A 714 14.27 -34.56 50.64
N ILE A 715 15.52 -34.94 50.44
CA ILE A 715 16.59 -34.76 51.40
C ILE A 715 17.71 -34.06 50.65
N THR A 716 17.33 -33.25 49.67
CA THR A 716 18.27 -32.64 48.75
C THR A 716 19.30 -31.79 49.48
N ALA A 717 20.52 -31.77 48.93
CA ALA A 717 21.53 -30.78 49.29
C ALA A 717 22.05 -30.97 50.71
N ASN A 718 22.10 -32.23 51.16
CA ASN A 718 22.86 -32.63 52.32
C ASN A 718 24.13 -33.34 51.85
N ARG A 719 24.92 -33.87 52.78
CA ARG A 719 26.17 -34.55 52.44
C ARG A 719 26.10 -36.04 52.80
N ILE A 720 24.99 -36.67 52.47
CA ILE A 720 24.79 -38.08 52.78
C ILE A 720 25.56 -38.92 51.78
N GLU A 721 26.32 -39.90 52.29
CA GLU A 721 27.21 -40.70 51.45
C GLU A 721 26.49 -41.92 50.88
N THR A 722 25.57 -42.49 51.64
CA THR A 722 24.85 -43.67 51.21
C THR A 722 23.52 -43.69 51.92
N LEU A 723 22.57 -44.41 51.34
CA LEU A 723 21.21 -44.46 51.85
C LEU A 723 21.05 -45.69 52.75
N PRO A 724 20.38 -45.61 53.89
CA PRO A 724 20.16 -46.82 54.68
C PRO A 724 19.25 -47.77 53.93
N PRO A 725 19.44 -49.09 54.09
CA PRO A 725 18.50 -50.02 53.43
C PRO A 725 17.07 -49.88 53.92
N GLU A 726 16.88 -49.53 55.19
CA GLU A 726 15.54 -49.44 55.76
C GLU A 726 14.69 -48.39 55.09
N LEU A 727 15.31 -47.43 54.39
CA LEU A 727 14.57 -46.45 53.62
C LEU A 727 13.59 -47.11 52.66
N PHE A 728 13.92 -48.30 52.15
CA PHE A 728 13.06 -48.97 51.19
C PHE A 728 11.99 -49.84 51.83
N GLN A 729 11.79 -49.69 53.14
CA GLN A 729 10.57 -50.20 53.78
C GLN A 729 9.36 -49.33 53.47
N CYS A 730 9.57 -48.09 53.03
CA CYS A 730 8.48 -47.20 52.60
C CYS A 730 8.05 -47.62 51.21
N ARG A 731 7.12 -48.57 51.16
CA ARG A 731 6.73 -49.22 49.92
C ARG A 731 5.99 -48.30 48.96
N LYS A 732 5.35 -47.25 49.47
CA LYS A 732 4.48 -46.40 48.66
C LYS A 732 5.20 -45.25 47.99
N LEU A 733 6.53 -45.23 48.04
CA LEU A 733 7.28 -44.13 47.43
C LEU A 733 7.10 -44.11 45.93
N ARG A 734 6.86 -42.91 45.40
CA ARG A 734 6.78 -42.67 43.96
C ARG A 734 7.81 -41.69 43.45
N ALA A 735 8.33 -40.82 44.30
CA ALA A 735 9.35 -39.86 43.89
C ALA A 735 10.34 -39.67 45.03
N LEU A 736 11.63 -39.63 44.70
CA LEU A 736 12.69 -39.45 45.68
C LEU A 736 13.70 -38.46 45.12
N HIS A 737 13.67 -37.24 45.64
CA HIS A 737 14.52 -36.15 45.17
C HIS A 737 15.74 -36.09 46.08
N LEU A 738 16.83 -36.73 45.64
CA LEU A 738 18.07 -36.83 46.40
C LEU A 738 19.26 -36.20 45.69
N GLY A 739 19.02 -35.41 44.65
CA GLY A 739 20.10 -34.87 43.85
C GLY A 739 20.98 -33.92 44.63
N ASN A 740 22.13 -33.61 44.03
CA ASN A 740 23.09 -32.62 44.55
C ASN A 740 23.53 -32.97 45.97
N ASN A 741 23.73 -34.25 46.22
CA ASN A 741 24.36 -34.79 47.41
C ASN A 741 25.72 -35.36 47.00
N VAL A 742 26.37 -36.07 47.93
CA VAL A 742 27.69 -36.67 47.69
C VAL A 742 27.57 -38.18 47.75
N LEU A 743 26.43 -38.71 47.33
CA LEU A 743 26.25 -40.16 47.29
C LEU A 743 27.30 -40.81 46.39
N GLN A 744 27.86 -41.91 46.87
CA GLN A 744 28.81 -42.71 46.11
C GLN A 744 28.19 -43.96 45.50
N SER A 745 27.10 -44.45 46.08
CA SER A 745 26.42 -45.62 45.55
C SER A 745 24.93 -45.53 45.84
N LEU A 746 24.13 -46.15 44.97
CA LEU A 746 22.69 -46.20 45.09
C LEU A 746 22.28 -47.64 45.45
N PRO A 747 21.65 -47.90 46.61
CA PRO A 747 21.39 -49.29 47.01
C PRO A 747 20.51 -50.07 46.04
N SER A 748 20.76 -51.38 45.98
CA SER A 748 19.98 -52.28 45.14
C SER A 748 18.49 -52.29 45.51
N ARG A 749 18.17 -52.03 46.78
CA ARG A 749 16.78 -52.16 47.24
C ARG A 749 15.82 -51.16 46.60
N VAL A 750 16.32 -50.26 45.74
CA VAL A 750 15.46 -49.46 44.88
C VAL A 750 14.56 -50.34 44.02
N GLY A 751 14.96 -51.59 43.77
CA GLY A 751 14.12 -52.53 43.09
C GLY A 751 12.78 -52.78 43.76
N GLU A 752 12.71 -52.57 45.09
CA GLU A 752 11.48 -52.82 45.81
C GLU A 752 10.42 -51.73 45.61
N LEU A 753 10.81 -50.55 45.16
CA LEU A 753 9.88 -49.45 44.97
C LEU A 753 9.11 -49.69 43.67
N THR A 754 7.99 -50.40 43.83
CA THR A 754 7.14 -50.75 42.70
C THR A 754 6.64 -49.51 41.97
N ASN A 755 6.25 -48.48 42.71
CA ASN A 755 5.57 -47.32 42.14
C ASN A 755 6.49 -46.16 41.85
N LEU A 756 7.81 -46.37 41.87
CA LEU A 756 8.75 -45.27 41.65
C LEU A 756 8.72 -44.85 40.18
N THR A 757 8.52 -43.56 39.96
CA THR A 757 8.52 -42.97 38.62
C THR A 757 9.53 -41.86 38.44
N GLN A 758 10.07 -41.29 39.51
CA GLN A 758 11.02 -40.19 39.42
C GLN A 758 12.04 -40.32 40.54
N ILE A 759 13.30 -40.08 40.23
CA ILE A 759 14.34 -40.11 41.24
C ILE A 759 15.51 -39.27 40.77
N GLU A 760 16.07 -38.47 41.68
CA GLU A 760 17.23 -37.64 41.39
C GLU A 760 18.50 -38.32 41.88
N LEU A 761 19.53 -38.29 41.05
CA LEU A 761 20.88 -38.71 41.44
C LEU A 761 21.93 -37.70 41.02
N ARG A 762 21.53 -36.54 40.51
CA ARG A 762 22.47 -35.60 39.93
C ARG A 762 23.39 -35.02 40.99
N GLY A 763 24.53 -34.51 40.54
CA GLY A 763 25.45 -33.86 41.43
C GLY A 763 26.28 -34.80 42.29
N ASN A 764 26.50 -36.03 41.82
CA ASN A 764 27.30 -37.03 42.53
C ASN A 764 28.54 -37.39 41.71
N ARG A 765 29.42 -38.10 42.40
CA ARG A 765 30.67 -38.51 41.79
C ARG A 765 30.59 -39.93 41.22
N LEU A 766 29.48 -40.29 40.57
CA LEU A 766 29.36 -41.64 40.07
C LEU A 766 30.20 -41.76 38.81
N GLU A 767 30.75 -42.96 38.58
CA GLU A 767 31.39 -43.28 37.31
C GLU A 767 30.47 -44.08 36.42
N CYS A 768 29.62 -44.91 37.03
CA CYS A 768 28.58 -45.63 36.34
C CYS A 768 27.34 -45.60 37.23
N LEU A 769 26.27 -46.27 36.77
CA LEU A 769 25.02 -46.36 37.50
C LEU A 769 24.68 -47.81 37.80
N PRO A 770 24.03 -48.11 38.93
CA PRO A 770 23.67 -49.50 39.20
C PRO A 770 22.43 -49.95 38.44
N VAL A 771 22.47 -51.19 37.98
CA VAL A 771 21.44 -51.76 37.11
C VAL A 771 20.08 -51.80 37.78
N GLU A 772 20.03 -51.85 39.12
CA GLU A 772 18.79 -52.14 39.81
C GLU A 772 17.74 -51.05 39.62
N LEU A 773 18.12 -49.87 39.13
CA LEU A 773 17.12 -48.87 38.75
C LEU A 773 16.19 -49.41 37.68
N GLY A 774 16.68 -50.33 36.83
CA GLY A 774 15.84 -50.97 35.85
C GLY A 774 14.74 -51.83 36.44
N GLU A 775 14.85 -52.19 37.71
CA GLU A 775 13.85 -53.03 38.36
C GLU A 775 12.60 -52.26 38.77
N CYS A 776 12.55 -50.94 38.49
CA CYS A 776 11.38 -50.13 38.78
C CYS A 776 10.42 -50.20 37.59
N PRO A 777 9.23 -50.82 37.73
CA PRO A 777 8.39 -51.01 36.52
C PRO A 777 7.96 -49.73 35.84
N LEU A 778 7.54 -48.72 36.59
CA LEU A 778 6.91 -47.54 36.01
C LEU A 778 7.91 -46.45 35.62
N LEU A 779 9.20 -46.70 35.75
CA LEU A 779 10.19 -45.66 35.50
C LEU A 779 10.37 -45.46 34.01
N LYS A 780 10.54 -44.19 33.61
CA LYS A 780 10.77 -43.81 32.23
C LYS A 780 12.02 -42.93 32.14
N ARG A 781 12.49 -42.76 30.90
CA ARG A 781 13.69 -41.96 30.64
C ARG A 781 13.56 -40.56 31.20
N SER A 782 12.37 -39.97 31.07
CA SER A 782 12.14 -38.63 31.60
C SER A 782 12.14 -38.63 33.13
N GLY A 783 11.82 -39.76 33.75
CA GLY A 783 11.83 -39.88 35.19
C GLY A 783 13.16 -40.23 35.78
N LEU A 784 14.09 -40.73 34.97
CA LEU A 784 15.43 -41.07 35.43
C LEU A 784 16.27 -39.81 35.34
N VAL A 785 16.36 -39.08 36.44
CA VAL A 785 16.96 -37.76 36.48
C VAL A 785 18.41 -37.94 36.88
N VAL A 786 19.30 -37.93 35.88
CA VAL A 786 20.72 -38.18 36.10
C VAL A 786 21.50 -37.54 34.96
N GLU A 787 22.78 -37.28 35.21
CA GLU A 787 23.68 -36.79 34.18
C GLU A 787 23.73 -37.75 33.00
N GLU A 788 23.92 -37.19 31.80
CA GLU A 788 23.85 -37.99 30.59
C GLU A 788 25.01 -38.98 30.49
N ASP A 789 26.20 -38.57 30.90
CA ASP A 789 27.35 -39.47 30.83
C ASP A 789 27.13 -40.69 31.72
N LEU A 790 26.54 -40.49 32.89
CA LEU A 790 26.17 -41.62 33.74
C LEU A 790 25.06 -42.45 33.10
N PHE A 791 24.10 -41.80 32.45
CA PHE A 791 23.02 -42.53 31.78
C PHE A 791 23.57 -43.47 30.71
N ASN A 792 24.60 -43.02 30.00
CA ASN A 792 25.19 -43.83 28.94
C ASN A 792 25.80 -45.11 29.47
N THR A 793 26.18 -45.14 30.74
CA THR A 793 26.79 -46.32 31.34
C THR A 793 25.82 -47.48 31.54
N LEU A 794 24.53 -47.24 31.47
CA LEU A 794 23.57 -48.29 31.74
C LEU A 794 23.60 -49.33 30.63
N PRO A 795 23.09 -50.54 30.88
CA PRO A 795 23.04 -51.57 29.83
C PRO A 795 22.22 -51.12 28.64
N PRO A 796 22.60 -51.52 27.41
CA PRO A 796 21.74 -51.20 26.26
C PRO A 796 20.29 -51.66 26.40
N GLU A 797 20.07 -52.82 27.03
CA GLU A 797 18.71 -53.33 27.20
C GLU A 797 17.85 -52.34 27.98
N VAL A 798 18.40 -51.78 29.05
CA VAL A 798 17.67 -50.80 29.85
C VAL A 798 17.29 -49.59 28.99
N LYS A 799 18.24 -49.10 28.19
CA LYS A 799 17.96 -47.96 27.34
C LYS A 799 16.91 -48.29 26.29
N GLU A 800 16.90 -49.53 25.78
CA GLU A 800 15.89 -49.95 24.83
C GLU A 800 14.50 -49.97 25.49
N ARG A 801 14.43 -50.50 26.71
CA ARG A 801 13.16 -50.50 27.43
C ARG A 801 12.69 -49.09 27.72
N LEU A 802 13.62 -48.17 27.98
CA LEU A 802 13.26 -46.78 28.17
C LEU A 802 12.77 -46.16 26.87
N TRP A 803 13.37 -46.55 25.74
CA TRP A 803 12.92 -46.06 24.45
C TRP A 803 11.47 -46.45 24.20
N ARG A 804 11.14 -47.73 24.39
CA ARG A 804 9.77 -48.16 24.14
C ARG A 804 8.81 -47.52 25.14
N ALA A 805 9.24 -47.40 26.41
CA ALA A 805 8.34 -46.98 27.48
C ALA A 805 7.76 -45.59 27.23
N ASP A 806 8.57 -44.68 26.68
CA ASP A 806 8.17 -43.29 26.54
C ASP A 806 7.02 -43.14 25.55
N LYS A 807 7.24 -43.56 24.31
CA LYS A 807 6.30 -43.27 23.24
C LYS A 807 5.13 -44.24 23.22
N MET B 1 1.15 59.43 -14.01
CA MET B 1 -0.22 59.12 -14.42
C MET B 1 -0.28 57.73 -15.05
N ILE B 2 0.81 56.98 -14.89
CA ILE B 2 0.82 55.56 -15.22
C ILE B 2 -0.22 54.85 -14.38
N PRO B 3 -0.97 53.89 -14.91
CA PRO B 3 -2.07 53.30 -14.13
C PRO B 3 -1.58 52.72 -12.81
N VAL B 4 -2.39 52.89 -11.78
CA VAL B 4 -2.00 52.46 -10.43
C VAL B 4 -1.91 50.95 -10.35
N THR B 5 -2.71 50.22 -11.12
CA THR B 5 -2.53 48.78 -11.18
C THR B 5 -1.13 48.45 -11.67
N GLU B 6 -0.59 49.26 -12.57
CA GLU B 6 0.73 49.02 -13.11
C GLU B 6 1.80 49.39 -12.09
N LEU B 7 1.58 50.47 -11.36
CA LEU B 7 2.44 50.86 -10.25
C LEU B 7 2.43 49.84 -9.13
N ARG B 8 1.38 49.05 -9.01
CA ARG B 8 1.29 48.13 -7.89
C ARG B 8 2.29 47.00 -8.00
N TYR B 9 3.01 46.91 -9.12
CA TYR B 9 4.15 46.01 -9.19
C TYR B 9 5.13 46.24 -8.05
N PHE B 10 5.27 47.49 -7.63
CA PHE B 10 6.20 47.79 -6.55
C PHE B 10 5.69 47.27 -5.22
N ALA B 11 4.37 47.28 -5.03
CA ALA B 11 3.77 46.81 -3.79
C ALA B 11 3.03 45.50 -4.06
N ASP B 12 3.77 44.41 -4.00
CA ASP B 12 3.16 43.08 -3.94
C ASP B 12 4.23 42.07 -3.58
N THR B 13 3.93 41.25 -2.58
CA THR B 13 4.85 40.21 -2.13
C THR B 13 4.21 38.85 -2.37
N GLN B 14 4.90 37.81 -1.96
CA GLN B 14 4.32 36.50 -1.98
C GLN B 14 3.17 36.43 -0.98
N PRO B 15 2.12 35.68 -1.29
CA PRO B 15 1.09 35.42 -0.28
C PRO B 15 1.61 34.64 0.89
N ALA B 16 2.72 33.91 0.73
CA ALA B 16 3.31 33.18 1.85
C ALA B 16 3.77 34.13 2.92
N TYR B 17 4.36 35.25 2.54
CA TYR B 17 4.90 36.19 3.51
C TYR B 17 3.84 36.90 4.30
N ARG B 18 2.56 36.59 4.10
CA ARG B 18 1.51 37.24 4.85
C ARG B 18 1.70 37.11 6.34
N ILE B 19 2.33 36.02 6.78
CA ILE B 19 2.63 35.83 8.19
C ILE B 19 3.62 36.86 8.68
N LEU B 20 4.55 37.27 7.84
CA LEU B 20 5.65 38.11 8.27
C LEU B 20 5.29 39.58 8.32
N LYS B 21 4.12 39.85 7.93
CA LYS B 21 3.76 41.26 7.96
C LYS B 21 2.90 41.54 9.18
N PRO B 22 3.40 42.26 10.17
CA PRO B 22 2.57 42.60 11.33
C PRO B 22 1.48 43.59 10.95
N TRP B 23 0.69 44.04 11.92
CA TRP B 23 -0.40 44.94 11.57
C TRP B 23 0.13 46.27 11.06
N TRP B 24 1.29 46.73 11.53
CA TRP B 24 1.79 48.00 11.04
C TRP B 24 2.21 47.89 9.58
N ASP B 25 2.78 46.76 9.18
CA ASP B 25 3.12 46.58 7.78
C ASP B 25 1.88 46.56 6.90
N VAL B 26 0.82 45.90 7.38
CA VAL B 26 -0.43 45.86 6.63
C VAL B 26 -1.03 47.26 6.50
N PHE B 27 -1.04 48.01 7.60
CA PHE B 27 -1.59 49.35 7.56
C PHE B 27 -0.81 50.23 6.60
N THR B 28 0.52 50.14 6.64
CA THR B 28 1.31 50.95 5.73
C THR B 28 1.13 50.52 4.30
N ASP B 29 0.90 49.24 4.03
CA ASP B 29 0.60 48.82 2.66
C ASP B 29 -0.71 49.43 2.18
N TYR B 30 -1.74 49.40 3.02
CA TYR B 30 -2.99 50.09 2.71
C TYR B 30 -2.76 51.57 2.43
N ILE B 31 -2.05 52.25 3.32
CA ILE B 31 -1.86 53.69 3.19
C ILE B 31 -1.07 54.00 1.94
N SER B 32 -0.08 53.17 1.63
CA SER B 32 0.70 53.39 0.42
C SER B 32 -0.14 53.20 -0.82
N ILE B 33 -1.08 52.24 -0.79
CA ILE B 33 -1.98 52.09 -1.93
C ILE B 33 -2.82 53.34 -2.11
N VAL B 34 -3.33 53.90 -1.01
CA VAL B 34 -4.12 55.13 -1.12
C VAL B 34 -3.24 56.28 -1.61
N MET B 35 -2.00 56.34 -1.16
CA MET B 35 -1.07 57.38 -1.61
C MET B 35 -0.84 57.27 -3.12
N LEU B 36 -0.64 56.04 -3.60
CA LEU B 36 -0.49 55.83 -5.04
C LEU B 36 -1.75 56.24 -5.77
N MET B 37 -2.91 55.98 -5.18
CA MET B 37 -4.16 56.38 -5.80
C MET B 37 -4.21 57.88 -5.99
N ILE B 38 -3.88 58.65 -4.95
CA ILE B 38 -3.97 60.10 -5.12
C ILE B 38 -2.85 60.61 -6.03
N ALA B 39 -1.68 59.96 -6.02
CA ALA B 39 -0.62 60.35 -6.95
C ALA B 39 -1.08 60.19 -8.39
N VAL B 40 -1.66 59.04 -8.72
CA VAL B 40 -2.14 58.80 -10.08
C VAL B 40 -3.26 59.75 -10.42
N PHE B 41 -4.18 59.98 -9.49
CA PHE B 41 -5.29 60.87 -9.77
C PHE B 41 -4.79 62.28 -10.05
N GLY B 42 -3.89 62.79 -9.21
CA GLY B 42 -3.36 64.12 -9.42
C GLY B 42 -2.54 64.22 -10.69
N GLY B 43 -1.79 63.18 -11.02
CA GLY B 43 -1.02 63.20 -12.25
C GLY B 43 -1.91 63.29 -13.48
N THR B 44 -2.93 62.43 -13.54
CA THR B 44 -3.85 62.52 -14.67
C THR B 44 -4.56 63.86 -14.69
N LEU B 45 -4.92 64.37 -13.51
CA LEU B 45 -5.56 65.66 -13.41
C LEU B 45 -4.69 66.75 -14.01
N GLN B 46 -3.39 66.69 -13.75
CA GLN B 46 -2.49 67.73 -14.25
C GLN B 46 -2.30 67.59 -15.75
N VAL B 47 -2.08 66.36 -16.24
CA VAL B 47 -1.84 66.19 -17.67
C VAL B 47 -3.06 66.59 -18.49
N THR B 48 -4.25 66.18 -18.07
CA THR B 48 -5.44 66.55 -18.83
C THR B 48 -5.78 68.02 -18.73
N GLN B 49 -5.59 68.65 -17.57
CA GLN B 49 -5.84 70.08 -17.42
C GLN B 49 -4.78 70.68 -16.49
N ASP B 50 -3.69 71.16 -17.08
CA ASP B 50 -2.68 71.93 -16.36
C ASP B 50 -2.80 73.42 -16.68
N LYS B 51 -4.02 73.87 -16.94
CA LYS B 51 -4.22 75.18 -17.50
C LYS B 51 -3.84 76.26 -16.50
N MET B 52 -3.66 77.47 -17.02
CA MET B 52 -3.46 78.64 -16.18
C MET B 52 -3.97 79.83 -16.98
N ILE B 53 -5.18 80.28 -16.70
CA ILE B 53 -5.77 81.39 -17.44
C ILE B 53 -5.16 82.68 -16.93
N CYS B 54 -4.64 83.49 -17.83
CA CYS B 54 -3.98 84.74 -17.47
C CYS B 54 -4.59 85.88 -18.28
N LEU B 55 -4.93 86.97 -17.59
CA LEU B 55 -5.46 88.16 -18.22
C LEU B 55 -4.57 89.35 -17.91
N PRO B 56 -4.20 90.15 -18.89
CA PRO B 56 -3.33 91.29 -18.62
C PRO B 56 -4.04 92.33 -17.77
N CYS B 57 -3.26 93.09 -17.02
CA CYS B 57 -3.77 94.17 -16.18
C CYS B 57 -3.43 95.49 -16.86
N LYS B 58 -4.46 96.22 -17.27
CA LYS B 58 -4.24 97.48 -17.97
C LYS B 58 -3.68 98.54 -17.04
N TRP B 59 -4.25 98.66 -15.84
CA TRP B 59 -3.78 99.61 -14.84
C TRP B 59 -2.97 98.84 -13.81
N VAL B 60 -1.65 99.04 -13.83
CA VAL B 60 -0.74 98.33 -12.94
C VAL B 60 0.01 99.35 -12.10
N THR B 61 0.07 99.08 -10.80
CA THR B 61 0.82 99.93 -9.87
C THR B 61 1.76 99.05 -9.06
N LYS B 62 3.05 99.38 -9.11
CA LYS B 62 4.08 98.64 -8.38
C LYS B 62 4.02 97.15 -8.71
N ASP B 63 3.98 96.85 -10.01
CA ASP B 63 3.91 95.47 -10.50
C ASP B 63 2.69 94.74 -9.95
N SER B 64 1.65 95.50 -9.61
CA SER B 64 0.39 94.96 -9.14
C SER B 64 -0.76 95.67 -9.84
N CYS B 65 -1.82 94.91 -10.12
CA CYS B 65 -2.98 95.47 -10.77
C CYS B 65 -3.65 96.48 -9.86
N ASN B 66 -3.98 97.67 -10.39
CA ASN B 66 -4.57 98.71 -9.57
C ASN B 66 -5.93 98.30 -9.02
N ASP B 67 -6.57 97.31 -9.62
CA ASP B 67 -7.84 96.77 -9.13
C ASP B 67 -8.89 97.87 -9.01
N SER B 68 -9.06 98.61 -10.10
CA SER B 68 -10.06 99.67 -10.16
C SER B 68 -11.31 99.20 -10.89
N THR B 92 -23.28 105.34 -21.02
CA THR B 92 -24.16 104.19 -21.21
C THR B 92 -23.93 103.14 -20.13
N GLY B 93 -24.23 101.88 -20.46
CA GLY B 93 -24.07 100.79 -19.52
C GLY B 93 -22.67 100.25 -19.49
N PRO B 94 -22.46 99.17 -18.75
CA PRO B 94 -21.14 98.55 -18.70
C PRO B 94 -20.75 97.95 -20.04
N THR B 95 -19.45 97.94 -20.29
CA THR B 95 -18.90 97.35 -21.51
C THR B 95 -17.66 96.55 -21.14
N GLY B 96 -17.35 95.56 -21.97
CA GLY B 96 -16.20 94.73 -21.71
C GLY B 96 -14.89 95.46 -21.98
N ILE B 97 -13.83 94.96 -21.36
CA ILE B 97 -12.50 95.50 -21.58
C ILE B 97 -11.88 94.80 -22.78
N LYS B 98 -11.31 95.59 -23.69
CA LYS B 98 -10.70 95.06 -24.90
C LYS B 98 -9.19 95.08 -24.74
N TYR B 99 -8.56 93.92 -24.96
CA TYR B 99 -7.13 93.78 -24.78
C TYR B 99 -6.36 93.68 -26.09
N ASP B 100 -7.04 93.39 -27.20
CA ASP B 100 -6.40 93.25 -28.51
C ASP B 100 -5.35 92.15 -28.51
N LEU B 101 -5.65 91.02 -27.88
CA LEU B 101 -4.75 89.88 -27.86
C LEU B 101 -5.37 88.73 -28.65
N ASP B 102 -4.58 88.11 -29.50
CA ASP B 102 -5.02 86.90 -30.18
C ASP B 102 -5.20 85.79 -29.17
N ARG B 103 -5.90 84.73 -29.59
CA ARG B 103 -5.97 83.56 -28.74
C ARG B 103 -4.59 82.99 -28.49
N HIS B 104 -3.69 83.10 -29.46
CA HIS B 104 -2.37 82.52 -29.33
C HIS B 104 -1.46 83.35 -28.44
N GLN B 105 -1.61 84.68 -28.41
CA GLN B 105 -0.88 85.46 -27.43
C GLN B 105 -1.32 85.10 -26.02
N TYR B 106 -2.61 84.88 -25.82
CA TYR B 106 -3.08 84.40 -24.53
C TYR B 106 -2.47 83.06 -24.20
N ASN B 107 -2.41 82.15 -25.16
CA ASN B 107 -1.76 80.88 -24.92
C ASN B 107 -0.30 81.07 -24.52
N TYR B 108 0.39 81.99 -25.19
CA TYR B 108 1.79 82.23 -24.91
C TYR B 108 1.99 82.76 -23.49
N VAL B 109 1.20 83.74 -23.10
CA VAL B 109 1.37 84.28 -21.75
C VAL B 109 0.98 83.25 -20.72
N ASP B 110 -0.03 82.42 -21.01
CA ASP B 110 -0.36 81.33 -20.10
C ASP B 110 0.82 80.42 -19.89
N ALA B 111 1.45 80.00 -20.99
CA ALA B 111 2.60 79.11 -20.87
C ALA B 111 3.74 79.78 -20.12
N VAL B 112 4.02 81.04 -20.43
CA VAL B 112 5.15 81.72 -19.82
C VAL B 112 4.93 81.92 -18.32
N CYS B 113 3.74 82.34 -17.92
CA CYS B 113 3.48 82.55 -16.50
C CYS B 113 3.27 81.25 -15.76
N TYR B 114 2.87 80.17 -16.45
CA TYR B 114 2.84 78.87 -15.81
C TYR B 114 4.24 78.34 -15.59
N GLU B 115 5.15 78.63 -16.51
CA GLU B 115 6.51 78.15 -16.36
C GLU B 115 7.27 78.95 -15.30
N ASN B 116 7.19 80.28 -15.38
CA ASN B 116 8.04 81.09 -14.52
C ASN B 116 7.40 81.39 -13.18
N ARG B 117 6.19 81.92 -13.17
CA ARG B 117 5.63 82.51 -11.97
C ARG B 117 4.61 81.62 -11.28
N LEU B 118 4.63 80.33 -11.54
CA LEU B 118 3.86 79.38 -10.76
C LEU B 118 4.82 78.55 -9.92
N HIS B 119 4.50 78.38 -8.65
CA HIS B 119 5.42 77.70 -7.75
C HIS B 119 5.60 76.25 -8.14
N TRP B 120 6.84 75.77 -8.06
CA TRP B 120 7.15 74.42 -8.49
C TRP B 120 6.33 73.37 -7.76
N PHE B 121 5.98 73.65 -6.51
CA PHE B 121 5.19 72.69 -5.75
C PHE B 121 3.84 72.46 -6.39
N ALA B 122 3.16 73.53 -6.77
CA ALA B 122 1.84 73.38 -7.36
C ALA B 122 1.89 72.65 -8.69
N LYS B 123 3.02 72.69 -9.39
CA LYS B 123 3.14 71.95 -10.64
C LYS B 123 3.44 70.48 -10.37
N TYR B 124 4.50 70.21 -9.62
CA TYR B 124 5.04 68.86 -9.53
C TYR B 124 4.57 68.10 -8.30
N PHE B 125 3.60 68.62 -7.57
CA PHE B 125 3.11 67.89 -6.39
C PHE B 125 2.66 66.47 -6.70
N PRO B 126 1.85 66.21 -7.72
CA PRO B 126 1.44 64.82 -7.98
C PRO B 126 2.59 63.92 -8.38
N TYR B 127 3.73 64.46 -8.81
CA TYR B 127 4.89 63.63 -9.09
C TYR B 127 5.76 63.42 -7.86
N LEU B 128 5.86 64.43 -7.01
CA LEU B 128 6.53 64.23 -5.73
C LEU B 128 5.81 63.18 -4.90
N VAL B 129 4.48 63.20 -4.94
CA VAL B 129 3.71 62.20 -4.22
C VAL B 129 4.05 60.81 -4.74
N LEU B 130 4.09 60.66 -6.05
CA LEU B 130 4.40 59.36 -6.65
C LEU B 130 5.80 58.90 -6.28
N LEU B 131 6.77 59.81 -6.35
CA LEU B 131 8.15 59.43 -6.04
C LEU B 131 8.28 59.03 -4.57
N HIS B 132 7.67 59.80 -3.67
CA HIS B 132 7.72 59.44 -2.26
C HIS B 132 7.06 58.10 -2.00
N THR B 133 5.92 57.85 -2.64
CA THR B 133 5.23 56.59 -2.43
C THR B 133 6.06 55.43 -2.96
N LEU B 134 6.70 55.60 -4.11
CA LEU B 134 7.55 54.54 -4.63
C LEU B 134 8.71 54.26 -3.70
N ILE B 135 9.30 55.30 -3.12
CA ILE B 135 10.39 55.07 -2.17
C ILE B 135 9.88 54.35 -0.93
N PHE B 136 8.69 54.70 -0.46
CA PHE B 136 8.10 53.99 0.68
C PHE B 136 7.90 52.52 0.35
N LEU B 137 7.36 52.22 -0.83
CA LEU B 137 7.13 50.83 -1.20
C LEU B 137 8.43 50.07 -1.34
N ALA B 138 9.44 50.71 -1.91
CA ALA B 138 10.75 50.07 -2.01
C ALA B 138 11.31 49.77 -0.62
N CYS B 139 11.18 50.72 0.31
CA CYS B 139 11.67 50.46 1.66
C CYS B 139 10.90 49.32 2.30
N SER B 140 9.60 49.24 2.08
CA SER B 140 8.81 48.17 2.68
C SER B 140 9.19 46.81 2.13
N ASN B 141 9.40 46.71 0.82
CA ASN B 141 9.57 45.41 0.17
C ASN B 141 11.03 45.04 -0.11
N PHE B 142 11.98 45.89 0.27
CA PHE B 142 13.37 45.61 -0.04
C PHE B 142 13.82 44.30 0.57
N TRP B 143 13.56 44.10 1.87
CA TRP B 143 14.02 42.90 2.54
C TRP B 143 13.30 41.65 2.06
N PHE B 144 12.19 41.81 1.35
CA PHE B 144 11.55 40.68 0.69
C PHE B 144 12.14 40.42 -0.67
N LYS B 145 12.66 41.44 -1.36
CA LYS B 145 13.26 41.25 -2.66
C LYS B 145 14.75 40.99 -2.60
N PHE B 146 15.44 41.54 -1.62
CA PHE B 146 16.86 41.32 -1.41
C PHE B 146 17.13 39.84 -1.23
N PRO B 147 17.87 39.21 -2.13
CA PRO B 147 18.02 37.74 -2.06
C PRO B 147 18.66 37.26 -0.77
N ARG B 148 19.58 38.03 -0.19
CA ARG B 148 20.28 37.56 1.00
C ARG B 148 19.31 37.37 2.16
N THR B 149 18.36 38.28 2.34
CA THR B 149 17.35 38.13 3.37
C THR B 149 16.10 37.44 2.88
N SER B 150 15.79 37.55 1.59
CA SER B 150 14.63 36.83 1.06
C SER B 150 14.81 35.33 1.18
N SER B 151 16.03 34.83 0.95
CA SER B 151 16.29 33.41 1.11
C SER B 151 16.03 32.98 2.54
N LYS B 152 16.54 33.74 3.51
CA LYS B 152 16.36 33.38 4.91
C LYS B 152 14.89 33.40 5.28
N LEU B 153 14.15 34.40 4.82
CA LEU B 153 12.73 34.48 5.17
C LEU B 153 11.95 33.33 4.57
N GLU B 154 12.23 32.98 3.30
CA GLU B 154 11.49 31.87 2.71
C GLU B 154 11.86 30.55 3.37
N HIS B 155 13.13 30.36 3.72
CA HIS B 155 13.52 29.15 4.43
C HIS B 155 12.82 29.06 5.77
N PHE B 156 12.80 30.18 6.50
CA PHE B 156 12.17 30.20 7.81
C PHE B 156 10.68 29.94 7.71
N VAL B 157 10.01 30.55 6.73
CA VAL B 157 8.57 30.35 6.61
C VAL B 157 8.24 28.93 6.17
N SER B 158 9.07 28.33 5.32
CA SER B 158 8.85 26.93 4.96
C SER B 158 8.99 26.03 6.17
N ILE B 159 10.03 26.26 6.97
CA ILE B 159 10.22 25.48 8.20
C ILE B 159 9.04 25.69 9.14
N LEU B 160 8.57 26.94 9.24
CA LEU B 160 7.49 27.25 10.16
C LEU B 160 6.21 26.56 9.75
N LEU B 161 5.89 26.54 8.46
CA LEU B 161 4.74 25.78 7.99
C LEU B 161 4.90 24.28 8.19
N LYS B 162 6.10 23.74 7.98
CA LYS B 162 6.34 22.33 8.23
C LYS B 162 6.09 21.98 9.69
N CYS B 163 6.56 22.82 10.60
CA CYS B 163 6.34 22.58 12.01
C CYS B 163 4.90 22.83 12.43
N PHE B 164 4.18 23.70 11.73
CA PHE B 164 2.79 23.97 12.04
C PHE B 164 1.85 22.88 11.57
N ASP B 165 2.13 22.25 10.45
CA ASP B 165 1.30 21.17 9.95
C ASP B 165 1.82 19.78 10.32
N SER B 166 2.87 19.72 11.13
CA SER B 166 3.42 18.43 11.52
C SER B 166 2.40 17.66 12.36
N PRO B 167 2.18 16.37 12.09
CA PRO B 167 1.32 15.59 12.99
C PRO B 167 1.87 15.50 14.40
N TRP B 168 3.20 15.51 14.56
CA TRP B 168 3.76 15.32 15.88
C TRP B 168 3.53 16.53 16.78
N THR B 169 3.49 17.73 16.20
CA THR B 169 3.18 18.90 17.01
C THR B 169 1.74 18.90 17.47
N THR B 170 0.85 18.19 16.79
CA THR B 170 -0.47 17.97 17.35
C THR B 170 -0.43 16.88 18.40
N ARG B 171 0.34 15.82 18.15
CA ARG B 171 0.46 14.74 19.11
C ARG B 171 1.16 15.23 20.37
N ALA B 172 2.20 16.03 20.22
CA ALA B 172 2.82 16.68 21.37
C ALA B 172 1.93 17.81 21.87
N LEU B 173 2.30 18.37 23.02
CA LEU B 173 1.52 19.40 23.71
C LEU B 173 0.11 18.92 24.05
N SER B 174 -0.16 17.64 23.87
CA SER B 174 -1.44 17.06 24.24
C SER B 174 -1.38 16.23 25.50
N GLU B 175 -0.17 15.86 25.94
CA GLU B 175 -0.03 15.01 27.12
C GLU B 175 -0.37 15.78 28.40
N THR B 176 -0.27 17.10 28.38
CA THR B 176 -0.54 17.95 29.53
C THR B 176 0.28 17.53 30.75
N VAL B 231 2.79 1.86 19.29
CA VAL B 231 3.51 1.78 18.03
C VAL B 231 3.01 2.85 17.06
N LEU B 232 3.94 3.61 16.50
CA LEU B 232 3.61 4.68 15.58
C LEU B 232 4.16 4.34 14.20
N ASP B 233 3.59 4.97 13.18
CA ASP B 233 3.98 4.64 11.82
C ASP B 233 5.43 5.02 11.58
N LYS B 234 6.12 4.16 10.83
CA LYS B 234 7.53 4.40 10.52
C LYS B 234 7.71 5.67 9.71
N LYS B 235 6.84 5.89 8.72
CA LYS B 235 7.03 7.00 7.79
C LYS B 235 6.89 8.32 8.52
N GLU B 236 5.80 8.51 9.27
CA GLU B 236 5.61 9.78 9.97
C GLU B 236 6.58 9.93 11.13
N GLY B 237 6.92 8.84 11.81
CA GLY B 237 7.99 8.92 12.79
C GLY B 237 9.31 9.32 12.20
N GLU B 238 9.57 8.91 10.96
CA GLU B 238 10.79 9.34 10.28
C GLU B 238 10.69 10.80 9.86
N GLN B 239 9.50 11.22 9.42
CA GLN B 239 9.30 12.62 9.04
C GLN B 239 9.52 13.55 10.23
N ALA B 240 9.05 13.16 11.40
CA ALA B 240 9.22 14.01 12.57
C ALA B 240 10.69 14.17 12.93
N LYS B 241 11.45 13.07 12.88
CA LYS B 241 12.89 13.16 13.11
C LYS B 241 13.56 14.03 12.06
N ALA B 242 13.17 13.86 10.79
CA ALA B 242 13.76 14.65 9.72
C ALA B 242 13.46 16.13 9.91
N LEU B 243 12.25 16.46 10.34
CA LEU B 243 11.90 17.85 10.59
C LEU B 243 12.66 18.41 11.78
N PHE B 244 12.89 17.57 12.80
CA PHE B 244 13.78 18.00 13.88
C PHE B 244 15.16 18.35 13.33
N GLU B 245 15.68 17.53 12.44
CA GLU B 245 17.00 17.79 11.87
C GLU B 245 17.01 19.04 11.00
N LYS B 246 15.97 19.24 10.20
CA LYS B 246 15.87 20.47 9.41
C LYS B 246 15.84 21.68 10.31
N VAL B 247 15.09 21.60 11.40
CA VAL B 247 15.03 22.72 12.34
C VAL B 247 16.41 22.99 12.93
N LYS B 248 17.11 21.93 13.32
CA LYS B 248 18.44 22.12 13.89
C LYS B 248 19.39 22.77 12.90
N LYS B 249 19.39 22.28 11.65
CA LYS B 249 20.29 22.83 10.64
C LYS B 249 19.95 24.29 10.35
N PHE B 250 18.66 24.59 10.20
CA PHE B 250 18.25 25.96 9.92
C PHE B 250 18.60 26.89 11.07
N ARG B 251 18.38 26.44 12.32
CA ARG B 251 18.72 27.26 13.46
C ARG B 251 20.22 27.51 13.52
N THR B 252 21.02 26.50 13.24
CA THR B 252 22.47 26.69 13.22
C THR B 252 22.86 27.67 12.13
N HIS B 253 22.23 27.57 10.97
CA HIS B 253 22.61 28.37 9.81
C HIS B 253 22.17 29.83 9.93
N VAL B 254 21.14 30.13 10.72
CA VAL B 254 20.55 31.46 10.76
C VAL B 254 20.94 32.22 12.01
N GLU B 255 21.14 31.54 13.13
CA GLU B 255 21.34 32.23 14.41
C GLU B 255 22.58 33.10 14.46
N GLU B 256 23.51 32.93 13.53
CA GLU B 256 24.69 33.78 13.54
C GLU B 256 24.60 34.92 12.52
N GLY B 257 23.51 35.01 11.78
CA GLY B 257 23.39 35.98 10.71
C GLY B 257 23.26 37.43 11.14
N ASP B 258 22.13 37.75 11.78
CA ASP B 258 21.79 39.13 12.15
C ASP B 258 21.80 40.06 10.95
N ILE B 259 21.15 39.64 9.86
CA ILE B 259 21.01 40.46 8.68
C ILE B 259 19.55 40.85 8.45
N VAL B 260 18.61 39.94 8.72
CA VAL B 260 17.20 40.29 8.57
C VAL B 260 16.82 41.37 9.57
N TYR B 261 17.26 41.23 10.82
CA TYR B 261 16.93 42.25 11.82
C TYR B 261 17.56 43.58 11.45
N ARG B 262 18.83 43.57 11.05
CA ARG B 262 19.50 44.81 10.72
C ARG B 262 18.87 45.49 9.52
N LEU B 263 18.54 44.71 8.49
CA LEU B 263 17.93 45.27 7.30
C LEU B 263 16.56 45.85 7.61
N TYR B 264 15.76 45.13 8.41
CA TYR B 264 14.45 45.62 8.80
C TYR B 264 14.55 46.91 9.60
N MET B 265 15.50 46.98 10.53
CA MET B 265 15.67 48.20 11.31
C MET B 265 16.09 49.36 10.43
N ARG B 266 16.99 49.13 9.48
CA ARG B 266 17.37 50.19 8.55
C ARG B 266 16.18 50.65 7.72
N GLN B 267 15.35 49.72 7.27
CA GLN B 267 14.16 50.10 6.50
C GLN B 267 13.26 50.99 7.32
N THR B 268 13.00 50.62 8.57
CA THR B 268 12.13 51.43 9.41
C THR B 268 12.73 52.81 9.64
N ILE B 269 14.04 52.88 9.87
CA ILE B 269 14.67 54.18 10.10
C ILE B 269 14.56 55.06 8.86
N ILE B 270 14.79 54.48 7.68
CA ILE B 270 14.67 55.25 6.45
C ILE B 270 13.24 55.75 6.27
N LYS B 271 12.25 54.89 6.56
CA LYS B 271 10.87 55.32 6.49
C LYS B 271 10.58 56.47 7.42
N VAL B 272 11.07 56.42 8.66
CA VAL B 272 10.83 57.49 9.62
C VAL B 272 11.47 58.79 9.18
N ILE B 273 12.72 58.77 8.72
CA ILE B 273 13.33 60.02 8.25
C ILE B 273 12.66 60.54 6.99
N LYS B 274 12.21 59.65 6.10
CA LYS B 274 11.48 60.11 4.92
C LYS B 274 10.18 60.79 5.31
N PHE B 275 9.47 60.21 6.27
CA PHE B 275 8.28 60.85 6.80
C PHE B 275 8.59 62.22 7.39
N ILE B 276 9.64 62.30 8.20
CA ILE B 276 9.97 63.56 8.84
C ILE B 276 10.38 64.63 7.84
N LEU B 277 10.99 64.26 6.72
CA LEU B 277 11.35 65.21 5.67
C LEU B 277 10.16 65.61 4.81
N ILE B 278 9.33 64.63 4.43
CA ILE B 278 8.15 64.91 3.61
C ILE B 278 7.23 65.85 4.35
N ILE B 279 6.97 65.57 5.62
CA ILE B 279 6.08 66.43 6.38
C ILE B 279 6.62 67.85 6.42
N CYS B 280 7.91 68.00 6.72
CA CYS B 280 8.49 69.33 6.84
C CYS B 280 8.34 70.11 5.54
N TYR B 281 8.82 69.56 4.44
CA TYR B 281 8.84 70.36 3.22
C TYR B 281 7.44 70.54 2.65
N THR B 282 6.58 69.52 2.73
CA THR B 282 5.23 69.66 2.22
C THR B 282 4.45 70.69 3.01
N VAL B 283 4.55 70.68 4.34
CA VAL B 283 3.84 71.68 5.12
C VAL B 283 4.38 73.07 4.83
N TYR B 284 5.71 73.19 4.68
CA TYR B 284 6.27 74.50 4.40
C TYR B 284 5.77 75.05 3.07
N TYR B 285 5.70 74.21 2.05
CA TYR B 285 5.44 74.71 0.70
C TYR B 285 3.98 74.64 0.28
N VAL B 286 3.12 73.94 1.00
CA VAL B 286 1.74 73.80 0.57
C VAL B 286 0.98 75.11 0.60
N HIS B 287 1.44 76.09 1.37
CA HIS B 287 0.79 77.39 1.37
C HIS B 287 0.96 78.11 0.05
N ASN B 288 1.84 77.63 -0.83
CA ASN B 288 2.13 78.28 -2.10
C ASN B 288 1.23 77.80 -3.23
N ILE B 289 0.29 76.91 -2.95
CA ILE B 289 -0.68 76.48 -3.98
C ILE B 289 -1.85 77.46 -3.87
N LYS B 290 -1.69 78.61 -4.51
CA LYS B 290 -2.73 79.63 -4.56
C LYS B 290 -3.51 79.51 -5.86
N PHE B 291 -4.74 80.02 -5.83
CA PHE B 291 -5.54 80.06 -7.05
C PHE B 291 -5.27 81.32 -7.85
N ASP B 292 -5.32 82.47 -7.20
CA ASP B 292 -5.13 83.75 -7.88
C ASP B 292 -3.63 84.06 -7.87
N VAL B 293 -2.93 83.57 -8.87
CA VAL B 293 -1.51 83.84 -9.03
C VAL B 293 -1.34 85.16 -9.76
N ASP B 294 -0.23 85.85 -9.49
CA ASP B 294 0.03 87.14 -10.11
C ASP B 294 1.42 87.08 -10.73
N CYS B 295 1.50 87.19 -12.05
CA CYS B 295 2.76 87.03 -12.76
C CYS B 295 3.18 88.32 -13.43
N THR B 296 4.48 88.59 -13.40
CA THR B 296 5.11 89.66 -14.14
C THR B 296 6.33 89.07 -14.82
N VAL B 297 6.23 88.80 -16.12
CA VAL B 297 7.19 87.96 -16.81
C VAL B 297 8.05 88.72 -17.81
N ASP B 298 7.82 90.02 -17.99
CA ASP B 298 8.64 90.83 -18.88
C ASP B 298 8.61 90.27 -20.31
N ILE B 299 7.41 90.26 -20.88
CA ILE B 299 7.23 90.05 -22.32
C ILE B 299 6.35 91.22 -22.78
N GLU B 300 7.00 92.33 -23.12
CA GLU B 300 6.30 93.50 -23.62
C GLU B 300 6.36 93.60 -25.13
N SER B 301 7.44 93.13 -25.73
CA SER B 301 7.51 93.11 -27.19
C SER B 301 6.48 92.16 -27.77
N LEU B 302 6.31 91.00 -27.15
CA LEU B 302 5.46 89.97 -27.72
C LEU B 302 3.97 90.30 -27.54
N THR B 303 3.59 90.83 -26.38
CA THR B 303 2.18 91.06 -26.10
C THR B 303 1.82 92.51 -25.83
N GLY B 304 2.76 93.35 -25.42
CA GLY B 304 2.48 94.71 -25.10
C GLY B 304 1.98 94.95 -23.70
N TYR B 305 1.84 93.92 -22.89
CA TYR B 305 1.33 94.05 -21.53
C TYR B 305 2.41 93.67 -20.53
N ARG B 306 2.50 94.48 -19.48
CA ARG B 306 3.57 94.34 -18.50
C ARG B 306 3.32 93.17 -17.55
N THR B 307 2.22 93.23 -16.80
CA THR B 307 1.91 92.23 -15.80
C THR B 307 0.56 91.60 -16.10
N TYR B 308 0.36 90.39 -15.62
CA TYR B 308 -0.86 89.63 -15.86
C TYR B 308 -1.41 89.11 -14.55
N ARG B 309 -2.72 88.96 -14.51
CA ARG B 309 -3.42 88.40 -13.36
C ARG B 309 -3.85 87.00 -13.74
N CYS B 310 -3.08 86.01 -13.33
CA CYS B 310 -3.35 84.64 -13.74
C CYS B 310 -4.33 83.99 -12.78
N ALA B 311 -4.73 82.76 -13.10
CA ALA B 311 -5.68 82.03 -12.27
C ALA B 311 -5.43 80.55 -12.48
N HIS B 312 -4.99 79.87 -11.45
CA HIS B 312 -4.74 78.44 -11.53
C HIS B 312 -5.98 77.68 -11.11
N PRO B 313 -6.81 77.24 -12.06
CA PRO B 313 -8.10 76.65 -11.69
C PRO B 313 -7.96 75.39 -10.86
N LEU B 314 -6.83 74.72 -10.94
CA LEU B 314 -6.65 73.44 -10.29
C LEU B 314 -6.13 73.60 -8.87
N ALA B 315 -5.98 74.83 -8.39
CA ALA B 315 -5.25 75.07 -7.15
C ALA B 315 -6.00 74.53 -5.95
N THR B 316 -7.33 74.69 -5.94
CA THR B 316 -8.09 74.25 -4.78
C THR B 316 -8.08 72.73 -4.67
N LEU B 317 -8.29 72.04 -5.79
CA LEU B 317 -8.22 70.59 -5.77
C LEU B 317 -6.84 70.10 -5.42
N PHE B 318 -5.80 70.77 -5.89
CA PHE B 318 -4.45 70.39 -5.50
C PHE B 318 -4.22 70.65 -4.01
N LYS B 319 -4.80 71.71 -3.46
CA LYS B 319 -4.66 71.96 -2.04
C LYS B 319 -5.31 70.87 -1.22
N ILE B 320 -6.52 70.46 -1.58
CA ILE B 320 -7.17 69.42 -0.80
C ILE B 320 -6.47 68.08 -1.00
N LEU B 321 -5.95 67.84 -2.19
CA LEU B 321 -5.17 66.62 -2.39
C LEU B 321 -3.89 66.65 -1.57
N ALA B 322 -3.24 67.81 -1.47
CA ALA B 322 -2.03 67.93 -0.68
C ALA B 322 -2.33 67.74 0.80
N SER B 323 -3.44 68.31 1.28
CA SER B 323 -3.80 68.13 2.68
C SER B 323 -4.14 66.67 2.98
N PHE B 324 -4.86 66.01 2.08
CA PHE B 324 -5.13 64.59 2.25
C PHE B 324 -3.85 63.78 2.24
N TYR B 325 -2.90 64.12 1.37
CA TYR B 325 -1.63 63.44 1.33
C TYR B 325 -0.85 63.66 2.61
N ILE B 326 -0.87 64.87 3.14
CA ILE B 326 -0.18 65.14 4.40
C ILE B 326 -0.79 64.33 5.52
N SER B 327 -2.12 64.21 5.53
CA SER B 327 -2.76 63.38 6.53
C SER B 327 -2.30 61.93 6.42
N LEU B 328 -2.25 61.41 5.19
CA LEU B 328 -1.79 60.04 5.01
C LEU B 328 -0.34 59.88 5.43
N VAL B 329 0.50 60.86 5.11
CA VAL B 329 1.92 60.78 5.50
C VAL B 329 2.05 60.84 7.01
N ILE B 330 1.21 61.62 7.68
CA ILE B 330 1.25 61.69 9.14
C ILE B 330 0.88 60.34 9.72
N PHE B 331 -0.16 59.70 9.20
CA PHE B 331 -0.53 58.38 9.70
C PHE B 331 0.58 57.36 9.44
N TYR B 332 1.16 57.41 8.24
CA TYR B 332 2.26 56.52 7.90
C TYR B 332 3.44 56.71 8.84
N GLY B 333 3.77 57.96 9.13
CA GLY B 333 4.89 58.23 10.02
C GLY B 333 4.60 57.82 11.45
N LEU B 334 3.37 58.01 11.91
CA LEU B 334 3.04 57.54 13.25
C LEU B 334 3.17 56.04 13.35
N ILE B 335 2.70 55.32 12.33
CA ILE B 335 2.84 53.87 12.34
C ILE B 335 4.31 53.45 12.31
N CYS B 336 5.11 54.11 11.48
CA CYS B 336 6.52 53.79 11.41
C CYS B 336 7.27 54.14 12.70
N MET B 337 6.93 55.24 13.35
CA MET B 337 7.47 55.53 14.67
C MET B 337 7.06 54.49 15.70
N TYR B 338 5.83 54.00 15.64
CA TYR B 338 5.46 52.92 16.54
C TYR B 338 6.31 51.69 16.28
N THR B 339 6.53 51.35 15.01
CA THR B 339 7.36 50.20 14.70
C THR B 339 8.77 50.40 15.21
N LEU B 340 9.32 51.60 15.01
CA LEU B 340 10.66 51.88 15.49
C LEU B 340 10.76 51.75 16.99
N TRP B 341 9.77 52.27 17.72
CA TRP B 341 9.79 52.15 19.17
C TRP B 341 9.65 50.70 19.61
N TRP B 342 8.77 49.95 18.97
CA TRP B 342 8.63 48.52 19.28
C TRP B 342 9.91 47.77 19.03
N MET B 343 10.72 48.23 18.09
CA MET B 343 12.00 47.59 17.78
C MET B 343 13.12 48.01 18.71
N LEU B 344 13.16 49.27 19.12
CA LEU B 344 14.23 49.75 19.99
C LEU B 344 14.10 49.30 21.43
N ARG B 345 12.91 48.90 21.86
CA ARG B 345 12.75 48.32 23.18
C ARG B 345 12.67 46.80 23.06
N ARG B 346 12.93 46.11 24.16
CA ARG B 346 12.78 44.67 24.35
C ARG B 346 13.88 43.88 23.63
N SER B 347 14.77 44.53 22.86
CA SER B 347 15.99 43.90 22.34
C SER B 347 15.67 42.64 21.53
N LEU B 348 15.04 42.88 20.37
CA LEU B 348 14.47 41.83 19.53
C LEU B 348 15.48 40.77 19.09
N LYS B 349 16.74 40.93 19.47
CA LYS B 349 17.76 39.95 19.12
C LYS B 349 17.74 38.74 20.04
N LYS B 350 16.91 38.74 21.07
CA LYS B 350 16.82 37.62 21.99
C LYS B 350 15.36 37.21 22.11
N TYR B 351 15.10 35.91 22.06
CA TYR B 351 13.76 35.37 22.23
C TYR B 351 13.73 34.53 23.49
N SER B 352 12.64 34.63 24.23
CA SER B 352 12.59 34.12 25.60
C SER B 352 12.05 32.70 25.71
N PHE B 353 10.88 32.44 25.14
CA PHE B 353 10.12 31.19 25.30
C PHE B 353 9.68 30.96 26.74
N GLU B 354 9.72 31.98 27.59
CA GLU B 354 9.31 31.82 28.97
C GLU B 354 7.85 31.41 29.08
N SER B 355 6.98 32.04 28.29
CA SER B 355 5.55 31.75 28.39
C SER B 355 5.27 30.30 28.04
N ILE B 356 5.91 29.79 26.99
CA ILE B 356 5.65 28.42 26.54
C ILE B 356 6.12 27.42 27.58
N ARG B 357 7.30 27.64 28.16
CA ARG B 357 7.88 26.71 29.12
C ARG B 357 7.18 26.74 30.47
N GLU B 358 6.11 27.51 30.63
CA GLU B 358 5.37 27.53 31.88
C GLU B 358 4.08 26.72 31.83
N GLU B 359 3.47 26.59 30.66
CA GLU B 359 2.24 25.81 30.50
C GLU B 359 2.44 24.56 29.65
N SER B 360 3.66 24.33 29.16
CA SER B 360 3.97 23.13 28.40
C SER B 360 4.99 22.23 29.07
N SER B 361 5.62 22.68 30.15
CA SER B 361 6.58 21.93 30.97
C SER B 361 7.87 21.59 30.22
N TYR B 362 7.99 21.96 28.93
CA TYR B 362 9.24 21.77 28.20
C TYR B 362 10.17 22.92 28.58
N SER B 363 10.71 22.85 29.80
CA SER B 363 11.59 23.89 30.28
C SER B 363 12.93 23.92 29.56
N ASP B 364 13.24 22.90 28.77
CA ASP B 364 14.55 22.78 28.14
C ASP B 364 14.58 23.37 26.73
N ILE B 365 14.09 24.59 26.56
CA ILE B 365 14.14 25.25 25.27
C ILE B 365 15.10 26.44 25.39
N PRO B 366 16.25 26.40 24.74
CA PRO B 366 17.23 27.47 24.91
C PRO B 366 16.72 28.78 24.33
N ASP B 367 17.18 29.88 24.93
CA ASP B 367 16.86 31.19 24.39
C ASP B 367 17.49 31.35 23.02
N VAL B 368 16.68 31.78 22.05
CA VAL B 368 17.14 31.88 20.68
C VAL B 368 17.96 33.16 20.50
N LYS B 369 19.01 33.06 19.69
CA LYS B 369 19.90 34.19 19.46
C LYS B 369 19.34 35.06 18.33
N ASN B 370 20.15 35.99 17.85
CA ASN B 370 19.70 37.01 16.92
C ASN B 370 19.34 36.43 15.56
N ASP B 371 18.52 37.18 14.82
CA ASP B 371 18.13 36.90 13.43
C ASP B 371 17.18 35.72 13.36
N PHE B 372 17.04 35.02 14.46
CA PHE B 372 16.05 33.98 14.65
C PHE B 372 15.10 34.33 15.77
N ALA B 373 15.58 35.08 16.76
CA ALA B 373 14.67 35.72 17.70
C ALA B 373 13.81 36.76 16.99
N PHE B 374 14.41 37.52 16.08
CA PHE B 374 13.63 38.54 15.38
C PHE B 374 12.53 37.91 14.54
N MET B 375 12.85 36.83 13.85
CA MET B 375 11.85 36.18 13.03
C MET B 375 10.69 35.69 13.87
N LEU B 376 10.98 35.17 15.06
CA LEU B 376 9.91 34.70 15.93
C LEU B 376 9.10 35.85 16.51
N HIS B 377 9.78 36.96 16.83
CA HIS B 377 9.05 38.15 17.26
C HIS B 377 8.11 38.64 16.19
N LEU B 378 8.50 38.52 14.92
CA LEU B 378 7.62 38.89 13.83
C LEU B 378 6.38 38.02 13.77
N ILE B 379 6.50 36.72 14.02
CA ILE B 379 5.33 35.85 13.97
C ILE B 379 4.43 36.07 15.17
N ASP B 380 5.00 36.38 16.34
CA ASP B 380 4.16 36.66 17.49
C ASP B 380 3.18 37.79 17.22
N GLN B 381 3.57 38.75 16.37
CA GLN B 381 2.62 39.77 15.96
C GLN B 381 1.46 39.16 15.19
N TYR B 382 1.75 38.20 14.32
CA TYR B 382 0.68 37.59 13.53
C TYR B 382 -0.13 36.61 14.37
N ASP B 383 0.53 35.58 14.88
CA ASP B 383 -0.16 34.53 15.63
C ASP B 383 0.80 33.83 16.57
N PRO B 384 0.61 33.94 17.88
CA PRO B 384 1.51 33.27 18.83
C PRO B 384 1.43 31.75 18.72
N LEU B 385 0.37 31.27 18.06
CA LEU B 385 0.21 29.84 17.88
C LEU B 385 1.35 29.25 17.07
N TYR B 386 1.81 29.96 16.03
CA TYR B 386 2.92 29.46 15.23
C TYR B 386 4.17 29.31 16.08
N SER B 387 4.48 30.31 16.91
CA SER B 387 5.66 30.22 17.75
C SER B 387 5.53 29.08 18.75
N LYS B 388 4.35 28.92 19.34
CA LYS B 388 4.16 27.84 20.30
C LYS B 388 4.30 26.48 19.65
N ARG B 389 3.70 26.29 18.48
CA ARG B 389 3.80 25.01 17.79
C ARG B 389 5.17 24.76 17.21
N PHE B 390 5.96 25.80 17.02
CA PHE B 390 7.32 25.66 16.55
C PHE B 390 8.31 25.40 17.68
N ALA B 391 8.00 25.86 18.88
CA ALA B 391 8.89 25.65 20.02
C ALA B 391 9.06 24.19 20.38
N VAL B 392 8.11 23.34 20.00
CA VAL B 392 8.21 21.93 20.36
C VAL B 392 9.37 21.27 19.65
N PHE B 393 9.87 21.87 18.57
CA PHE B 393 11.00 21.34 17.82
C PHE B 393 12.32 21.89 18.29
N LEU B 394 12.33 22.72 19.33
CA LEU B 394 13.57 23.24 19.89
C LEU B 394 13.91 22.60 21.22
N SER B 395 13.04 21.75 21.75
CA SER B 395 13.20 21.20 23.09
C SER B 395 13.86 19.83 23.02
N GLU B 396 14.84 19.60 23.89
CA GLU B 396 15.46 18.28 23.96
C GLU B 396 14.51 17.25 24.56
N VAL B 397 13.61 17.68 25.45
CA VAL B 397 12.66 16.75 26.06
C VAL B 397 11.77 16.14 24.99
N SER B 398 11.22 16.99 24.13
CA SER B 398 10.37 16.50 23.05
C SER B 398 11.17 15.65 22.08
N GLU B 399 12.44 16.00 21.85
CA GLU B 399 13.29 15.19 20.99
C GLU B 399 13.49 13.80 21.56
N ASN B 400 13.73 13.71 22.87
CA ASN B 400 13.88 12.40 23.50
C ASN B 400 12.59 11.61 23.42
N LYS B 401 11.46 12.28 23.63
CA LYS B 401 10.17 11.60 23.53
C LYS B 401 9.96 11.05 22.13
N LEU B 402 10.30 11.85 21.11
CA LEU B 402 10.17 11.40 19.74
C LEU B 402 11.07 10.21 19.46
N ARG B 403 12.32 10.26 19.93
CA ARG B 403 13.23 9.17 19.63
C ARG B 403 12.82 7.90 20.35
N GLN B 404 12.23 8.04 21.54
CA GLN B 404 11.72 6.86 22.25
C GLN B 404 10.53 6.27 21.52
N LEU B 405 9.59 7.12 21.09
CA LEU B 405 8.44 6.61 20.35
C LEU B 405 8.87 5.97 19.04
N ASN B 406 9.88 6.54 18.39
CA ASN B 406 10.40 5.98 17.15
C ASN B 406 11.21 4.72 17.38
N LEU B 407 11.74 4.54 18.62
CA LEU B 407 12.51 3.34 18.99
C LEU B 407 11.62 2.11 18.93
N ASN B 408 10.32 2.31 19.17
CA ASN B 408 9.37 1.20 19.14
C ASN B 408 9.20 0.66 17.73
N ASN B 409 9.52 1.47 16.71
CA ASN B 409 9.29 1.06 15.33
C ASN B 409 10.36 0.11 14.80
N GLU B 410 11.63 0.49 14.89
CA GLU B 410 12.70 -0.37 14.32
C GLU B 410 12.76 -1.66 15.08
N TRP B 411 12.65 -1.59 16.40
CA TRP B 411 12.66 -2.78 17.21
C TRP B 411 11.29 -3.42 17.17
N THR B 412 11.08 -4.34 16.24
CA THR B 412 9.82 -5.06 16.13
C THR B 412 10.01 -6.27 16.99
N LEU B 413 8.91 -6.89 17.41
CA LEU B 413 9.00 -8.08 18.23
C LEU B 413 9.86 -9.14 17.55
N ASP B 414 9.64 -9.37 16.27
CA ASP B 414 10.40 -10.39 15.53
C ASP B 414 11.90 -10.15 15.54
N LYS B 415 12.33 -8.95 15.15
CA LYS B 415 13.75 -8.63 15.14
C LYS B 415 14.36 -8.80 16.53
N LEU B 416 13.62 -8.39 17.57
CA LEU B 416 14.16 -8.49 18.92
C LEU B 416 14.26 -9.95 19.34
N ARG B 417 13.28 -10.78 18.95
CA ARG B 417 13.27 -12.17 19.36
C ARG B 417 14.54 -12.88 18.91
N GLN B 418 14.97 -12.61 17.68
CA GLN B 418 16.19 -13.23 17.18
C GLN B 418 17.42 -12.68 17.87
N ARG B 419 17.35 -11.46 18.39
CA ARG B 419 18.48 -10.86 19.07
C ARG B 419 18.67 -11.37 20.49
N LEU B 420 17.63 -11.93 21.09
CA LEU B 420 17.70 -12.42 22.45
C LEU B 420 18.76 -13.51 22.59
N THR B 421 19.17 -13.77 23.82
CA THR B 421 20.15 -14.79 24.13
C THR B 421 19.74 -15.57 25.38
N LYS B 422 19.83 -16.89 25.28
CA LYS B 422 19.73 -17.79 26.43
C LYS B 422 21.12 -17.99 27.01
N ASN B 423 21.31 -17.59 28.26
CA ASN B 423 22.65 -17.52 28.83
C ASN B 423 23.04 -18.85 29.48
N ALA B 424 24.16 -18.82 30.22
CA ALA B 424 24.76 -20.04 30.75
C ALA B 424 23.87 -20.70 31.79
N GLN B 425 23.11 -19.92 32.55
CA GLN B 425 22.20 -20.47 33.55
C GLN B 425 20.82 -20.76 32.98
N ASP B 426 20.71 -20.89 31.65
CA ASP B 426 19.46 -21.22 30.98
C ASP B 426 18.41 -20.15 31.22
N LYS B 427 18.85 -18.90 31.40
CA LYS B 427 17.97 -17.77 31.58
C LYS B 427 18.01 -16.90 30.33
N LEU B 428 16.85 -16.53 29.85
CA LEU B 428 16.76 -15.65 28.70
C LEU B 428 17.13 -14.24 29.13
N GLU B 429 18.10 -13.64 28.44
CA GLU B 429 18.59 -12.32 28.76
C GLU B 429 18.64 -11.45 27.53
N LEU B 430 18.57 -10.15 27.76
CA LEU B 430 18.85 -9.13 26.75
C LEU B 430 19.83 -8.13 27.32
N HIS B 431 20.85 -7.79 26.54
CA HIS B 431 21.82 -6.77 26.91
C HIS B 431 21.77 -5.64 25.92
N LEU B 432 21.54 -4.43 26.43
CA LEU B 432 21.47 -3.22 25.63
C LEU B 432 22.43 -2.20 26.19
N PHE B 433 22.98 -1.36 25.31
CA PHE B 433 23.89 -0.33 25.74
C PHE B 433 23.76 0.89 24.82
N MET B 434 23.89 2.07 25.41
CA MET B 434 24.13 3.30 24.66
C MET B 434 22.98 3.61 23.71
N LEU B 435 21.76 3.36 24.16
CA LEU B 435 20.57 3.80 23.46
C LEU B 435 20.00 5.03 24.15
N SER B 436 19.03 5.64 23.49
CA SER B 436 18.40 6.84 24.05
C SER B 436 17.40 6.51 25.15
N GLY B 437 16.90 5.28 25.19
CA GLY B 437 16.01 4.85 26.25
C GLY B 437 15.67 3.39 26.12
N ILE B 438 14.51 3.01 26.63
CA ILE B 438 14.02 1.63 26.59
C ILE B 438 12.94 1.57 25.51
N PRO B 439 13.09 0.74 24.47
CA PRO B 439 11.95 0.52 23.58
C PRO B 439 10.81 -0.15 24.32
N ASP B 440 9.60 0.33 24.09
CA ASP B 440 8.43 -0.28 24.71
C ASP B 440 8.16 -1.67 24.16
N THR B 441 8.64 -1.98 22.96
CA THR B 441 8.46 -3.32 22.40
C THR B 441 9.23 -4.37 23.18
N VAL B 442 10.18 -3.97 24.02
CA VAL B 442 10.93 -4.90 24.85
C VAL B 442 9.98 -5.72 25.72
N PHE B 443 8.96 -5.07 26.26
CA PHE B 443 8.19 -5.65 27.34
C PHE B 443 7.10 -6.60 26.86
N ASP B 444 6.97 -6.81 25.56
CA ASP B 444 6.15 -7.88 25.02
C ASP B 444 6.92 -9.18 24.85
N LEU B 445 8.22 -9.18 25.13
CA LEU B 445 9.03 -10.39 25.11
C LEU B 445 8.86 -11.11 26.44
N VAL B 446 7.69 -11.74 26.57
CA VAL B 446 7.20 -12.24 27.85
C VAL B 446 8.06 -13.32 28.47
N GLU B 447 8.92 -13.98 27.71
CA GLU B 447 9.78 -15.02 28.23
C GLU B 447 11.02 -14.48 28.91
N LEU B 448 11.26 -13.18 28.84
CA LEU B 448 12.50 -12.60 29.33
C LEU B 448 12.59 -12.74 30.85
N GLU B 449 13.80 -12.95 31.34
CA GLU B 449 14.05 -13.26 32.74
C GLU B 449 15.11 -12.36 33.36
N VAL B 450 15.99 -11.80 32.52
CA VAL B 450 17.03 -10.89 32.95
C VAL B 450 17.01 -9.69 32.01
N LEU B 451 16.99 -8.48 32.59
CA LEU B 451 17.10 -7.25 31.83
C LEU B 451 18.36 -6.52 32.24
N LYS B 452 19.11 -6.03 31.25
CA LYS B 452 20.35 -5.32 31.46
C LYS B 452 20.26 -3.96 30.77
N LEU B 453 20.61 -2.90 31.49
CA LEU B 453 20.61 -1.56 30.95
C LEU B 453 21.96 -0.93 31.27
N GLU B 454 22.65 -0.49 30.22
CA GLU B 454 24.02 0.00 30.33
C GLU B 454 24.14 1.36 29.66
N LEU B 455 24.49 2.36 30.46
CA LEU B 455 24.85 3.70 29.96
C LEU B 455 23.73 4.28 29.10
N ILE B 456 22.52 4.29 29.64
CA ILE B 456 21.35 4.88 29.00
C ILE B 456 20.90 6.01 29.91
N PRO B 457 20.79 7.25 29.44
CA PRO B 457 20.42 8.35 30.34
C PRO B 457 18.93 8.49 30.53
N ASP B 458 18.57 9.08 31.68
CA ASP B 458 17.26 9.64 31.95
C ASP B 458 16.14 8.62 31.73
N VAL B 459 16.32 7.45 32.29
CA VAL B 459 15.38 6.36 32.09
C VAL B 459 14.23 6.46 33.08
N THR B 460 13.04 6.15 32.61
CA THR B 460 11.87 5.97 33.45
C THR B 460 11.27 4.60 33.13
N ILE B 461 10.97 3.84 34.16
CA ILE B 461 10.44 2.50 33.99
C ILE B 461 8.95 2.61 33.72
N PRO B 462 8.42 2.13 32.59
CA PRO B 462 6.99 2.25 32.34
C PRO B 462 6.22 1.10 32.96
N PRO B 463 4.89 1.22 33.04
CA PRO B 463 4.10 0.16 33.67
C PRO B 463 4.06 -1.14 32.90
N SER B 464 4.37 -1.12 31.60
CA SER B 464 4.30 -2.34 30.80
C SER B 464 5.26 -3.42 31.28
N ILE B 465 6.20 -3.08 32.17
CA ILE B 465 7.07 -4.05 32.80
C ILE B 465 6.29 -5.10 33.58
N ALA B 466 5.03 -4.81 33.93
CA ALA B 466 4.21 -5.84 34.58
C ALA B 466 3.93 -7.03 33.67
N GLN B 467 4.19 -6.91 32.37
CA GLN B 467 3.98 -8.02 31.45
C GLN B 467 5.07 -9.09 31.56
N LEU B 468 6.24 -8.70 32.04
CA LEU B 468 7.36 -9.64 32.14
C LEU B 468 7.22 -10.42 33.44
N THR B 469 6.35 -11.42 33.39
CA THR B 469 6.02 -12.19 34.59
C THR B 469 7.18 -13.03 35.08
N GLY B 470 8.15 -13.33 34.23
CA GLY B 470 9.28 -14.16 34.57
C GLY B 470 10.56 -13.43 34.88
N LEU B 471 10.52 -12.11 35.03
CA LEU B 471 11.72 -11.35 35.33
C LEU B 471 12.25 -11.68 36.71
N LYS B 472 13.55 -11.92 36.79
CA LYS B 472 14.23 -12.27 38.04
C LYS B 472 15.40 -11.37 38.37
N GLU B 473 16.03 -10.76 37.38
CA GLU B 473 17.24 -9.96 37.57
C GLU B 473 17.10 -8.67 36.80
N LEU B 474 17.65 -7.60 37.34
CA LEU B 474 17.77 -6.33 36.64
C LEU B 474 19.17 -5.79 36.91
N TRP B 475 19.86 -5.41 35.84
CA TRP B 475 21.19 -4.85 35.95
C TRP B 475 21.16 -3.41 35.45
N LEU B 476 21.57 -2.47 36.31
CA LEU B 476 21.55 -1.04 36.00
C LEU B 476 22.99 -0.54 36.07
N TYR B 477 23.62 -0.40 34.92
CA TYR B 477 24.99 0.08 34.83
C TYR B 477 24.97 1.55 34.43
N HIS B 478 25.24 2.41 35.41
CA HIS B 478 25.31 3.86 35.19
C HIS B 478 24.03 4.37 34.53
N THR B 479 22.90 4.00 35.14
CA THR B 479 21.59 4.36 34.61
C THR B 479 20.67 4.66 35.79
N ALA B 480 20.52 5.94 36.10
CA ALA B 480 19.49 6.35 37.04
C ALA B 480 18.12 6.09 36.44
N ALA B 481 17.17 5.71 37.29
CA ALA B 481 15.86 5.27 36.81
C ALA B 481 14.79 5.85 37.72
N LYS B 482 13.83 6.54 37.11
CA LYS B 482 12.62 6.94 37.81
C LYS B 482 11.54 5.89 37.60
N ILE B 483 10.54 5.93 38.49
CA ILE B 483 9.47 4.95 38.43
C ILE B 483 8.29 5.46 39.25
N GLU B 484 7.09 5.08 38.85
CA GLU B 484 5.87 5.36 39.57
C GLU B 484 5.31 4.08 40.20
N ALA B 485 4.23 4.26 40.96
CA ALA B 485 3.82 3.23 41.91
C ALA B 485 3.43 1.88 41.30
N PRO B 486 2.71 1.80 40.17
CA PRO B 486 2.28 0.47 39.69
C PRO B 486 3.45 -0.44 39.30
N ALA B 487 4.32 0.07 38.43
CA ALA B 487 5.53 -0.66 38.08
C ALA B 487 6.34 -0.97 39.32
N LEU B 488 6.39 -0.02 40.25
CA LEU B 488 7.14 -0.24 41.47
C LEU B 488 6.60 -1.42 42.26
N ALA B 489 5.27 -1.52 42.37
CA ALA B 489 4.67 -2.61 43.12
C ALA B 489 4.95 -3.94 42.46
N PHE B 490 4.85 -3.98 41.12
CA PHE B 490 5.18 -5.20 40.40
C PHE B 490 6.61 -5.63 40.70
N LEU B 491 7.53 -4.68 40.69
CA LEU B 491 8.92 -5.02 40.95
C LEU B 491 9.14 -5.42 42.40
N ARG B 492 8.41 -4.79 43.33
CA ARG B 492 8.48 -5.21 44.72
C ARG B 492 8.12 -6.67 44.87
N GLU B 493 7.14 -7.13 44.09
CA GLU B 493 6.63 -8.48 44.24
C GLU B 493 7.29 -9.50 43.33
N ASN B 494 8.07 -9.07 42.33
CA ASN B 494 8.57 -9.98 41.30
C ASN B 494 10.01 -9.65 40.93
N LEU B 495 10.91 -9.69 41.91
CA LEU B 495 12.33 -9.50 41.61
C LEU B 495 13.18 -10.22 42.64
N ARG B 496 14.29 -10.79 42.18
CA ARG B 496 15.19 -11.57 43.00
C ARG B 496 16.58 -10.98 43.14
N ALA B 497 17.07 -10.24 42.15
CA ALA B 497 18.42 -9.71 42.17
C ALA B 497 18.47 -8.33 41.54
N LEU B 498 19.42 -7.52 42.02
CA LEU B 498 19.68 -6.20 41.47
C LEU B 498 21.19 -5.98 41.44
N HIS B 499 21.70 -5.63 40.27
CA HIS B 499 23.09 -5.23 40.08
C HIS B 499 23.13 -3.74 39.75
N ILE B 500 24.06 -3.02 40.38
CA ILE B 500 24.25 -1.60 40.10
C ILE B 500 25.73 -1.35 39.94
N LYS B 501 26.09 -0.69 38.84
CA LYS B 501 27.42 -0.12 38.65
C LYS B 501 27.26 1.38 38.49
N PHE B 502 27.93 2.13 39.37
CA PHE B 502 27.67 3.55 39.51
C PHE B 502 28.97 4.33 39.71
N THR B 503 28.92 5.61 39.37
CA THR B 503 30.00 6.54 39.65
C THR B 503 29.82 7.21 40.99
N ASP B 504 28.59 7.62 41.32
CA ASP B 504 28.31 8.30 42.57
C ASP B 504 26.83 8.14 42.87
N ILE B 505 26.33 8.91 43.85
CA ILE B 505 25.00 8.67 44.40
C ILE B 505 23.90 8.97 43.39
N LYS B 506 24.14 9.88 42.45
CA LYS B 506 23.10 10.29 41.51
C LYS B 506 22.59 9.14 40.66
N GLU B 507 23.39 8.10 40.49
CA GLU B 507 22.99 6.91 39.74
C GLU B 507 22.44 5.80 40.62
N ILE B 508 22.10 6.11 41.88
CA ILE B 508 21.49 5.17 42.80
C ILE B 508 20.02 5.51 42.88
N PRO B 509 19.09 4.67 42.40
CA PRO B 509 17.68 4.94 42.61
C PRO B 509 17.32 4.85 44.09
N LEU B 510 16.59 5.85 44.57
CA LEU B 510 16.23 5.89 45.98
C LEU B 510 15.22 4.83 46.36
N TRP B 511 14.49 4.27 45.39
CA TRP B 511 13.36 3.40 45.69
C TRP B 511 13.77 1.97 46.04
N ILE B 512 15.04 1.61 45.82
CA ILE B 512 15.46 0.23 45.98
C ILE B 512 15.27 -0.24 47.41
N TYR B 513 15.41 0.67 48.37
CA TYR B 513 15.29 0.28 49.77
C TYR B 513 13.85 0.05 50.21
N SER B 514 12.87 0.42 49.38
CA SER B 514 11.47 0.07 49.65
C SER B 514 11.10 -1.30 49.09
N LEU B 515 12.06 -2.09 48.62
CA LEU B 515 11.81 -3.40 48.07
C LEU B 515 11.84 -4.45 49.18
N LYS B 516 11.30 -5.63 48.84
CA LYS B 516 10.98 -6.64 49.84
C LYS B 516 11.34 -8.07 49.45
N THR B 517 11.43 -8.41 48.17
CA THR B 517 11.72 -9.77 47.72
C THR B 517 13.14 -9.95 47.20
N LEU B 518 13.99 -8.94 47.32
CA LEU B 518 15.33 -9.02 46.76
C LEU B 518 16.15 -10.05 47.52
N GLU B 519 16.92 -10.85 46.77
CA GLU B 519 17.80 -11.87 47.34
C GLU B 519 19.28 -11.62 47.09
N GLU B 520 19.62 -10.79 46.10
CA GLU B 520 21.00 -10.43 45.82
C GLU B 520 21.08 -8.94 45.56
N LEU B 521 22.11 -8.29 46.10
CA LEU B 521 22.43 -6.92 45.75
C LEU B 521 23.91 -6.83 45.44
N HIS B 522 24.23 -6.18 44.33
CA HIS B 522 25.60 -6.06 43.84
C HIS B 522 25.87 -4.61 43.49
N LEU B 523 26.77 -3.98 44.24
CA LEU B 523 27.10 -2.57 44.09
C LEU B 523 28.56 -2.44 43.68
N THR B 524 28.80 -1.69 42.62
CA THR B 524 30.15 -1.40 42.12
C THR B 524 30.34 0.10 42.13
N GLY B 525 31.21 0.57 43.02
CA GLY B 525 31.48 1.99 43.15
C GLY B 525 31.74 2.34 44.60
N ASN B 526 32.25 3.55 44.81
CA ASN B 526 32.50 4.02 46.17
C ASN B 526 31.18 4.28 46.86
N LEU B 527 30.99 3.64 48.02
CA LEU B 527 29.76 3.74 48.78
C LEU B 527 29.76 4.89 49.77
N SER B 528 30.84 5.66 49.82
CA SER B 528 31.03 6.67 50.85
C SER B 528 31.29 8.03 50.20
N ALA B 529 31.04 9.07 51.00
CA ALA B 529 31.31 10.44 50.61
C ALA B 529 32.02 11.12 51.78
N GLU B 530 32.49 12.34 51.53
CA GLU B 530 33.23 13.09 52.53
C GLU B 530 32.37 13.33 53.76
N ASN B 531 32.85 12.85 54.91
CA ASN B 531 32.19 13.01 56.20
C ASN B 531 30.81 12.36 56.26
N ASN B 532 30.52 11.46 55.33
CA ASN B 532 29.20 10.84 55.20
C ASN B 532 29.35 9.36 54.91
N ARG B 533 30.21 8.69 55.69
CA ARG B 533 30.50 7.28 55.46
C ARG B 533 29.23 6.44 55.56
N TYR B 534 28.93 5.73 54.48
CA TYR B 534 27.89 4.70 54.44
C TYR B 534 26.50 5.30 54.64
N ILE B 535 26.33 6.61 54.42
CA ILE B 535 24.99 7.17 54.40
C ILE B 535 24.18 6.57 53.27
N VAL B 536 24.84 6.20 52.18
CA VAL B 536 24.17 5.64 51.01
C VAL B 536 23.43 4.36 51.34
N ILE B 537 23.85 3.64 52.38
CA ILE B 537 23.35 2.30 52.67
C ILE B 537 22.65 2.21 54.03
N ASP B 538 22.43 3.34 54.71
CA ASP B 538 21.71 3.33 55.98
C ASP B 538 20.38 2.61 55.88
N GLY B 539 19.72 2.72 54.73
CA GLY B 539 18.42 2.12 54.53
C GLY B 539 18.43 0.64 54.24
N LEU B 540 19.59 -0.03 54.27
CA LEU B 540 19.61 -1.45 53.95
C LEU B 540 18.73 -2.28 54.87
N ARG B 541 18.47 -1.78 56.09
CA ARG B 541 17.73 -2.53 57.09
C ARG B 541 16.36 -2.99 56.60
N GLU B 542 15.76 -2.24 55.67
CA GLU B 542 14.46 -2.59 55.14
C GLU B 542 14.51 -3.75 54.15
N LEU B 543 15.69 -4.08 53.63
CA LEU B 543 15.84 -5.22 52.72
C LEU B 543 16.06 -6.46 53.57
N LYS B 544 14.95 -6.99 54.08
CA LYS B 544 14.96 -7.99 55.13
C LYS B 544 15.20 -9.41 54.62
N ARG B 545 15.22 -9.63 53.30
CA ARG B 545 15.37 -10.96 52.73
C ARG B 545 16.70 -11.17 52.01
N LEU B 546 17.65 -10.25 52.13
CA LEU B 546 18.88 -10.36 51.36
C LEU B 546 19.71 -11.54 51.87
N LYS B 547 20.00 -12.48 50.96
CA LYS B 547 20.76 -13.67 51.29
C LYS B 547 22.20 -13.61 50.80
N VAL B 548 22.51 -12.72 49.86
CA VAL B 548 23.86 -12.56 49.35
C VAL B 548 24.10 -11.07 49.15
N LEU B 549 25.22 -10.57 49.69
CA LEU B 549 25.68 -9.22 49.42
C LEU B 549 27.12 -9.31 48.95
N ARG B 550 27.44 -8.64 47.84
CA ARG B 550 28.80 -8.47 47.39
C ARG B 550 29.08 -6.99 47.17
N LEU B 551 30.23 -6.53 47.65
CA LEU B 551 30.61 -5.13 47.55
C LEU B 551 32.04 -5.03 47.03
N LYS B 552 32.23 -4.19 46.02
CA LYS B 552 33.50 -3.91 45.40
C LYS B 552 33.64 -2.39 45.42
N SER B 553 34.03 -1.85 46.58
CA SER B 553 33.82 -0.44 46.86
C SER B 553 35.01 0.24 47.55
N ASN B 554 36.18 -0.39 47.59
CA ASN B 554 37.38 0.22 48.16
C ASN B 554 37.13 0.66 49.61
N LEU B 555 36.72 -0.30 50.43
CA LEU B 555 36.19 0.02 51.76
C LEU B 555 37.29 -0.04 52.81
N SER B 556 37.29 0.96 53.70
CA SER B 556 38.25 0.99 54.80
C SER B 556 37.86 0.02 55.91
N LYS B 557 36.56 -0.23 56.07
CA LYS B 557 36.07 -1.06 57.16
C LYS B 557 34.86 -1.85 56.67
N LEU B 558 34.44 -2.81 57.48
CA LEU B 558 33.21 -3.53 57.24
C LEU B 558 32.05 -2.69 57.80
N PRO B 559 31.01 -2.37 57.00
CA PRO B 559 29.95 -1.50 57.54
C PRO B 559 29.22 -2.14 58.70
N GLN B 560 28.82 -1.31 59.65
CA GLN B 560 28.00 -1.77 60.76
C GLN B 560 26.68 -2.34 60.27
N VAL B 561 26.10 -1.70 59.25
CA VAL B 561 24.79 -2.10 58.75
C VAL B 561 24.82 -3.50 58.19
N VAL B 562 25.95 -3.92 57.62
CA VAL B 562 26.07 -5.28 57.10
C VAL B 562 25.91 -6.28 58.24
N THR B 563 26.70 -6.10 59.31
CA THR B 563 26.61 -7.02 60.44
C THR B 563 25.26 -6.92 61.13
N ASP B 564 24.60 -5.77 61.03
CA ASP B 564 23.25 -5.67 61.55
C ASP B 564 22.27 -6.49 60.74
N VAL B 565 22.48 -6.56 59.42
CA VAL B 565 21.65 -7.34 58.51
C VAL B 565 22.11 -8.79 58.48
N GLY B 566 23.20 -9.09 59.20
CA GLY B 566 23.76 -10.43 59.20
C GLY B 566 22.90 -11.50 59.83
N VAL B 567 21.70 -11.17 60.33
CA VAL B 567 20.83 -12.19 60.91
C VAL B 567 20.47 -13.24 59.87
N HIS B 568 20.23 -12.82 58.63
CA HIS B 568 19.72 -13.69 57.58
C HIS B 568 20.68 -13.82 56.40
N LEU B 569 21.70 -12.97 56.30
CA LEU B 569 22.66 -13.06 55.22
C LEU B 569 23.43 -14.38 55.30
N GLN B 570 23.64 -15.00 54.12
CA GLN B 570 24.32 -16.28 54.01
C GLN B 570 25.70 -16.20 53.39
N LYS B 571 25.90 -15.28 52.45
CA LYS B 571 27.19 -15.13 51.76
C LYS B 571 27.52 -13.66 51.65
N LEU B 572 28.72 -13.29 52.13
CA LEU B 572 29.25 -11.95 51.99
C LEU B 572 30.60 -12.04 51.30
N SER B 573 30.81 -11.19 50.29
CA SER B 573 32.02 -11.18 49.50
C SER B 573 32.50 -9.75 49.33
N ILE B 574 33.71 -9.46 49.79
CA ILE B 574 34.32 -8.14 49.65
C ILE B 574 35.58 -8.30 48.80
N ASN B 575 35.62 -7.57 47.69
CA ASN B 575 36.82 -7.42 46.87
C ASN B 575 37.28 -5.97 47.01
N ASN B 576 38.35 -5.78 47.76
CA ASN B 576 38.80 -4.46 48.19
C ASN B 576 39.97 -3.94 47.35
N GLU B 577 40.50 -4.76 46.43
CA GLU B 577 41.56 -4.36 45.51
C GLU B 577 42.78 -3.82 46.25
N GLY B 578 43.19 -4.52 47.30
CA GLY B 578 44.40 -4.20 48.02
C GLY B 578 44.24 -3.13 49.08
N THR B 579 43.11 -2.44 49.12
CA THR B 579 42.84 -1.52 50.20
C THR B 579 42.60 -2.30 51.49
N LYS B 580 43.24 -1.88 52.57
CA LYS B 580 43.18 -2.62 53.82
C LYS B 580 41.79 -2.54 54.42
N LEU B 581 41.23 -3.70 54.75
CA LEU B 581 39.94 -3.80 55.41
C LEU B 581 40.15 -3.94 56.92
N ILE B 582 39.37 -3.18 57.69
CA ILE B 582 39.31 -3.31 59.14
C ILE B 582 38.05 -4.10 59.47
N VAL B 583 38.18 -5.17 60.25
CA VAL B 583 37.03 -6.02 60.59
C VAL B 583 36.34 -5.55 61.86
N LEU B 584 37.11 -5.27 62.91
CA LEU B 584 36.56 -4.78 64.20
C LEU B 584 35.57 -5.71 64.93
N ASN B 585 35.77 -7.03 64.87
CA ASN B 585 34.92 -8.00 65.58
C ASN B 585 33.42 -7.99 65.29
N SER B 586 32.93 -7.02 64.54
CA SER B 586 31.52 -7.01 64.14
C SER B 586 31.16 -8.27 63.37
N LEU B 587 32.11 -8.78 62.59
CA LEU B 587 31.91 -9.98 61.79
C LEU B 587 31.43 -11.17 62.60
N LYS B 588 31.69 -11.17 63.91
CA LYS B 588 31.31 -12.30 64.75
C LYS B 588 29.80 -12.47 64.86
N LYS B 589 29.01 -11.46 64.48
CA LYS B 589 27.55 -11.62 64.61
C LYS B 589 26.95 -12.48 63.50
N MET B 590 27.68 -12.70 62.41
CA MET B 590 27.11 -13.34 61.23
C MET B 590 27.12 -14.85 61.42
N ALA B 591 26.16 -15.33 62.20
CA ALA B 591 26.09 -16.75 62.52
C ALA B 591 25.53 -17.56 61.35
N ASN B 592 24.78 -16.93 60.46
CA ASN B 592 24.16 -17.62 59.33
C ASN B 592 25.09 -17.74 58.13
N LEU B 593 26.24 -17.08 58.17
CA LEU B 593 27.17 -17.06 57.06
C LEU B 593 27.71 -18.46 56.78
N THR B 594 27.59 -18.89 55.52
CA THR B 594 28.09 -20.19 55.08
C THR B 594 29.27 -20.09 54.13
N GLU B 595 29.47 -18.95 53.47
CA GLU B 595 30.61 -18.71 52.60
C GLU B 595 31.07 -17.28 52.79
N LEU B 596 32.36 -17.09 53.04
CA LEU B 596 32.94 -15.77 53.21
C LEU B 596 34.13 -15.63 52.29
N GLU B 597 34.20 -14.51 51.58
CA GLU B 597 35.34 -14.16 50.74
C GLU B 597 35.76 -12.75 51.08
N LEU B 598 36.95 -12.60 51.65
CA LEU B 598 37.54 -11.29 51.95
C LEU B 598 38.74 -11.18 51.01
N ILE B 599 38.48 -10.54 49.88
CA ILE B 599 39.31 -10.63 48.70
C ILE B 599 40.10 -9.34 48.56
N ARG B 600 41.41 -9.47 48.37
CA ARG B 600 42.29 -8.35 48.08
C ARG B 600 42.14 -7.26 49.14
N CYS B 601 42.15 -7.69 50.39
CA CYS B 601 42.02 -6.80 51.54
C CYS B 601 43.35 -6.61 52.28
N ASP B 602 44.45 -7.16 51.75
CA ASP B 602 45.79 -7.01 52.33
C ASP B 602 45.79 -7.38 53.80
N LEU B 603 45.17 -8.51 54.11
CA LEU B 603 44.99 -8.89 55.51
C LEU B 603 46.31 -9.32 56.14
N GLU B 604 47.12 -10.10 55.39
CA GLU B 604 48.45 -10.58 55.74
C GLU B 604 48.45 -11.70 56.78
N ARG B 605 47.33 -11.94 57.45
CA ARG B 605 47.15 -13.06 58.37
C ARG B 605 45.67 -13.37 58.47
N ILE B 606 45.35 -14.65 58.51
CA ILE B 606 43.97 -15.11 58.63
C ILE B 606 43.46 -14.67 60.00
N PRO B 607 42.40 -13.87 60.10
CA PRO B 607 41.94 -13.46 61.43
C PRO B 607 41.33 -14.63 62.19
N HIS B 608 41.24 -14.44 63.50
CA HIS B 608 40.72 -15.47 64.40
C HIS B 608 39.22 -15.35 64.63
N SER B 609 38.57 -14.30 64.13
CA SER B 609 37.12 -14.22 64.19
C SER B 609 36.46 -15.30 63.34
N ILE B 610 37.18 -15.80 62.32
CA ILE B 610 36.61 -16.77 61.39
C ILE B 610 36.24 -18.06 62.10
N PHE B 611 36.94 -18.39 63.18
CA PHE B 611 36.75 -19.68 63.83
C PHE B 611 35.39 -19.79 64.51
N SER B 612 34.75 -18.66 64.82
CA SER B 612 33.40 -18.69 65.37
C SER B 612 32.32 -18.91 64.32
N LEU B 613 32.66 -18.86 63.03
CA LEU B 613 31.69 -19.02 61.94
C LEU B 613 31.61 -20.50 61.61
N HIS B 614 30.88 -21.23 62.45
CA HIS B 614 30.87 -22.69 62.42
C HIS B 614 30.12 -23.29 61.24
N ASN B 615 29.49 -22.48 60.40
CA ASN B 615 28.76 -22.95 59.24
C ASN B 615 29.51 -22.80 57.92
N LEU B 616 30.75 -22.32 57.98
CA LEU B 616 31.48 -22.02 56.75
C LEU B 616 31.76 -23.28 55.94
N GLN B 617 31.48 -23.21 54.64
CA GLN B 617 31.74 -24.30 53.71
C GLN B 617 32.89 -24.00 52.76
N GLU B 618 33.12 -22.73 52.45
CA GLU B 618 34.12 -22.34 51.46
C GLU B 618 34.78 -21.05 51.89
N ILE B 619 36.09 -20.96 51.65
CA ILE B 619 36.87 -19.78 51.96
C ILE B 619 37.74 -19.48 50.73
N ASP B 620 37.84 -18.19 50.40
CA ASP B 620 38.74 -17.72 49.36
C ASP B 620 39.52 -16.53 49.89
N LEU B 621 40.85 -16.63 49.87
CA LEU B 621 41.74 -15.61 50.39
C LEU B 621 42.72 -15.15 49.33
N LYS B 622 42.18 -14.82 48.16
CA LYS B 622 42.94 -14.20 47.08
C LYS B 622 43.80 -13.04 47.58
N ASP B 623 45.08 -13.10 47.25
CA ASP B 623 45.97 -11.94 47.29
C ASP B 623 46.00 -11.30 48.67
N ASN B 624 46.54 -12.05 49.62
CA ASN B 624 46.80 -11.55 50.97
C ASN B 624 48.23 -11.80 51.41
N ASN B 625 49.12 -12.17 50.49
CA ASN B 625 50.55 -12.31 50.78
C ASN B 625 50.78 -13.33 51.88
N LEU B 626 49.98 -14.39 51.87
CA LEU B 626 50.06 -15.41 52.90
C LEU B 626 51.28 -16.30 52.68
N LYS B 627 52.07 -16.47 53.73
CA LYS B 627 53.27 -17.29 53.72
C LYS B 627 53.14 -18.55 54.55
N THR B 628 52.48 -18.47 55.70
CA THR B 628 52.19 -19.62 56.54
C THR B 628 50.72 -19.60 56.91
N ILE B 629 50.13 -20.80 56.96
CA ILE B 629 48.70 -20.98 57.15
C ILE B 629 48.44 -21.96 58.29
N GLU B 630 49.30 -21.97 59.31
CA GLU B 630 49.15 -22.93 60.40
C GLU B 630 47.79 -22.85 61.07
N GLU B 631 47.17 -21.66 61.04
CA GLU B 631 45.89 -21.43 61.70
C GLU B 631 44.79 -22.38 61.24
N ILE B 632 44.97 -23.03 60.09
CA ILE B 632 43.98 -23.98 59.57
C ILE B 632 43.72 -25.14 60.53
N ILE B 633 44.57 -25.34 61.53
CA ILE B 633 44.27 -26.35 62.54
C ILE B 633 42.90 -26.08 63.16
N SER B 634 42.58 -24.82 63.47
CA SER B 634 41.27 -24.57 64.05
C SER B 634 40.14 -24.64 63.04
N PHE B 635 40.43 -24.79 61.74
CA PHE B 635 39.39 -25.12 60.79
C PHE B 635 38.90 -26.56 60.94
N GLN B 636 39.56 -27.38 61.76
CA GLN B 636 39.13 -28.77 61.93
C GLN B 636 37.69 -28.90 62.43
N HIS B 637 37.11 -27.84 63.00
CA HIS B 637 35.73 -27.85 63.47
C HIS B 637 34.71 -27.45 62.41
N LEU B 638 35.15 -27.06 61.21
CA LEU B 638 34.24 -26.71 60.11
C LEU B 638 34.04 -27.98 59.31
N HIS B 639 33.00 -28.73 59.67
CA HIS B 639 32.83 -30.08 59.18
C HIS B 639 32.39 -30.14 57.72
N ARG B 640 31.91 -29.01 57.19
CA ARG B 640 31.46 -28.96 55.80
C ARG B 640 32.43 -28.20 54.91
N LEU B 641 33.65 -27.95 55.40
CA LEU B 641 34.64 -27.25 54.60
C LEU B 641 35.16 -28.18 53.52
N THR B 642 34.85 -27.86 52.27
CA THR B 642 35.21 -28.69 51.12
C THR B 642 36.14 -28.00 50.13
N CYS B 643 36.27 -26.69 50.19
CA CYS B 643 36.98 -25.93 49.15
C CYS B 643 37.80 -24.83 49.82
N LEU B 644 39.11 -24.87 49.62
CA LEU B 644 40.03 -23.85 50.12
C LEU B 644 40.82 -23.31 48.94
N LYS B 645 40.71 -22.00 48.73
CA LYS B 645 41.26 -21.32 47.55
C LYS B 645 42.31 -20.30 48.00
N LEU B 646 43.59 -20.68 47.86
CA LEU B 646 44.72 -19.90 48.36
C LEU B 646 45.74 -19.58 47.27
N TRP B 647 45.30 -19.44 46.02
CA TRP B 647 46.23 -19.18 44.94
C TRP B 647 46.94 -17.84 45.12
N TYR B 648 48.03 -17.68 44.36
CA TYR B 648 48.76 -16.41 44.23
C TYR B 648 49.08 -15.81 45.60
N ASN B 649 49.75 -16.60 46.41
CA ASN B 649 50.26 -16.16 47.70
C ASN B 649 51.70 -16.63 47.74
N HIS B 650 52.34 -16.49 48.90
CA HIS B 650 53.76 -16.80 49.07
C HIS B 650 53.94 -17.99 49.98
N ILE B 651 53.04 -18.97 49.87
CA ILE B 651 53.03 -20.10 50.79
C ILE B 651 54.21 -21.01 50.47
N ALA B 652 54.98 -21.35 51.50
CA ALA B 652 56.20 -22.14 51.35
C ALA B 652 56.00 -23.62 51.63
N TYR B 653 55.03 -23.99 52.45
CA TYR B 653 54.83 -25.39 52.81
C TYR B 653 53.40 -25.57 53.28
N ILE B 654 52.97 -26.84 53.30
CA ILE B 654 51.63 -27.22 53.71
C ILE B 654 51.72 -27.74 55.15
N PRO B 655 51.05 -27.11 56.12
CA PRO B 655 51.05 -27.68 57.48
C PRO B 655 50.46 -29.08 57.55
N ILE B 656 50.95 -29.85 58.52
CA ILE B 656 50.62 -31.28 58.64
C ILE B 656 49.17 -31.50 59.03
N GLN B 657 48.56 -30.57 59.77
CA GLN B 657 47.20 -30.77 60.28
C GLN B 657 46.14 -30.89 59.19
N ILE B 658 46.50 -30.66 57.92
CA ILE B 658 45.60 -30.84 56.80
C ILE B 658 44.96 -32.23 56.80
N GLY B 659 45.65 -33.24 57.34
CA GLY B 659 45.09 -34.57 57.40
C GLY B 659 43.85 -34.68 58.25
N ASN B 660 43.61 -33.71 59.13
CA ASN B 660 42.40 -33.70 59.95
C ASN B 660 41.22 -33.01 59.27
N LEU B 661 41.41 -32.45 58.08
CA LEU B 661 40.32 -31.88 57.30
C LEU B 661 39.81 -32.95 56.33
N THR B 662 39.18 -33.97 56.91
CA THR B 662 38.84 -35.19 56.19
C THR B 662 37.70 -35.01 55.21
N ASN B 663 36.93 -33.92 55.29
CA ASN B 663 35.78 -33.70 54.43
C ASN B 663 36.12 -32.87 53.20
N LEU B 664 37.39 -32.56 52.96
CA LEU B 664 37.77 -31.75 51.82
C LEU B 664 37.46 -32.46 50.52
N GLU B 665 36.93 -31.69 49.55
CA GLU B 665 36.67 -32.17 48.20
C GLU B 665 37.47 -31.41 47.16
N ARG B 666 37.78 -30.15 47.42
CA ARG B 666 38.52 -29.27 46.53
C ARG B 666 39.65 -28.65 47.32
N LEU B 667 40.87 -28.69 46.79
CA LEU B 667 42.02 -28.03 47.40
C LEU B 667 42.86 -27.41 46.30
N TYR B 668 42.97 -26.09 46.32
CA TYR B 668 43.77 -25.35 45.35
C TYR B 668 44.89 -24.66 46.10
N LEU B 669 46.12 -25.09 45.82
CA LEU B 669 47.33 -24.46 46.31
C LEU B 669 48.27 -24.10 45.18
N ASN B 670 47.75 -23.98 43.95
CA ASN B 670 48.54 -23.63 42.79
C ASN B 670 49.02 -22.19 42.87
N ARG B 671 50.04 -21.89 42.06
CA ARG B 671 50.62 -20.54 41.97
C ARG B 671 51.13 -20.09 43.33
N ASN B 672 51.96 -20.93 43.94
CA ASN B 672 52.53 -20.64 45.25
C ASN B 672 53.99 -21.11 45.24
N LYS B 673 54.61 -21.13 46.42
CA LYS B 673 56.04 -21.41 46.58
C LYS B 673 56.26 -22.72 47.30
N ILE B 674 55.42 -23.71 47.04
CA ILE B 674 55.41 -24.92 47.85
C ILE B 674 56.53 -25.83 47.40
N GLU B 675 57.25 -26.39 48.38
CA GLU B 675 58.45 -27.18 48.14
C GLU B 675 58.21 -28.68 48.22
N LYS B 676 57.24 -29.12 49.01
CA LYS B 676 56.98 -30.53 49.20
C LYS B 676 55.50 -30.73 49.47
N ILE B 677 55.08 -32.00 49.38
CA ILE B 677 53.72 -32.42 49.69
C ILE B 677 53.80 -33.26 50.96
N PRO B 678 53.12 -32.87 52.05
CA PRO B 678 53.02 -33.79 53.19
C PRO B 678 52.15 -34.97 52.84
N THR B 679 52.52 -36.14 53.37
CA THR B 679 51.69 -37.32 53.19
C THR B 679 50.32 -37.16 53.85
N GLN B 680 50.22 -36.31 54.87
CA GLN B 680 48.96 -36.19 55.60
C GLN B 680 47.82 -35.66 54.74
N LEU B 681 48.17 -34.93 53.67
CA LEU B 681 47.18 -34.52 52.68
C LEU B 681 46.32 -35.69 52.21
N PHE B 682 46.91 -36.87 52.11
CA PHE B 682 46.18 -38.01 51.55
C PHE B 682 45.26 -38.73 52.52
N TYR B 683 44.95 -38.10 53.64
CA TYR B 683 44.00 -38.70 54.56
C TYR B 683 42.68 -38.16 54.08
N CYS B 684 42.73 -37.13 53.24
CA CYS B 684 41.52 -36.57 52.64
C CYS B 684 41.13 -37.43 51.44
N ARG B 685 40.49 -38.55 51.76
CA ARG B 685 40.20 -39.58 50.77
C ARG B 685 38.94 -39.31 49.96
N LYS B 686 38.22 -38.22 50.23
CA LYS B 686 37.08 -37.81 49.44
C LYS B 686 37.42 -36.69 48.45
N LEU B 687 38.69 -36.36 48.27
CA LEU B 687 39.08 -35.32 47.33
C LEU B 687 38.78 -35.74 45.90
N ARG B 688 38.19 -34.82 45.14
CA ARG B 688 37.99 -34.97 43.70
C ARG B 688 38.92 -34.09 42.89
N TYR B 689 39.17 -32.87 43.35
CA TYR B 689 39.94 -31.88 42.61
C TYR B 689 41.12 -31.47 43.47
N LEU B 690 42.32 -31.58 42.90
CA LEU B 690 43.54 -31.06 43.51
C LEU B 690 44.30 -30.36 42.41
N ASP B 691 44.68 -29.11 42.64
CA ASP B 691 45.44 -28.34 41.68
C ASP B 691 46.71 -27.85 42.34
N LEU B 692 47.85 -28.39 41.90
CA LEU B 692 49.16 -28.04 42.41
C LEU B 692 50.06 -27.52 41.29
N SER B 693 49.47 -27.05 40.19
CA SER B 693 50.24 -26.52 39.09
C SER B 693 51.02 -25.28 39.52
N HIS B 694 52.16 -25.07 38.87
CA HIS B 694 52.96 -23.86 39.06
C HIS B 694 53.44 -23.76 40.50
N ASN B 695 54.14 -24.80 40.95
CA ASN B 695 54.76 -24.79 42.28
C ASN B 695 56.21 -25.18 41.97
N ASN B 696 56.92 -25.81 42.90
CA ASN B 696 58.30 -26.26 42.69
C ASN B 696 58.43 -27.75 42.96
N LEU B 697 57.43 -28.51 42.54
CA LEU B 697 57.41 -29.95 42.79
C LEU B 697 58.27 -30.69 41.78
N THR B 698 59.04 -31.65 42.28
CA THR B 698 59.91 -32.48 41.46
C THR B 698 59.35 -33.87 41.19
N PHE B 699 58.63 -34.43 42.16
CA PHE B 699 58.09 -35.78 42.06
C PHE B 699 56.76 -35.82 42.78
N LEU B 700 56.01 -36.89 42.53
CA LEU B 700 54.72 -37.13 43.18
C LEU B 700 54.86 -38.32 44.14
N PRO B 701 54.57 -38.20 45.44
CA PRO B 701 54.73 -39.36 46.32
C PRO B 701 53.80 -40.52 45.96
N ALA B 702 54.24 -41.73 46.33
CA ALA B 702 53.44 -42.93 46.10
C ALA B 702 52.10 -42.86 46.84
N ASP B 703 52.03 -42.13 47.94
CA ASP B 703 50.80 -42.00 48.73
C ASP B 703 49.64 -41.38 47.94
N ILE B 704 49.90 -40.87 46.74
CA ILE B 704 48.84 -40.43 45.86
C ILE B 704 47.88 -41.56 45.53
N GLY B 705 48.30 -42.80 45.72
CA GLY B 705 47.39 -43.93 45.56
C GLY B 705 46.24 -43.94 46.54
N LEU B 706 46.30 -43.14 47.61
CA LEU B 706 45.26 -43.14 48.63
C LEU B 706 44.03 -42.34 48.28
N LEU B 707 44.07 -41.49 47.24
CA LEU B 707 42.89 -40.71 46.85
C LEU B 707 41.98 -41.60 46.03
N GLN B 708 41.22 -42.43 46.73
CA GLN B 708 40.34 -43.38 46.09
C GLN B 708 39.18 -42.71 45.36
N ASN B 709 38.86 -41.47 45.71
CA ASN B 709 37.76 -40.72 45.11
C ASN B 709 38.23 -39.64 44.14
N LEU B 710 39.50 -39.66 43.72
CA LEU B 710 40.01 -38.64 42.81
C LEU B 710 39.45 -38.85 41.41
N GLN B 711 39.04 -37.76 40.77
CA GLN B 711 38.51 -37.77 39.42
C GLN B 711 39.29 -36.90 38.45
N ASN B 712 39.73 -35.72 38.87
CA ASN B 712 40.47 -34.81 38.00
C ASN B 712 41.61 -34.20 38.79
N LEU B 713 42.69 -33.88 38.08
CA LEU B 713 43.96 -33.53 38.72
C LEU B 713 44.80 -32.74 37.74
N ALA B 714 45.37 -31.63 38.20
CA ALA B 714 46.27 -30.80 37.41
C ALA B 714 47.54 -30.55 38.20
N ILE B 715 48.68 -30.90 37.61
CA ILE B 715 50.00 -30.67 38.18
C ILE B 715 50.81 -29.99 37.08
N THR B 716 50.12 -29.21 36.25
CA THR B 716 50.68 -28.64 35.04
C THR B 716 51.89 -27.76 35.34
N ALA B 717 52.86 -27.77 34.41
CA ALA B 717 53.94 -26.80 34.36
C ALA B 717 54.87 -26.91 35.55
N ASN B 718 55.07 -28.13 36.04
CA ASN B 718 56.16 -28.47 36.93
C ASN B 718 57.21 -29.22 36.10
N ARG B 719 58.24 -29.74 36.76
CA ARG B 719 59.35 -30.39 36.07
C ARG B 719 59.40 -31.88 36.43
N ILE B 720 58.22 -32.50 36.43
CA ILE B 720 58.11 -33.92 36.74
C ILE B 720 58.57 -34.72 35.53
N GLU B 721 59.47 -35.67 35.75
CA GLU B 721 60.05 -36.44 34.66
C GLU B 721 59.21 -37.68 34.35
N THR B 722 58.64 -38.30 35.37
CA THR B 722 57.87 -39.53 35.21
C THR B 722 56.85 -39.60 36.34
N LEU B 723 55.81 -40.41 36.11
CA LEU B 723 54.70 -40.54 37.04
C LEU B 723 54.90 -41.77 37.90
N PRO B 724 54.61 -41.75 39.21
CA PRO B 724 54.71 -42.97 40.00
C PRO B 724 53.64 -43.96 39.58
N PRO B 725 53.89 -45.27 39.72
CA PRO B 725 52.82 -46.24 39.42
C PRO B 725 51.58 -46.07 40.29
N GLU B 726 51.76 -45.67 41.55
CA GLU B 726 50.65 -45.60 42.49
C GLU B 726 49.60 -44.59 42.07
N LEU B 727 49.94 -43.66 41.17
CA LEU B 727 48.95 -42.74 40.62
C LEU B 727 47.75 -43.47 40.05
N PHE B 728 47.96 -44.65 39.47
CA PHE B 728 46.87 -45.37 38.84
C PHE B 728 46.03 -46.16 39.83
N GLN B 729 46.30 -46.05 41.13
CA GLN B 729 45.37 -46.55 42.12
C GLN B 729 44.12 -45.70 42.21
N CYS B 730 44.16 -44.47 41.71
CA CYS B 730 42.99 -43.59 41.61
C CYS B 730 42.17 -44.03 40.40
N ARG B 731 41.27 -44.98 40.65
CA ARG B 731 40.52 -45.62 39.57
C ARG B 731 39.49 -44.70 38.92
N LYS B 732 39.03 -43.68 39.64
CA LYS B 732 37.92 -42.85 39.18
C LYS B 732 38.36 -41.67 38.33
N LEU B 733 39.61 -41.64 37.89
CA LEU B 733 40.12 -40.50 37.15
C LEU B 733 39.43 -40.36 35.80
N ARG B 734 39.07 -39.13 35.46
CA ARG B 734 38.51 -38.79 34.17
C ARG B 734 39.32 -37.78 33.39
N ALA B 735 40.12 -36.94 34.06
CA ALA B 735 40.96 -35.98 33.39
C ALA B 735 42.28 -35.84 34.13
N LEU B 736 43.38 -35.73 33.38
CA LEU B 736 44.71 -35.57 33.94
C LEU B 736 45.47 -34.55 33.10
N HIS B 737 45.66 -33.37 33.65
CA HIS B 737 46.28 -32.25 32.94
C HIS B 737 47.75 -32.20 33.33
N LEU B 738 48.61 -32.68 32.42
CA LEU B 738 50.04 -32.80 32.66
C LEU B 738 50.87 -32.14 31.56
N GLY B 739 50.26 -31.33 30.70
CA GLY B 739 50.97 -30.75 29.59
C GLY B 739 52.00 -29.74 30.05
N ASN B 740 52.87 -29.37 29.11
CA ASN B 740 53.88 -28.32 29.30
C ASN B 740 54.77 -28.61 30.51
N ASN B 741 55.10 -29.88 30.69
CA ASN B 741 56.09 -30.35 31.63
C ASN B 741 57.30 -30.84 30.82
N VAL B 742 58.22 -31.54 31.47
CA VAL B 742 59.42 -32.04 30.81
C VAL B 742 59.40 -33.56 30.80
N LEU B 743 58.21 -34.15 30.70
CA LEU B 743 58.07 -35.60 30.63
C LEU B 743 58.87 -36.16 29.47
N GLN B 744 59.60 -37.23 29.73
CA GLN B 744 60.37 -37.93 28.71
C GLN B 744 59.67 -39.19 28.22
N SER B 745 58.79 -39.77 29.04
CA SER B 745 58.02 -40.94 28.64
C SER B 745 56.68 -40.94 29.35
N LEU B 746 55.69 -41.54 28.70
CA LEU B 746 54.34 -41.69 29.25
C LEU B 746 54.13 -43.16 29.60
N PRO B 747 53.92 -43.54 30.88
CA PRO B 747 53.82 -44.96 31.21
C PRO B 747 52.65 -45.66 30.52
N SER B 748 52.86 -46.96 30.24
CA SER B 748 51.82 -47.77 29.60
C SER B 748 50.55 -47.86 30.43
N ARG B 749 50.66 -47.75 31.76
CA ARG B 749 49.52 -47.97 32.64
C ARG B 749 48.41 -46.94 32.46
N VAL B 750 48.59 -45.95 31.60
CA VAL B 750 47.49 -45.09 31.15
C VAL B 750 46.35 -45.93 30.57
N GLY B 751 46.65 -47.12 30.06
CA GLY B 751 45.63 -48.03 29.60
C GLY B 751 44.59 -48.40 30.65
N GLU B 752 44.95 -48.32 31.94
CA GLU B 752 44.02 -48.70 32.99
C GLU B 752 42.96 -47.65 33.27
N LEU B 753 43.16 -46.39 32.85
CA LEU B 753 42.21 -45.33 33.12
C LEU B 753 41.02 -45.49 32.19
N THR B 754 40.04 -46.25 32.67
CA THR B 754 38.83 -46.52 31.90
C THR B 754 38.08 -45.23 31.57
N ASN B 755 37.95 -44.33 32.54
CA ASN B 755 37.06 -43.19 32.39
C ASN B 755 37.77 -41.94 31.90
N LEU B 756 39.00 -42.08 31.40
CA LEU B 756 39.74 -40.92 30.91
C LEU B 756 39.12 -40.41 29.62
N THR B 757 38.83 -39.11 29.59
CA THR B 757 38.34 -38.44 28.40
C THR B 757 39.18 -37.25 27.96
N GLN B 758 40.05 -36.74 28.85
CA GLN B 758 40.85 -35.56 28.55
C GLN B 758 42.20 -35.71 29.21
N ILE B 759 43.26 -35.47 28.45
CA ILE B 759 44.62 -35.60 28.98
C ILE B 759 45.52 -34.64 28.23
N GLU B 760 46.36 -33.92 28.97
CA GLU B 760 47.36 -33.02 28.41
C GLU B 760 48.72 -33.68 28.45
N LEU B 761 49.37 -33.76 27.29
CA LEU B 761 50.76 -34.17 27.18
C LEU B 761 51.56 -33.20 26.33
N ARG B 762 50.98 -32.06 25.94
CA ARG B 762 51.60 -31.18 24.98
C ARG B 762 52.82 -30.48 25.58
N GLY B 763 53.67 -29.98 24.70
CA GLY B 763 54.84 -29.24 25.13
C GLY B 763 55.96 -30.10 25.66
N ASN B 764 56.04 -31.35 25.22
CA ASN B 764 57.10 -32.27 25.60
C ASN B 764 57.94 -32.62 24.38
N ARG B 765 59.16 -33.07 24.65
CA ARG B 765 60.06 -33.56 23.61
C ARG B 765 59.93 -35.06 23.42
N LEU B 766 58.70 -35.51 23.21
CA LEU B 766 58.45 -36.91 22.91
C LEU B 766 58.66 -37.15 21.43
N GLU B 767 59.08 -38.37 21.09
CA GLU B 767 59.20 -38.78 19.70
C GLU B 767 57.99 -39.59 19.23
N CYS B 768 57.40 -40.38 20.12
CA CYS B 768 56.21 -41.14 19.82
C CYS B 768 55.33 -41.20 21.07
N LEU B 769 54.19 -41.88 20.95
CA LEU B 769 53.27 -42.11 22.05
C LEU B 769 53.12 -43.61 22.30
N PRO B 770 52.78 -44.03 23.52
CA PRO B 770 52.54 -45.46 23.76
C PRO B 770 51.17 -45.88 23.27
N VAL B 771 51.12 -47.09 22.67
CA VAL B 771 49.90 -47.62 22.08
C VAL B 771 48.75 -47.72 23.07
N GLU B 772 49.07 -47.87 24.36
CA GLU B 772 48.04 -48.16 25.35
C GLU B 772 47.04 -47.02 25.53
N LEU B 773 47.33 -45.83 24.99
CA LEU B 773 46.33 -44.76 24.96
C LEU B 773 45.07 -45.20 24.23
N GLY B 774 45.20 -46.09 23.24
CA GLY B 774 44.04 -46.63 22.57
C GLY B 774 43.14 -47.48 23.44
N GLU B 775 43.63 -47.90 24.61
CA GLU B 775 42.85 -48.78 25.49
C GLU B 775 41.80 -48.04 26.31
N CYS B 776 41.70 -46.71 26.18
CA CYS B 776 40.77 -45.90 26.95
C CYS B 776 39.40 -45.88 26.26
N PRO B 777 38.34 -46.52 26.83
CA PRO B 777 37.08 -46.61 26.07
C PRO B 777 36.42 -45.28 25.79
N LEU B 778 36.28 -44.40 26.78
CA LEU B 778 35.47 -43.20 26.63
C LEU B 778 36.22 -42.04 25.99
N LEU B 779 37.46 -42.25 25.55
CA LEU B 779 38.25 -41.18 24.98
C LEU B 779 37.87 -40.95 23.52
N LYS B 780 37.97 -39.69 23.09
CA LYS B 780 37.70 -39.29 21.71
C LYS B 780 38.89 -38.51 21.16
N ARG B 781 38.93 -38.41 19.82
CA ARG B 781 39.99 -37.68 19.14
C ARG B 781 40.09 -36.25 19.65
N SER B 782 38.94 -35.61 19.86
CA SER B 782 38.93 -34.26 20.40
C SER B 782 39.42 -34.22 21.84
N GLY B 783 39.27 -35.33 22.57
CA GLY B 783 39.66 -35.40 23.96
C GLY B 783 41.10 -35.78 24.20
N LEU B 784 41.75 -36.44 23.26
CA LEU B 784 43.15 -36.82 23.40
C LEU B 784 43.98 -35.62 22.93
N VAL B 785 44.38 -34.79 23.88
CA VAL B 785 44.92 -33.46 23.60
C VAL B 785 46.44 -33.61 23.58
N VAL B 786 47.00 -33.73 22.37
CA VAL B 786 48.42 -33.96 22.18
C VAL B 786 48.79 -33.48 20.78
N GLU B 787 50.08 -33.23 20.57
CA GLU B 787 50.56 -32.79 19.27
C GLU B 787 50.22 -33.81 18.19
N GLU B 788 49.99 -33.30 16.97
CA GLU B 788 49.49 -34.15 15.89
C GLU B 788 50.55 -35.13 15.42
N ASP B 789 51.82 -34.71 15.36
CA ASP B 789 52.87 -35.62 14.93
C ASP B 789 53.03 -36.77 15.92
N LEU B 790 52.90 -36.47 17.20
CA LEU B 790 52.89 -37.53 18.21
C LEU B 790 51.63 -38.38 18.08
N PHE B 791 50.48 -37.74 17.85
CA PHE B 791 49.21 -38.44 17.70
C PHE B 791 49.26 -39.44 16.56
N ASN B 792 49.98 -39.10 15.49
CA ASN B 792 50.03 -39.94 14.30
C ASN B 792 50.64 -41.31 14.59
N THR B 793 51.45 -41.42 15.64
CA THR B 793 52.13 -42.67 15.96
C THR B 793 51.18 -43.75 16.45
N LEU B 794 49.95 -43.42 16.80
CA LEU B 794 49.03 -44.43 17.27
C LEU B 794 48.63 -45.35 16.12
N PRO B 795 48.12 -46.55 16.42
CA PRO B 795 47.66 -47.45 15.37
C PRO B 795 46.53 -46.82 14.56
N PRO B 796 46.46 -47.09 13.25
CA PRO B 796 45.29 -46.61 12.48
C PRO B 796 43.96 -47.10 13.04
N GLU B 797 43.90 -48.32 13.56
CA GLU B 797 42.66 -48.84 14.11
C GLU B 797 42.14 -47.95 15.24
N VAL B 798 43.04 -47.48 16.10
CA VAL B 798 42.64 -46.58 17.18
C VAL B 798 42.05 -45.31 16.60
N LYS B 799 42.71 -44.74 15.58
CA LYS B 799 42.20 -43.52 14.97
C LYS B 799 40.85 -43.74 14.32
N GLU B 800 40.61 -44.92 13.76
CA GLU B 800 39.31 -45.24 13.21
C GLU B 800 38.25 -45.30 14.31
N ARG B 801 38.58 -45.94 15.43
CA ARG B 801 37.62 -45.99 16.54
C ARG B 801 37.37 -44.60 17.09
N LEU B 802 38.37 -43.72 17.04
CA LEU B 802 38.17 -42.33 17.44
C LEU B 802 37.24 -41.61 16.47
N TRP B 803 37.40 -41.88 15.17
CA TRP B 803 36.48 -41.33 14.17
C TRP B 803 35.04 -41.77 14.45
N ARG B 804 34.85 -43.07 14.66
CA ARG B 804 33.53 -43.60 15.01
C ARG B 804 32.99 -42.92 16.26
N ALA B 805 33.85 -42.74 17.27
CA ALA B 805 33.41 -42.24 18.56
C ALA B 805 32.82 -40.85 18.47
N ASP B 806 33.36 -40.01 17.58
CA ASP B 806 32.98 -38.60 17.55
C ASP B 806 31.53 -38.43 17.11
N LYS B 807 31.16 -39.06 15.99
CA LYS B 807 29.84 -38.82 15.41
C LYS B 807 28.74 -39.63 16.10
N MET C 1 4.03 55.33 -26.05
CA MET C 1 2.73 55.30 -25.38
C MET C 1 2.08 53.93 -25.56
N ILE C 2 2.62 52.94 -24.86
CA ILE C 2 2.05 51.60 -24.82
C ILE C 2 1.98 51.22 -23.35
N PRO C 3 0.82 50.82 -22.85
CA PRO C 3 0.70 50.52 -21.41
C PRO C 3 1.79 49.59 -20.92
N VAL C 4 2.40 49.93 -19.78
CA VAL C 4 3.62 49.28 -19.37
C VAL C 4 3.43 47.79 -19.17
N THR C 5 2.20 47.34 -18.87
CA THR C 5 1.96 45.91 -18.80
C THR C 5 2.23 45.24 -20.14
N GLU C 6 1.86 45.90 -21.23
CA GLU C 6 2.18 45.39 -22.56
C GLU C 6 3.66 45.53 -22.86
N LEU C 7 4.37 46.34 -22.09
CA LEU C 7 5.82 46.38 -22.13
C LEU C 7 6.44 45.39 -21.17
N ARG C 8 5.71 44.99 -20.13
CA ARG C 8 6.18 43.96 -19.22
C ARG C 8 5.85 42.60 -19.83
N TYR C 9 6.21 42.47 -21.09
CA TYR C 9 6.38 41.19 -21.75
C TYR C 9 7.88 40.94 -21.78
N PHE C 10 8.62 41.96 -22.19
CA PHE C 10 10.07 41.93 -22.20
C PHE C 10 10.65 41.82 -20.81
N ALA C 11 9.92 42.26 -19.79
CA ALA C 11 10.47 42.59 -18.50
C ALA C 11 10.36 41.49 -17.46
N ASP C 12 9.86 40.31 -17.82
CA ASP C 12 9.57 39.31 -16.81
C ASP C 12 10.11 37.95 -17.20
N THR C 13 10.39 37.16 -16.18
CA THR C 13 10.80 35.77 -16.33
C THR C 13 10.10 34.94 -15.28
N GLN C 14 9.98 33.64 -15.57
CA GLN C 14 9.28 32.75 -14.66
C GLN C 14 9.97 32.77 -13.30
N PRO C 15 9.20 32.69 -12.20
CA PRO C 15 9.80 32.80 -10.87
C PRO C 15 10.70 31.64 -10.52
N ALA C 16 10.72 30.58 -11.34
CA ALA C 16 11.65 29.49 -11.13
C ALA C 16 13.09 29.97 -11.08
N TYR C 17 13.35 31.20 -11.50
CA TYR C 17 14.69 31.72 -11.62
C TYR C 17 15.08 32.70 -10.54
N ARG C 18 14.25 32.91 -9.53
CA ARG C 18 14.69 33.77 -8.44
C ARG C 18 15.99 33.28 -7.86
N ILE C 19 16.23 31.98 -7.91
CA ILE C 19 17.49 31.45 -7.43
C ILE C 19 18.64 31.99 -8.25
N LEU C 20 18.42 32.25 -9.52
CA LEU C 20 19.49 32.60 -10.43
C LEU C 20 19.67 34.09 -10.57
N LYS C 21 18.90 34.82 -9.89
CA LYS C 21 19.01 36.26 -10.04
C LYS C 21 19.69 36.85 -8.82
N PRO C 22 20.95 37.24 -8.90
CA PRO C 22 21.61 37.84 -7.75
C PRO C 22 21.01 39.20 -7.44
N TRP C 23 21.51 39.87 -6.40
CA TRP C 23 20.91 41.15 -6.05
C TRP C 23 21.09 42.19 -7.13
N TRP C 24 22.18 42.12 -7.89
CA TRP C 24 22.34 43.09 -8.97
C TRP C 24 21.30 42.90 -10.05
N ASP C 25 20.98 41.65 -10.37
CA ASP C 25 19.93 41.42 -11.37
C ASP C 25 18.59 41.91 -10.87
N VAL C 26 18.29 41.71 -9.59
CA VAL C 26 17.04 42.20 -9.04
C VAL C 26 16.98 43.71 -9.09
N PHE C 27 18.06 44.37 -8.69
CA PHE C 27 18.08 45.83 -8.69
C PHE C 27 17.95 46.38 -10.10
N THR C 28 18.64 45.77 -11.07
CA THR C 28 18.51 46.26 -12.43
C THR C 28 17.13 46.00 -13.00
N ASP C 29 16.49 44.89 -12.63
CA ASP C 29 15.12 44.67 -13.08
C ASP C 29 14.21 45.76 -12.52
N TYR C 30 14.37 46.09 -11.24
CA TYR C 30 13.57 47.14 -10.64
C TYR C 30 13.81 48.47 -11.35
N ILE C 31 15.08 48.83 -11.54
CA ILE C 31 15.41 50.09 -12.18
C ILE C 31 14.84 50.14 -13.59
N SER C 32 14.93 49.03 -14.31
CA SER C 32 14.41 48.97 -15.67
C SER C 32 12.91 49.20 -15.69
N ILE C 33 12.20 48.65 -14.71
CA ILE C 33 10.77 48.94 -14.62
C ILE C 33 10.54 50.43 -14.39
N VAL C 34 11.36 51.05 -13.55
CA VAL C 34 11.17 52.48 -13.30
C VAL C 34 11.45 53.30 -14.56
N MET C 35 12.52 52.99 -15.28
CA MET C 35 12.78 53.71 -16.52
C MET C 35 11.70 53.45 -17.54
N LEU C 36 11.12 52.26 -17.54
CA LEU C 36 10.00 51.99 -18.42
C LEU C 36 8.82 52.87 -18.05
N MET C 37 8.59 53.06 -16.76
CA MET C 37 7.51 53.95 -16.34
C MET C 37 7.74 55.37 -16.81
N ILE C 38 8.96 55.89 -16.66
CA ILE C 38 9.18 57.26 -17.11
C ILE C 38 9.16 57.37 -18.62
N ALA C 39 9.58 56.34 -19.35
CA ALA C 39 9.46 56.35 -20.79
C ALA C 39 7.99 56.41 -21.21
N VAL C 40 7.16 55.58 -20.59
CA VAL C 40 5.74 55.60 -20.91
C VAL C 40 5.13 56.94 -20.57
N PHE C 41 5.48 57.48 -19.40
CA PHE C 41 4.91 58.75 -18.97
C PHE C 41 5.29 59.86 -19.94
N GLY C 42 6.58 59.96 -20.28
CA GLY C 42 7.00 60.97 -21.24
C GLY C 42 6.36 60.78 -22.59
N GLY C 43 6.17 59.54 -23.02
CA GLY C 43 5.55 59.29 -24.30
C GLY C 43 4.11 59.78 -24.35
N THR C 44 3.32 59.45 -23.33
CA THR C 44 1.95 59.94 -23.28
C THR C 44 1.93 61.46 -23.18
N LEU C 45 2.83 62.02 -22.38
CA LEU C 45 2.87 63.46 -22.21
C LEU C 45 3.12 64.15 -23.53
N GLN C 46 4.09 63.66 -24.29
CA GLN C 46 4.38 64.23 -25.59
C GLN C 46 3.22 64.06 -26.55
N VAL C 47 2.66 62.86 -26.60
CA VAL C 47 1.60 62.57 -27.57
C VAL C 47 0.40 63.48 -27.32
N THR C 48 0.00 63.62 -26.06
CA THR C 48 -1.13 64.48 -25.76
C THR C 48 -0.80 65.95 -25.98
N GLN C 49 0.39 66.38 -25.52
CA GLN C 49 0.73 67.81 -25.60
C GLN C 49 2.21 68.22 -25.79
N ASP C 50 2.85 67.83 -26.88
CA ASP C 50 4.21 68.34 -27.12
C ASP C 50 4.07 69.49 -28.08
N LYS C 51 3.45 70.57 -27.62
CA LYS C 51 3.22 71.69 -28.50
C LYS C 51 4.33 72.70 -28.37
N MET C 52 4.27 73.75 -29.19
CA MET C 52 5.26 74.81 -29.14
C MET C 52 4.55 76.10 -29.53
N ILE C 53 4.15 76.88 -28.53
CA ILE C 53 3.48 78.13 -28.80
C ILE C 53 4.49 79.14 -29.32
N CYS C 54 4.21 79.73 -30.47
CA CYS C 54 5.14 80.65 -31.11
C CYS C 54 4.44 81.96 -31.42
N LEU C 55 5.12 83.06 -31.16
CA LEU C 55 4.68 84.39 -31.51
C LEU C 55 5.74 85.07 -32.38
N PRO C 56 5.34 85.82 -33.38
CA PRO C 56 6.33 86.52 -34.20
C PRO C 56 6.97 87.66 -33.43
N CYS C 57 8.13 88.08 -33.92
CA CYS C 57 8.83 89.23 -33.38
C CYS C 57 8.82 90.33 -34.44
N LYS C 58 8.23 91.47 -34.12
CA LYS C 58 8.14 92.56 -35.09
C LYS C 58 9.48 93.27 -35.26
N TRP C 59 10.17 93.53 -34.16
CA TRP C 59 11.49 94.16 -34.22
C TRP C 59 12.54 93.10 -33.99
N VAL C 60 13.44 92.94 -34.95
CA VAL C 60 14.48 91.92 -34.90
C VAL C 60 15.84 92.59 -35.02
N THR C 61 16.74 92.23 -34.11
CA THR C 61 18.11 92.69 -34.13
C THR C 61 19.03 91.48 -34.08
N LYS C 62 20.01 91.45 -35.00
CA LYS C 62 20.95 90.35 -35.16
C LYS C 62 20.27 88.99 -34.97
N ASP C 63 19.22 88.79 -35.78
CA ASP C 63 18.43 87.55 -35.76
C ASP C 63 17.88 87.25 -34.37
N SER C 64 17.47 88.30 -33.68
CA SER C 64 16.87 88.17 -32.36
C SER C 64 15.92 89.32 -32.16
N CYS C 65 14.86 89.07 -31.39
CA CYS C 65 13.87 90.09 -31.09
C CYS C 65 14.54 91.22 -30.32
N ASN C 66 14.30 92.46 -30.75
CA ASN C 66 15.00 93.60 -30.15
C ASN C 66 14.69 93.74 -28.67
N ASP C 67 13.57 93.17 -28.21
CA ASP C 67 13.18 93.24 -26.80
C ASP C 67 13.05 94.68 -26.34
N SER C 68 12.54 95.54 -27.22
CA SER C 68 12.35 96.94 -26.89
C SER C 68 10.88 97.30 -26.97
N THR C 92 -1.86 106.43 -23.05
CA THR C 92 -2.04 106.06 -21.66
C THR C 92 -1.85 104.56 -21.45
N GLY C 93 -2.96 103.84 -21.30
CA GLY C 93 -2.94 102.44 -20.98
C GLY C 93 -2.27 101.61 -22.06
N PRO C 94 -1.56 100.56 -21.66
CA PRO C 94 -0.94 99.67 -22.64
C PRO C 94 -2.01 98.93 -23.44
N THR C 95 -1.69 98.67 -24.70
CA THR C 95 -2.58 97.91 -25.58
C THR C 95 -1.79 96.78 -26.20
N GLY C 96 -2.49 95.71 -26.53
CA GLY C 96 -1.83 94.53 -27.05
C GLY C 96 -1.24 94.74 -28.43
N ILE C 97 -0.19 93.97 -28.73
CA ILE C 97 0.41 94.01 -30.05
C ILE C 97 -0.45 93.22 -31.02
N LYS C 98 -0.77 93.82 -32.16
CA LYS C 98 -1.61 93.19 -33.17
C LYS C 98 -0.72 92.57 -34.23
N TYR C 99 -0.82 91.25 -34.40
CA TYR C 99 0.02 90.54 -35.35
C TYR C 99 -0.70 90.22 -36.65
N ASP C 100 -2.02 90.31 -36.69
CA ASP C 100 -2.79 90.08 -37.91
C ASP C 100 -2.56 88.69 -38.48
N LEU C 101 -2.42 87.70 -37.62
CA LEU C 101 -2.30 86.32 -38.05
C LEU C 101 -3.58 85.57 -37.70
N ASP C 102 -4.03 84.73 -38.62
CA ASP C 102 -5.12 83.82 -38.32
C ASP C 102 -4.68 82.83 -37.26
N ARG C 103 -5.64 82.09 -36.73
CA ARG C 103 -5.28 81.00 -35.83
C ARG C 103 -4.50 79.93 -36.56
N HIS C 104 -4.87 79.66 -37.81
CA HIS C 104 -4.23 78.61 -38.57
C HIS C 104 -2.81 78.97 -38.98
N GLN C 105 -2.53 80.25 -39.23
CA GLN C 105 -1.15 80.66 -39.45
C GLN C 105 -0.31 80.40 -38.21
N TYR C 106 -0.88 80.65 -37.03
CA TYR C 106 -0.19 80.33 -35.79
C TYR C 106 0.08 78.84 -35.70
N ASN C 107 -0.91 78.01 -36.06
CA ASN C 107 -0.70 76.57 -36.06
C ASN C 107 0.43 76.19 -37.01
N TYR C 108 0.45 76.81 -38.19
CA TYR C 108 1.48 76.48 -39.16
C TYR C 108 2.86 76.84 -38.66
N VAL C 109 3.01 78.03 -38.09
CA VAL C 109 4.34 78.41 -37.61
C VAL C 109 4.75 77.55 -36.43
N ASP C 110 3.80 77.17 -35.58
CA ASP C 110 4.14 76.24 -34.50
C ASP C 110 4.67 74.94 -35.07
N ALA C 111 3.98 74.37 -36.05
CA ALA C 111 4.42 73.11 -36.62
C ALA C 111 5.79 73.26 -37.28
N VAL C 112 5.99 74.35 -38.02
CA VAL C 112 7.24 74.53 -38.74
C VAL C 112 8.39 74.71 -37.76
N CYS C 113 8.21 75.55 -36.75
CA CYS C 113 9.30 75.80 -35.82
C CYS C 113 9.53 74.62 -34.89
N TYR C 114 8.50 73.81 -34.65
CA TYR C 114 8.68 72.58 -33.90
C TYR C 114 9.43 71.54 -34.69
N GLU C 115 9.19 71.45 -35.99
CA GLU C 115 9.90 70.51 -36.84
C GLU C 115 11.34 70.93 -37.08
N ASN C 116 11.56 72.21 -37.41
CA ASN C 116 12.86 72.63 -37.91
C ASN C 116 13.77 73.17 -36.84
N ARG C 117 13.25 73.88 -35.84
CA ARG C 117 14.10 74.59 -34.91
C ARG C 117 13.98 74.13 -33.48
N LEU C 118 13.35 72.99 -33.22
CA LEU C 118 13.40 72.36 -31.91
C LEU C 118 14.42 71.22 -31.96
N HIS C 119 15.25 71.13 -30.94
CA HIS C 119 16.30 70.13 -30.94
C HIS C 119 15.72 68.73 -30.83
N TRP C 120 16.29 67.81 -31.59
CA TRP C 120 15.73 66.46 -31.70
C TRP C 120 15.65 65.77 -30.36
N PHE C 121 16.54 66.10 -29.43
CA PHE C 121 16.51 65.46 -28.13
C PHE C 121 15.23 65.82 -27.37
N ALA C 122 14.87 67.10 -27.34
CA ALA C 122 13.66 67.50 -26.65
C ALA C 122 12.42 66.88 -27.29
N LYS C 123 12.49 66.58 -28.58
CA LYS C 123 11.38 65.92 -29.25
C LYS C 123 11.31 64.45 -28.87
N TYR C 124 12.37 63.70 -29.13
CA TYR C 124 12.34 62.25 -29.09
C TYR C 124 13.01 61.68 -27.85
N PHE C 125 13.09 62.45 -26.77
CA PHE C 125 13.65 61.92 -25.53
C PHE C 125 12.89 60.69 -25.02
N PRO C 126 11.57 60.72 -24.84
CA PRO C 126 10.89 59.55 -24.29
C PRO C 126 11.02 58.30 -25.14
N TYR C 127 11.02 58.42 -26.46
CA TYR C 127 11.21 57.26 -27.31
C TYR C 127 12.60 56.69 -27.21
N LEU C 128 13.61 57.54 -27.07
CA LEU C 128 14.95 57.04 -26.80
C LEU C 128 15.00 56.32 -25.47
N VAL C 129 14.32 56.86 -24.46
CA VAL C 129 14.29 56.20 -23.16
C VAL C 129 13.66 54.81 -23.28
N LEU C 130 12.56 54.72 -24.03
CA LEU C 130 11.90 53.44 -24.23
C LEU C 130 12.82 52.47 -24.97
N LEU C 131 13.50 52.94 -26.01
CA LEU C 131 14.38 52.06 -26.77
C LEU C 131 15.52 51.54 -25.90
N HIS C 132 16.13 52.43 -25.11
CA HIS C 132 17.22 52.00 -24.24
C HIS C 132 16.74 51.01 -23.20
N THR C 133 15.55 51.26 -22.63
CA THR C 133 15.03 50.33 -21.64
C THR C 133 14.76 48.97 -22.25
N LEU C 134 14.21 48.94 -23.46
CA LEU C 134 13.96 47.66 -24.12
C LEU C 134 15.27 46.93 -24.38
N ILE C 135 16.31 47.64 -24.81
CA ILE C 135 17.60 46.98 -25.03
C ILE C 135 18.14 46.44 -23.73
N PHE C 136 18.01 47.20 -22.64
CA PHE C 136 18.47 46.72 -21.35
C PHE C 136 17.72 45.45 -20.93
N LEU C 137 16.40 45.45 -21.11
CA LEU C 137 15.62 44.28 -20.73
C LEU C 137 16.00 43.06 -21.57
N ALA C 138 16.22 43.26 -22.87
CA ALA C 138 16.65 42.17 -23.72
C ALA C 138 18.00 41.63 -23.29
N CYS C 139 18.95 42.52 -23.01
CA CYS C 139 20.26 42.07 -22.56
C CYS C 139 20.17 41.35 -21.22
N SER C 140 19.19 41.72 -20.40
CA SER C 140 19.03 41.04 -19.12
C SER C 140 18.44 39.65 -19.27
N ASN C 141 17.45 39.47 -20.14
CA ASN C 141 16.72 38.21 -20.22
C ASN C 141 17.09 37.34 -21.41
N PHE C 142 18.11 37.73 -22.18
CA PHE C 142 18.44 36.95 -23.37
C PHE C 142 18.82 35.52 -23.01
N TRP C 143 19.65 35.36 -21.99
CA TRP C 143 20.09 34.02 -21.62
C TRP C 143 18.99 33.20 -20.97
N PHE C 144 17.92 33.84 -20.50
CA PHE C 144 16.73 33.12 -20.10
C PHE C 144 15.86 32.75 -21.28
N LYS C 145 15.93 33.49 -22.38
CA LYS C 145 15.13 33.19 -23.56
C LYS C 145 15.84 32.29 -24.56
N PHE C 146 17.15 32.46 -24.72
CA PHE C 146 17.96 31.64 -25.61
C PHE C 146 17.82 30.18 -25.22
N PRO C 147 17.25 29.34 -26.09
CA PRO C 147 17.03 27.93 -25.70
C PRO C 147 18.29 27.19 -25.34
N ARG C 148 19.41 27.47 -26.02
CA ARG C 148 20.64 26.72 -25.75
C ARG C 148 21.15 26.95 -24.33
N THR C 149 20.79 28.05 -23.69
CA THR C 149 21.11 28.26 -22.28
C THR C 149 19.90 28.17 -21.37
N SER C 150 18.71 28.47 -21.89
CA SER C 150 17.50 28.30 -21.10
C SER C 150 17.31 26.85 -20.69
N SER C 151 17.60 25.93 -21.61
CA SER C 151 17.50 24.52 -21.27
C SER C 151 18.45 24.15 -20.15
N LYS C 152 19.69 24.64 -20.21
CA LYS C 152 20.66 24.32 -19.17
C LYS C 152 20.21 24.89 -17.83
N LEU C 153 19.72 26.12 -17.81
CA LEU C 153 19.30 26.72 -16.55
C LEU C 153 18.09 25.99 -15.97
N GLU C 154 17.12 25.60 -16.81
CA GLU C 154 15.99 24.82 -16.32
C GLU C 154 16.45 23.48 -15.75
N HIS C 155 17.32 22.79 -16.48
CA HIS C 155 17.83 21.51 -16.01
C HIS C 155 18.55 21.66 -14.68
N PHE C 156 19.43 22.65 -14.58
CA PHE C 156 20.21 22.86 -13.37
C PHE C 156 19.31 23.20 -12.19
N VAL C 157 18.35 24.10 -12.39
CA VAL C 157 17.51 24.53 -11.29
C VAL C 157 16.61 23.41 -10.83
N SER C 158 16.11 22.59 -11.74
CA SER C 158 15.32 21.43 -11.33
C SER C 158 16.16 20.47 -10.51
N ILE C 159 17.38 20.20 -10.96
CA ILE C 159 18.26 19.31 -10.19
C ILE C 159 18.55 19.92 -8.82
N LEU C 160 18.80 21.22 -8.77
CA LEU C 160 19.12 21.88 -7.52
C LEU C 160 17.95 21.80 -6.54
N LEU C 161 16.73 22.01 -7.04
CA LEU C 161 15.56 21.93 -6.18
C LEU C 161 15.31 20.51 -5.68
N LYS C 162 15.51 19.51 -6.54
CA LYS C 162 15.37 18.13 -6.10
C LYS C 162 16.41 17.76 -5.06
N CYS C 163 17.66 18.23 -5.24
CA CYS C 163 18.68 17.97 -4.24
C CYS C 163 18.35 18.67 -2.91
N PHE C 164 17.87 19.91 -2.99
CA PHE C 164 17.47 20.62 -1.78
C PHE C 164 16.31 19.94 -1.09
N ASP C 165 15.40 19.35 -1.86
CA ASP C 165 14.19 18.73 -1.35
C ASP C 165 14.44 17.32 -0.82
N SER C 166 15.31 16.55 -1.48
CA SER C 166 15.44 15.13 -1.18
C SER C 166 15.81 14.91 0.29
N PRO C 167 15.25 13.89 0.93
CA PRO C 167 15.54 13.69 2.37
C PRO C 167 16.98 13.32 2.65
N TRP C 168 17.69 12.77 1.67
CA TRP C 168 19.03 12.27 1.95
C TRP C 168 20.01 13.40 2.24
N THR C 169 19.83 14.55 1.59
CA THR C 169 20.78 15.64 1.81
C THR C 169 20.77 16.11 3.26
N THR C 170 19.64 15.96 3.95
CA THR C 170 19.59 16.19 5.39
C THR C 170 19.94 14.95 6.18
N ARG C 171 19.71 13.77 5.62
CA ARG C 171 20.24 12.55 6.25
C ARG C 171 21.76 12.60 6.25
N ALA C 172 22.37 12.97 5.14
CA ALA C 172 23.78 13.30 5.14
C ALA C 172 23.97 14.70 5.72
N LEU C 173 25.23 15.08 5.90
CA LEU C 173 25.65 16.35 6.50
C LEU C 173 25.27 16.48 7.96
N SER C 174 24.61 15.48 8.54
CA SER C 174 24.28 15.50 9.96
C SER C 174 25.25 14.70 10.81
N GLU C 175 26.03 13.81 10.19
CA GLU C 175 26.96 12.98 10.95
C GLU C 175 28.12 13.78 11.53
N THR C 176 28.37 14.99 11.01
CA THR C 176 29.47 15.83 11.47
C THR C 176 30.82 15.13 11.39
N VAL C 231 19.61 3.03 9.08
CA VAL C 231 18.43 2.40 8.51
C VAL C 231 17.47 3.45 7.99
N LEU C 232 17.34 3.54 6.67
CA LEU C 232 16.48 4.52 6.03
C LEU C 232 15.40 3.82 5.20
N ASP C 233 14.42 4.62 4.78
CA ASP C 233 13.28 4.09 4.05
C ASP C 233 13.72 3.56 2.69
N LYS C 234 13.25 2.36 2.35
CA LYS C 234 13.49 1.80 1.03
C LYS C 234 12.65 2.50 -0.03
N LYS C 235 11.55 3.13 0.37
CA LYS C 235 10.73 3.85 -0.59
C LYS C 235 11.51 5.02 -1.19
N GLU C 236 12.28 5.72 -0.36
CA GLU C 236 13.05 6.86 -0.85
C GLU C 236 14.40 6.42 -1.40
N GLY C 237 14.79 5.17 -1.20
CA GLY C 237 16.10 4.71 -1.62
C GLY C 237 16.34 4.82 -3.11
N GLU C 238 15.39 4.40 -3.94
CA GLU C 238 15.60 4.47 -5.38
C GLU C 238 15.53 5.88 -5.92
N GLN C 239 14.72 6.76 -5.34
CA GLN C 239 14.79 8.17 -5.74
C GLN C 239 16.13 8.79 -5.37
N ALA C 240 16.67 8.44 -4.19
CA ALA C 240 18.00 8.93 -3.84
C ALA C 240 19.04 8.43 -4.83
N LYS C 241 18.98 7.14 -5.19
CA LYS C 241 19.90 6.61 -6.19
C LYS C 241 19.73 7.31 -7.53
N ALA C 242 18.49 7.50 -7.96
CA ALA C 242 18.23 8.11 -9.25
C ALA C 242 18.73 9.54 -9.26
N LEU C 243 18.56 10.26 -8.16
CA LEU C 243 19.04 11.63 -8.10
C LEU C 243 20.56 11.68 -8.11
N PHE C 244 21.21 10.73 -7.43
CA PHE C 244 22.66 10.64 -7.50
C PHE C 244 23.13 10.43 -8.93
N GLU C 245 22.51 9.50 -9.66
CA GLU C 245 22.93 9.23 -11.03
C GLU C 245 22.55 10.38 -11.96
N LYS C 246 21.42 11.02 -11.69
CA LYS C 246 21.00 12.16 -12.47
C LYS C 246 22.00 13.29 -12.35
N VAL C 247 22.50 13.52 -11.15
CA VAL C 247 23.49 14.58 -10.96
C VAL C 247 24.73 14.31 -11.79
N LYS C 248 25.16 13.05 -11.83
CA LYS C 248 26.34 12.71 -12.63
C LYS C 248 26.09 12.94 -14.11
N LYS C 249 24.92 12.53 -14.61
CA LYS C 249 24.62 12.77 -16.02
C LYS C 249 24.60 14.26 -16.34
N PHE C 250 23.95 15.05 -15.49
CA PHE C 250 23.84 16.48 -15.73
C PHE C 250 25.19 17.16 -15.65
N ARG C 251 26.03 16.75 -14.69
CA ARG C 251 27.36 17.31 -14.59
C ARG C 251 28.18 16.98 -15.81
N THR C 252 28.10 15.73 -16.29
CA THR C 252 28.82 15.37 -17.50
C THR C 252 28.32 16.16 -18.70
N HIS C 253 27.01 16.40 -18.76
CA HIS C 253 26.44 17.10 -19.90
C HIS C 253 26.79 18.58 -19.92
N VAL C 254 26.83 19.21 -18.75
CA VAL C 254 27.00 20.66 -18.67
C VAL C 254 28.45 21.08 -18.56
N GLU C 255 29.26 20.28 -17.85
CA GLU C 255 30.59 20.73 -17.45
C GLU C 255 31.49 21.06 -18.64
N GLU C 256 31.19 20.56 -19.83
CA GLU C 256 31.96 20.97 -21.00
C GLU C 256 31.31 22.14 -21.72
N GLY C 257 30.21 22.67 -21.19
CA GLY C 257 29.42 23.66 -21.88
C GLY C 257 30.12 24.97 -22.17
N ASP C 258 30.40 25.76 -21.13
CA ASP C 258 31.02 27.08 -21.15
C ASP C 258 30.08 28.14 -21.73
N ILE C 259 28.89 27.77 -22.19
CA ILE C 259 28.07 28.73 -22.93
C ILE C 259 27.36 29.70 -22.01
N VAL C 260 26.84 29.23 -20.87
CA VAL C 260 26.07 30.11 -20.01
C VAL C 260 26.93 31.24 -19.47
N TYR C 261 28.14 30.91 -19.03
CA TYR C 261 29.03 31.95 -18.51
C TYR C 261 29.40 32.94 -19.60
N ARG C 262 29.70 32.46 -20.80
CA ARG C 262 30.06 33.35 -21.89
C ARG C 262 28.92 34.27 -22.25
N LEU C 263 27.70 33.73 -22.31
CA LEU C 263 26.54 34.55 -22.63
C LEU C 263 26.30 35.60 -21.57
N TYR C 264 26.41 35.22 -20.29
CA TYR C 264 26.23 36.18 -19.22
C TYR C 264 27.27 37.28 -19.27
N MET C 265 28.52 36.91 -19.53
CA MET C 265 29.58 37.91 -19.63
C MET C 265 29.31 38.87 -20.78
N ARG C 266 28.89 38.34 -21.93
CA ARG C 266 28.60 39.21 -23.05
C ARG C 266 27.42 40.14 -22.76
N GLN C 267 26.39 39.64 -22.09
CA GLN C 267 25.26 40.49 -21.74
C GLN C 267 25.71 41.63 -20.83
N THR C 268 26.52 41.31 -19.82
CA THR C 268 26.98 42.36 -18.92
C THR C 268 27.86 43.37 -19.65
N ILE C 269 28.71 42.90 -20.55
CA ILE C 269 29.56 43.81 -21.31
C ILE C 269 28.71 44.74 -22.17
N ILE C 270 27.69 44.19 -22.82
CA ILE C 270 26.81 45.01 -23.64
C ILE C 270 26.10 46.05 -22.79
N LYS C 271 25.64 45.66 -21.60
CA LYS C 271 25.00 46.63 -20.73
C LYS C 271 25.94 47.75 -20.33
N VAL C 272 27.19 47.41 -20.01
CA VAL C 272 28.15 48.44 -19.62
C VAL C 272 28.42 49.38 -20.78
N ILE C 273 28.56 48.84 -21.99
CA ILE C 273 28.73 49.71 -23.15
C ILE C 273 27.52 50.62 -23.36
N LYS C 274 26.31 50.08 -23.23
CA LYS C 274 25.12 50.88 -23.41
C LYS C 274 25.04 51.99 -22.37
N PHE C 275 25.38 51.67 -21.13
CA PHE C 275 25.44 52.69 -20.09
C PHE C 275 26.44 53.78 -20.43
N ILE C 276 27.65 53.38 -20.84
CA ILE C 276 28.67 54.36 -21.16
C ILE C 276 28.25 55.28 -22.31
N LEU C 277 27.54 54.74 -23.31
CA LEU C 277 27.05 55.53 -24.42
C LEU C 277 25.88 56.42 -24.05
N ILE C 278 24.91 55.88 -23.30
CA ILE C 278 23.73 56.62 -22.92
C ILE C 278 24.10 57.81 -22.06
N ILE C 279 24.93 57.60 -21.04
CA ILE C 279 25.34 58.72 -20.21
C ILE C 279 26.03 59.78 -21.05
N CYS C 280 26.95 59.36 -21.92
CA CYS C 280 27.68 60.31 -22.74
C CYS C 280 26.73 61.18 -23.53
N TYR C 281 25.92 60.57 -24.41
CA TYR C 281 25.13 61.39 -25.31
C TYR C 281 24.01 62.12 -24.59
N THR C 282 23.41 61.51 -23.57
CA THR C 282 22.33 62.18 -22.84
C THR C 282 22.84 63.41 -22.12
N VAL C 283 23.98 63.29 -21.43
CA VAL C 283 24.51 64.46 -20.73
C VAL C 283 24.96 65.51 -21.73
N TYR C 284 25.52 65.09 -22.86
CA TYR C 284 25.97 66.09 -23.83
C TYR C 284 24.80 66.86 -24.43
N TYR C 285 23.66 66.21 -24.65
CA TYR C 285 22.56 66.83 -25.37
C TYR C 285 21.43 67.35 -24.50
N VAL C 286 21.42 67.04 -23.20
CA VAL C 286 20.30 67.44 -22.37
C VAL C 286 20.23 68.94 -22.15
N HIS C 287 21.33 69.65 -22.35
CA HIS C 287 21.29 71.10 -22.21
C HIS C 287 20.48 71.76 -23.31
N ASN C 288 20.11 71.03 -24.35
CA ASN C 288 19.37 71.58 -25.46
C ASN C 288 17.86 71.58 -25.24
N ILE C 289 17.39 71.04 -24.12
CA ILE C 289 15.97 71.14 -23.79
C ILE C 289 15.72 72.48 -23.12
N LYS C 290 15.38 73.49 -23.91
CA LYS C 290 15.14 74.84 -23.42
C LYS C 290 13.65 75.15 -23.50
N PHE C 291 13.17 75.96 -22.56
CA PHE C 291 11.78 76.39 -22.63
C PHE C 291 11.60 77.46 -23.70
N ASP C 292 12.51 78.44 -23.75
CA ASP C 292 12.43 79.54 -24.70
C ASP C 292 13.22 79.17 -25.94
N VAL C 293 12.53 78.67 -26.95
CA VAL C 293 13.15 78.41 -28.23
C VAL C 293 12.96 79.63 -29.14
N ASP C 294 13.98 79.92 -29.93
CA ASP C 294 13.94 81.03 -30.87
C ASP C 294 14.13 80.46 -32.27
N CYS C 295 13.16 80.65 -33.14
CA CYS C 295 13.22 80.06 -34.48
C CYS C 295 13.21 81.13 -35.56
N THR C 296 13.83 80.77 -36.68
CA THR C 296 13.87 81.63 -37.87
C THR C 296 13.75 80.70 -39.07
N VAL C 297 12.55 80.61 -39.65
CA VAL C 297 12.23 79.54 -40.58
C VAL C 297 11.81 80.05 -41.95
N ASP C 298 12.27 81.23 -42.33
CA ASP C 298 12.24 81.70 -43.73
C ASP C 298 10.90 81.46 -44.43
N ILE C 299 9.81 81.67 -43.70
CA ILE C 299 8.47 81.69 -44.27
C ILE C 299 7.97 83.13 -44.10
N GLU C 300 8.32 83.98 -45.05
CA GLU C 300 7.71 85.30 -45.13
C GLU C 300 6.55 85.30 -46.09
N SER C 301 6.57 84.38 -47.06
CA SER C 301 5.53 84.38 -48.08
C SER C 301 4.23 83.79 -47.57
N LEU C 302 4.26 83.10 -46.43
CA LEU C 302 3.04 82.52 -45.87
C LEU C 302 2.47 83.36 -44.74
N THR C 303 3.31 83.84 -43.83
CA THR C 303 2.83 84.61 -42.68
C THR C 303 3.21 86.07 -42.76
N GLY C 304 4.39 86.38 -43.25
CA GLY C 304 4.88 87.74 -43.28
C GLY C 304 5.90 88.06 -42.20
N TYR C 305 6.32 87.07 -41.43
CA TYR C 305 7.28 87.29 -40.35
C TYR C 305 8.51 86.42 -40.55
N ARG C 306 9.68 87.04 -40.40
CA ARG C 306 10.96 86.38 -40.59
C ARG C 306 11.24 85.41 -39.45
N THR C 307 11.34 85.92 -38.23
CA THR C 307 11.73 85.15 -37.06
C THR C 307 10.59 85.14 -36.05
N TYR C 308 10.49 84.05 -35.31
CA TYR C 308 9.47 83.89 -34.28
C TYR C 308 10.14 83.60 -32.96
N ARG C 309 9.39 83.82 -31.89
CA ARG C 309 9.87 83.56 -30.52
C ARG C 309 8.95 82.49 -29.94
N CYS C 310 9.45 81.26 -29.86
CA CYS C 310 8.62 80.13 -29.48
C CYS C 310 8.79 79.83 -27.99
N ALA C 311 8.02 78.87 -27.52
CA ALA C 311 8.05 78.47 -26.12
C ALA C 311 7.63 77.01 -26.03
N HIS C 312 8.47 76.18 -25.46
CA HIS C 312 8.19 74.76 -25.35
C HIS C 312 7.64 74.47 -23.97
N PRO C 313 6.32 74.40 -23.78
CA PRO C 313 5.77 74.32 -22.43
C PRO C 313 6.20 73.07 -21.69
N LEU C 314 6.58 72.02 -22.40
CA LEU C 314 6.93 70.76 -21.81
C LEU C 314 8.41 70.65 -21.51
N ALA C 315 9.16 71.74 -21.69
CA ALA C 315 10.61 71.65 -21.63
C ALA C 315 11.10 71.39 -20.22
N THR C 316 10.51 72.04 -19.21
CA THR C 316 11.00 71.86 -17.85
C THR C 316 10.69 70.47 -17.33
N LEU C 317 9.48 69.98 -17.59
CA LEU C 317 9.15 68.62 -17.19
C LEU C 317 10.04 67.62 -17.90
N PHE C 318 10.37 67.86 -19.17
CA PHE C 318 11.29 66.98 -19.86
C PHE C 318 12.71 67.07 -19.30
N LYS C 319 13.15 68.25 -18.89
CA LYS C 319 14.46 68.34 -18.27
C LYS C 319 14.52 67.55 -16.98
N ILE C 320 13.49 67.66 -16.13
CA ILE C 320 13.53 66.89 -14.90
C ILE C 320 13.35 65.40 -15.15
N LEU C 321 12.57 65.01 -16.15
CA LEU C 321 12.53 63.60 -16.52
C LEU C 321 13.86 63.10 -17.04
N ALA C 322 14.56 63.89 -17.86
CA ALA C 322 15.86 63.48 -18.36
C ALA C 322 16.87 63.37 -17.23
N SER C 323 16.76 64.26 -16.25
CA SER C 323 17.64 64.21 -15.10
C SER C 323 17.38 62.94 -14.34
N PHE C 324 16.13 62.73 -14.01
CA PHE C 324 15.73 61.54 -13.27
C PHE C 324 16.08 60.26 -14.00
N TYR C 325 16.11 60.28 -15.33
CA TYR C 325 16.55 59.15 -16.13
C TYR C 325 18.05 58.98 -16.11
N ILE C 326 18.81 60.07 -16.15
CA ILE C 326 20.26 59.98 -16.04
C ILE C 326 20.63 59.39 -14.70
N SER C 327 19.92 59.76 -13.64
CA SER C 327 20.20 59.18 -12.33
C SER C 327 20.01 57.67 -12.35
N LEU C 328 18.92 57.21 -12.93
CA LEU C 328 18.67 55.77 -13.01
C LEU C 328 19.71 55.08 -13.88
N VAL C 329 20.12 55.72 -14.97
CA VAL C 329 21.12 55.12 -15.83
C VAL C 329 22.46 55.05 -15.11
N ILE C 330 22.78 56.04 -14.28
CA ILE C 330 24.01 55.98 -13.51
C ILE C 330 23.95 54.83 -12.51
N PHE C 331 22.82 54.67 -11.83
CA PHE C 331 22.67 53.56 -10.89
C PHE C 331 22.83 52.24 -11.63
N TYR C 332 22.17 52.12 -12.78
CA TYR C 332 22.23 50.91 -13.58
C TYR C 332 23.64 50.60 -14.02
N GLY C 333 24.37 51.62 -14.48
CA GLY C 333 25.74 51.41 -14.91
C GLY C 333 26.66 51.06 -13.77
N LEU C 334 26.44 51.65 -12.61
CA LEU C 334 27.25 51.29 -11.45
C LEU C 334 27.03 49.84 -11.07
N ILE C 335 25.77 49.40 -11.08
CA ILE C 335 25.48 48.01 -10.76
C ILE C 335 26.09 47.08 -11.80
N CYS C 336 25.98 47.44 -13.07
CA CYS C 336 26.55 46.60 -14.12
C CYS C 336 28.07 46.56 -14.07
N MET C 337 28.74 47.66 -13.76
CA MET C 337 30.18 47.61 -13.55
C MET C 337 30.55 46.80 -12.33
N TYR C 338 29.74 46.83 -11.27
CA TYR C 338 30.01 45.92 -10.16
C TYR C 338 29.90 44.47 -10.61
N THR C 339 28.88 44.16 -11.40
CA THR C 339 28.74 42.79 -11.90
C THR C 339 29.93 42.41 -12.76
N LEU C 340 30.38 43.33 -13.60
CA LEU C 340 31.54 43.06 -14.46
C LEU C 340 32.78 42.80 -13.62
N TRP C 341 32.97 43.59 -12.55
CA TRP C 341 34.12 43.36 -11.69
C TRP C 341 34.01 42.01 -10.97
N TRP C 342 32.82 41.70 -10.47
CA TRP C 342 32.62 40.45 -9.75
C TRP C 342 32.92 39.27 -10.64
N MET C 343 32.51 39.34 -11.91
CA MET C 343 32.79 38.29 -12.85
C MET C 343 34.24 38.26 -13.27
N LEU C 344 34.88 39.42 -13.38
CA LEU C 344 36.20 39.52 -13.97
C LEU C 344 37.31 39.06 -13.04
N ARG C 345 37.15 39.25 -11.74
CA ARG C 345 38.09 38.70 -10.78
C ARG C 345 37.69 37.28 -10.41
N ARG C 346 38.62 36.55 -9.79
CA ARG C 346 38.35 35.29 -9.12
C ARG C 346 38.09 34.16 -10.12
N SER C 347 38.00 34.46 -11.41
CA SER C 347 37.94 33.44 -12.45
C SER C 347 36.77 32.48 -12.24
N LEU C 348 35.58 33.03 -12.40
CA LEU C 348 34.33 32.34 -12.10
C LEU C 348 34.12 31.07 -12.92
N LYS C 349 35.04 30.73 -13.81
CA LYS C 349 34.94 29.51 -14.58
C LYS C 349 35.28 28.26 -13.77
N LYS C 350 35.76 28.45 -12.54
CA LYS C 350 36.22 27.33 -11.72
C LYS C 350 35.71 27.53 -10.31
N TYR C 351 35.28 26.44 -9.68
CA TYR C 351 34.71 26.46 -8.34
C TYR C 351 35.70 25.86 -7.35
N SER C 352 35.40 25.98 -6.07
CA SER C 352 36.34 25.61 -5.02
C SER C 352 35.87 24.44 -4.18
N PHE C 353 34.69 24.53 -3.57
CA PHE C 353 34.19 23.59 -2.57
C PHE C 353 35.11 23.46 -1.36
N GLU C 354 36.06 24.38 -1.20
CA GLU C 354 36.98 24.30 -0.08
C GLU C 354 36.25 24.45 1.25
N SER C 355 35.35 25.44 1.33
CA SER C 355 34.65 25.68 2.58
C SER C 355 33.74 24.50 2.93
N ILE C 356 33.08 23.93 1.93
CA ILE C 356 32.11 22.87 2.19
C ILE C 356 32.79 21.64 2.76
N ARG C 357 33.93 21.26 2.19
CA ARG C 357 34.61 20.03 2.59
C ARG C 357 35.34 20.15 3.92
N GLU C 358 35.09 21.23 4.68
CA GLU C 358 35.64 21.37 6.02
C GLU C 358 34.60 21.06 7.09
N GLU C 359 33.37 21.55 6.92
CA GLU C 359 32.26 21.23 7.80
C GLU C 359 31.52 19.97 7.38
N SER C 360 32.03 19.26 6.37
CA SER C 360 31.43 18.01 5.92
C SER C 360 32.37 16.83 5.96
N SER C 361 33.68 17.05 6.11
CA SER C 361 34.66 15.98 6.18
C SER C 361 34.65 15.11 4.92
N TYR C 362 34.44 15.74 3.77
CA TYR C 362 34.49 15.08 2.47
C TYR C 362 35.65 15.68 1.70
N SER C 363 36.85 15.19 1.97
CA SER C 363 37.99 15.79 1.27
C SER C 363 38.13 15.28 -0.14
N ASP C 364 37.07 14.72 -0.71
CA ASP C 364 37.12 14.14 -2.04
C ASP C 364 36.40 14.95 -3.10
N ILE C 365 35.47 15.83 -2.72
CA ILE C 365 34.64 16.55 -3.69
C ILE C 365 35.55 17.38 -4.57
N PRO C 366 35.50 17.21 -5.89
CA PRO C 366 36.47 17.83 -6.77
C PRO C 366 36.10 19.27 -7.12
N ASP C 367 37.10 19.98 -7.62
CA ASP C 367 36.85 21.28 -8.22
C ASP C 367 36.01 21.11 -9.48
N VAL C 368 35.22 22.12 -9.78
CA VAL C 368 34.24 22.04 -10.86
C VAL C 368 34.63 23.00 -11.98
N LYS C 369 34.48 22.54 -13.21
CA LYS C 369 34.91 23.28 -14.39
C LYS C 369 33.84 24.28 -14.81
N ASN C 370 34.01 24.81 -16.03
CA ASN C 370 33.20 25.91 -16.53
C ASN C 370 31.75 25.52 -16.74
N ASP C 371 30.88 26.54 -16.69
CA ASP C 371 29.44 26.43 -16.94
C ASP C 371 28.72 25.65 -15.84
N PHE C 372 29.49 25.06 -14.95
CA PHE C 372 28.96 24.46 -13.74
C PHE C 372 29.50 25.16 -12.51
N ALA C 373 30.71 25.69 -12.60
CA ALA C 373 31.24 26.54 -11.55
C ALA C 373 30.56 27.90 -11.54
N PHE C 374 30.36 28.48 -12.73
CA PHE C 374 29.66 29.75 -12.81
C PHE C 374 28.23 29.61 -12.32
N MET C 375 27.57 28.55 -12.75
CA MET C 375 26.19 28.34 -12.39
C MET C 375 26.04 27.92 -10.95
N LEU C 376 27.12 27.59 -10.25
CA LEU C 376 27.06 27.46 -8.81
C LEU C 376 27.41 28.75 -8.10
N HIS C 377 28.32 29.54 -8.68
CA HIS C 377 28.60 30.87 -8.15
C HIS C 377 27.36 31.72 -8.12
N LEU C 378 26.50 31.58 -9.13
CA LEU C 378 25.27 32.35 -9.13
C LEU C 378 24.38 31.99 -7.96
N ILE C 379 24.27 30.71 -7.65
CA ILE C 379 23.43 30.29 -6.53
C ILE C 379 24.04 30.77 -5.22
N ASP C 380 25.37 30.76 -5.12
CA ASP C 380 25.99 31.27 -3.90
C ASP C 380 25.63 32.72 -3.64
N GLN C 381 25.38 33.49 -4.69
CA GLN C 381 24.91 34.85 -4.51
C GLN C 381 23.50 34.91 -3.95
N TYR C 382 22.75 33.81 -4.05
CA TYR C 382 21.40 33.75 -3.50
C TYR C 382 21.40 33.14 -2.10
N ASP C 383 21.84 31.90 -1.98
CA ASP C 383 21.86 31.19 -0.71
C ASP C 383 22.90 30.08 -0.75
N PRO C 384 23.98 30.19 -0.01
CA PRO C 384 25.01 29.13 -0.04
C PRO C 384 24.51 27.78 0.41
N LEU C 385 23.39 27.75 1.14
CA LEU C 385 22.81 26.49 1.56
C LEU C 385 22.49 25.60 0.36
N TYR C 386 22.08 26.20 -0.75
CA TYR C 386 21.76 25.40 -1.94
C TYR C 386 22.99 24.66 -2.44
N SER C 387 24.10 25.37 -2.58
CA SER C 387 25.33 24.73 -3.03
C SER C 387 25.81 23.70 -2.03
N LYS C 388 25.70 24.00 -0.74
CA LYS C 388 26.13 23.03 0.26
C LYS C 388 25.30 21.76 0.20
N ARG C 389 23.97 21.91 0.11
CA ARG C 389 23.05 20.76 0.08
C ARG C 389 23.14 20.02 -1.24
N PHE C 390 23.73 20.64 -2.25
CA PHE C 390 23.92 19.99 -3.53
C PHE C 390 25.26 19.29 -3.63
N ALA C 391 26.29 19.79 -2.94
CA ALA C 391 27.62 19.22 -3.04
C ALA C 391 27.70 17.80 -2.49
N VAL C 392 26.70 17.36 -1.74
CA VAL C 392 26.72 16.00 -1.22
C VAL C 392 26.63 15.00 -2.37
N PHE C 393 25.89 15.34 -3.41
CA PHE C 393 25.72 14.44 -4.55
C PHE C 393 26.90 14.49 -5.52
N LEU C 394 28.03 15.05 -5.11
CA LEU C 394 29.20 15.13 -5.97
C LEU C 394 30.36 14.31 -5.43
N SER C 395 30.20 13.66 -4.29
CA SER C 395 31.28 12.91 -3.65
C SER C 395 31.02 11.42 -3.77
N GLU C 396 32.06 10.66 -4.11
CA GLU C 396 31.94 9.21 -4.16
C GLU C 396 31.62 8.65 -2.80
N VAL C 397 32.07 9.33 -1.74
CA VAL C 397 31.83 8.87 -0.38
C VAL C 397 30.33 8.82 -0.11
N SER C 398 29.60 9.83 -0.59
CA SER C 398 28.15 9.84 -0.41
C SER C 398 27.49 8.69 -1.16
N GLU C 399 27.93 8.40 -2.38
CA GLU C 399 27.35 7.28 -3.11
C GLU C 399 27.62 5.97 -2.37
N ASN C 400 28.85 5.80 -1.87
CA ASN C 400 29.17 4.57 -1.14
C ASN C 400 28.33 4.45 0.12
N LYS C 401 28.18 5.56 0.85
CA LYS C 401 27.37 5.52 2.07
C LYS C 401 25.91 5.22 1.74
N LEU C 402 25.39 5.79 0.66
CA LEU C 402 24.01 5.50 0.30
C LEU C 402 23.82 4.05 -0.11
N ARG C 403 24.77 3.50 -0.86
CA ARG C 403 24.66 2.10 -1.24
C ARG C 403 24.80 1.19 -0.03
N GLN C 404 25.62 1.57 0.94
CA GLN C 404 25.71 0.82 2.18
C GLN C 404 24.39 0.85 2.93
N LEU C 405 23.79 2.03 3.04
CA LEU C 405 22.53 2.16 3.75
C LEU C 405 21.37 1.52 2.99
N ASN C 406 21.56 1.23 1.71
CA ASN C 406 20.54 0.53 0.97
C ASN C 406 20.77 -0.94 1.22
N LEU C 407 21.99 -1.40 0.97
CA LEU C 407 22.26 -2.83 1.12
C LEU C 407 22.32 -3.31 2.57
N ASN C 408 22.15 -2.42 3.54
CA ASN C 408 22.08 -2.84 4.94
C ASN C 408 20.61 -3.08 5.22
N ASN C 409 19.74 -2.46 4.43
CA ASN C 409 18.30 -2.56 4.68
C ASN C 409 17.70 -3.79 4.00
N GLU C 410 18.19 -4.13 2.80
CA GLU C 410 17.71 -5.35 2.11
C GLU C 410 18.43 -6.60 2.63
N TRP C 411 19.63 -6.45 3.20
CA TRP C 411 20.38 -7.57 3.79
C TRP C 411 20.52 -7.25 5.27
N THR C 412 19.38 -7.11 5.94
CA THR C 412 19.39 -6.83 7.38
C THR C 412 20.17 -7.85 8.16
N LEU C 413 20.81 -7.40 9.22
CA LEU C 413 21.32 -8.26 10.27
C LEU C 413 20.36 -9.38 10.58
N ASP C 414 19.11 -9.04 10.86
CA ASP C 414 18.09 -10.03 11.16
C ASP C 414 18.00 -11.14 10.13
N LYS C 415 17.76 -10.77 8.88
CA LYS C 415 17.63 -11.76 7.82
C LYS C 415 18.92 -12.50 7.54
N LEU C 416 20.05 -11.87 7.83
CA LEU C 416 21.35 -12.49 7.60
C LEU C 416 21.53 -13.62 8.59
N ARG C 417 21.01 -13.46 9.79
CA ARG C 417 21.10 -14.51 10.80
C ARG C 417 20.42 -15.78 10.30
N GLN C 418 19.20 -15.64 9.77
CA GLN C 418 18.48 -16.79 9.28
C GLN C 418 19.13 -17.35 8.03
N ARG C 419 19.71 -16.47 7.22
CA ARG C 419 20.37 -16.88 5.99
C ARG C 419 21.65 -17.66 6.23
N LEU C 420 22.23 -17.56 7.43
CA LEU C 420 23.49 -18.23 7.72
C LEU C 420 23.39 -19.74 7.56
N THR C 421 24.54 -20.38 7.38
CA THR C 421 24.62 -21.83 7.23
C THR C 421 25.85 -22.37 7.93
N LYS C 422 25.65 -23.48 8.65
CA LYS C 422 26.76 -24.27 9.17
C LYS C 422 27.15 -25.31 8.12
N ASN C 423 28.40 -25.25 7.67
CA ASN C 423 28.79 -25.96 6.47
C ASN C 423 29.31 -27.37 6.78
N ALA C 424 29.84 -28.00 5.73
CA ALA C 424 30.27 -29.40 5.84
C ALA C 424 31.42 -29.57 6.81
N GLN C 425 32.27 -28.56 6.95
CA GLN C 425 33.40 -28.62 7.88
C GLN C 425 33.01 -28.13 9.28
N ASP C 426 31.72 -28.12 9.60
CA ASP C 426 31.24 -27.77 10.93
C ASP C 426 31.63 -26.34 11.31
N LYS C 427 31.77 -25.48 10.31
CA LYS C 427 32.05 -24.07 10.50
C LYS C 427 30.86 -23.25 10.06
N LEU C 428 30.47 -22.26 10.87
CA LEU C 428 29.40 -21.37 10.48
C LEU C 428 29.91 -20.42 9.41
N GLU C 429 29.24 -20.41 8.26
CA GLU C 429 29.67 -19.62 7.12
C GLU C 429 28.55 -18.70 6.66
N LEU C 430 28.94 -17.61 6.04
CA LEU C 430 28.05 -16.76 5.25
C LEU C 430 28.62 -16.67 3.84
N HIS C 431 27.74 -16.78 2.84
CA HIS C 431 28.13 -16.64 1.45
C HIS C 431 27.45 -15.44 0.84
N LEU C 432 28.26 -14.53 0.30
CA LEU C 432 27.78 -13.33 -0.35
C LEU C 432 28.37 -13.24 -1.75
N PHE C 433 27.61 -12.67 -2.66
CA PHE C 433 27.98 -12.63 -4.06
C PHE C 433 27.42 -11.37 -4.70
N MET C 434 28.22 -10.78 -5.58
CA MET C 434 27.73 -9.82 -6.57
C MET C 434 27.01 -8.64 -5.95
N LEU C 435 27.52 -8.17 -4.81
CA LEU C 435 27.02 -6.95 -4.19
C LEU C 435 27.93 -5.79 -4.56
N SER C 436 27.45 -4.58 -4.25
CA SER C 436 28.21 -3.37 -4.49
C SER C 436 29.29 -3.14 -3.46
N GLY C 437 29.15 -3.75 -2.28
CA GLY C 437 30.14 -3.64 -1.23
C GLY C 437 29.83 -4.63 -0.13
N ILE C 438 30.33 -4.37 1.07
CA ILE C 438 30.06 -5.21 2.24
C ILE C 438 29.00 -4.49 3.07
N PRO C 439 27.85 -5.08 3.34
CA PRO C 439 26.93 -4.47 4.31
C PRO C 439 27.58 -4.40 5.68
N ASP C 440 27.38 -3.27 6.36
CA ASP C 440 27.87 -3.12 7.72
C ASP C 440 27.18 -4.06 8.71
N THR C 441 25.97 -4.53 8.38
CA THR C 441 25.28 -5.50 9.23
C THR C 441 26.01 -6.82 9.33
N VAL C 442 26.94 -7.08 8.41
CA VAL C 442 27.71 -8.33 8.43
C VAL C 442 28.47 -8.46 9.74
N PHE C 443 29.05 -7.37 10.21
CA PHE C 443 30.01 -7.42 11.31
C PHE C 443 29.36 -7.45 12.68
N ASP C 444 28.03 -7.52 12.75
CA ASP C 444 27.34 -7.88 13.98
C ASP C 444 27.12 -9.37 14.11
N LEU C 445 27.44 -10.16 13.07
CA LEU C 445 27.24 -11.61 13.08
C LEU C 445 28.47 -12.24 13.72
N VAL C 446 28.53 -12.10 15.04
CA VAL C 446 29.70 -12.46 15.83
C VAL C 446 29.99 -13.96 15.84
N GLU C 447 29.05 -14.79 15.40
CA GLU C 447 29.21 -16.24 15.40
C GLU C 447 30.03 -16.76 14.24
N LEU C 448 30.50 -15.88 13.35
CA LEU C 448 31.01 -16.31 12.06
C LEU C 448 32.35 -17.01 12.17
N GLU C 449 32.61 -17.90 11.21
CA GLU C 449 33.90 -18.56 11.09
C GLU C 449 34.44 -18.57 9.66
N VAL C 450 33.55 -18.51 8.67
CA VAL C 450 33.94 -18.55 7.26
C VAL C 450 33.19 -17.46 6.52
N LEU C 451 33.92 -16.55 5.88
CA LEU C 451 33.31 -15.52 5.04
C LEU C 451 33.69 -15.76 3.60
N LYS C 452 32.68 -15.75 2.72
CA LYS C 452 32.88 -15.89 1.29
C LYS C 452 32.41 -14.61 0.61
N LEU C 453 33.26 -14.05 -0.23
CA LEU C 453 32.93 -12.87 -1.03
C LEU C 453 33.19 -13.18 -2.49
N GLU C 454 32.17 -12.97 -3.32
CA GLU C 454 32.19 -13.36 -4.72
C GLU C 454 31.82 -12.18 -5.58
N LEU C 455 32.75 -11.75 -6.44
CA LEU C 455 32.47 -10.76 -7.47
C LEU C 455 31.94 -9.46 -6.88
N ILE C 456 32.65 -8.90 -5.91
CA ILE C 456 32.31 -7.62 -5.31
C ILE C 456 33.45 -6.67 -5.63
N PRO C 457 33.20 -5.53 -6.28
CA PRO C 457 34.31 -4.63 -6.64
C PRO C 457 34.70 -3.68 -5.51
N ASP C 458 35.98 -3.28 -5.56
CA ASP C 458 36.48 -2.09 -4.86
C ASP C 458 36.23 -2.16 -3.36
N VAL C 459 36.55 -3.30 -2.77
CA VAL C 459 36.29 -3.53 -1.36
C VAL C 459 37.45 -3.02 -0.52
N THR C 460 37.12 -2.35 0.58
CA THR C 460 38.06 -2.02 1.64
C THR C 460 37.52 -2.61 2.94
N ILE C 461 38.37 -3.35 3.63
CA ILE C 461 37.97 -4.04 4.85
C ILE C 461 37.92 -3.02 5.99
N PRO C 462 36.80 -2.87 6.70
CA PRO C 462 36.76 -1.87 7.77
C PRO C 462 37.29 -2.43 9.07
N PRO C 463 37.56 -1.57 10.06
CA PRO C 463 38.10 -2.07 11.33
C PRO C 463 37.13 -2.90 12.14
N SER C 464 35.83 -2.79 11.89
CA SER C 464 34.85 -3.55 12.66
C SER C 464 34.98 -5.06 12.47
N ILE C 465 35.78 -5.50 11.50
CA ILE C 465 36.11 -6.92 11.36
C ILE C 465 36.78 -7.46 12.62
N ALA C 466 37.39 -6.58 13.43
CA ALA C 466 37.96 -7.03 14.69
C ALA C 466 36.89 -7.53 15.66
N GLN C 467 35.62 -7.19 15.42
CA GLN C 467 34.55 -7.74 16.24
C GLN C 467 34.37 -9.24 16.04
N LEU C 468 34.74 -9.76 14.87
CA LEU C 468 34.53 -11.17 14.53
C LEU C 468 35.72 -11.97 15.03
N THR C 469 35.68 -12.24 16.35
CA THR C 469 36.81 -12.85 17.03
C THR C 469 37.01 -14.30 16.67
N GLY C 470 35.98 -14.98 16.18
CA GLY C 470 36.05 -16.38 15.83
C GLY C 470 36.26 -16.68 14.36
N LEU C 471 36.60 -15.67 13.57
CA LEU C 471 36.78 -15.89 12.14
C LEU C 471 38.03 -16.72 11.89
N LYS C 472 37.89 -17.76 11.07
CA LYS C 472 38.97 -18.69 10.75
C LYS C 472 39.25 -18.82 9.28
N GLU C 473 38.30 -18.45 8.41
CA GLU C 473 38.52 -18.53 6.97
C GLU C 473 37.94 -17.29 6.31
N LEU C 474 38.62 -16.85 5.25
CA LEU C 474 38.12 -15.83 4.36
C LEU C 474 38.31 -16.33 2.95
N TRP C 475 37.26 -16.28 2.14
CA TRP C 475 37.33 -16.64 0.74
C TRP C 475 37.04 -15.40 -0.10
N LEU C 476 38.01 -15.01 -0.93
CA LEU C 476 37.88 -13.86 -1.81
C LEU C 476 37.92 -14.38 -3.24
N TYR C 477 36.75 -14.49 -3.84
CA TYR C 477 36.61 -14.98 -5.20
C TYR C 477 36.32 -13.79 -6.11
N HIS C 478 37.33 -13.37 -6.85
CA HIS C 478 37.24 -12.25 -7.76
C HIS C 478 36.76 -11.00 -7.02
N THR C 479 37.42 -10.73 -5.90
CA THR C 479 37.07 -9.62 -5.02
C THR C 479 38.36 -9.01 -4.51
N ALA C 480 38.85 -7.97 -5.19
CA ALA C 480 40.01 -7.25 -4.70
C ALA C 480 39.68 -6.57 -3.39
N ALA C 481 40.67 -6.52 -2.49
CA ALA C 481 40.46 -6.00 -1.15
C ALA C 481 41.65 -5.17 -0.73
N LYS C 482 41.35 -4.07 -0.04
CA LYS C 482 42.36 -3.24 0.61
C LYS C 482 42.06 -3.17 2.09
N ILE C 483 43.03 -2.73 2.88
CA ILE C 483 42.90 -2.82 4.34
C ILE C 483 43.94 -1.90 4.98
N GLU C 484 43.63 -1.45 6.20
CA GLU C 484 44.53 -0.66 7.03
C GLU C 484 45.02 -1.49 8.22
N ALA C 485 45.92 -0.88 8.99
CA ALA C 485 46.74 -1.65 9.92
C ALA C 485 45.98 -2.32 11.06
N PRO C 486 44.97 -1.72 11.69
CA PRO C 486 44.31 -2.43 12.81
C PRO C 486 43.58 -3.69 12.39
N ALA C 487 42.69 -3.57 11.40
CA ALA C 487 42.04 -4.75 10.83
C ALA C 487 43.08 -5.74 10.31
N LEU C 488 44.14 -5.21 9.68
CA LEU C 488 45.17 -6.08 9.13
C LEU C 488 45.85 -6.89 10.22
N ALA C 489 46.17 -6.26 11.35
CA ALA C 489 46.79 -6.98 12.45
C ALA C 489 45.84 -8.01 13.04
N PHE C 490 44.57 -7.65 13.16
CA PHE C 490 43.57 -8.61 13.63
C PHE C 490 43.57 -9.85 12.76
N LEU C 491 43.61 -9.65 11.44
CA LEU C 491 43.62 -10.79 10.53
C LEU C 491 44.96 -11.52 10.57
N ARG C 492 46.05 -10.80 10.82
CA ARG C 492 47.35 -11.45 11.00
C ARG C 492 47.33 -12.41 12.16
N GLU C 493 46.58 -12.08 13.21
CA GLU C 493 46.59 -12.86 14.43
C GLU C 493 45.48 -13.89 14.51
N ASN C 494 44.48 -13.83 13.65
CA ASN C 494 43.23 -14.59 13.82
C ASN C 494 42.77 -15.19 12.50
N LEU C 495 43.65 -15.94 11.83
CA LEU C 495 43.27 -16.58 10.58
C LEU C 495 44.06 -17.86 10.38
N ARG C 496 43.38 -18.89 9.90
CA ARG C 496 43.98 -20.20 9.65
C ARG C 496 44.12 -20.53 8.17
N ALA C 497 43.14 -20.17 7.35
CA ALA C 497 43.14 -20.53 5.94
C ALA C 497 42.67 -19.35 5.10
N LEU C 498 43.21 -19.25 3.88
CA LEU C 498 42.82 -18.24 2.91
C LEU C 498 42.64 -18.89 1.54
N HIS C 499 41.49 -18.67 0.93
CA HIS C 499 41.18 -19.11 -0.43
C HIS C 499 41.01 -17.91 -1.34
N ILE C 500 41.63 -17.95 -2.52
CA ILE C 500 41.55 -16.87 -3.49
C ILE C 500 41.30 -17.50 -4.86
N LYS C 501 40.26 -17.00 -5.54
CA LYS C 501 40.00 -17.33 -6.93
C LYS C 501 40.11 -16.05 -7.74
N PHE C 502 40.98 -16.06 -8.74
CA PHE C 502 41.43 -14.83 -9.36
C PHE C 502 41.45 -14.96 -10.87
N THR C 503 41.30 -13.81 -11.54
CA THR C 503 41.55 -13.70 -12.97
C THR C 503 43.01 -13.38 -13.26
N ASP C 504 43.60 -12.47 -12.47
CA ASP C 504 44.98 -12.05 -12.67
C ASP C 504 45.48 -11.49 -11.34
N ILE C 505 46.65 -10.82 -11.38
CA ILE C 505 47.32 -10.41 -10.15
C ILE C 505 46.53 -9.36 -9.40
N LYS C 506 45.77 -8.52 -10.10
CA LYS C 506 45.07 -7.42 -9.43
C LYS C 506 44.05 -7.91 -8.40
N GLU C 507 43.62 -9.16 -8.49
CA GLU C 507 42.74 -9.76 -7.50
C GLU C 507 43.50 -10.55 -6.44
N ILE C 508 44.80 -10.38 -6.36
CA ILE C 508 45.65 -10.98 -5.31
C ILE C 508 45.98 -9.85 -4.33
N PRO C 509 45.51 -9.89 -3.08
CA PRO C 509 45.96 -8.87 -2.12
C PRO C 509 47.43 -9.05 -1.81
N LEU C 510 48.17 -7.95 -1.90
CA LEU C 510 49.61 -8.00 -1.68
C LEU C 510 49.98 -8.23 -0.22
N TRP C 511 49.05 -8.01 0.71
CA TRP C 511 49.37 -8.08 2.13
C TRP C 511 49.48 -9.51 2.65
N ILE C 512 49.13 -10.50 1.83
CA ILE C 512 49.03 -11.87 2.32
C ILE C 512 50.38 -12.39 2.79
N TYR C 513 51.46 -11.96 2.14
CA TYR C 513 52.77 -12.44 2.53
C TYR C 513 53.27 -11.83 3.83
N SER C 514 52.65 -10.74 4.30
CA SER C 514 52.95 -10.20 5.62
C SER C 514 52.17 -10.91 6.73
N LEU C 515 51.48 -12.00 6.43
CA LEU C 515 50.71 -12.72 7.43
C LEU C 515 51.60 -13.74 8.13
N LYS C 516 51.17 -14.14 9.32
CA LYS C 516 52.04 -14.90 10.20
C LYS C 516 51.35 -16.14 10.76
N THR C 517 50.05 -16.09 11.02
CA THR C 517 49.32 -17.22 11.60
C THR C 517 48.60 -18.08 10.55
N LEU C 518 48.89 -17.89 9.27
CA LEU C 518 48.20 -18.66 8.25
C LEU C 518 48.65 -20.12 8.25
N GLU C 519 47.69 -21.03 8.07
CA GLU C 519 47.97 -22.46 7.96
C GLU C 519 47.64 -23.05 6.60
N GLU C 520 46.78 -22.41 5.80
CA GLU C 520 46.42 -22.88 4.48
C GLU C 520 46.40 -21.69 3.53
N LEU C 521 46.94 -21.87 2.33
CA LEU C 521 46.77 -20.92 1.25
C LEU C 521 46.28 -21.68 0.03
N HIS C 522 45.25 -21.13 -0.62
CA HIS C 522 44.59 -21.77 -1.75
C HIS C 522 44.42 -20.74 -2.86
N LEU C 523 45.12 -20.95 -3.98
CA LEU C 523 45.05 -20.06 -5.13
C LEU C 523 44.43 -20.83 -6.29
N THR C 524 43.41 -20.24 -6.90
CA THR C 524 42.72 -20.82 -8.05
C THR C 524 42.90 -19.89 -9.24
N GLY C 525 43.67 -20.34 -10.21
CA GLY C 525 43.95 -19.55 -11.40
C GLY C 525 45.36 -19.83 -11.88
N ASN C 526 45.61 -19.42 -13.12
CA ASN C 526 46.94 -19.60 -13.69
C ASN C 526 47.91 -18.64 -13.02
N LEU C 527 48.97 -19.20 -12.44
CA LEU C 527 49.95 -18.42 -11.69
C LEU C 527 51.06 -17.88 -12.57
N SER C 528 51.05 -18.20 -13.87
CA SER C 528 52.18 -17.92 -14.75
C SER C 528 51.72 -17.08 -15.93
N ALA C 529 52.69 -16.37 -16.50
CA ALA C 529 52.50 -15.62 -17.73
C ALA C 529 53.66 -15.93 -18.65
N GLU C 530 53.56 -15.45 -19.88
CA GLU C 530 54.59 -15.72 -20.88
C GLU C 530 55.92 -15.14 -20.44
N ASN C 531 56.94 -15.99 -20.36
CA ASN C 531 58.32 -15.61 -20.06
C ASN C 531 58.49 -14.99 -18.67
N ASN C 532 57.53 -15.22 -17.76
CA ASN C 532 57.57 -14.61 -16.43
C ASN C 532 57.12 -15.63 -15.38
N ARG C 533 57.67 -16.84 -15.44
CA ARG C 533 57.22 -17.92 -14.56
C ARG C 533 57.41 -17.57 -13.09
N TYR C 534 56.31 -17.63 -12.34
CA TYR C 534 56.32 -17.66 -10.87
C TYR C 534 56.89 -16.38 -10.28
N ILE C 535 56.86 -15.28 -11.03
CA ILE C 535 57.17 -13.99 -10.45
C ILE C 535 56.11 -13.61 -9.42
N VAL C 536 54.85 -14.01 -9.66
CA VAL C 536 53.75 -13.69 -8.76
C VAL C 536 53.96 -14.24 -7.36
N ILE C 537 54.70 -15.33 -7.22
CA ILE C 537 54.80 -16.07 -5.97
C ILE C 537 56.18 -16.00 -5.35
N ASP C 538 57.04 -15.08 -5.84
CA ASP C 538 58.39 -14.93 -5.30
C ASP C 538 58.39 -14.72 -3.78
N GLY C 539 57.32 -14.12 -3.24
CA GLY C 539 57.21 -13.83 -1.83
C GLY C 539 56.81 -14.99 -0.94
N LEU C 540 56.60 -16.19 -1.50
CA LEU C 540 56.17 -17.33 -0.67
C LEU C 540 57.17 -17.65 0.44
N ARG C 541 58.42 -17.19 0.30
CA ARG C 541 59.43 -17.41 1.33
C ARG C 541 59.03 -16.80 2.67
N GLU C 542 58.18 -15.76 2.66
CA GLU C 542 57.85 -15.08 3.91
C GLU C 542 56.81 -15.83 4.74
N LEU C 543 56.07 -16.78 4.17
CA LEU C 543 55.03 -17.50 4.87
C LEU C 543 55.63 -18.77 5.47
N LYS C 544 56.18 -18.62 6.66
CA LYS C 544 57.02 -19.64 7.28
C LYS C 544 56.27 -20.66 8.12
N ARG C 545 54.96 -20.52 8.30
CA ARG C 545 54.16 -21.45 9.09
C ARG C 545 53.12 -22.21 8.26
N LEU C 546 53.17 -22.12 6.93
CA LEU C 546 52.17 -22.75 6.07
C LEU C 546 52.28 -24.27 6.12
N LYS C 547 51.16 -24.94 6.40
CA LYS C 547 51.12 -26.39 6.49
C LYS C 547 50.49 -27.06 5.29
N VAL C 548 49.68 -26.34 4.51
CA VAL C 548 48.99 -26.89 3.36
C VAL C 548 49.02 -25.85 2.24
N LEU C 549 49.51 -26.26 1.08
CA LEU C 549 49.39 -25.47 -0.14
C LEU C 549 48.76 -26.34 -1.21
N ARG C 550 47.69 -25.84 -1.82
CA ARG C 550 47.07 -26.47 -2.97
C ARG C 550 47.08 -25.48 -4.13
N LEU C 551 47.49 -25.97 -5.31
CA LEU C 551 47.55 -25.14 -6.51
C LEU C 551 46.88 -25.87 -7.66
N LYS C 552 45.99 -25.17 -8.35
CA LYS C 552 45.26 -25.68 -9.50
C LYS C 552 45.48 -24.63 -10.59
N SER C 553 46.65 -24.70 -11.26
CA SER C 553 47.14 -23.56 -12.03
C SER C 553 47.78 -23.93 -13.36
N ASN C 554 47.62 -25.16 -13.85
CA ASN C 554 48.17 -25.58 -15.14
C ASN C 554 49.68 -25.36 -15.19
N LEU C 555 50.38 -25.99 -14.26
CA LEU C 555 51.78 -25.69 -14.02
C LEU C 555 52.69 -26.63 -14.79
N SER C 556 53.66 -26.05 -15.52
CA SER C 556 54.62 -26.85 -16.26
C SER C 556 55.61 -27.56 -15.34
N LYS C 557 55.92 -26.96 -14.20
CA LYS C 557 56.88 -27.51 -13.26
C LYS C 557 56.42 -27.21 -11.85
N LEU C 558 57.05 -27.86 -10.89
CA LEU C 558 56.88 -27.51 -9.50
C LEU C 558 57.78 -26.32 -9.17
N PRO C 559 57.28 -25.24 -8.57
CA PRO C 559 58.16 -24.08 -8.34
C PRO C 559 59.30 -24.43 -7.41
N GLN C 560 60.46 -23.86 -7.70
CA GLN C 560 61.59 -23.97 -6.79
C GLN C 560 61.24 -23.38 -5.43
N VAL C 561 60.50 -22.28 -5.41
CA VAL C 561 60.20 -21.58 -4.17
C VAL C 561 59.33 -22.43 -3.25
N VAL C 562 58.45 -23.26 -3.81
CA VAL C 562 57.64 -24.16 -2.99
C VAL C 562 58.55 -25.13 -2.25
N THR C 563 59.46 -25.78 -2.98
CA THR C 563 60.37 -26.73 -2.34
C THR C 563 61.32 -26.04 -1.38
N ASP C 564 61.62 -24.75 -1.63
CA ASP C 564 62.40 -23.98 -0.67
C ASP C 564 61.61 -23.74 0.61
N VAL C 565 60.30 -23.57 0.50
CA VAL C 565 59.40 -23.36 1.63
C VAL C 565 58.99 -24.72 2.23
N GLY C 566 59.46 -25.81 1.62
CA GLY C 566 59.12 -27.15 2.05
C GLY C 566 59.67 -27.57 3.39
N VAL C 567 60.37 -26.69 4.11
CA VAL C 567 60.90 -27.04 5.43
C VAL C 567 59.77 -27.40 6.39
N HIS C 568 58.65 -26.68 6.31
CA HIS C 568 57.57 -26.78 7.29
C HIS C 568 56.24 -27.21 6.68
N LEU C 569 56.12 -27.18 5.34
CA LEU C 569 54.93 -27.70 4.69
C LEU C 569 54.72 -29.18 5.01
N GLN C 570 53.47 -29.55 5.26
CA GLN C 570 53.10 -30.93 5.56
C GLN C 570 52.37 -31.65 4.45
N LYS C 571 51.52 -30.94 3.71
CA LYS C 571 50.76 -31.52 2.60
C LYS C 571 50.84 -30.57 1.41
N LEU C 572 51.25 -31.08 0.26
CA LEU C 572 51.26 -30.35 -1.00
C LEU C 572 50.36 -31.06 -1.98
N SER C 573 49.50 -30.29 -2.65
CA SER C 573 48.56 -30.84 -3.63
C SER C 573 48.64 -29.99 -4.89
N ILE C 574 48.96 -30.62 -6.01
CA ILE C 574 48.99 -29.96 -7.30
C ILE C 574 47.95 -30.65 -8.20
N ASN C 575 46.99 -29.87 -8.67
CA ASN C 575 46.03 -30.33 -9.67
C ASN C 575 46.36 -29.61 -10.97
N ASN C 576 47.07 -30.31 -11.86
CA ASN C 576 47.64 -29.70 -13.05
C ASN C 576 46.75 -29.86 -14.28
N GLU C 577 45.61 -30.54 -14.14
CA GLU C 577 44.62 -30.66 -15.21
C GLU C 577 45.21 -31.30 -16.47
N GLY C 578 46.00 -32.35 -16.27
CA GLY C 578 46.57 -33.10 -17.36
C GLY C 578 47.82 -32.50 -17.96
N THR C 579 48.18 -31.27 -17.59
CA THR C 579 49.43 -30.69 -18.04
C THR C 579 50.59 -31.41 -17.36
N LYS C 580 51.64 -31.72 -18.13
CA LYS C 580 52.74 -32.50 -17.60
C LYS C 580 53.52 -31.70 -16.56
N LEU C 581 53.66 -32.28 -15.38
CA LEU C 581 54.44 -31.68 -14.30
C LEU C 581 55.84 -32.28 -14.30
N ILE C 582 56.85 -31.41 -14.23
CA ILE C 582 58.25 -31.82 -14.08
C ILE C 582 58.61 -31.70 -12.61
N VAL C 583 59.15 -32.76 -12.01
CA VAL C 583 59.50 -32.73 -10.58
C VAL C 583 60.94 -32.29 -10.31
N LEU C 584 61.86 -32.67 -11.18
CA LEU C 584 63.28 -32.25 -11.06
C LEU C 584 64.01 -32.51 -9.73
N ASN C 585 63.76 -33.65 -9.09
CA ASN C 585 64.46 -34.03 -7.83
C ASN C 585 64.35 -33.10 -6.62
N SER C 586 63.84 -31.89 -6.80
CA SER C 586 63.62 -30.98 -5.67
C SER C 586 62.78 -31.64 -4.60
N LEU C 587 61.87 -32.53 -5.01
CA LEU C 587 60.94 -33.20 -4.10
C LEU C 587 61.64 -33.95 -2.99
N LYS C 588 62.93 -34.25 -3.14
CA LYS C 588 63.67 -34.97 -2.10
C LYS C 588 63.76 -34.18 -0.81
N LYS C 589 63.54 -32.86 -0.84
CA LYS C 589 63.68 -32.10 0.40
C LYS C 589 62.49 -32.22 1.35
N MET C 590 61.37 -32.80 0.89
CA MET C 590 60.12 -32.72 1.64
C MET C 590 59.98 -33.91 2.59
N ALA C 591 60.97 -34.04 3.47
CA ALA C 591 60.99 -35.15 4.42
C ALA C 591 59.84 -35.06 5.41
N ASN C 592 59.27 -33.87 5.61
CA ASN C 592 58.16 -33.68 6.53
C ASN C 592 56.82 -34.05 5.92
N LEU C 593 56.78 -34.30 4.62
CA LEU C 593 55.55 -34.64 3.91
C LEU C 593 54.99 -35.97 4.40
N THR C 594 53.71 -35.96 4.81
CA THR C 594 52.99 -37.16 5.20
C THR C 594 51.93 -37.59 4.20
N GLU C 595 51.38 -36.66 3.43
CA GLU C 595 50.37 -36.95 2.42
C GLU C 595 50.71 -36.18 1.17
N LEU C 596 50.76 -36.86 0.02
CA LEU C 596 51.07 -36.23 -1.26
C LEU C 596 49.98 -36.56 -2.27
N GLU C 597 49.52 -35.54 -2.96
CA GLU C 597 48.58 -35.67 -4.06
C GLU C 597 49.13 -34.93 -5.25
N LEU C 598 49.55 -35.67 -6.29
CA LEU C 598 50.00 -35.08 -7.55
C LEU C 598 48.95 -35.48 -8.57
N ILE C 599 48.01 -34.56 -8.76
CA ILE C 599 46.73 -34.85 -9.37
C ILE C 599 46.71 -34.30 -10.78
N ARG C 600 46.32 -35.15 -11.74
CA ARG C 600 46.12 -34.74 -13.12
C ARG C 600 47.38 -34.07 -13.67
N CYS C 601 48.53 -34.68 -13.37
CA CYS C 601 49.83 -34.12 -13.72
C CYS C 601 50.51 -34.87 -14.86
N ASP C 602 49.82 -35.85 -15.48
CA ASP C 602 50.33 -36.60 -16.63
C ASP C 602 51.75 -37.10 -16.38
N LEU C 603 51.94 -37.68 -15.20
CA LEU C 603 53.29 -37.97 -14.73
C LEU C 603 53.92 -39.08 -15.57
N GLU C 604 53.17 -40.16 -15.83
CA GLU C 604 53.56 -41.27 -16.70
C GLU C 604 54.60 -42.19 -16.06
N ARG C 605 55.14 -41.83 -14.90
CA ARG C 605 56.07 -42.66 -14.16
C ARG C 605 55.97 -42.29 -12.69
N ILE C 606 56.00 -43.30 -11.83
CA ILE C 606 56.07 -43.06 -10.40
C ILE C 606 57.47 -42.50 -10.15
N PRO C 607 57.61 -41.26 -9.66
CA PRO C 607 58.97 -40.72 -9.48
C PRO C 607 59.68 -41.45 -8.35
N HIS C 608 60.94 -41.82 -8.61
CA HIS C 608 61.73 -42.57 -7.63
C HIS C 608 62.03 -41.76 -6.39
N SER C 609 61.97 -40.43 -6.50
CA SER C 609 62.18 -39.54 -5.34
C SER C 609 61.24 -39.85 -4.18
N ILE C 610 60.10 -40.48 -4.46
CA ILE C 610 59.16 -40.86 -3.41
C ILE C 610 59.82 -41.79 -2.40
N PHE C 611 60.77 -42.63 -2.85
CA PHE C 611 61.31 -43.68 -2.01
C PHE C 611 62.14 -43.13 -0.85
N SER C 612 62.60 -41.89 -0.94
CA SER C 612 63.32 -41.24 0.15
C SER C 612 62.41 -40.58 1.17
N LEU C 613 61.10 -40.50 0.89
CA LEU C 613 60.17 -39.75 1.73
C LEU C 613 59.53 -40.72 2.72
N HIS C 614 60.28 -41.02 3.78
CA HIS C 614 59.97 -42.13 4.68
C HIS C 614 58.82 -41.85 5.65
N ASN C 615 58.20 -40.67 5.60
CA ASN C 615 57.08 -40.33 6.46
C ASN C 615 55.73 -40.39 5.76
N LEU C 616 55.70 -40.77 4.49
CA LEU C 616 54.46 -40.71 3.71
C LEU C 616 53.44 -41.71 4.23
N GLN C 617 52.20 -41.24 4.39
CA GLN C 617 51.07 -42.05 4.83
C GLN C 617 50.07 -42.31 3.72
N GLU C 618 49.93 -41.38 2.76
CA GLU C 618 48.91 -41.45 1.74
C GLU C 618 49.49 -40.96 0.42
N ILE C 619 49.09 -41.61 -0.67
CA ILE C 619 49.47 -41.21 -2.02
C ILE C 619 48.20 -41.23 -2.86
N ASP C 620 48.04 -40.23 -3.72
CA ASP C 620 46.94 -40.18 -4.68
C ASP C 620 47.50 -39.84 -6.05
N LEU C 621 47.19 -40.67 -7.04
CA LEU C 621 47.71 -40.53 -8.39
C LEU C 621 46.57 -40.55 -9.42
N LYS C 622 45.55 -39.72 -9.17
CA LYS C 622 44.49 -39.49 -10.14
C LYS C 622 45.04 -39.18 -11.52
N ASP C 623 44.56 -39.92 -12.52
CA ASP C 623 44.75 -39.59 -13.93
C ASP C 623 46.23 -39.44 -14.28
N ASN C 624 46.90 -40.59 -14.36
CA ASN C 624 48.26 -40.66 -14.90
C ASN C 624 48.41 -41.78 -15.91
N ASN C 625 47.31 -42.35 -16.39
CA ASN C 625 47.33 -43.33 -17.48
C ASN C 625 48.21 -44.53 -17.14
N LEU C 626 48.20 -44.89 -15.86
CA LEU C 626 49.10 -45.93 -15.38
C LEU C 626 48.58 -47.29 -15.81
N LYS C 627 49.47 -48.08 -16.40
CA LYS C 627 49.16 -49.44 -16.84
C LYS C 627 49.87 -50.49 -15.99
N THR C 628 51.10 -50.22 -15.57
CA THR C 628 51.84 -51.07 -14.66
C THR C 628 52.37 -50.21 -13.51
N ILE C 629 52.37 -50.81 -12.32
CA ILE C 629 52.70 -50.13 -11.09
C ILE C 629 53.79 -50.89 -10.34
N GLU C 630 54.69 -51.54 -11.08
CA GLU C 630 55.69 -52.42 -10.46
C GLU C 630 56.51 -51.72 -9.38
N GLU C 631 56.68 -50.39 -9.51
CA GLU C 631 57.53 -49.61 -8.61
C GLU C 631 57.14 -49.77 -7.14
N ILE C 632 55.91 -50.23 -6.86
CA ILE C 632 55.44 -50.43 -5.50
C ILE C 632 56.33 -51.38 -4.70
N ILE C 633 57.16 -52.18 -5.37
CA ILE C 633 58.09 -53.05 -4.67
C ILE C 633 58.95 -52.25 -3.70
N SER C 634 59.32 -51.02 -4.07
CA SER C 634 60.14 -50.21 -3.20
C SER C 634 59.34 -49.42 -2.17
N PHE C 635 58.00 -49.39 -2.26
CA PHE C 635 57.21 -48.74 -1.22
C PHE C 635 57.25 -49.49 0.11
N GLN C 636 57.77 -50.71 0.14
CA GLN C 636 57.81 -51.51 1.37
C GLN C 636 58.57 -50.85 2.51
N HIS C 637 59.42 -49.86 2.22
CA HIS C 637 60.15 -49.13 3.25
C HIS C 637 59.39 -47.93 3.78
N LEU C 638 58.20 -47.64 3.26
CA LEU C 638 57.36 -46.54 3.73
C LEU C 638 56.39 -47.15 4.74
N HIS C 639 56.79 -47.12 6.01
CA HIS C 639 56.15 -47.97 7.01
C HIS C 639 54.77 -47.50 7.45
N ARG C 640 54.44 -46.22 7.24
CA ARG C 640 53.14 -45.70 7.61
C ARG C 640 52.17 -45.60 6.44
N LEU C 641 52.55 -46.10 5.27
CA LEU C 641 51.69 -46.00 4.10
C LEU C 641 50.50 -46.93 4.31
N THR C 642 49.32 -46.33 4.49
CA THR C 642 48.09 -47.06 4.74
C THR C 642 47.04 -46.91 3.67
N CYS C 643 47.19 -45.95 2.76
CA CYS C 643 46.16 -45.62 1.78
C CYS C 643 46.82 -45.34 0.44
N LEU C 644 46.52 -46.18 -0.56
CA LEU C 644 47.02 -46.01 -1.92
C LEU C 644 45.83 -45.82 -2.85
N LYS C 645 45.85 -44.72 -3.60
CA LYS C 645 44.72 -44.26 -4.39
C LYS C 645 45.15 -44.14 -5.85
N LEU C 646 44.80 -45.16 -6.66
CA LEU C 646 45.26 -45.29 -8.05
C LEU C 646 44.10 -45.40 -9.04
N TRP C 647 42.94 -44.83 -8.71
CA TRP C 647 41.77 -44.93 -9.59
C TRP C 647 42.03 -44.36 -10.98
N TYR C 648 41.09 -44.65 -11.88
CA TYR C 648 40.99 -44.03 -13.20
C TYR C 648 42.32 -44.04 -13.94
N ASN C 649 42.87 -45.24 -14.07
CA ASN C 649 44.07 -45.46 -14.84
C ASN C 649 43.77 -46.68 -15.71
N HIS C 650 44.78 -47.18 -16.40
CA HIS C 650 44.63 -48.28 -17.34
C HIS C 650 45.35 -49.53 -16.84
N ILE C 651 45.29 -49.75 -15.54
CA ILE C 651 46.03 -50.84 -14.93
C ILE C 651 45.40 -52.16 -15.32
N ALA C 652 46.22 -53.08 -15.81
CA ALA C 652 45.76 -54.37 -16.28
C ALA C 652 45.86 -55.48 -15.25
N TYR C 653 46.79 -55.36 -14.30
CA TYR C 653 46.99 -56.40 -13.30
C TYR C 653 47.65 -55.78 -12.08
N ILE C 654 47.59 -56.51 -10.97
CA ILE C 654 48.19 -56.11 -9.71
C ILE C 654 49.50 -56.89 -9.55
N PRO C 655 50.66 -56.23 -9.47
CA PRO C 655 51.89 -56.98 -9.22
C PRO C 655 51.88 -57.71 -7.87
N ILE C 656 52.62 -58.82 -7.83
CA ILE C 656 52.59 -59.72 -6.67
C ILE C 656 53.24 -59.11 -5.44
N GLN C 657 54.21 -58.22 -5.63
CA GLN C 657 54.96 -57.66 -4.50
C GLN C 657 54.10 -56.85 -3.54
N ILE C 658 52.84 -56.56 -3.90
CA ILE C 658 51.92 -55.86 -3.03
C ILE C 658 51.81 -56.52 -1.66
N GLY C 659 52.04 -57.84 -1.58
CA GLY C 659 51.99 -58.52 -0.31
C GLY C 659 53.03 -58.06 0.68
N ASN C 660 54.10 -57.40 0.22
CA ASN C 660 55.10 -56.82 1.12
C ASN C 660 54.70 -55.44 1.64
N LEU C 661 53.55 -54.92 1.23
CA LEU C 661 53.02 -53.68 1.78
C LEU C 661 52.05 -54.02 2.90
N THR C 662 52.63 -54.50 4.00
CA THR C 662 51.89 -55.16 5.05
C THR C 662 51.12 -54.20 5.95
N ASN C 663 51.43 -52.90 5.90
CA ASN C 663 50.79 -51.92 6.77
C ASN C 663 49.57 -51.27 6.13
N LEU C 664 49.16 -51.72 4.95
CA LEU C 664 48.08 -51.05 4.22
C LEU C 664 46.74 -51.25 4.91
N GLU C 665 45.98 -50.16 5.07
CA GLU C 665 44.63 -50.21 5.61
C GLU C 665 43.57 -49.82 4.60
N ARG C 666 43.92 -49.04 3.58
CA ARG C 666 43.01 -48.63 2.51
C ARG C 666 43.71 -48.91 1.19
N LEU C 667 43.00 -49.50 0.24
CA LEU C 667 43.53 -49.70 -1.11
C LEU C 667 42.40 -49.48 -2.09
N TYR C 668 42.57 -48.51 -2.98
CA TYR C 668 41.58 -48.18 -4.00
C TYR C 668 42.21 -48.39 -5.38
N LEU C 669 41.72 -49.42 -6.07
CA LEU C 669 42.10 -49.70 -7.45
C LEU C 669 40.87 -49.72 -8.37
N ASN C 670 39.77 -49.10 -7.95
CA ASN C 670 38.56 -49.09 -8.74
C ASN C 670 38.76 -48.29 -10.02
N ARG C 671 37.84 -48.50 -10.97
CA ARG C 671 37.83 -47.77 -12.24
C ARG C 671 39.13 -48.01 -13.00
N ASN C 672 39.45 -49.28 -13.18
CA ASN C 672 40.67 -49.69 -13.86
C ASN C 672 40.33 -50.90 -14.72
N LYS C 673 41.36 -51.56 -15.26
CA LYS C 673 41.22 -52.63 -16.24
C LYS C 673 41.72 -53.96 -15.67
N ILE C 674 41.51 -54.18 -14.39
CA ILE C 674 42.09 -55.33 -13.72
C ILE C 674 41.23 -56.54 -14.00
N GLU C 675 41.88 -57.65 -14.34
CA GLU C 675 41.21 -58.87 -14.79
C GLU C 675 41.12 -59.93 -13.71
N LYS C 676 42.05 -59.93 -12.75
CA LYS C 676 42.06 -60.92 -11.69
C LYS C 676 42.65 -60.27 -10.45
N ILE C 677 42.49 -60.98 -9.33
CA ILE C 677 43.07 -60.58 -8.05
C ILE C 677 44.22 -61.54 -7.75
N PRO C 678 45.46 -61.07 -7.61
CA PRO C 678 46.51 -61.95 -7.09
C PRO C 678 46.26 -62.25 -5.61
N THR C 679 46.58 -63.48 -5.21
CA THR C 679 46.47 -63.84 -3.80
C THR C 679 47.41 -63.02 -2.92
N GLN C 680 48.51 -62.50 -3.49
CA GLN C 680 49.50 -61.82 -2.68
C GLN C 680 48.97 -60.53 -2.07
N LEU C 681 47.96 -59.92 -2.72
CA LEU C 681 47.21 -58.82 -2.13
C LEU C 681 46.78 -59.12 -0.70
N PHE C 682 46.42 -60.36 -0.40
CA PHE C 682 45.86 -60.64 0.92
C PHE C 682 46.90 -60.79 2.04
N TYR C 683 48.17 -60.50 1.73
CA TYR C 683 49.19 -60.57 2.76
C TYR C 683 49.08 -59.26 3.50
N CYS C 684 48.35 -58.32 2.91
CA CYS C 684 48.08 -57.03 3.54
C CYS C 684 46.91 -57.19 4.51
N ARG C 685 47.23 -57.77 5.67
CA ARG C 685 46.19 -58.20 6.61
C ARG C 685 45.66 -57.07 7.48
N LYS C 686 46.13 -55.84 7.31
CA LYS C 686 45.58 -54.68 7.99
C LYS C 686 44.57 -53.92 7.14
N LEU C 687 44.21 -54.43 5.95
CA LEU C 687 43.27 -53.71 5.09
C LEU C 687 41.89 -53.61 5.74
N ARG C 688 41.38 -52.38 5.79
CA ARG C 688 40.03 -52.09 6.24
C ARG C 688 39.08 -51.82 5.08
N TYR C 689 39.54 -51.08 4.08
CA TYR C 689 38.73 -50.68 2.94
C TYR C 689 39.42 -51.14 1.67
N LEU C 690 38.68 -51.78 0.79
CA LEU C 690 39.16 -52.16 -0.52
C LEU C 690 38.05 -51.84 -1.51
N ASP C 691 38.40 -51.12 -2.58
CA ASP C 691 37.44 -50.77 -3.62
C ASP C 691 37.99 -51.26 -4.96
N LEU C 692 37.29 -52.23 -5.55
CA LEU C 692 37.65 -52.81 -6.83
C LEU C 692 36.50 -52.73 -7.83
N SER C 693 35.58 -51.79 -7.63
CA SER C 693 34.46 -51.64 -8.52
C SER C 693 34.92 -51.24 -9.91
N HIS C 694 34.16 -51.67 -10.92
CA HIS C 694 34.39 -51.27 -12.30
C HIS C 694 35.77 -51.72 -12.78
N ASN C 695 36.01 -53.02 -12.64
CA ASN C 695 37.17 -53.69 -13.21
C ASN C 695 36.61 -54.87 -14.01
N ASN C 696 37.46 -55.84 -14.37
CA ASN C 696 37.03 -56.99 -15.17
C ASN C 696 37.08 -58.27 -14.35
N LEU C 697 36.65 -58.20 -13.10
CA LEU C 697 36.73 -59.35 -12.21
C LEU C 697 35.55 -60.29 -12.44
N THR C 698 35.84 -61.59 -12.43
CA THR C 698 34.84 -62.63 -12.59
C THR C 698 34.52 -63.36 -11.29
N PHE C 699 35.51 -63.47 -10.39
CA PHE C 699 35.34 -64.18 -9.14
C PHE C 699 36.17 -63.49 -8.06
N LEU C 700 35.88 -63.85 -6.81
CA LEU C 700 36.65 -63.40 -5.67
C LEU C 700 37.48 -64.56 -5.14
N PRO C 701 38.81 -64.48 -5.01
CA PRO C 701 39.56 -65.61 -4.45
C PRO C 701 39.18 -65.90 -3.01
N ALA C 702 39.31 -67.18 -2.63
CA ALA C 702 39.03 -67.59 -1.26
C ALA C 702 39.96 -66.90 -0.26
N ASP C 703 41.18 -66.56 -0.69
CA ASP C 703 42.16 -65.92 0.19
C ASP C 703 41.69 -64.59 0.75
N ILE C 704 40.58 -64.03 0.24
CA ILE C 704 39.99 -62.84 0.81
C ILE C 704 39.61 -63.04 2.28
N GLY C 705 39.47 -64.29 2.72
CA GLY C 705 39.25 -64.54 4.13
C GLY C 705 40.37 -64.10 5.04
N LEU C 706 41.56 -63.78 4.49
CA LEU C 706 42.69 -63.37 5.29
C LEU C 706 42.65 -61.91 5.72
N LEU C 707 41.74 -61.09 5.20
CA LEU C 707 41.65 -59.68 5.58
C LEU C 707 40.80 -59.57 6.82
N GLN C 708 41.43 -59.83 7.97
CA GLN C 708 40.73 -59.88 9.24
C GLN C 708 40.27 -58.51 9.70
N ASN C 709 40.86 -57.44 9.17
CA ASN C 709 40.52 -56.08 9.56
C ASN C 709 39.60 -55.38 8.56
N LEU C 710 39.10 -56.11 7.55
CA LEU C 710 38.27 -55.52 6.51
C LEU C 710 36.90 -55.10 7.07
N GLN C 711 36.47 -53.87 6.74
CA GLN C 711 35.19 -53.34 7.21
C GLN C 711 34.23 -52.96 6.10
N ASN C 712 34.71 -52.32 5.02
CA ASN C 712 33.88 -51.99 3.88
C ASN C 712 34.56 -52.47 2.60
N LEU C 713 33.73 -52.80 1.61
CA LEU C 713 34.22 -53.46 0.41
C LEU C 713 33.24 -53.22 -0.71
N ALA C 714 33.74 -52.78 -1.87
CA ALA C 714 32.93 -52.56 -3.05
C ALA C 714 33.56 -53.30 -4.23
N ILE C 715 32.75 -54.13 -4.88
CA ILE C 715 33.17 -54.89 -6.05
C ILE C 715 32.09 -54.61 -7.11
N THR C 716 31.52 -53.42 -7.05
CA THR C 716 30.38 -53.06 -7.86
C THR C 716 30.68 -53.19 -9.35
N ALA C 717 29.66 -53.57 -10.11
CA ALA C 717 29.67 -53.43 -11.57
C ALA C 717 30.68 -54.37 -12.22
N ASN C 718 30.87 -55.55 -11.64
CA ASN C 718 31.50 -56.69 -12.28
C ASN C 718 30.41 -57.69 -12.66
N ARG C 719 30.80 -58.86 -13.15
CA ARG C 719 29.86 -59.88 -13.61
C ARG C 719 29.98 -61.14 -12.76
N ILE C 720 30.10 -60.96 -11.46
CA ILE C 720 30.26 -62.08 -10.54
C ILE C 720 28.91 -62.74 -10.34
N GLU C 721 28.88 -64.07 -10.45
CA GLU C 721 27.64 -64.82 -10.39
C GLU C 721 27.27 -65.20 -8.96
N THR C 722 28.27 -65.48 -8.14
CA THR C 722 28.04 -65.89 -6.76
C THR C 722 29.26 -65.50 -5.95
N LEU C 723 29.06 -65.39 -4.65
CA LEU C 723 30.11 -64.95 -3.74
C LEU C 723 30.80 -66.16 -3.14
N PRO C 724 32.11 -66.19 -2.99
CA PRO C 724 32.74 -67.32 -2.32
C PRO C 724 32.35 -67.35 -0.85
N PRO C 725 32.22 -68.52 -0.23
CA PRO C 725 31.92 -68.53 1.21
C PRO C 725 33.00 -67.90 2.05
N GLU C 726 34.26 -68.01 1.63
CA GLU C 726 35.38 -67.50 2.42
C GLU C 726 35.31 -65.99 2.60
N LEU C 727 34.55 -65.29 1.75
CA LEU C 727 34.34 -63.86 1.93
C LEU C 727 33.83 -63.54 3.33
N PHE C 728 33.08 -64.44 3.94
CA PHE C 728 32.51 -64.17 5.25
C PHE C 728 33.43 -64.57 6.39
N GLN C 729 34.70 -64.84 6.09
CA GLN C 729 35.72 -64.88 7.14
C GLN C 729 36.11 -63.48 7.60
N CYS C 730 35.81 -62.45 6.82
CA CYS C 730 36.05 -61.05 7.20
C CYS C 730 34.94 -60.64 8.16
N ARG C 731 35.18 -60.90 9.45
CA ARG C 731 34.15 -60.75 10.47
C ARG C 731 33.77 -59.30 10.73
N LYS C 732 34.66 -58.35 10.43
CA LYS C 732 34.46 -56.96 10.80
C LYS C 732 33.71 -56.16 9.74
N LEU C 733 33.15 -56.82 8.72
CA LEU C 733 32.44 -56.11 7.67
C LEU C 733 31.20 -55.43 8.20
N ARG C 734 31.01 -54.18 7.80
CA ARG C 734 29.81 -53.41 8.12
C ARG C 734 29.03 -52.96 6.90
N ALA C 735 29.69 -52.85 5.74
CA ALA C 735 29.00 -52.46 4.52
C ALA C 735 29.60 -53.23 3.34
N LEU C 736 28.74 -53.72 2.46
CA LEU C 736 29.16 -54.47 1.28
C LEU C 736 28.36 -53.99 0.08
N HIS C 737 29.01 -53.20 -0.79
CA HIS C 737 28.37 -52.61 -1.95
C HIS C 737 28.64 -53.51 -3.15
N LEU C 738 27.68 -54.38 -3.45
CA LEU C 738 27.79 -55.36 -4.52
C LEU C 738 26.72 -55.19 -5.59
N GLY C 739 26.02 -54.05 -5.60
CA GLY C 739 24.91 -53.88 -6.51
C GLY C 739 25.35 -53.85 -7.97
N ASN C 740 24.35 -53.96 -8.84
CA ASN C 740 24.53 -53.86 -10.29
C ASN C 740 25.54 -54.89 -10.81
N ASN C 741 25.48 -56.08 -10.25
CA ASN C 741 26.17 -57.26 -10.73
C ASN C 741 25.13 -58.23 -11.28
N VAL C 742 25.56 -59.46 -11.59
CA VAL C 742 24.68 -60.49 -12.15
C VAL C 742 24.57 -61.64 -11.17
N LEU C 743 24.62 -61.34 -9.87
CA LEU C 743 24.45 -62.35 -8.85
C LEU C 743 23.11 -63.04 -8.99
N GLN C 744 23.12 -64.37 -8.88
CA GLN C 744 21.91 -65.18 -8.89
C GLN C 744 21.47 -65.62 -7.50
N SER C 745 22.40 -65.68 -6.54
CA SER C 745 22.06 -66.07 -5.17
C SER C 745 22.99 -65.35 -4.21
N LEU C 746 22.48 -65.13 -2.99
CA LEU C 746 23.22 -64.49 -1.92
C LEU C 746 23.52 -65.55 -0.85
N PRO C 747 24.78 -65.87 -0.54
CA PRO C 747 25.05 -66.98 0.38
C PRO C 747 24.48 -66.79 1.79
N SER C 748 24.13 -67.92 2.41
CA SER C 748 23.61 -67.92 3.77
C SER C 748 24.59 -67.33 4.78
N ARG C 749 25.89 -67.44 4.51
CA ARG C 749 26.90 -67.03 5.50
C ARG C 749 26.90 -65.54 5.78
N VAL C 750 26.05 -64.76 5.11
CA VAL C 750 25.80 -63.38 5.50
C VAL C 750 25.30 -63.29 6.94
N GLY C 751 24.72 -64.37 7.46
CA GLY C 751 24.36 -64.43 8.86
C GLY C 751 25.51 -64.21 9.82
N GLU C 752 26.74 -64.52 9.39
CA GLU C 752 27.91 -64.38 10.26
C GLU C 752 28.34 -62.94 10.44
N LEU C 753 27.93 -62.03 9.55
CA LEU C 753 28.34 -60.63 9.63
C LEU C 753 27.50 -59.96 10.71
N THR C 754 28.04 -60.00 11.92
CA THR C 754 27.37 -59.43 13.09
C THR C 754 27.13 -57.93 12.92
N ASN C 755 28.11 -57.22 12.37
CA ASN C 755 28.07 -55.76 12.35
C ASN C 755 27.57 -55.19 11.02
N LEU C 756 26.97 -56.03 10.17
CA LEU C 756 26.51 -55.55 8.87
C LEU C 756 25.30 -54.65 9.04
N THR C 757 25.36 -53.46 8.45
CA THR C 757 24.27 -52.51 8.47
C THR C 757 23.81 -52.06 7.10
N GLN C 758 24.60 -52.28 6.05
CA GLN C 758 24.26 -51.86 4.70
C GLN C 758 24.79 -52.89 3.72
N ILE C 759 23.99 -53.20 2.71
CA ILE C 759 24.41 -54.13 1.68
C ILE C 759 23.59 -53.87 0.43
N GLU C 760 24.27 -53.88 -0.73
CA GLU C 760 23.61 -53.69 -2.01
C GLU C 760 23.40 -55.04 -2.69
N LEU C 761 22.20 -55.21 -3.26
CA LEU C 761 21.88 -56.35 -4.10
C LEU C 761 21.19 -55.93 -5.38
N ARG C 762 21.08 -54.63 -5.64
CA ARG C 762 20.28 -54.14 -6.75
C ARG C 762 20.90 -54.53 -8.09
N GLY C 763 20.07 -54.55 -9.12
CA GLY C 763 20.54 -54.83 -10.46
C GLY C 763 20.79 -56.29 -10.73
N ASN C 764 20.11 -57.18 -10.02
CA ASN C 764 20.23 -58.63 -10.21
C ASN C 764 18.91 -59.22 -10.70
N ARG C 765 18.97 -60.46 -11.16
CA ARG C 765 17.78 -61.15 -11.64
C ARG C 765 17.17 -62.03 -10.55
N LEU C 766 17.06 -61.53 -9.33
CA LEU C 766 16.47 -62.33 -8.28
C LEU C 766 14.97 -62.38 -8.48
N GLU C 767 14.32 -63.42 -7.97
CA GLU C 767 12.86 -63.49 -8.01
C GLU C 767 12.46 -63.28 -6.58
N CYS C 768 13.20 -63.88 -5.65
CA CYS C 768 12.96 -63.67 -4.23
C CYS C 768 14.30 -63.36 -3.58
N LEU C 769 14.27 -63.19 -2.26
CA LEU C 769 15.46 -62.91 -1.48
C LEU C 769 15.66 -64.00 -0.43
N PRO C 770 16.91 -64.33 -0.06
CA PRO C 770 17.10 -65.34 0.97
C PRO C 770 16.93 -64.79 2.38
N VAL C 771 16.31 -65.61 3.23
CA VAL C 771 15.93 -65.21 4.58
C VAL C 771 17.12 -64.82 5.44
N GLU C 772 18.32 -65.35 5.13
CA GLU C 772 19.45 -65.20 6.04
C GLU C 772 19.91 -63.77 6.22
N LEU C 773 19.47 -62.84 5.36
CA LEU C 773 19.73 -61.43 5.60
C LEU C 773 19.10 -60.98 6.91
N GLY C 774 18.01 -61.62 7.34
CA GLY C 774 17.41 -61.34 8.63
C GLY C 774 18.30 -61.69 9.81
N GLU C 775 19.33 -62.51 9.59
CA GLU C 775 20.23 -62.91 10.66
C GLU C 775 21.25 -61.83 11.02
N CYS C 776 21.22 -60.69 10.34
CA CYS C 776 22.12 -59.57 10.63
C CYS C 776 21.48 -58.71 11.72
N PRO C 777 22.04 -58.65 12.94
CA PRO C 777 21.31 -57.93 14.02
C PRO C 777 21.08 -56.46 13.76
N LEU C 778 22.09 -55.74 13.26
CA LEU C 778 22.02 -54.29 13.17
C LEU C 778 21.39 -53.78 11.87
N LEU C 779 20.90 -54.68 11.01
CA LEU C 779 20.38 -54.26 9.72
C LEU C 779 19.01 -53.62 9.87
N LYS C 780 18.77 -52.56 9.10
CA LYS C 780 17.50 -51.85 9.06
C LYS C 780 16.99 -51.75 7.63
N ARG C 781 15.71 -51.39 7.52
CA ARG C 781 15.06 -51.27 6.22
C ARG C 781 15.82 -50.31 5.31
N SER C 782 16.31 -49.21 5.87
CA SER C 782 17.08 -48.26 5.09
C SER C 782 18.43 -48.83 4.66
N GLY C 783 18.95 -49.79 5.42
CA GLY C 783 20.21 -50.43 5.08
C GLY C 783 20.10 -51.59 4.14
N LEU C 784 18.89 -52.12 3.97
CA LEU C 784 18.66 -53.24 3.06
C LEU C 784 18.37 -52.63 1.68
N VAL C 785 19.42 -52.52 0.87
CA VAL C 785 19.38 -51.79 -0.39
C VAL C 785 19.06 -52.82 -1.47
N VAL C 786 17.78 -52.87 -1.87
CA VAL C 786 17.32 -53.84 -2.84
C VAL C 786 16.04 -53.30 -3.49
N GLU C 787 15.74 -53.83 -4.67
CA GLU C 787 14.50 -53.51 -5.35
C GLU C 787 13.30 -53.83 -4.47
N GLU C 788 12.23 -53.04 -4.63
CA GLU C 788 11.06 -53.18 -3.75
C GLU C 788 10.33 -54.50 -3.99
N ASP C 789 10.22 -54.92 -5.25
CA ASP C 789 9.52 -56.17 -5.54
C ASP C 789 10.22 -57.35 -4.88
N LEU C 790 11.55 -57.33 -4.88
CA LEU C 790 12.30 -58.35 -4.16
C LEU C 790 12.11 -58.22 -2.65
N PHE C 791 12.05 -56.98 -2.15
CA PHE C 791 11.84 -56.77 -0.71
C PHE C 791 10.52 -57.37 -0.27
N ASN C 792 9.49 -57.26 -1.11
CA ASN C 792 8.18 -57.79 -0.77
C ASN C 792 8.19 -59.30 -0.58
N THR C 793 9.15 -59.99 -1.20
CA THR C 793 9.23 -61.44 -1.11
C THR C 793 9.66 -61.94 0.26
N LEU C 794 10.23 -61.08 1.10
CA LEU C 794 10.73 -61.53 2.38
C LEU C 794 9.58 -61.96 3.29
N PRO C 795 9.86 -62.72 4.33
CA PRO C 795 8.81 -63.12 5.29
C PRO C 795 8.18 -61.90 5.95
N PRO C 796 6.87 -61.95 6.27
CA PRO C 796 6.28 -60.83 7.02
C PRO C 796 6.99 -60.54 8.34
N GLU C 797 7.47 -61.57 9.04
CA GLU C 797 8.15 -61.35 10.31
C GLU C 797 9.37 -60.44 10.14
N VAL C 798 10.14 -60.67 9.08
CA VAL C 798 11.33 -59.85 8.82
C VAL C 798 10.91 -58.40 8.61
N LYS C 799 9.85 -58.19 7.82
CA LYS C 799 9.38 -56.83 7.57
C LYS C 799 8.87 -56.17 8.85
N GLU C 800 8.25 -56.95 9.74
CA GLU C 800 7.81 -56.41 11.03
C GLU C 800 8.99 -55.99 11.88
N ARG C 801 10.03 -56.84 11.92
CA ARG C 801 11.23 -56.48 12.67
C ARG C 801 11.90 -55.24 12.09
N LEU C 802 11.85 -55.09 10.76
CA LEU C 802 12.38 -53.88 10.14
C LEU C 802 11.54 -52.67 10.49
N TRP C 803 10.22 -52.85 10.59
CA TRP C 803 9.35 -51.76 10.98
C TRP C 803 9.71 -51.25 12.37
N ARG C 804 9.83 -52.17 13.33
CA ARG C 804 10.16 -51.72 14.69
C ARG C 804 11.57 -51.13 14.74
N ALA C 805 12.51 -51.71 13.98
CA ALA C 805 13.92 -51.34 14.12
C ALA C 805 14.15 -49.88 13.77
N ASP C 806 13.44 -49.36 12.77
CA ASP C 806 13.70 -48.02 12.27
C ASP C 806 13.35 -46.96 13.31
N LYS C 807 12.10 -46.93 13.73
CA LYS C 807 11.62 -45.83 14.57
C LYS C 807 11.97 -46.01 16.02
N MET D 1 -4.98 50.75 -33.46
CA MET D 1 -5.15 51.44 -32.18
C MET D 1 -5.60 50.47 -31.11
N ILE D 2 -6.02 49.28 -31.53
CA ILE D 2 -6.44 48.21 -30.61
C ILE D 2 -5.22 47.84 -29.78
N PRO D 3 -5.34 47.74 -28.46
CA PRO D 3 -4.13 47.61 -27.62
C PRO D 3 -3.37 46.32 -27.85
N VAL D 4 -2.13 46.30 -27.38
CA VAL D 4 -1.22 45.19 -27.64
C VAL D 4 -1.72 43.89 -27.03
N THR D 5 -2.27 43.95 -25.81
CA THR D 5 -2.59 42.72 -25.09
C THR D 5 -3.55 41.84 -25.86
N GLU D 6 -4.59 42.42 -26.45
CA GLU D 6 -5.52 41.63 -27.24
C GLU D 6 -5.22 41.64 -28.72
N LEU D 7 -4.17 42.35 -29.15
CA LEU D 7 -3.49 41.94 -30.36
C LEU D 7 -2.62 40.73 -30.09
N ARG D 8 -2.10 40.61 -28.89
CA ARG D 8 -1.28 39.46 -28.56
C ARG D 8 -2.22 38.32 -28.18
N TYR D 9 -3.24 38.15 -29.00
CA TYR D 9 -4.00 36.91 -29.16
C TYR D 9 -3.46 36.08 -30.30
N PHE D 10 -2.97 36.71 -31.35
CA PHE D 10 -2.43 35.97 -32.48
C PHE D 10 -1.07 35.39 -32.14
N ALA D 11 -0.32 36.06 -31.28
CA ALA D 11 1.00 35.59 -30.86
C ALA D 11 0.91 35.06 -29.43
N ASP D 12 0.49 33.80 -29.32
CA ASP D 12 0.62 33.08 -28.06
C ASP D 12 0.37 31.62 -28.32
N THR D 13 1.25 30.76 -27.84
CA THR D 13 1.08 29.33 -27.96
C THR D 13 0.93 28.74 -26.56
N GLN D 14 0.83 27.43 -26.52
CA GLN D 14 0.92 26.75 -25.25
C GLN D 14 2.33 26.92 -24.71
N PRO D 15 2.50 26.95 -23.40
CA PRO D 15 3.85 26.83 -22.84
C PRO D 15 4.43 25.45 -23.04
N ALA D 16 3.59 24.47 -23.39
CA ALA D 16 4.10 23.14 -23.71
C ALA D 16 5.03 23.21 -24.91
N TYR D 17 4.61 23.92 -25.96
CA TYR D 17 5.45 23.98 -27.14
C TYR D 17 6.52 25.03 -26.97
N ARG D 18 7.22 25.03 -25.84
CA ARG D 18 8.40 25.84 -25.73
C ARG D 18 9.60 25.11 -26.28
N ILE D 19 9.56 23.79 -26.22
CA ILE D 19 10.61 22.94 -26.76
C ILE D 19 10.65 23.06 -28.27
N LEU D 20 9.50 23.26 -28.89
CA LEU D 20 9.42 23.25 -30.34
C LEU D 20 9.78 24.57 -30.97
N LYS D 21 10.15 25.47 -30.14
CA LYS D 21 10.53 26.78 -30.68
C LYS D 21 12.04 26.91 -30.66
N PRO D 22 12.72 26.83 -31.79
CA PRO D 22 14.17 27.06 -31.79
C PRO D 22 14.48 28.52 -31.53
N TRP D 23 15.76 28.89 -31.54
CA TRP D 23 16.09 30.27 -31.24
C TRP D 23 15.57 31.22 -32.30
N TRP D 24 15.50 30.80 -33.56
CA TRP D 24 14.98 31.70 -34.57
C TRP D 24 13.51 31.98 -34.37
N ASP D 25 12.75 30.97 -33.95
CA ASP D 25 11.34 31.19 -33.65
C ASP D 25 11.16 32.14 -32.49
N VAL D 26 11.99 32.00 -31.46
CA VAL D 26 11.91 32.90 -30.30
C VAL D 26 12.26 34.33 -30.70
N PHE D 27 13.34 34.48 -31.47
CA PHE D 27 13.74 35.81 -31.90
C PHE D 27 12.64 36.46 -32.73
N THR D 28 12.05 35.70 -33.64
CA THR D 28 11.01 36.28 -34.48
C THR D 28 9.76 36.60 -33.67
N ASP D 29 9.44 35.82 -32.65
CA ASP D 29 8.32 36.19 -31.79
C ASP D 29 8.59 37.50 -31.07
N TYR D 30 9.80 37.68 -30.54
CA TYR D 30 10.15 38.95 -29.92
C TYR D 30 10.06 40.10 -30.91
N ILE D 31 10.63 39.91 -32.11
CA ILE D 31 10.65 40.99 -33.09
C ILE D 31 9.23 41.32 -33.52
N SER D 32 8.38 40.30 -33.65
CA SER D 32 6.99 40.53 -34.00
C SER D 32 6.27 41.32 -32.92
N ILE D 33 6.58 41.03 -31.66
CA ILE D 33 5.98 41.83 -30.59
C ILE D 33 6.41 43.29 -30.70
N VAL D 34 7.68 43.52 -31.01
CA VAL D 34 8.13 44.91 -31.14
C VAL D 34 7.46 45.60 -32.31
N MET D 35 7.36 44.91 -33.45
CA MET D 35 6.68 45.49 -34.61
C MET D 35 5.22 45.76 -34.31
N LEU D 36 4.57 44.87 -33.57
CA LEU D 36 3.20 45.11 -33.15
C LEU D 36 3.10 46.34 -32.27
N MET D 37 4.08 46.51 -31.37
CA MET D 37 4.11 47.69 -30.53
C MET D 37 4.18 48.96 -31.36
N ILE D 38 5.07 48.99 -32.34
CA ILE D 38 5.16 50.21 -33.14
C ILE D 38 3.94 50.39 -34.03
N ALA D 39 3.29 49.31 -34.46
CA ALA D 39 2.03 49.44 -35.19
C ALA D 39 0.98 50.10 -34.33
N VAL D 40 0.83 49.63 -33.08
CA VAL D 40 -0.16 50.22 -32.19
C VAL D 40 0.18 51.67 -31.89
N PHE D 41 1.47 51.96 -31.64
CA PHE D 41 1.87 53.32 -31.33
C PHE D 41 1.57 54.25 -32.50
N GLY D 42 1.93 53.84 -33.71
CA GLY D 42 1.65 54.67 -34.87
C GLY D 42 0.17 54.83 -35.13
N GLY D 43 -0.60 53.77 -34.89
CA GLY D 43 -2.04 53.87 -35.07
C GLY D 43 -2.68 54.87 -34.13
N THR D 44 -2.33 54.80 -32.85
CA THR D 44 -2.87 55.79 -31.92
C THR D 44 -2.36 57.18 -32.25
N LEU D 45 -1.10 57.27 -32.69
CA LEU D 45 -0.54 58.55 -33.06
C LEU D 45 -1.33 59.19 -34.19
N GLN D 46 -1.69 58.40 -35.19
CA GLN D 46 -2.46 58.93 -36.30
C GLN D 46 -3.88 59.27 -35.85
N VAL D 47 -4.52 58.38 -35.10
CA VAL D 47 -5.91 58.61 -34.73
C VAL D 47 -6.05 59.87 -33.89
N THR D 48 -5.18 60.06 -32.90
CA THR D 48 -5.28 61.25 -32.08
C THR D 48 -4.87 62.51 -32.84
N GLN D 49 -3.78 62.45 -33.61
CA GLN D 49 -3.33 63.60 -34.40
C GLN D 49 -2.89 63.13 -35.79
N ASP D 50 -3.83 63.11 -36.73
CA ASP D 50 -3.52 62.89 -38.14
C ASP D 50 -3.61 64.19 -38.92
N LYS D 51 -3.47 65.31 -38.23
CA LYS D 51 -3.80 66.58 -38.83
C LYS D 51 -2.78 66.95 -39.91
N MET D 52 -3.18 67.93 -40.70
CA MET D 52 -2.36 68.52 -41.74
C MET D 52 -2.70 70.00 -41.74
N ILE D 53 -1.69 70.85 -41.70
CA ILE D 53 -1.91 72.29 -41.64
C ILE D 53 -1.56 72.86 -43.00
N CYS D 54 -2.54 73.50 -43.64
CA CYS D 54 -2.37 74.02 -44.99
C CYS D 54 -2.64 75.51 -45.01
N LEU D 55 -1.73 76.26 -45.61
CA LEU D 55 -1.89 77.69 -45.81
C LEU D 55 -1.88 78.01 -47.29
N PRO D 56 -2.84 78.80 -47.76
CA PRO D 56 -2.85 79.16 -49.18
C PRO D 56 -1.65 80.01 -49.55
N CYS D 57 -1.25 79.91 -50.81
CA CYS D 57 -0.14 80.69 -51.35
C CYS D 57 -0.72 81.80 -52.22
N LYS D 58 -0.52 83.05 -51.81
CA LYS D 58 -1.09 84.17 -52.52
C LYS D 58 -0.44 84.36 -53.89
N TRP D 59 0.88 84.37 -53.94
CA TRP D 59 1.61 84.50 -55.18
C TRP D 59 2.08 83.11 -55.59
N VAL D 60 1.46 82.57 -56.63
CA VAL D 60 1.75 81.22 -57.11
C VAL D 60 2.35 81.31 -58.50
N THR D 61 3.44 80.59 -58.71
CA THR D 61 4.11 80.56 -60.00
C THR D 61 4.31 79.10 -60.40
N LYS D 62 3.81 78.73 -61.58
CA LYS D 62 3.91 77.36 -62.09
C LYS D 62 3.37 76.35 -61.08
N ASP D 63 2.17 76.62 -60.58
CA ASP D 63 1.51 75.77 -59.59
C ASP D 63 2.40 75.58 -58.35
N SER D 64 3.21 76.58 -58.05
CA SER D 64 4.07 76.56 -56.87
C SER D 64 4.10 77.96 -56.28
N CYS D 65 4.33 78.02 -54.97
CA CYS D 65 4.42 79.30 -54.28
C CYS D 65 5.71 79.99 -54.70
N ASN D 66 5.59 81.27 -55.09
CA ASN D 66 6.73 81.99 -55.63
C ASN D 66 7.83 82.12 -54.58
N ASP D 67 7.46 82.03 -53.31
CA ASP D 67 8.42 82.04 -52.20
C ASP D 67 9.29 83.29 -52.24
N SER D 68 8.65 84.44 -52.45
CA SER D 68 9.35 85.72 -52.44
C SER D 68 8.63 86.72 -51.55
N THR D 92 5.98 100.71 -39.80
CA THR D 92 6.24 100.16 -41.12
C THR D 92 7.03 98.85 -41.02
N GLY D 93 6.88 98.16 -39.88
CA GLY D 93 7.52 96.90 -39.69
C GLY D 93 6.78 95.77 -40.40
N PRO D 94 7.24 94.55 -40.20
CA PRO D 94 6.56 93.40 -40.79
C PRO D 94 5.14 93.28 -40.27
N THR D 95 4.23 92.90 -41.16
CA THR D 95 2.83 92.68 -40.81
C THR D 95 2.38 91.35 -41.37
N GLY D 96 1.39 90.76 -40.71
CA GLY D 96 0.93 89.45 -41.11
C GLY D 96 0.18 89.48 -42.43
N ILE D 97 0.24 88.35 -43.12
CA ILE D 97 -0.51 88.17 -44.36
C ILE D 97 -1.94 87.80 -44.02
N LYS D 98 -2.89 88.47 -44.65
CA LYS D 98 -4.31 88.26 -44.39
C LYS D 98 -4.90 87.43 -45.51
N TYR D 99 -5.44 86.27 -45.16
CA TYR D 99 -6.01 85.37 -46.16
C TYR D 99 -7.52 85.45 -46.25
N ASP D 100 -8.18 86.04 -45.26
CA ASP D 100 -9.65 86.18 -45.25
C ASP D 100 -10.33 84.83 -45.30
N LEU D 101 -9.81 83.84 -44.58
CA LEU D 101 -10.39 82.52 -44.53
C LEU D 101 -10.95 82.23 -43.14
N ASP D 102 -12.17 81.73 -43.08
CA ASP D 102 -12.74 81.27 -41.83
C ASP D 102 -11.99 80.03 -41.36
N ARG D 103 -12.14 79.72 -40.07
CA ARG D 103 -11.53 78.53 -39.54
C ARG D 103 -12.02 77.27 -40.24
N HIS D 104 -13.28 77.24 -40.64
CA HIS D 104 -13.82 76.07 -41.29
C HIS D 104 -13.34 75.91 -42.72
N GLN D 105 -13.07 77.01 -43.43
CA GLN D 105 -12.42 76.90 -44.73
C GLN D 105 -11.04 76.29 -44.58
N TYR D 106 -10.30 76.69 -43.55
CA TYR D 106 -9.02 76.07 -43.28
C TYR D 106 -9.18 74.58 -43.01
N ASN D 107 -10.17 74.22 -42.20
CA ASN D 107 -10.41 72.80 -41.95
C ASN D 107 -10.74 72.06 -43.24
N TYR D 108 -11.52 72.68 -44.12
CA TYR D 108 -11.90 72.03 -45.36
C TYR D 108 -10.69 71.81 -46.25
N VAL D 109 -9.84 72.82 -46.40
CA VAL D 109 -8.68 72.63 -47.26
C VAL D 109 -7.73 71.63 -46.64
N ASP D 110 -7.62 71.59 -45.31
CA ASP D 110 -6.81 70.57 -44.68
C ASP D 110 -7.32 69.19 -45.01
N ALA D 111 -8.63 68.98 -44.88
CA ALA D 111 -9.20 67.67 -45.18
C ALA D 111 -9.00 67.31 -46.65
N VAL D 112 -9.23 68.27 -47.55
CA VAL D 112 -9.12 67.98 -48.97
C VAL D 112 -7.69 67.66 -49.36
N CYS D 113 -6.72 68.44 -48.88
CA CYS D 113 -5.35 68.19 -49.25
C CYS D 113 -4.77 67.00 -48.50
N TYR D 114 -5.35 66.62 -47.37
CA TYR D 114 -4.95 65.39 -46.71
C TYR D 114 -5.51 64.19 -47.42
N GLU D 115 -6.67 64.30 -48.03
CA GLU D 115 -7.26 63.20 -48.77
C GLU D 115 -6.62 63.02 -50.14
N ASN D 116 -6.47 64.10 -50.89
CA ASN D 116 -6.00 63.96 -52.26
C ASN D 116 -4.47 63.96 -52.34
N ARG D 117 -3.84 65.03 -51.87
CA ARG D 117 -2.44 65.27 -52.16
C ARG D 117 -1.52 64.89 -51.01
N LEU D 118 -1.85 63.84 -50.27
CA LEU D 118 -0.94 63.24 -49.32
C LEU D 118 -0.76 61.79 -49.72
N HIS D 119 0.49 61.32 -49.74
CA HIS D 119 0.77 59.99 -50.24
C HIS D 119 0.17 58.93 -49.33
N TRP D 120 -0.38 57.87 -49.94
CA TRP D 120 -1.09 56.86 -49.18
C TRP D 120 -0.20 56.21 -48.14
N PHE D 121 1.10 56.13 -48.41
CA PHE D 121 2.00 55.52 -47.45
C PHE D 121 2.03 56.29 -46.15
N ALA D 122 2.14 57.61 -46.22
CA ALA D 122 2.20 58.40 -45.00
C ALA D 122 0.89 58.29 -44.22
N LYS D 123 -0.23 58.09 -44.90
CA LYS D 123 -1.50 57.93 -44.21
C LYS D 123 -1.58 56.57 -43.52
N TYR D 124 -1.38 55.50 -44.29
CA TYR D 124 -1.74 54.16 -43.85
C TYR D 124 -0.54 53.32 -43.43
N PHE D 125 0.61 53.94 -43.21
CA PHE D 125 1.76 53.18 -42.74
C PHE D 125 1.51 52.41 -41.45
N PRO D 126 0.96 53.00 -40.39
CA PRO D 126 0.74 52.23 -39.17
C PRO D 126 -0.27 51.11 -39.31
N TYR D 127 -1.11 51.13 -40.34
CA TYR D 127 -2.03 50.02 -40.56
C TYR D 127 -1.42 48.93 -41.42
N LEU D 128 -0.61 49.30 -42.40
CA LEU D 128 0.14 48.29 -43.14
C LEU D 128 1.10 47.56 -42.22
N VAL D 129 1.69 48.27 -41.26
CA VAL D 129 2.58 47.63 -40.30
C VAL D 129 1.83 46.58 -39.51
N LEU D 130 0.63 46.93 -39.03
CA LEU D 130 -0.15 45.98 -38.26
C LEU D 130 -0.59 44.80 -39.09
N LEU D 131 -0.99 45.04 -40.34
CA LEU D 131 -1.41 43.95 -41.20
C LEU D 131 -0.27 42.99 -41.48
N HIS D 132 0.91 43.53 -41.79
CA HIS D 132 2.06 42.67 -42.02
C HIS D 132 2.43 41.89 -40.77
N THR D 133 2.39 42.53 -39.61
CA THR D 133 2.73 41.84 -38.37
C THR D 133 1.73 40.72 -38.08
N LEU D 134 0.44 40.97 -38.31
CA LEU D 134 -0.54 39.92 -38.11
C LEU D 134 -0.31 38.76 -39.06
N ILE D 135 0.04 39.04 -40.32
CA ILE D 135 0.33 37.96 -41.25
C ILE D 135 1.55 37.17 -40.79
N PHE D 136 2.57 37.87 -40.29
CA PHE D 136 3.75 37.18 -39.77
C PHE D 136 3.38 36.26 -38.61
N LEU D 137 2.58 36.77 -37.68
CA LEU D 137 2.19 35.97 -36.52
C LEU D 137 1.36 34.77 -36.93
N ALA D 138 0.46 34.95 -37.89
CA ALA D 138 -0.32 33.84 -38.40
C ALA D 138 0.57 32.79 -39.03
N CYS D 139 1.55 33.23 -39.82
CA CYS D 139 2.47 32.28 -40.43
C CYS D 139 3.26 31.53 -39.38
N SER D 140 3.66 32.23 -38.31
CA SER D 140 4.44 31.58 -37.26
C SER D 140 3.62 30.53 -36.53
N ASN D 141 2.36 30.83 -36.21
CA ASN D 141 1.56 29.99 -35.33
C ASN D 141 0.58 29.09 -36.07
N PHE D 142 0.58 29.10 -37.40
CA PHE D 142 -0.41 28.29 -38.12
C PHE D 142 -0.26 26.82 -37.81
N TRP D 143 0.96 26.31 -37.83
CA TRP D 143 1.17 24.89 -37.59
C TRP D 143 0.91 24.51 -36.14
N PHE D 144 0.89 25.46 -35.22
CA PHE D 144 0.44 25.19 -33.87
C PHE D 144 -1.08 25.22 -33.76
N LYS D 145 -1.76 25.96 -34.63
CA LYS D 145 -3.22 26.04 -34.60
C LYS D 145 -3.90 25.03 -35.50
N PHE D 146 -3.30 24.71 -36.63
CA PHE D 146 -3.85 23.75 -37.57
C PHE D 146 -4.03 22.41 -36.88
N PRO D 147 -5.26 21.90 -36.78
CA PRO D 147 -5.49 20.70 -35.98
C PRO D 147 -4.72 19.49 -36.46
N ARG D 148 -4.53 19.33 -37.78
CA ARG D 148 -3.85 18.15 -38.29
C ARG D 148 -2.42 18.06 -37.78
N THR D 149 -1.70 19.17 -37.77
CA THR D 149 -0.34 19.18 -37.24
C THR D 149 -0.28 19.52 -35.76
N SER D 150 -1.24 20.27 -35.24
CA SER D 150 -1.26 20.53 -33.81
C SER D 150 -1.43 19.23 -33.05
N SER D 151 -2.27 18.33 -33.53
CA SER D 151 -2.43 17.03 -32.87
C SER D 151 -1.12 16.27 -32.84
N LYS D 152 -0.41 16.23 -33.97
CA LYS D 152 0.85 15.49 -34.03
C LYS D 152 1.88 16.10 -33.08
N LEU D 153 1.99 17.43 -33.07
CA LEU D 153 2.96 18.07 -32.19
C LEU D 153 2.63 17.84 -30.73
N GLU D 154 1.35 17.92 -30.36
CA GLU D 154 1.00 17.72 -28.97
C GLU D 154 1.11 16.27 -28.56
N HIS D 155 0.99 15.33 -29.49
CA HIS D 155 1.27 13.94 -29.19
C HIS D 155 2.76 13.72 -29.00
N PHE D 156 3.56 14.27 -29.91
CA PHE D 156 4.99 14.07 -29.86
C PHE D 156 5.60 14.67 -28.61
N VAL D 157 5.16 15.88 -28.23
CA VAL D 157 5.70 16.51 -27.03
C VAL D 157 5.29 15.77 -25.77
N SER D 158 4.08 15.23 -25.71
CA SER D 158 3.67 14.42 -24.56
C SER D 158 4.49 13.15 -24.45
N ILE D 159 4.68 12.46 -25.58
CA ILE D 159 5.52 11.26 -25.59
C ILE D 159 6.93 11.60 -25.16
N LEU D 160 7.46 12.70 -25.69
CA LEU D 160 8.82 13.10 -25.39
C LEU D 160 8.99 13.43 -23.91
N LEU D 161 8.03 14.13 -23.32
CA LEU D 161 8.11 14.43 -21.90
C LEU D 161 7.98 13.17 -21.06
N LYS D 162 7.10 12.25 -21.43
CA LYS D 162 6.98 10.99 -20.69
C LYS D 162 8.28 10.20 -20.75
N CYS D 163 8.91 10.15 -21.92
CA CYS D 163 10.22 9.49 -22.02
C CYS D 163 11.27 10.20 -21.19
N PHE D 164 11.22 11.53 -21.16
CA PHE D 164 12.20 12.29 -20.39
C PHE D 164 12.05 12.04 -18.89
N ASP D 165 10.82 11.94 -18.39
CA ASP D 165 10.65 11.74 -16.95
C ASP D 165 10.65 10.27 -16.55
N SER D 166 10.71 9.36 -17.51
CA SER D 166 10.64 7.95 -17.19
C SER D 166 11.82 7.55 -16.31
N PRO D 167 11.59 6.85 -15.20
CA PRO D 167 12.72 6.39 -14.39
C PRO D 167 13.64 5.45 -15.14
N TRP D 168 13.12 4.71 -16.11
CA TRP D 168 13.96 3.73 -16.77
C TRP D 168 14.99 4.36 -17.68
N THR D 169 14.67 5.51 -18.29
CA THR D 169 15.68 6.20 -19.07
C THR D 169 16.78 6.77 -18.19
N THR D 170 16.49 7.03 -16.91
CA THR D 170 17.57 7.36 -15.99
C THR D 170 18.38 6.11 -15.67
N ARG D 171 17.70 5.00 -15.42
CA ARG D 171 18.41 3.75 -15.17
C ARG D 171 19.21 3.32 -16.39
N ALA D 172 18.61 3.41 -17.57
CA ALA D 172 19.37 3.23 -18.79
C ALA D 172 20.29 4.43 -19.01
N LEU D 173 21.22 4.28 -19.96
CA LEU D 173 22.25 5.28 -20.24
C LEU D 173 23.20 5.45 -19.06
N SER D 174 22.97 4.70 -17.99
CA SER D 174 23.76 4.80 -16.77
C SER D 174 24.83 3.73 -16.68
N GLU D 175 24.79 2.72 -17.55
CA GLU D 175 25.74 1.61 -17.47
C GLU D 175 27.15 2.05 -17.85
N THR D 176 27.28 3.09 -18.66
CA THR D 176 28.57 3.59 -19.12
C THR D 176 29.41 2.49 -19.75
N VAL D 231 15.25 -6.44 -9.73
CA VAL D 231 15.53 -5.52 -8.64
C VAL D 231 14.82 -4.19 -8.86
N LEU D 232 13.85 -4.20 -9.78
CA LEU D 232 13.04 -3.03 -10.08
C LEU D 232 11.58 -3.31 -9.77
N ASP D 233 10.85 -2.24 -9.45
CA ASP D 233 9.46 -2.37 -9.06
C ASP D 233 8.60 -2.86 -10.23
N LYS D 234 7.55 -3.59 -9.91
CA LYS D 234 6.64 -4.08 -10.93
C LYS D 234 5.90 -2.95 -11.64
N LYS D 235 5.41 -1.97 -10.88
CA LYS D 235 4.52 -0.97 -11.48
C LYS D 235 5.29 -0.16 -12.52
N GLU D 236 6.47 0.34 -12.15
CA GLU D 236 7.27 1.08 -13.12
C GLU D 236 7.91 0.19 -14.16
N GLY D 237 8.21 -1.07 -13.82
CA GLY D 237 8.66 -2.01 -14.84
C GLY D 237 7.62 -2.24 -15.91
N GLU D 238 6.35 -2.24 -15.53
CA GLU D 238 5.28 -2.35 -16.51
C GLU D 238 5.03 -1.04 -17.22
N GLN D 239 5.14 0.10 -16.53
CA GLN D 239 4.94 1.38 -17.19
C GLN D 239 6.01 1.64 -18.24
N ALA D 240 7.23 1.13 -18.01
CA ALA D 240 8.27 1.28 -19.01
C ALA D 240 7.94 0.49 -20.28
N LYS D 241 7.41 -0.73 -20.14
CA LYS D 241 6.97 -1.47 -21.31
C LYS D 241 5.83 -0.76 -22.02
N ALA D 242 4.91 -0.19 -21.23
CA ALA D 242 3.81 0.56 -21.83
C ALA D 242 4.33 1.78 -22.59
N LEU D 243 5.32 2.47 -22.03
CA LEU D 243 5.92 3.60 -22.72
C LEU D 243 6.62 3.17 -23.99
N PHE D 244 7.32 2.03 -23.97
CA PHE D 244 7.87 1.46 -25.18
C PHE D 244 6.80 1.24 -26.23
N GLU D 245 5.68 0.66 -25.84
CA GLU D 245 4.61 0.36 -26.78
C GLU D 245 3.96 1.63 -27.32
N LYS D 246 3.78 2.64 -26.47
CA LYS D 246 3.27 3.92 -26.93
C LYS D 246 4.23 4.56 -27.92
N VAL D 247 5.52 4.47 -27.66
CA VAL D 247 6.50 5.01 -28.59
C VAL D 247 6.41 4.30 -29.92
N LYS D 248 6.25 2.97 -29.89
CA LYS D 248 6.15 2.23 -31.13
C LYS D 248 4.92 2.64 -31.93
N LYS D 249 3.77 2.76 -31.25
CA LYS D 249 2.56 3.18 -31.96
C LYS D 249 2.69 4.59 -32.51
N PHE D 250 3.22 5.51 -31.71
CA PHE D 250 3.36 6.88 -32.17
C PHE D 250 4.30 6.97 -33.36
N ARG D 251 5.41 6.24 -33.31
CA ARG D 251 6.35 6.21 -34.42
C ARG D 251 5.69 5.65 -35.66
N THR D 252 4.93 4.57 -35.52
CA THR D 252 4.23 4.00 -36.67
C THR D 252 3.25 5.00 -37.25
N HIS D 253 2.53 5.72 -36.39
CA HIS D 253 1.46 6.59 -36.84
C HIS D 253 1.97 7.90 -37.44
N VAL D 254 3.16 8.35 -37.06
CA VAL D 254 3.66 9.67 -37.46
C VAL D 254 4.71 9.59 -38.54
N GLU D 255 5.51 8.52 -38.55
CA GLU D 255 6.71 8.49 -39.40
C GLU D 255 6.39 8.47 -40.89
N GLU D 256 5.14 8.25 -41.28
CA GLU D 256 4.79 8.26 -42.69
C GLU D 256 4.11 9.55 -43.13
N GLY D 257 3.98 10.53 -42.24
CA GLY D 257 3.16 11.69 -42.51
C GLY D 257 3.75 12.71 -43.46
N ASP D 258 4.88 13.30 -43.07
CA ASP D 258 5.51 14.39 -43.81
C ASP D 258 4.56 15.56 -44.00
N ILE D 259 3.84 15.92 -42.96
CA ILE D 259 2.95 17.08 -42.99
C ILE D 259 3.50 18.21 -42.13
N VAL D 260 4.01 17.91 -40.93
CA VAL D 260 4.57 18.95 -40.08
C VAL D 260 5.78 19.57 -40.76
N TYR D 261 6.65 18.74 -41.35
CA TYR D 261 7.79 19.30 -42.07
C TYR D 261 7.33 20.16 -43.23
N ARG D 262 6.35 19.67 -43.99
CA ARG D 262 5.86 20.42 -45.14
C ARG D 262 5.23 21.74 -44.73
N LEU D 263 4.41 21.71 -43.67
CA LEU D 263 3.75 22.92 -43.22
C LEU D 263 4.77 23.92 -42.70
N TYR D 264 5.75 23.47 -41.92
CA TYR D 264 6.79 24.36 -41.42
C TYR D 264 7.58 24.96 -42.56
N MET D 265 7.89 24.16 -43.58
CA MET D 265 8.62 24.68 -44.74
C MET D 265 7.81 25.75 -45.45
N ARG D 266 6.51 25.51 -45.65
CA ARG D 266 5.69 26.51 -46.31
C ARG D 266 5.60 27.78 -45.49
N GLN D 267 5.48 27.66 -44.18
CA GLN D 267 5.43 28.84 -43.33
C GLN D 267 6.70 29.66 -43.47
N THR D 268 7.86 28.99 -43.44
CA THR D 268 9.11 29.72 -43.56
C THR D 268 9.23 30.38 -44.92
N ILE D 269 8.81 29.68 -45.97
CA ILE D 269 8.89 30.26 -47.32
C ILE D 269 8.00 31.48 -47.43
N ILE D 270 6.78 31.41 -46.89
CA ILE D 270 5.89 32.55 -46.95
C ILE D 270 6.47 33.71 -46.16
N LYS D 271 7.03 33.44 -44.99
CA LYS D 271 7.69 34.49 -44.22
C LYS D 271 8.82 35.14 -44.99
N VAL D 272 9.63 34.37 -45.71
CA VAL D 272 10.74 34.92 -46.47
C VAL D 272 10.25 35.77 -47.63
N ILE D 273 9.30 35.28 -48.42
CA ILE D 273 8.81 36.08 -49.55
C ILE D 273 7.91 37.21 -49.10
N LYS D 274 7.47 37.22 -47.84
CA LYS D 274 6.72 38.37 -47.34
C LYS D 274 7.67 39.51 -46.99
N PHE D 275 8.74 39.18 -46.27
CA PHE D 275 9.81 40.14 -46.01
C PHE D 275 10.44 40.66 -47.29
N ILE D 276 10.69 39.77 -48.24
CA ILE D 276 11.32 40.18 -49.48
C ILE D 276 10.42 41.07 -50.33
N LEU D 277 9.16 41.25 -49.94
CA LEU D 277 8.28 42.21 -50.61
C LEU D 277 8.09 43.47 -49.78
N ILE D 278 7.94 43.30 -48.47
CA ILE D 278 7.78 44.41 -47.54
C ILE D 278 8.98 45.33 -47.68
N ILE D 279 10.17 44.74 -47.71
CA ILE D 279 11.37 45.55 -47.79
C ILE D 279 11.36 46.40 -49.06
N CYS D 280 11.11 45.78 -50.21
CA CYS D 280 11.16 46.54 -51.46
C CYS D 280 10.13 47.65 -51.48
N TYR D 281 8.87 47.35 -51.15
CA TYR D 281 7.89 48.40 -51.33
C TYR D 281 8.02 49.48 -50.26
N THR D 282 8.36 49.11 -49.03
CA THR D 282 8.57 50.10 -47.99
C THR D 282 9.74 51.01 -48.32
N VAL D 283 10.85 50.45 -48.79
CA VAL D 283 12.00 51.28 -49.13
C VAL D 283 11.67 52.18 -50.32
N TYR D 284 10.89 51.67 -51.27
CA TYR D 284 10.52 52.48 -52.41
C TYR D 284 9.67 53.67 -52.00
N TYR D 285 8.71 53.46 -51.10
CA TYR D 285 7.73 54.48 -50.80
C TYR D 285 8.05 55.32 -49.57
N VAL D 286 9.05 54.96 -48.78
CA VAL D 286 9.31 55.69 -47.55
C VAL D 286 9.82 57.09 -47.83
N HIS D 287 10.35 57.35 -49.02
CA HIS D 287 10.77 58.69 -49.35
C HIS D 287 9.59 59.65 -49.49
N ASN D 288 8.37 59.11 -49.55
CA ASN D 288 7.16 59.92 -49.73
C ASN D 288 6.62 60.47 -48.42
N ILE D 289 7.20 60.11 -47.28
CA ILE D 289 6.78 60.66 -46.00
C ILE D 289 7.60 61.92 -45.79
N LYS D 290 7.09 63.04 -46.26
CA LYS D 290 7.77 64.32 -46.14
C LYS D 290 6.92 65.27 -45.31
N PHE D 291 7.59 66.24 -44.69
CA PHE D 291 6.89 67.18 -43.81
C PHE D 291 6.16 68.24 -44.62
N ASP D 292 6.88 68.99 -45.44
CA ASP D 292 6.29 70.10 -46.20
C ASP D 292 5.68 69.53 -47.47
N VAL D 293 4.39 69.24 -47.41
CA VAL D 293 3.65 68.74 -48.56
C VAL D 293 3.07 69.92 -49.31
N ASP D 294 2.97 69.81 -50.62
CA ASP D 294 2.47 70.89 -51.46
C ASP D 294 1.28 70.37 -52.23
N CYS D 295 0.12 71.02 -52.11
CA CYS D 295 -1.10 70.54 -52.73
C CYS D 295 -1.73 71.58 -53.63
N THR D 296 -2.44 71.10 -54.65
CA THR D 296 -3.18 71.96 -55.58
C THR D 296 -4.47 71.21 -55.91
N VAL D 297 -5.56 71.61 -55.27
CA VAL D 297 -6.78 70.81 -55.26
C VAL D 297 -7.96 71.51 -55.91
N ASP D 298 -7.72 72.54 -56.73
CA ASP D 298 -8.73 73.11 -57.64
C ASP D 298 -10.07 73.42 -56.94
N ILE D 299 -9.97 73.94 -55.71
CA ILE D 299 -11.13 74.42 -54.98
C ILE D 299 -10.97 75.93 -54.92
N GLU D 300 -11.42 76.62 -55.97
CA GLU D 300 -11.49 78.07 -55.98
C GLU D 300 -12.87 78.59 -55.62
N SER D 301 -13.91 77.81 -55.88
CA SER D 301 -15.25 78.27 -55.60
C SER D 301 -15.52 78.30 -54.12
N LEU D 302 -14.80 77.50 -53.34
CA LEU D 302 -15.03 77.41 -51.91
C LEU D 302 -14.10 78.29 -51.10
N THR D 303 -12.85 78.45 -51.52
CA THR D 303 -11.90 79.26 -50.79
C THR D 303 -11.27 80.37 -51.61
N GLY D 304 -11.27 80.28 -52.93
CA GLY D 304 -10.67 81.31 -53.75
C GLY D 304 -9.18 81.20 -53.92
N TYR D 305 -8.58 80.07 -53.56
CA TYR D 305 -7.14 79.91 -53.62
C TYR D 305 -6.80 78.70 -54.47
N ARG D 306 -5.88 78.88 -55.42
CA ARG D 306 -5.48 77.81 -56.32
C ARG D 306 -4.76 76.70 -55.56
N THR D 307 -3.61 77.03 -54.98
CA THR D 307 -2.72 76.05 -54.38
C THR D 307 -2.49 76.40 -52.92
N TYR D 308 -2.14 75.38 -52.15
CA TYR D 308 -1.88 75.53 -50.73
C TYR D 308 -0.54 74.91 -50.39
N ARG D 309 0.05 75.37 -49.30
CA ARG D 309 1.34 74.89 -48.82
C ARG D 309 1.06 74.19 -47.49
N CYS D 310 0.89 72.87 -47.55
CA CYS D 310 0.51 72.12 -46.38
C CYS D 310 1.74 71.75 -45.56
N ALA D 311 1.50 71.18 -44.39
CA ALA D 311 2.59 70.74 -43.51
C ALA D 311 2.07 69.56 -42.70
N HIS D 312 2.73 68.44 -42.83
CA HIS D 312 2.32 67.22 -42.16
C HIS D 312 3.14 67.04 -40.90
N PRO D 313 2.68 67.52 -39.74
CA PRO D 313 3.57 67.58 -38.58
C PRO D 313 4.08 66.23 -38.15
N LEU D 314 3.34 65.17 -38.44
CA LEU D 314 3.68 63.84 -37.98
C LEU D 314 4.69 63.15 -38.88
N ALA D 315 5.16 63.84 -39.93
CA ALA D 315 5.93 63.18 -40.97
C ALA D 315 7.27 62.70 -40.45
N THR D 316 7.95 63.49 -39.62
CA THR D 316 9.25 63.07 -39.13
C THR D 316 9.14 61.87 -38.21
N LEU D 317 8.16 61.87 -37.31
CA LEU D 317 7.95 60.72 -36.46
C LEU D 317 7.58 59.50 -37.27
N PHE D 318 6.76 59.66 -38.31
CA PHE D 318 6.45 58.53 -39.17
C PHE D 318 7.67 58.05 -39.93
N LYS D 319 8.55 58.96 -40.35
CA LYS D 319 9.78 58.54 -41.03
C LYS D 319 10.65 57.70 -40.11
N ILE D 320 10.85 58.15 -38.87
CA ILE D 320 11.69 57.36 -37.98
C ILE D 320 11.01 56.05 -37.59
N LEU D 321 9.69 56.03 -37.43
CA LEU D 321 9.01 54.77 -37.20
C LEU D 321 9.14 53.83 -38.39
N ALA D 322 9.05 54.37 -39.60
CA ALA D 322 9.19 53.53 -40.79
C ALA D 322 10.60 52.98 -40.90
N SER D 323 11.61 53.81 -40.61
CA SER D 323 12.98 53.32 -40.66
C SER D 323 13.23 52.25 -39.60
N PHE D 324 12.72 52.46 -38.40
CA PHE D 324 12.82 51.46 -37.35
C PHE D 324 12.12 50.17 -37.74
N TYR D 325 10.94 50.28 -38.35
CA TYR D 325 10.21 49.11 -38.81
C TYR D 325 10.96 48.39 -39.91
N ILE D 326 11.56 49.12 -40.83
CA ILE D 326 12.33 48.48 -41.89
C ILE D 326 13.51 47.74 -41.30
N SER D 327 14.15 48.32 -40.28
CA SER D 327 15.23 47.61 -39.59
C SER D 327 14.73 46.32 -38.96
N LEU D 328 13.58 46.39 -38.28
CA LEU D 328 13.03 45.18 -37.67
C LEU D 328 12.68 44.13 -38.71
N VAL D 329 12.11 44.55 -39.83
CA VAL D 329 11.75 43.61 -40.88
C VAL D 329 12.99 43.02 -41.53
N ILE D 330 14.06 43.80 -41.63
CA ILE D 330 15.31 43.26 -42.14
C ILE D 330 15.83 42.17 -41.22
N PHE D 331 15.79 42.41 -39.91
CA PHE D 331 16.24 41.38 -38.96
C PHE D 331 15.35 40.15 -39.06
N TYR D 332 14.05 40.36 -39.14
CA TYR D 332 13.11 39.24 -39.27
C TYR D 332 13.39 38.43 -40.52
N GLY D 333 13.63 39.11 -41.64
CA GLY D 333 13.90 38.40 -42.88
C GLY D 333 15.22 37.68 -42.85
N LEU D 334 16.23 38.26 -42.22
CA LEU D 334 17.50 37.56 -42.09
C LEU D 334 17.34 36.29 -41.28
N ILE D 335 16.58 36.36 -40.19
CA ILE D 335 16.35 35.17 -39.37
C ILE D 335 15.58 34.13 -40.17
N CYS D 336 14.54 34.55 -40.90
CA CYS D 336 13.79 33.59 -41.70
C CYS D 336 14.61 33.00 -42.84
N MET D 337 15.47 33.76 -43.47
CA MET D 337 16.39 33.19 -44.44
C MET D 337 17.37 32.22 -43.81
N TYR D 338 17.82 32.49 -42.58
CA TYR D 338 18.65 31.51 -41.90
C TYR D 338 17.88 30.21 -41.67
N THR D 339 16.62 30.32 -41.24
CA THR D 339 15.82 29.12 -41.05
C THR D 339 15.65 28.38 -42.36
N LEU D 340 15.38 29.11 -43.44
CA LEU D 340 15.17 28.47 -44.72
C LEU D 340 16.43 27.73 -45.16
N TRP D 341 17.59 28.34 -44.98
CA TRP D 341 18.84 27.67 -45.31
C TRP D 341 19.06 26.46 -44.42
N TRP D 342 18.77 26.60 -43.13
CA TRP D 342 18.93 25.49 -42.20
C TRP D 342 18.05 24.32 -42.61
N MET D 343 16.96 24.61 -43.30
CA MET D 343 16.05 23.57 -43.73
C MET D 343 16.41 22.98 -45.09
N LEU D 344 16.89 23.80 -46.01
CA LEU D 344 17.21 23.33 -47.35
C LEU D 344 18.31 22.28 -47.35
N ARG D 345 19.36 22.51 -46.57
CA ARG D 345 20.44 21.55 -46.54
C ARG D 345 20.10 20.44 -45.55
N ARG D 346 20.96 19.41 -45.49
CA ARG D 346 20.81 18.34 -44.48
C ARG D 346 19.63 17.39 -44.57
N SER D 347 18.57 17.77 -45.31
CA SER D 347 17.46 16.85 -45.54
C SER D 347 16.83 16.37 -44.23
N LEU D 348 16.12 17.30 -43.60
CA LEU D 348 15.49 17.14 -42.31
C LEU D 348 14.50 16.00 -42.24
N LYS D 349 14.23 15.33 -43.37
CA LYS D 349 13.33 14.20 -43.39
C LYS D 349 14.02 12.88 -43.04
N LYS D 350 15.30 12.90 -42.69
CA LYS D 350 16.00 11.71 -42.24
C LYS D 350 16.81 12.07 -41.00
N TYR D 351 16.69 11.27 -39.95
CA TYR D 351 17.43 11.48 -38.70
C TYR D 351 18.44 10.37 -38.54
N SER D 352 19.60 10.71 -37.98
CA SER D 352 20.73 9.79 -38.02
C SER D 352 20.88 8.98 -36.73
N PHE D 353 20.92 9.65 -35.59
CA PHE D 353 21.27 9.04 -34.30
C PHE D 353 22.69 8.50 -34.33
N GLU D 354 23.49 8.96 -35.29
CA GLU D 354 24.84 8.45 -35.45
C GLU D 354 25.69 8.75 -34.21
N SER D 355 25.58 9.97 -33.69
CA SER D 355 26.36 10.35 -32.51
C SER D 355 26.00 9.49 -31.32
N ILE D 356 24.69 9.27 -31.10
CA ILE D 356 24.25 8.51 -29.95
C ILE D 356 24.71 7.06 -30.06
N ARG D 357 24.57 6.47 -31.23
CA ARG D 357 25.00 5.10 -31.44
C ARG D 357 26.52 4.94 -31.36
N GLU D 358 27.29 5.97 -31.70
CA GLU D 358 28.73 5.91 -31.61
C GLU D 358 29.28 6.24 -30.23
N GLU D 359 28.48 6.90 -29.38
CA GLU D 359 28.95 7.28 -28.06
C GLU D 359 28.20 6.57 -26.93
N SER D 360 27.24 5.71 -27.25
CA SER D 360 26.53 4.94 -26.24
C SER D 360 26.51 3.44 -26.52
N SER D 361 27.15 3.00 -27.59
CA SER D 361 27.29 1.58 -27.93
C SER D 361 25.95 0.93 -28.24
N TYR D 362 24.86 1.71 -28.23
CA TYR D 362 23.55 1.21 -28.65
C TYR D 362 23.41 1.41 -30.16
N SER D 363 24.09 0.54 -30.90
CA SER D 363 24.15 0.70 -32.35
C SER D 363 22.85 0.33 -33.06
N ASP D 364 21.87 -0.21 -32.35
CA ASP D 364 20.62 -0.65 -32.98
C ASP D 364 19.52 0.40 -32.91
N ILE D 365 19.80 1.63 -33.32
CA ILE D 365 18.75 2.64 -33.36
C ILE D 365 18.56 3.05 -34.82
N PRO D 366 17.47 2.67 -35.47
CA PRO D 366 17.34 2.89 -36.90
C PRO D 366 17.22 4.36 -37.22
N ASP D 367 17.65 4.71 -38.44
CA ASP D 367 17.44 6.06 -38.93
C ASP D 367 15.94 6.32 -39.05
N VAL D 368 15.51 7.46 -38.52
CA VAL D 368 14.09 7.79 -38.50
C VAL D 368 13.71 8.49 -39.80
N LYS D 369 12.53 8.16 -40.32
CA LYS D 369 12.09 8.73 -41.58
C LYS D 369 11.38 10.06 -41.34
N ASN D 370 10.70 10.56 -42.36
CA ASN D 370 10.23 11.94 -42.38
C ASN D 370 9.16 12.19 -41.33
N ASP D 371 9.01 13.46 -40.96
CA ASP D 371 7.96 13.97 -40.09
C ASP D 371 8.19 13.56 -38.65
N PHE D 372 9.13 12.66 -38.44
CA PHE D 372 9.64 12.29 -37.14
C PHE D 372 11.11 12.62 -37.01
N ALA D 373 11.84 12.60 -38.12
CA ALA D 373 13.16 13.19 -38.17
C ALA D 373 13.08 14.70 -37.95
N PHE D 374 12.12 15.35 -38.60
CA PHE D 374 12.00 16.80 -38.46
C PHE D 374 11.69 17.18 -37.03
N MET D 375 10.74 16.48 -36.42
CA MET D 375 10.33 16.84 -35.08
C MET D 375 11.41 16.55 -34.06
N LEU D 376 12.43 15.79 -34.42
CA LEU D 376 13.58 15.60 -33.56
C LEU D 376 14.68 16.61 -33.85
N HIS D 377 14.85 16.99 -35.11
CA HIS D 377 15.74 18.10 -35.43
C HIS D 377 15.30 19.37 -34.72
N LEU D 378 13.99 19.56 -34.57
CA LEU D 378 13.51 20.72 -33.84
C LEU D 378 13.93 20.67 -32.37
N ILE D 379 13.85 19.51 -31.73
CA ILE D 379 14.24 19.42 -30.34
C ILE D 379 15.74 19.60 -30.18
N ASP D 380 16.52 19.10 -31.13
CA ASP D 380 17.97 19.27 -31.05
C ASP D 380 18.37 20.73 -30.98
N GLN D 381 17.56 21.62 -31.56
CA GLN D 381 17.83 23.04 -31.41
C GLN D 381 17.61 23.50 -29.97
N TYR D 382 16.64 22.90 -29.29
CA TYR D 382 16.39 23.27 -27.90
C TYR D 382 17.38 22.60 -26.97
N ASP D 383 17.35 21.27 -26.93
CA ASP D 383 18.22 20.52 -26.03
C ASP D 383 18.49 19.13 -26.59
N PRO D 384 19.73 18.81 -26.92
CA PRO D 384 20.03 17.46 -27.44
C PRO D 384 19.78 16.38 -26.40
N LEU D 385 19.63 16.81 -25.15
CA LEU D 385 19.34 15.88 -24.07
C LEU D 385 18.03 15.15 -24.30
N TYR D 386 17.02 15.84 -24.84
CA TYR D 386 15.75 15.18 -25.10
C TYR D 386 15.90 14.09 -26.15
N SER D 387 16.65 14.38 -27.21
CA SER D 387 16.89 13.37 -28.23
C SER D 387 17.65 12.19 -27.65
N LYS D 388 18.62 12.45 -26.78
CA LYS D 388 19.37 11.36 -26.17
C LYS D 388 18.47 10.49 -25.29
N ARG D 389 17.66 11.11 -24.44
CA ARG D 389 16.76 10.37 -23.58
C ARG D 389 15.65 9.69 -24.33
N PHE D 390 15.37 10.12 -25.56
CA PHE D 390 14.36 9.49 -26.39
C PHE D 390 14.90 8.34 -27.21
N ALA D 391 16.18 8.38 -27.57
CA ALA D 391 16.75 7.30 -28.38
C ALA D 391 16.73 5.97 -27.65
N VAL D 392 16.69 5.99 -26.31
CA VAL D 392 16.73 4.74 -25.57
C VAL D 392 15.46 3.93 -25.81
N PHE D 393 14.37 4.59 -26.17
CA PHE D 393 13.11 3.92 -26.41
C PHE D 393 12.95 3.46 -27.86
N LEU D 394 13.97 3.62 -28.67
CA LEU D 394 13.92 3.19 -30.05
C LEU D 394 14.89 2.05 -30.37
N SER D 395 15.64 1.58 -29.38
CA SER D 395 16.68 0.57 -29.60
C SER D 395 16.16 -0.80 -29.20
N GLU D 396 16.52 -1.82 -29.99
CA GLU D 396 16.09 -3.17 -29.69
C GLU D 396 16.81 -3.74 -28.47
N VAL D 397 18.10 -3.45 -28.31
CA VAL D 397 18.82 -3.98 -27.15
C VAL D 397 18.24 -3.40 -25.87
N SER D 398 17.81 -2.14 -25.91
CA SER D 398 17.20 -1.55 -24.72
C SER D 398 15.89 -2.23 -24.39
N GLU D 399 15.08 -2.53 -25.41
CA GLU D 399 13.83 -3.25 -25.18
C GLU D 399 14.09 -4.65 -24.64
N ASN D 400 15.11 -5.32 -25.18
CA ASN D 400 15.45 -6.65 -24.70
C ASN D 400 15.88 -6.61 -23.25
N LYS D 401 16.68 -5.60 -22.90
CA LYS D 401 17.09 -5.44 -21.51
C LYS D 401 15.89 -5.19 -20.62
N LEU D 402 14.94 -4.37 -21.07
CA LEU D 402 13.73 -4.13 -20.29
C LEU D 402 12.94 -5.41 -20.10
N ARG D 403 12.80 -6.21 -21.17
CA ARG D 403 11.96 -7.41 -21.05
C ARG D 403 12.63 -8.46 -20.17
N GLN D 404 13.95 -8.58 -20.26
CA GLN D 404 14.67 -9.44 -19.33
C GLN D 404 14.51 -8.95 -17.90
N LEU D 405 14.60 -7.63 -17.70
CA LEU D 405 14.58 -7.08 -16.35
C LEU D 405 13.22 -7.24 -15.70
N ASN D 406 12.14 -6.95 -16.42
CA ASN D 406 10.83 -7.12 -15.82
C ASN D 406 10.36 -8.57 -15.88
N LEU D 407 11.06 -9.41 -16.63
CA LEU D 407 10.84 -10.85 -16.48
C LEU D 407 11.17 -11.31 -15.07
N ASN D 408 12.21 -10.74 -14.46
CA ASN D 408 12.59 -11.12 -13.10
C ASN D 408 11.66 -10.61 -12.02
N ASN D 409 10.53 -10.04 -12.40
CA ASN D 409 9.61 -9.48 -11.43
C ASN D 409 8.54 -10.58 -11.23
N GLU D 410 8.12 -11.34 -12.27
CA GLU D 410 6.99 -12.30 -12.17
C GLU D 410 7.26 -13.72 -11.79
N TRP D 411 8.10 -14.42 -12.55
CA TRP D 411 8.45 -15.77 -12.13
C TRP D 411 9.09 -15.55 -10.79
N THR D 412 8.89 -16.46 -9.86
CA THR D 412 9.39 -16.27 -8.51
C THR D 412 9.71 -17.65 -8.00
N LEU D 413 10.28 -17.75 -6.82
CA LEU D 413 10.54 -19.05 -6.24
C LEU D 413 9.23 -19.81 -6.17
N ASP D 414 8.23 -19.23 -5.52
CA ASP D 414 6.94 -19.89 -5.36
C ASP D 414 6.28 -20.28 -6.68
N LYS D 415 6.20 -19.35 -7.62
CA LYS D 415 5.55 -19.62 -8.90
C LYS D 415 6.27 -20.74 -9.64
N LEU D 416 7.57 -20.57 -9.82
CA LEU D 416 8.36 -21.56 -10.55
C LEU D 416 8.35 -22.90 -9.84
N ARG D 417 8.23 -22.89 -8.52
CA ARG D 417 8.25 -24.12 -7.75
C ARG D 417 7.17 -25.09 -8.17
N GLN D 418 5.92 -24.63 -8.25
CA GLN D 418 4.81 -25.49 -8.62
C GLN D 418 4.97 -25.96 -10.06
N ARG D 419 5.64 -25.17 -10.89
CA ARG D 419 5.80 -25.51 -12.30
C ARG D 419 6.90 -26.54 -12.53
N LEU D 420 7.82 -26.68 -11.59
CA LEU D 420 8.93 -27.61 -11.72
C LEU D 420 8.42 -29.04 -11.89
N THR D 421 9.30 -29.90 -12.39
CA THR D 421 8.99 -31.32 -12.58
C THR D 421 10.16 -32.18 -12.15
N LYS D 422 9.86 -33.22 -11.39
CA LYS D 422 10.80 -34.30 -11.09
C LYS D 422 10.67 -35.37 -12.17
N ASN D 423 11.74 -35.62 -12.91
CA ASN D 423 11.65 -36.45 -14.11
C ASN D 423 11.87 -37.93 -13.78
N ALA D 424 12.02 -38.73 -14.84
CA ALA D 424 12.05 -40.18 -14.69
C ALA D 424 13.28 -40.65 -13.92
N GLN D 425 14.40 -39.95 -14.06
CA GLN D 425 15.61 -40.28 -13.34
C GLN D 425 15.70 -39.62 -11.98
N ASP D 426 14.56 -39.16 -11.43
CA ASP D 426 14.49 -38.55 -10.11
C ASP D 426 15.32 -37.27 -10.05
N LYS D 427 15.44 -36.59 -11.20
CA LYS D 427 16.15 -35.33 -11.29
C LYS D 427 15.14 -34.21 -11.49
N LEU D 428 15.30 -33.15 -10.72
CA LEU D 428 14.43 -31.99 -10.85
C LEU D 428 14.83 -31.24 -12.12
N GLU D 429 13.86 -31.00 -13.00
CA GLU D 429 14.10 -30.34 -14.26
C GLU D 429 13.11 -29.21 -14.47
N LEU D 430 13.52 -28.25 -15.29
CA LEU D 430 12.64 -27.22 -15.81
C LEU D 430 12.83 -27.13 -17.31
N HIS D 431 11.72 -27.08 -18.05
CA HIS D 431 11.74 -26.92 -19.49
C HIS D 431 11.05 -25.63 -19.86
N LEU D 432 11.75 -24.77 -20.57
CA LEU D 432 11.24 -23.48 -21.03
C LEU D 432 11.44 -23.37 -22.53
N PHE D 433 10.53 -22.67 -23.18
CA PHE D 433 10.63 -22.46 -24.62
C PHE D 433 10.04 -21.12 -24.99
N MET D 434 10.65 -20.48 -25.98
CA MET D 434 10.05 -19.36 -26.69
C MET D 434 9.77 -18.19 -25.75
N LEU D 435 10.68 -17.94 -24.83
CA LEU D 435 10.66 -16.74 -24.01
C LEU D 435 11.69 -15.75 -24.55
N SER D 436 11.64 -14.54 -24.01
CA SER D 436 12.57 -13.50 -24.44
C SER D 436 13.95 -13.67 -23.82
N GLY D 437 14.04 -14.39 -22.71
CA GLY D 437 15.32 -14.68 -22.09
C GLY D 437 15.17 -15.61 -20.91
N ILE D 438 16.09 -15.50 -19.97
CA ILE D 438 16.10 -16.33 -18.76
C ILE D 438 15.62 -15.44 -17.61
N PRO D 439 14.54 -15.78 -16.92
CA PRO D 439 14.23 -15.04 -15.69
C PRO D 439 15.31 -15.27 -14.65
N ASP D 440 15.72 -14.20 -13.98
CA ASP D 440 16.71 -14.32 -12.92
C ASP D 440 16.17 -15.07 -11.71
N THR D 441 14.85 -15.11 -11.53
CA THR D 441 14.26 -15.86 -10.44
C THR D 441 14.47 -17.36 -10.57
N VAL D 442 14.83 -17.82 -11.77
CA VAL D 442 15.09 -19.23 -11.99
C VAL D 442 16.18 -19.73 -11.05
N PHE D 443 17.21 -18.92 -10.84
CA PHE D 443 18.43 -19.38 -10.22
C PHE D 443 18.37 -19.41 -8.71
N ASP D 444 17.26 -19.01 -8.11
CA ASP D 444 17.01 -19.23 -6.70
C ASP D 444 16.35 -20.58 -6.42
N LEU D 445 16.00 -21.33 -7.46
CA LEU D 445 15.45 -22.68 -7.31
C LEU D 445 16.62 -23.66 -7.14
N VAL D 446 17.17 -23.62 -5.93
CA VAL D 446 18.45 -24.23 -5.63
C VAL D 446 18.48 -25.75 -5.78
N GLU D 447 17.32 -26.40 -5.80
CA GLU D 447 17.26 -27.84 -5.96
C GLU D 447 17.37 -28.29 -7.39
N LEU D 448 17.38 -27.36 -8.34
CA LEU D 448 17.33 -27.72 -9.75
C LEU D 448 18.60 -28.43 -10.17
N GLU D 449 18.45 -29.38 -11.08
CA GLU D 449 19.54 -30.28 -11.47
C GLU D 449 19.72 -30.32 -12.97
N VAL D 450 18.67 -30.02 -13.72
CA VAL D 450 18.69 -29.99 -15.18
C VAL D 450 18.03 -28.69 -15.64
N LEU D 451 18.71 -27.95 -16.51
CA LEU D 451 18.16 -26.76 -17.13
C LEU D 451 18.04 -26.97 -18.62
N LYS D 452 16.90 -26.60 -19.19
CA LYS D 452 16.61 -26.74 -20.61
C LYS D 452 16.22 -25.38 -21.16
N LEU D 453 16.85 -24.99 -22.27
CA LEU D 453 16.54 -23.74 -22.94
C LEU D 453 16.29 -24.04 -24.41
N GLU D 454 15.11 -23.65 -24.89
CA GLU D 454 14.66 -24.00 -26.23
C GLU D 454 14.21 -22.74 -26.96
N LEU D 455 14.88 -22.42 -28.06
CA LEU D 455 14.46 -21.38 -28.99
C LEU D 455 14.27 -20.05 -28.27
N ILE D 456 15.30 -19.63 -27.54
CA ILE D 456 15.34 -18.35 -26.85
C ILE D 456 16.51 -17.58 -27.46
N PRO D 457 16.30 -16.38 -28.00
CA PRO D 457 17.40 -15.67 -28.66
C PRO D 457 18.27 -14.88 -27.69
N ASP D 458 19.52 -14.68 -28.12
CA ASP D 458 20.43 -13.67 -27.57
C ASP D 458 20.60 -13.84 -26.05
N VAL D 459 20.85 -15.05 -25.64
CA VAL D 459 20.96 -15.36 -24.22
C VAL D 459 22.36 -15.08 -23.73
N THR D 460 22.45 -14.55 -22.51
CA THR D 460 23.70 -14.41 -21.78
C THR D 460 23.50 -15.06 -20.42
N ILE D 461 24.45 -15.90 -20.03
CA ILE D 461 24.36 -16.62 -18.76
C ILE D 461 24.81 -15.67 -17.66
N PRO D 462 23.99 -15.38 -16.65
CA PRO D 462 24.43 -14.47 -15.59
C PRO D 462 25.17 -15.21 -14.50
N PRO D 463 25.85 -14.50 -13.62
CA PRO D 463 26.64 -15.15 -12.56
C PRO D 463 25.79 -15.86 -11.52
N SER D 464 24.51 -15.52 -11.38
CA SER D 464 23.68 -16.15 -10.36
C SER D 464 23.53 -17.65 -10.54
N ILE D 465 23.92 -18.17 -11.70
CA ILE D 465 23.97 -19.61 -11.94
C ILE D 465 24.86 -20.33 -10.94
N ALA D 466 25.79 -19.61 -10.29
CA ALA D 466 26.58 -20.24 -9.25
C ALA D 466 25.76 -20.68 -8.06
N GLN D 467 24.51 -20.24 -7.96
CA GLN D 467 23.63 -20.66 -6.86
C GLN D 467 23.08 -22.07 -7.04
N LEU D 468 23.06 -22.55 -8.27
CA LEU D 468 22.51 -23.88 -8.56
C LEU D 468 23.62 -24.90 -8.35
N THR D 469 23.83 -25.23 -7.08
CA THR D 469 24.94 -26.11 -6.72
C THR D 469 24.74 -27.54 -7.21
N GLY D 470 23.50 -27.94 -7.50
CA GLY D 470 23.20 -29.28 -7.92
C GLY D 470 22.98 -29.46 -9.40
N LEU D 471 23.31 -28.47 -10.22
CA LEU D 471 23.12 -28.58 -11.66
C LEU D 471 24.07 -29.62 -12.24
N LYS D 472 23.52 -30.49 -13.09
CA LYS D 472 24.27 -31.57 -13.72
C LYS D 472 24.15 -31.58 -15.24
N GLU D 473 23.07 -31.04 -15.80
CA GLU D 473 22.80 -31.10 -17.22
C GLU D 473 22.34 -29.72 -17.69
N LEU D 474 22.73 -29.37 -18.90
CA LEU D 474 22.22 -28.18 -19.57
C LEU D 474 21.90 -28.55 -21.00
N TRP D 475 20.70 -28.21 -21.44
CA TRP D 475 20.27 -28.47 -22.80
C TRP D 475 20.02 -27.15 -23.50
N LEU D 476 20.72 -26.92 -24.62
CA LEU D 476 20.65 -25.69 -25.39
C LEU D 476 20.12 -26.04 -26.78
N TYR D 477 18.84 -25.82 -27.00
CA TYR D 477 18.21 -26.10 -28.28
C TYR D 477 18.06 -24.80 -29.05
N HIS D 478 18.91 -24.60 -30.05
CA HIS D 478 18.88 -23.44 -30.92
C HIS D 478 18.96 -22.15 -30.11
N THR D 479 19.93 -22.10 -29.21
CA THR D 479 20.11 -20.96 -28.32
C THR D 479 21.61 -20.71 -28.16
N ALA D 480 22.13 -19.75 -28.93
CA ALA D 480 23.48 -19.27 -28.69
C ALA D 480 23.52 -18.56 -27.34
N ALA D 481 24.64 -18.70 -26.64
CA ALA D 481 24.77 -18.21 -25.28
C ALA D 481 26.12 -17.56 -25.08
N LYS D 482 26.12 -16.31 -24.63
CA LYS D 482 27.33 -15.65 -24.18
C LYS D 482 27.50 -15.86 -22.68
N ILE D 483 28.73 -15.67 -22.22
CA ILE D 483 29.05 -15.87 -20.82
C ILE D 483 30.35 -15.19 -20.50
N GLU D 484 30.50 -14.74 -19.25
CA GLU D 484 31.73 -14.17 -18.74
C GLU D 484 32.37 -15.13 -17.72
N ALA D 485 33.54 -14.74 -17.24
CA ALA D 485 34.43 -15.69 -16.58
C ALA D 485 33.90 -16.32 -15.30
N PRO D 486 33.22 -15.61 -14.40
CA PRO D 486 32.81 -16.26 -13.13
C PRO D 486 31.82 -17.39 -13.34
N ALA D 487 30.72 -17.12 -14.03
CA ALA D 487 29.77 -18.16 -14.37
C ALA D 487 30.45 -19.27 -15.15
N LEU D 488 31.38 -18.91 -16.03
CA LEU D 488 32.09 -19.90 -16.81
C LEU D 488 32.87 -20.84 -15.90
N ALA D 489 33.55 -20.29 -14.90
CA ALA D 489 34.34 -21.14 -14.01
C ALA D 489 33.45 -22.07 -13.22
N PHE D 490 32.32 -21.54 -12.73
CA PHE D 490 31.37 -22.39 -12.03
C PHE D 490 30.94 -23.56 -12.90
N LEU D 491 30.64 -23.27 -14.17
CA LEU D 491 30.20 -24.33 -15.05
C LEU D 491 31.32 -25.29 -15.40
N ARG D 492 32.55 -24.78 -15.50
CA ARG D 492 33.70 -25.67 -15.70
C ARG D 492 33.80 -26.68 -14.58
N GLU D 493 33.49 -26.25 -13.36
CA GLU D 493 33.67 -27.12 -12.19
C GLU D 493 32.43 -27.91 -11.80
N ASN D 494 31.26 -27.59 -12.36
CA ASN D 494 30.00 -28.16 -11.88
C ASN D 494 29.06 -28.49 -13.04
N LEU D 495 29.51 -29.34 -13.97
CA LEU D 495 28.64 -29.79 -15.04
C LEU D 495 29.08 -31.16 -15.52
N ARG D 496 28.09 -31.98 -15.86
CA ARG D 496 28.31 -33.35 -16.29
C ARG D 496 27.87 -33.64 -17.72
N ALA D 497 26.89 -32.93 -18.24
CA ALA D 497 26.36 -33.20 -19.57
C ALA D 497 25.96 -31.91 -20.27
N LEU D 498 26.07 -31.93 -21.60
CA LEU D 498 25.63 -30.82 -22.44
C LEU D 498 24.96 -31.39 -23.68
N HIS D 499 23.73 -30.94 -23.94
CA HIS D 499 23.00 -31.26 -25.15
C HIS D 499 22.88 -29.99 -26.00
N ILE D 500 23.13 -30.12 -27.30
CA ILE D 500 22.97 -29.00 -28.23
C ILE D 500 22.19 -29.48 -29.43
N LYS D 501 21.14 -28.74 -29.78
CA LYS D 501 20.45 -28.89 -31.04
C LYS D 501 20.59 -27.58 -31.80
N PHE D 502 21.15 -27.64 -33.02
CA PHE D 502 21.59 -26.46 -33.72
C PHE D 502 21.28 -26.58 -35.21
N THR D 503 21.17 -25.43 -35.85
CA THR D 503 21.05 -25.34 -37.31
C THR D 503 22.41 -25.23 -37.97
N ASP D 504 23.30 -24.43 -37.41
CA ASP D 504 24.63 -24.21 -37.97
C ASP D 504 25.55 -23.71 -36.86
N ILE D 505 26.73 -23.22 -37.25
CA ILE D 505 27.79 -22.95 -36.28
C ILE D 505 27.43 -21.79 -35.35
N LYS D 506 26.60 -20.85 -35.83
CA LYS D 506 26.31 -19.66 -35.03
C LYS D 506 25.64 -19.98 -33.71
N GLU D 507 24.99 -21.14 -33.60
CA GLU D 507 24.34 -21.58 -32.38
C GLU D 507 25.23 -22.50 -31.56
N ILE D 508 26.53 -22.56 -31.85
CA ILE D 508 27.50 -23.34 -31.08
C ILE D 508 28.28 -22.37 -30.23
N PRO D 509 28.15 -22.38 -28.89
CA PRO D 509 29.02 -21.54 -28.08
C PRO D 509 30.47 -21.98 -28.18
N LEU D 510 31.36 -21.02 -28.39
CA LEU D 510 32.77 -21.33 -28.55
C LEU D 510 33.42 -21.79 -27.26
N TRP D 511 32.82 -21.51 -26.10
CA TRP D 511 33.48 -21.75 -24.83
C TRP D 511 33.41 -23.18 -24.37
N ILE D 512 32.60 -24.02 -25.02
CA ILE D 512 32.37 -25.37 -24.54
C ILE D 512 33.65 -26.17 -24.51
N TYR D 513 34.57 -25.90 -25.44
CA TYR D 513 35.80 -26.66 -25.53
C TYR D 513 36.80 -26.28 -24.45
N SER D 514 36.58 -25.20 -23.70
CA SER D 514 37.38 -24.87 -22.54
C SER D 514 36.88 -25.55 -21.27
N LEU D 515 35.93 -26.47 -21.38
CA LEU D 515 35.39 -27.17 -20.22
C LEU D 515 36.21 -28.41 -19.92
N LYS D 516 36.00 -28.95 -18.71
CA LYS D 516 36.90 -29.95 -18.14
C LYS D 516 36.20 -31.10 -17.43
N THR D 517 34.98 -30.94 -16.92
CA THR D 517 34.27 -31.98 -16.17
C THR D 517 33.14 -32.62 -16.97
N LEU D 518 33.00 -32.30 -18.24
CA LEU D 518 31.90 -32.84 -19.02
C LEU D 518 32.06 -34.34 -19.21
N GLU D 519 30.95 -35.06 -19.09
CA GLU D 519 30.92 -36.51 -19.27
C GLU D 519 30.06 -36.95 -20.45
N GLU D 520 29.15 -36.11 -20.93
CA GLU D 520 28.32 -36.42 -22.08
C GLU D 520 28.25 -35.19 -22.98
N LEU D 521 28.35 -35.40 -24.29
CA LEU D 521 28.08 -34.36 -25.26
C LEU D 521 27.15 -34.91 -26.32
N HIS D 522 26.11 -34.15 -26.64
CA HIS D 522 25.08 -34.56 -27.58
C HIS D 522 24.84 -33.42 -28.57
N LEU D 523 25.16 -33.66 -29.83
CA LEU D 523 25.07 -32.66 -30.88
C LEU D 523 24.08 -33.14 -31.92
N THR D 524 23.13 -32.28 -32.27
CA THR D 524 22.12 -32.56 -33.29
C THR D 524 22.24 -31.47 -34.35
N GLY D 525 22.68 -31.87 -35.53
CA GLY D 525 22.88 -30.94 -36.63
C GLY D 525 24.09 -31.34 -37.45
N ASN D 526 24.20 -30.73 -38.63
CA ASN D 526 25.34 -31.00 -39.48
C ASN D 526 26.59 -30.39 -38.88
N LEU D 527 27.61 -31.22 -38.67
CA LEU D 527 28.85 -30.81 -38.04
C LEU D 527 29.88 -30.30 -39.03
N SER D 528 29.53 -30.23 -40.32
CA SER D 528 30.48 -29.93 -41.36
C SER D 528 29.98 -28.77 -42.20
N ALA D 529 30.92 -28.12 -42.87
CA ALA D 529 30.65 -27.05 -43.80
C ALA D 529 31.45 -27.30 -45.08
N GLU D 530 31.17 -26.48 -46.09
CA GLU D 530 31.83 -26.64 -47.38
C GLU D 530 33.34 -26.48 -47.25
N ASN D 531 34.07 -27.52 -47.65
CA ASN D 531 35.53 -27.56 -47.62
C ASN D 531 36.11 -27.39 -46.22
N ASN D 532 35.29 -27.61 -45.19
CA ASN D 532 35.71 -27.38 -43.80
C ASN D 532 35.19 -28.51 -42.93
N ARG D 533 35.41 -29.76 -43.37
CA ARG D 533 34.89 -30.91 -42.66
C ARG D 533 35.43 -30.97 -41.24
N TYR D 534 34.51 -30.98 -40.27
CA TYR D 534 34.81 -31.23 -38.88
C TYR D 534 35.70 -30.16 -38.27
N ILE D 535 35.76 -28.97 -38.87
CA ILE D 535 36.42 -27.85 -38.22
C ILE D 535 35.71 -27.49 -36.94
N VAL D 536 34.39 -27.71 -36.88
CA VAL D 536 33.59 -27.36 -35.71
C VAL D 536 34.04 -28.13 -34.48
N ILE D 537 34.67 -29.28 -34.65
CA ILE D 537 34.99 -30.19 -33.54
C ILE D 537 36.48 -30.43 -33.36
N ASP D 538 37.34 -29.67 -34.09
CA ASP D 538 38.78 -29.81 -33.92
C ASP D 538 39.20 -29.66 -32.46
N GLY D 539 38.51 -28.82 -31.70
CA GLY D 539 38.83 -28.57 -30.33
C GLY D 539 38.38 -29.61 -29.34
N LEU D 540 37.79 -30.73 -29.80
CA LEU D 540 37.30 -31.74 -28.85
C LEU D 540 38.41 -32.29 -27.97
N ARG D 541 39.67 -32.21 -28.43
CA ARG D 541 40.79 -32.81 -27.71
C ARG D 541 40.91 -32.29 -26.29
N GLU D 542 40.45 -31.06 -26.03
CA GLU D 542 40.53 -30.49 -24.69
C GLU D 542 39.49 -31.05 -23.75
N LEU D 543 38.45 -31.71 -24.27
CA LEU D 543 37.43 -32.33 -23.43
C LEU D 543 37.92 -33.74 -23.08
N LYS D 544 38.80 -33.77 -22.08
CA LYS D 544 39.58 -34.96 -21.78
C LYS D 544 38.84 -36.00 -20.95
N ARG D 545 37.64 -35.69 -20.45
CA ARG D 545 36.89 -36.58 -19.58
C ARG D 545 35.63 -37.15 -20.23
N LEU D 546 35.43 -36.96 -21.53
CA LEU D 546 34.18 -37.37 -22.15
C LEU D 546 34.09 -38.89 -22.20
N LYS D 547 33.05 -39.43 -21.58
CA LYS D 547 32.81 -40.86 -21.51
C LYS D 547 31.75 -41.36 -22.47
N VAL D 548 30.89 -40.47 -22.97
CA VAL D 548 29.86 -40.82 -23.92
C VAL D 548 29.77 -39.70 -24.95
N LEU D 549 29.80 -40.07 -26.22
CA LEU D 549 29.54 -39.15 -27.32
C LEU D 549 28.46 -39.76 -28.20
N ARG D 550 27.44 -38.99 -28.52
CA ARG D 550 26.43 -39.37 -29.50
C ARG D 550 26.32 -38.27 -30.54
N LEU D 551 26.28 -38.65 -31.81
CA LEU D 551 26.20 -37.72 -32.92
C LEU D 551 25.12 -38.15 -33.88
N LYS D 552 24.26 -37.21 -34.24
CA LYS D 552 23.16 -37.40 -35.18
C LYS D 552 23.32 -36.30 -36.21
N SER D 553 24.25 -36.50 -37.16
CA SER D 553 24.77 -35.39 -37.96
C SER D 553 24.94 -35.72 -39.43
N ASN D 554 24.35 -36.81 -39.93
CA ASN D 554 24.40 -37.14 -41.36
C ASN D 554 25.84 -37.22 -41.86
N LEU D 555 26.64 -38.07 -41.21
CA LEU D 555 28.08 -38.05 -41.38
C LEU D 555 28.51 -39.04 -42.46
N SER D 556 29.42 -38.59 -43.33
CA SER D 556 29.97 -39.46 -44.37
C SER D 556 30.99 -40.43 -43.81
N LYS D 557 31.69 -40.04 -42.75
CA LYS D 557 32.76 -40.85 -42.18
C LYS D 557 32.76 -40.67 -40.68
N LEU D 558 33.54 -41.52 -40.01
CA LEU D 558 33.79 -41.37 -38.59
C LEU D 558 34.92 -40.35 -38.40
N PRO D 559 34.73 -39.28 -37.61
CA PRO D 559 35.79 -38.28 -37.50
C PRO D 559 37.07 -38.85 -36.90
N GLN D 560 38.19 -38.34 -37.39
CA GLN D 560 39.48 -38.72 -36.82
C GLN D 560 39.57 -38.31 -35.36
N VAL D 561 39.02 -37.15 -35.03
CA VAL D 561 39.13 -36.62 -33.68
C VAL D 561 38.42 -37.52 -32.68
N VAL D 562 37.35 -38.19 -33.09
CA VAL D 562 36.66 -39.13 -32.21
C VAL D 562 37.61 -40.25 -31.81
N THR D 563 38.21 -40.90 -32.79
CA THR D 563 39.13 -42.00 -32.51
C THR D 563 40.36 -41.51 -31.77
N ASP D 564 40.72 -40.25 -31.95
CA ASP D 564 41.82 -39.67 -31.17
C ASP D 564 41.43 -39.54 -29.71
N VAL D 565 40.16 -39.19 -29.44
CA VAL D 565 39.63 -39.05 -28.09
C VAL D 565 39.20 -40.41 -27.54
N GLY D 566 39.31 -41.45 -28.36
CA GLY D 566 38.89 -42.78 -27.97
C GLY D 566 39.68 -43.43 -26.86
N VAL D 567 40.70 -42.76 -26.32
CA VAL D 567 41.47 -43.33 -25.22
C VAL D 567 40.59 -43.58 -24.02
N HIS D 568 39.66 -42.67 -23.73
CA HIS D 568 38.84 -42.71 -22.53
C HIS D 568 37.35 -42.84 -22.82
N LEU D 569 36.92 -42.66 -24.06
CA LEU D 569 35.52 -42.81 -24.40
C LEU D 569 35.05 -44.25 -24.20
N GLN D 570 33.85 -44.40 -23.63
CA GLN D 570 33.28 -45.71 -23.32
C GLN D 570 32.11 -46.10 -24.22
N LYS D 571 31.31 -45.13 -24.67
CA LYS D 571 30.14 -45.40 -25.50
C LYS D 571 30.10 -44.38 -26.62
N LEU D 572 30.02 -44.86 -27.85
CA LEU D 572 29.83 -44.02 -29.02
C LEU D 572 28.60 -44.51 -29.77
N SER D 573 27.74 -43.57 -30.16
CA SER D 573 26.49 -43.88 -30.83
C SER D 573 26.32 -42.93 -32.00
N ILE D 574 26.20 -43.48 -33.21
CA ILE D 574 25.99 -42.71 -34.43
C ILE D 574 24.65 -43.14 -35.02
N ASN D 575 23.75 -42.17 -35.17
CA ASN D 575 22.50 -42.36 -35.92
C ASN D 575 22.61 -41.51 -37.17
N ASN D 576 22.81 -42.17 -38.30
CA ASN D 576 23.15 -41.53 -39.56
C ASN D 576 21.96 -41.39 -40.51
N GLU D 577 20.80 -41.95 -40.13
CA GLU D 577 19.57 -41.82 -40.90
C GLU D 577 19.73 -42.29 -42.34
N GLY D 578 20.38 -43.43 -42.51
CA GLY D 578 20.52 -44.05 -43.81
C GLY D 578 21.66 -43.54 -44.65
N THR D 579 22.30 -42.45 -44.24
CA THR D 579 23.50 -42.00 -44.91
C THR D 579 24.64 -42.97 -44.63
N LYS D 580 25.36 -43.37 -45.68
CA LYS D 580 26.40 -44.38 -45.54
C LYS D 580 27.56 -43.84 -44.72
N LEU D 581 27.95 -44.59 -43.69
CA LEU D 581 29.11 -44.28 -42.88
C LEU D 581 30.32 -45.04 -43.38
N ILE D 582 31.45 -44.35 -43.48
CA ILE D 582 32.74 -44.97 -43.79
C ILE D 582 33.50 -45.08 -42.47
N VAL D 583 33.83 -46.29 -42.04
CA VAL D 583 34.46 -46.48 -40.73
C VAL D 583 35.94 -46.26 -40.88
N LEU D 584 36.54 -46.97 -41.83
CA LEU D 584 37.96 -46.78 -42.14
C LEU D 584 39.09 -47.06 -41.18
N ASN D 585 39.15 -48.24 -40.53
CA ASN D 585 40.34 -48.64 -39.78
C ASN D 585 40.66 -47.77 -38.56
N SER D 586 39.90 -46.69 -38.34
CA SER D 586 40.18 -45.82 -37.21
C SER D 586 39.50 -46.34 -35.95
N LEU D 587 38.32 -46.94 -36.12
CA LEU D 587 37.53 -47.47 -35.01
C LEU D 587 38.31 -48.47 -34.16
N LYS D 588 39.35 -49.09 -34.73
CA LYS D 588 40.12 -50.08 -34.00
C LYS D 588 40.87 -49.51 -32.81
N LYS D 589 41.04 -48.18 -32.73
CA LYS D 589 41.78 -47.62 -31.60
C LYS D 589 40.97 -47.58 -30.32
N MET D 590 39.64 -47.71 -30.40
CA MET D 590 38.77 -47.49 -29.25
C MET D 590 38.73 -48.75 -28.39
N ALA D 591 39.80 -48.93 -27.61
CA ALA D 591 39.92 -50.13 -26.78
C ALA D 591 39.03 -50.05 -25.55
N ASN D 592 38.66 -48.84 -25.11
CA ASN D 592 37.86 -48.64 -23.92
C ASN D 592 36.37 -48.77 -24.19
N LEU D 593 35.97 -48.83 -25.46
CA LEU D 593 34.56 -48.87 -25.83
C LEU D 593 33.90 -50.13 -25.30
N THR D 594 32.78 -49.94 -24.59
CA THR D 594 31.99 -51.05 -24.04
C THR D 594 30.63 -51.20 -24.70
N GLU D 595 30.12 -50.15 -25.35
CA GLU D 595 28.88 -50.22 -26.09
C GLU D 595 29.02 -49.39 -27.35
N LEU D 596 28.68 -50.00 -28.50
CA LEU D 596 28.74 -49.32 -29.78
C LEU D 596 27.40 -49.46 -30.49
N GLU D 597 26.90 -48.35 -31.02
CA GLU D 597 25.69 -48.34 -31.82
C GLU D 597 25.99 -47.56 -33.10
N LEU D 598 25.98 -48.26 -34.23
CA LEU D 598 26.14 -47.65 -35.54
C LEU D 598 24.79 -47.80 -36.23
N ILE D 599 23.99 -46.75 -36.10
CA ILE D 599 22.56 -46.79 -36.34
C ILE D 599 22.25 -46.13 -37.65
N ARG D 600 21.48 -46.81 -38.48
CA ARG D 600 20.97 -46.26 -39.75
C ARG D 600 22.11 -45.74 -40.60
N CYS D 601 23.17 -46.55 -40.70
CA CYS D 601 24.36 -46.23 -41.48
C CYS D 601 24.42 -47.01 -42.78
N ASP D 602 23.39 -47.78 -43.11
CA ASP D 602 23.32 -48.56 -44.36
C ASP D 602 24.57 -49.40 -44.56
N LEU D 603 24.98 -50.09 -43.50
CA LEU D 603 26.23 -50.82 -43.54
C LEU D 603 26.14 -52.05 -44.43
N GLU D 604 25.02 -52.77 -44.34
CA GLU D 604 24.66 -53.95 -45.14
C GLU D 604 25.42 -55.22 -44.75
N ARG D 605 26.49 -55.09 -43.96
CA ARG D 605 27.24 -56.22 -43.42
C ARG D 605 27.95 -55.76 -42.16
N ILE D 606 27.96 -56.62 -41.16
CA ILE D 606 28.62 -56.34 -39.88
C ILE D 606 30.13 -56.24 -40.17
N PRO D 607 30.80 -55.12 -39.91
CA PRO D 607 32.24 -55.07 -40.20
C PRO D 607 33.03 -55.95 -39.25
N HIS D 608 34.25 -56.26 -39.68
CA HIS D 608 35.14 -57.13 -38.92
C HIS D 608 36.04 -56.38 -37.95
N SER D 609 36.02 -55.05 -37.97
CA SER D 609 36.75 -54.28 -36.96
C SER D 609 36.15 -54.48 -35.58
N ILE D 610 34.86 -54.84 -35.51
CA ILE D 610 34.17 -54.98 -34.23
C ILE D 610 34.79 -56.06 -33.37
N PHE D 611 35.39 -57.08 -34.01
CA PHE D 611 35.87 -58.24 -33.25
C PHE D 611 37.07 -57.90 -32.39
N SER D 612 37.78 -56.81 -32.68
CA SER D 612 38.88 -56.36 -31.83
C SER D 612 38.42 -55.59 -30.59
N LEU D 613 37.13 -55.25 -30.51
CA LEU D 613 36.58 -54.49 -29.38
C LEU D 613 36.13 -55.47 -28.32
N HIS D 614 37.10 -56.00 -27.57
CA HIS D 614 36.90 -57.12 -26.68
C HIS D 614 36.11 -56.78 -25.41
N ASN D 615 35.75 -55.51 -25.21
CA ASN D 615 35.00 -55.09 -24.03
C ASN D 615 33.52 -54.85 -24.31
N LEU D 616 33.06 -55.12 -25.54
CA LEU D 616 31.69 -54.78 -25.91
C LEU D 616 30.69 -55.62 -25.11
N GLN D 617 29.68 -54.93 -24.58
CA GLN D 617 28.59 -55.56 -23.84
C GLN D 617 27.28 -55.56 -24.60
N GLU D 618 27.06 -54.56 -25.46
CA GLU D 618 25.79 -54.39 -26.14
C GLU D 618 26.04 -53.87 -27.55
N ILE D 619 25.26 -54.37 -28.50
CA ILE D 619 25.32 -53.94 -29.88
C ILE D 619 23.90 -53.68 -30.36
N ASP D 620 23.73 -52.60 -31.13
CA ASP D 620 22.46 -52.30 -31.77
C ASP D 620 22.74 -51.96 -33.23
N LEU D 621 22.10 -52.69 -34.14
CA LEU D 621 22.30 -52.54 -35.57
C LEU D 621 20.98 -52.27 -36.27
N LYS D 622 20.24 -51.30 -35.74
CA LYS D 622 19.02 -50.80 -36.37
C LYS D 622 19.23 -50.50 -37.85
N ASP D 623 18.35 -51.07 -38.67
CA ASP D 623 18.13 -50.62 -40.04
C ASP D 623 19.43 -50.66 -40.85
N ASN D 624 19.92 -51.87 -41.07
CA ASN D 624 21.06 -52.10 -41.95
C ASN D 624 20.78 -53.18 -42.99
N ASN D 625 19.51 -53.57 -43.16
CA ASN D 625 19.10 -54.49 -44.20
C ASN D 625 19.83 -55.83 -44.07
N LEU D 626 20.05 -56.25 -42.83
CA LEU D 626 20.79 -57.47 -42.56
C LEU D 626 19.92 -58.69 -42.86
N LYS D 627 20.47 -59.61 -43.64
CA LYS D 627 19.80 -60.84 -44.02
C LYS D 627 20.43 -62.08 -43.39
N THR D 628 21.76 -62.12 -43.29
CA THR D 628 22.47 -63.19 -42.62
C THR D 628 23.48 -62.57 -41.64
N ILE D 629 23.61 -63.23 -40.49
CA ILE D 629 24.40 -62.73 -39.38
C ILE D 629 25.40 -63.79 -38.92
N GLU D 630 25.92 -64.61 -39.84
CA GLU D 630 26.82 -65.69 -39.46
C GLU D 630 28.03 -65.19 -38.69
N GLU D 631 28.45 -63.95 -38.94
CA GLU D 631 29.64 -63.38 -38.34
C GLU D 631 29.60 -63.40 -36.82
N ILE D 632 28.41 -63.56 -36.22
CA ILE D 632 28.28 -63.63 -34.77
C ILE D 632 29.09 -64.75 -34.14
N ILE D 633 29.56 -65.71 -34.94
CA ILE D 633 30.46 -66.71 -34.38
C ILE D 633 31.65 -66.06 -33.71
N SER D 634 32.24 -65.02 -34.33
CA SER D 634 33.39 -64.40 -33.69
C SER D 634 33.00 -63.51 -32.51
N PHE D 635 31.70 -63.29 -32.27
CA PHE D 635 31.28 -62.67 -31.02
C PHE D 635 31.45 -63.60 -29.83
N GLN D 636 31.76 -64.88 -30.05
CA GLN D 636 31.92 -65.81 -28.93
C GLN D 636 33.00 -65.39 -27.94
N HIS D 637 33.90 -64.47 -28.32
CA HIS D 637 34.94 -63.98 -27.42
C HIS D 637 34.51 -62.76 -26.61
N LEU D 638 33.31 -62.22 -26.83
CA LEU D 638 32.80 -61.10 -26.06
C LEU D 638 32.01 -61.69 -24.91
N HIS D 639 32.70 -61.88 -23.79
CA HIS D 639 32.16 -62.67 -22.69
C HIS D 639 31.07 -61.95 -21.90
N ARG D 640 30.96 -60.63 -22.03
CA ARG D 640 29.92 -59.86 -21.36
C ARG D 640 28.79 -59.46 -22.30
N LEU D 641 28.75 -60.00 -23.51
CA LEU D 641 27.68 -59.65 -24.44
C LEU D 641 26.38 -60.25 -23.93
N THR D 642 25.45 -59.36 -23.56
CA THR D 642 24.17 -59.77 -22.99
C THR D 642 22.96 -59.33 -23.79
N CYS D 643 23.12 -58.38 -24.72
CA CYS D 643 21.99 -57.76 -25.41
C CYS D 643 22.36 -57.56 -26.87
N LEU D 644 21.59 -58.18 -27.77
CA LEU D 644 21.75 -58.02 -29.20
C LEU D 644 20.42 -57.55 -29.78
N LYS D 645 20.46 -56.39 -30.44
CA LYS D 645 19.26 -55.71 -30.92
C LYS D 645 19.31 -55.60 -32.44
N LEU D 646 18.57 -56.48 -33.12
CA LEU D 646 18.60 -56.62 -34.58
C LEU D 646 17.22 -56.47 -35.21
N TRP D 647 16.33 -55.68 -34.62
CA TRP D 647 14.99 -55.54 -35.15
C TRP D 647 15.00 -54.91 -36.54
N TYR D 648 13.86 -55.05 -37.23
CA TYR D 648 13.59 -54.37 -38.50
C TYR D 648 14.73 -54.56 -39.50
N ASN D 649 15.04 -55.84 -39.75
CA ASN D 649 16.01 -56.22 -40.76
C ASN D 649 15.32 -57.32 -41.56
N HIS D 650 16.08 -57.97 -42.44
CA HIS D 650 15.54 -58.97 -43.35
C HIS D 650 16.12 -60.35 -43.02
N ILE D 651 16.29 -60.62 -41.73
CA ILE D 651 16.95 -61.84 -41.30
C ILE D 651 16.03 -63.02 -41.52
N ALA D 652 16.55 -64.05 -42.19
CA ALA D 652 15.75 -65.22 -42.56
C ALA D 652 15.89 -66.38 -41.59
N TYR D 653 17.01 -66.49 -40.89
CA TYR D 653 17.24 -67.61 -39.99
C TYR D 653 18.28 -67.22 -38.95
N ILE D 654 18.31 -68.01 -37.87
CA ILE D 654 19.23 -67.79 -36.76
C ILE D 654 20.39 -68.77 -36.92
N PRO D 655 21.63 -68.31 -37.08
CA PRO D 655 22.75 -69.27 -37.13
C PRO D 655 22.89 -70.09 -35.87
N ILE D 656 23.42 -71.30 -36.03
CA ILE D 656 23.50 -72.30 -34.96
C ILE D 656 24.47 -71.90 -33.86
N GLN D 657 25.51 -71.13 -34.18
CA GLN D 657 26.55 -70.80 -33.21
C GLN D 657 26.06 -69.96 -32.04
N ILE D 658 24.81 -69.48 -32.08
CA ILE D 658 24.20 -68.76 -30.98
C ILE D 658 24.31 -69.52 -29.67
N GLY D 659 24.34 -70.86 -29.71
CA GLY D 659 24.46 -71.65 -28.50
C GLY D 659 25.76 -71.43 -27.76
N ASN D 660 26.78 -70.88 -28.43
CA ASN D 660 28.05 -70.57 -27.78
C ASN D 660 28.07 -69.19 -27.13
N LEU D 661 27.01 -68.40 -27.27
CA LEU D 661 26.88 -67.12 -26.58
C LEU D 661 26.11 -67.34 -25.28
N THR D 662 26.78 -68.04 -24.37
CA THR D 662 26.14 -68.55 -23.16
C THR D 662 25.81 -67.47 -22.14
N ASN D 663 26.37 -66.27 -22.27
CA ASN D 663 26.16 -65.20 -21.31
C ASN D 663 25.03 -64.26 -21.71
N LEU D 664 24.28 -64.58 -22.77
CA LEU D 664 23.22 -63.70 -23.21
C LEU D 664 22.11 -63.60 -22.18
N GLU D 665 21.61 -62.39 -21.98
CA GLU D 665 20.47 -62.14 -21.11
C GLU D 665 19.28 -61.55 -21.86
N ARG D 666 19.55 -60.81 -22.94
CA ARG D 666 18.54 -60.17 -23.77
C ARG D 666 18.81 -60.54 -25.21
N LEU D 667 17.79 -60.98 -25.92
CA LEU D 667 17.91 -61.26 -27.35
C LEU D 667 16.63 -60.79 -28.03
N TYR D 668 16.77 -59.82 -28.92
CA TYR D 668 15.65 -59.28 -29.69
C TYR D 668 15.88 -59.58 -31.16
N LEU D 669 15.03 -60.43 -31.72
CA LEU D 669 15.01 -60.72 -33.15
C LEU D 669 13.62 -60.50 -33.73
N ASN D 670 12.80 -59.68 -33.07
CA ASN D 670 11.46 -59.37 -33.52
C ASN D 670 11.50 -58.51 -34.79
N ARG D 671 10.37 -58.48 -35.50
CA ARG D 671 10.21 -57.69 -36.71
C ARG D 671 11.24 -58.10 -37.76
N ASN D 672 11.28 -59.39 -38.04
CA ASN D 672 12.23 -59.94 -39.01
C ASN D 672 11.50 -61.03 -39.79
N LYS D 673 12.26 -61.81 -40.58
CA LYS D 673 11.71 -62.79 -41.51
C LYS D 673 12.08 -64.20 -41.08
N ILE D 674 12.10 -64.44 -39.79
CA ILE D 674 12.66 -65.69 -39.28
C ILE D 674 11.63 -66.79 -39.42
N GLU D 675 12.10 -67.95 -39.88
CA GLU D 675 11.24 -69.09 -40.22
C GLU D 675 11.22 -70.18 -39.16
N LYS D 676 12.29 -70.32 -38.40
CA LYS D 676 12.40 -71.37 -37.40
C LYS D 676 13.28 -70.89 -36.26
N ILE D 677 13.21 -71.64 -35.16
CA ILE D 677 14.04 -71.41 -33.99
C ILE D 677 15.03 -72.57 -33.90
N PRO D 678 16.35 -72.34 -33.95
CA PRO D 678 17.27 -73.43 -33.64
C PRO D 678 17.20 -73.79 -32.17
N THR D 679 17.34 -75.08 -31.89
CA THR D 679 17.41 -75.52 -30.50
C THR D 679 18.62 -74.96 -29.78
N GLN D 680 19.69 -74.62 -30.51
CA GLN D 680 20.93 -74.18 -29.86
C GLN D 680 20.74 -72.87 -29.11
N LEU D 681 19.73 -72.10 -29.48
CA LEU D 681 19.42 -70.84 -28.80
C LEU D 681 19.17 -71.06 -27.32
N PHE D 682 18.70 -72.24 -26.94
CA PHE D 682 18.34 -72.47 -25.55
C PHE D 682 19.50 -72.89 -24.64
N TYR D 683 20.71 -72.96 -25.18
CA TYR D 683 21.87 -73.29 -24.35
C TYR D 683 22.12 -72.02 -23.56
N CYS D 684 21.52 -70.91 -24.01
CA CYS D 684 21.61 -69.65 -23.29
C CYS D 684 20.62 -69.69 -22.13
N ARG D 685 21.04 -70.35 -21.05
CA ARG D 685 20.16 -70.65 -19.93
C ARG D 685 20.06 -69.50 -18.93
N LYS D 686 20.76 -68.40 -19.15
CA LYS D 686 20.63 -67.20 -18.32
C LYS D 686 19.75 -66.13 -18.98
N LEU D 687 19.07 -66.44 -20.07
CA LEU D 687 18.20 -65.47 -20.71
C LEU D 687 17.01 -65.12 -19.83
N ARG D 688 16.73 -63.82 -19.74
CA ARG D 688 15.53 -63.29 -19.09
C ARG D 688 14.51 -62.78 -20.08
N TYR D 689 14.97 -62.11 -21.13
CA TYR D 689 14.10 -61.46 -22.10
C TYR D 689 14.38 -62.05 -23.47
N LEU D 690 13.32 -62.51 -24.12
CA LEU D 690 13.38 -62.95 -25.51
C LEU D 690 12.14 -62.36 -26.18
N ASP D 691 12.34 -61.67 -27.30
CA ASP D 691 11.25 -61.08 -28.06
C ASP D 691 11.34 -61.58 -29.48
N LEU D 692 10.36 -62.42 -29.87
CA LEU D 692 10.26 -62.98 -31.20
C LEU D 692 8.93 -62.61 -31.85
N SER D 693 8.31 -61.54 -31.39
CA SER D 693 7.05 -61.10 -31.96
C SER D 693 7.24 -60.68 -33.41
N HIS D 694 6.17 -60.84 -34.20
CA HIS D 694 6.15 -60.37 -35.58
C HIS D 694 7.21 -61.06 -36.42
N ASN D 695 7.16 -62.40 -36.42
CA ASN D 695 8.05 -63.19 -37.27
C ASN D 695 7.06 -64.11 -38.03
N ASN D 696 7.48 -65.32 -38.43
CA ASN D 696 6.61 -66.26 -39.10
C ASN D 696 6.61 -67.60 -38.38
N LEU D 697 6.58 -67.53 -37.05
CA LEU D 697 6.62 -68.74 -36.23
C LEU D 697 5.24 -69.37 -36.13
N THR D 698 5.21 -70.69 -36.26
CA THR D 698 3.98 -71.48 -36.17
C THR D 698 3.83 -72.17 -34.83
N PHE D 699 4.93 -72.62 -34.22
CA PHE D 699 4.90 -73.37 -32.97
C PHE D 699 6.14 -73.00 -32.17
N LEU D 700 6.11 -73.38 -30.90
CA LEU D 700 7.23 -73.17 -29.99
C LEU D 700 7.85 -74.50 -29.63
N PRO D 701 9.15 -74.76 -29.87
CA PRO D 701 9.71 -76.07 -29.53
C PRO D 701 9.65 -76.37 -28.04
N ALA D 702 9.62 -77.68 -27.73
CA ALA D 702 9.63 -78.13 -26.34
C ALA D 702 10.88 -77.69 -25.60
N ASP D 703 11.99 -77.49 -26.32
CA ASP D 703 13.25 -77.07 -25.71
C ASP D 703 13.16 -75.73 -25.01
N ILE D 704 12.05 -75.00 -25.17
CA ILE D 704 11.82 -73.79 -24.40
C ILE D 704 11.80 -74.07 -22.90
N GLY D 705 11.61 -75.33 -22.51
CA GLY D 705 11.74 -75.69 -21.11
C GLY D 705 13.13 -75.49 -20.53
N LEU D 706 14.14 -75.28 -21.37
CA LEU D 706 15.52 -75.16 -20.90
C LEU D 706 15.87 -73.78 -20.37
N LEU D 707 15.05 -72.75 -20.63
CA LEU D 707 15.34 -71.41 -20.12
C LEU D 707 14.91 -71.35 -18.66
N GLN D 708 15.77 -71.87 -17.80
CA GLN D 708 15.46 -71.95 -16.38
C GLN D 708 15.43 -70.57 -15.72
N ASN D 709 16.05 -69.56 -16.35
CA ASN D 709 16.12 -68.21 -15.81
C ASN D 709 15.20 -67.23 -16.54
N LEU D 710 14.26 -67.73 -17.34
CA LEU D 710 13.35 -66.85 -18.08
C LEU D 710 12.34 -66.21 -17.14
N GLN D 711 12.10 -64.91 -17.33
CA GLN D 711 11.15 -64.15 -16.53
C GLN D 711 10.05 -63.50 -17.35
N ASN D 712 10.38 -62.95 -18.52
CA ASN D 712 9.41 -62.29 -19.38
C ASN D 712 9.66 -62.68 -20.82
N LEU D 713 8.60 -62.70 -21.62
CA LEU D 713 8.63 -63.29 -22.94
C LEU D 713 7.49 -62.74 -23.77
N ALA D 714 7.79 -62.33 -24.99
CA ALA D 714 6.79 -61.84 -25.94
C ALA D 714 6.95 -62.57 -27.26
N ILE D 715 5.87 -63.19 -27.71
CA ILE D 715 5.80 -63.88 -28.99
C ILE D 715 4.55 -63.34 -29.69
N THR D 716 4.24 -62.08 -29.42
CA THR D 716 2.99 -61.47 -29.84
C THR D 716 2.82 -61.49 -31.35
N ALA D 717 1.57 -61.63 -31.78
CA ALA D 717 1.17 -61.39 -33.18
C ALA D 717 1.79 -62.40 -34.14
N ASN D 718 1.97 -63.63 -33.67
CA ASN D 718 2.21 -64.78 -34.53
C ASN D 718 0.91 -65.58 -34.60
N ARG D 719 0.95 -66.73 -35.24
CA ARG D 719 -0.25 -67.55 -35.47
C ARG D 719 -0.15 -68.86 -34.70
N ILE D 720 0.30 -68.77 -33.46
CA ILE D 720 0.44 -69.94 -32.60
C ILE D 720 -0.94 -70.33 -32.10
N GLU D 721 -1.28 -71.62 -32.25
CA GLU D 721 -2.60 -72.11 -31.90
C GLU D 721 -2.66 -72.53 -30.44
N THR D 722 -1.58 -73.13 -29.93
CA THR D 722 -1.53 -73.63 -28.57
C THR D 722 -0.10 -73.59 -28.09
N LEU D 723 0.07 -73.62 -26.76
CA LEU D 723 1.37 -73.53 -26.13
C LEU D 723 1.88 -74.92 -25.78
N PRO D 724 3.16 -75.23 -25.96
CA PRO D 724 3.66 -76.53 -25.50
C PRO D 724 3.64 -76.61 -23.98
N PRO D 725 3.48 -77.81 -23.41
CA PRO D 725 3.57 -77.93 -21.94
C PRO D 725 4.91 -77.49 -21.39
N GLU D 726 6.00 -77.75 -22.13
CA GLU D 726 7.34 -77.48 -21.62
C GLU D 726 7.58 -76.01 -21.32
N LEU D 727 6.76 -75.12 -21.89
CA LEU D 727 6.84 -73.71 -21.57
C LEU D 727 6.77 -73.46 -20.08
N PHE D 728 6.01 -74.27 -19.34
CA PHE D 728 5.86 -74.05 -17.92
C PHE D 728 7.00 -74.63 -17.10
N GLN D 729 8.05 -75.15 -17.74
CA GLN D 729 9.27 -75.45 -17.02
C GLN D 729 10.03 -74.19 -16.65
N CYS D 730 9.73 -73.07 -17.28
CA CYS D 730 10.30 -71.76 -16.93
C CYS D 730 9.54 -71.23 -15.71
N ARG D 731 10.03 -71.63 -14.53
CA ARG D 731 9.33 -71.35 -13.28
C ARG D 731 9.35 -69.88 -12.90
N LYS D 732 10.32 -69.12 -13.38
CA LYS D 732 10.54 -67.74 -12.93
C LYS D 732 9.73 -66.72 -13.73
N LEU D 733 8.79 -67.16 -14.56
CA LEU D 733 8.05 -66.25 -15.42
C LEU D 733 7.20 -65.30 -14.59
N ARG D 734 7.22 -64.02 -15.00
CA ARG D 734 6.38 -62.99 -14.40
C ARG D 734 5.46 -62.31 -15.40
N ALA D 735 5.81 -62.32 -16.68
CA ALA D 735 4.95 -61.73 -17.71
C ALA D 735 5.04 -62.56 -18.98
N LEU D 736 3.89 -62.74 -19.64
CA LEU D 736 3.80 -63.49 -20.89
C LEU D 736 2.85 -62.76 -21.82
N HIS D 737 3.41 -62.13 -22.85
CA HIS D 737 2.65 -61.31 -23.78
C HIS D 737 2.33 -62.15 -25.01
N LEU D 738 1.09 -62.61 -25.09
CA LEU D 738 0.63 -63.50 -26.14
C LEU D 738 -0.62 -63.00 -26.85
N GLY D 739 -0.99 -61.74 -26.63
CA GLY D 739 -2.22 -61.22 -27.21
C GLY D 739 -2.15 -61.12 -28.71
N ASN D 740 -3.33 -60.92 -29.31
CA ASN D 740 -3.47 -60.67 -30.75
C ASN D 740 -2.85 -61.79 -31.59
N ASN D 741 -3.01 -63.02 -31.10
CA ASN D 741 -2.68 -64.23 -31.81
C ASN D 741 -4.00 -64.90 -32.17
N VAL D 742 -3.95 -66.16 -32.61
CA VAL D 742 -5.13 -66.91 -33.01
C VAL D 742 -5.33 -68.09 -32.07
N LEU D 743 -4.96 -67.91 -30.80
CA LEU D 743 -5.16 -68.95 -29.80
C LEU D 743 -6.62 -69.35 -29.71
N GLN D 744 -6.85 -70.66 -29.68
CA GLN D 744 -8.19 -71.21 -29.52
C GLN D 744 -8.47 -71.65 -28.10
N SER D 745 -7.43 -71.97 -27.33
CA SER D 745 -7.60 -72.37 -25.93
C SER D 745 -6.36 -71.96 -25.14
N LEU D 746 -6.56 -71.69 -23.86
CA LEU D 746 -5.50 -71.33 -22.93
C LEU D 746 -5.29 -72.51 -21.97
N PRO D 747 -4.12 -73.17 -21.96
CA PRO D 747 -3.96 -74.36 -21.11
C PRO D 747 -4.14 -74.07 -19.62
N SER D 748 -4.64 -75.08 -18.90
CA SER D 748 -4.86 -74.96 -17.46
C SER D 748 -3.56 -74.70 -16.70
N ARG D 749 -2.42 -75.17 -17.24
CA ARG D 749 -1.15 -75.10 -16.52
C ARG D 749 -0.67 -73.67 -16.25
N VAL D 750 -1.39 -72.66 -16.76
CA VAL D 750 -1.18 -71.28 -16.33
C VAL D 750 -1.28 -71.15 -14.81
N GLY D 751 -2.02 -72.04 -14.16
CA GLY D 751 -2.09 -72.07 -12.72
C GLY D 751 -0.75 -72.23 -12.03
N GLU D 752 0.24 -72.83 -12.72
CA GLU D 752 1.54 -73.06 -12.10
C GLU D 752 2.41 -71.80 -12.04
N LEU D 753 2.10 -70.77 -12.83
CA LEU D 753 2.91 -69.57 -12.85
C LEU D 753 2.61 -68.74 -11.61
N THR D 754 3.38 -69.03 -10.56
CA THR D 754 3.22 -68.35 -9.28
C THR D 754 3.42 -66.84 -9.42
N ASN D 755 4.47 -66.43 -10.14
CA ASN D 755 4.89 -65.04 -10.14
C ASN D 755 4.28 -64.23 -11.29
N LEU D 756 3.28 -64.78 -11.97
CA LEU D 756 2.67 -64.06 -13.08
C LEU D 756 1.88 -62.87 -12.56
N THR D 757 2.15 -61.69 -13.14
CA THR D 757 1.41 -60.48 -12.83
C THR D 757 0.81 -59.81 -14.06
N GLN D 758 1.26 -60.17 -15.26
CA GLN D 758 0.80 -59.54 -16.49
C GLN D 758 0.75 -60.58 -17.59
N ILE D 759 -0.37 -60.65 -18.31
CA ILE D 759 -0.54 -61.61 -19.38
C ILE D 759 -1.48 -61.03 -20.42
N GLU D 760 -1.11 -61.16 -21.69
CA GLU D 760 -1.94 -60.75 -22.81
C GLU D 760 -2.60 -61.96 -23.43
N LEU D 761 -3.93 -61.92 -23.53
CA LEU D 761 -4.71 -62.89 -24.26
C LEU D 761 -5.69 -62.22 -25.21
N ARG D 762 -5.61 -60.90 -25.36
CA ARG D 762 -6.64 -60.16 -26.08
C ARG D 762 -6.56 -60.44 -27.57
N GLY D 763 -7.66 -60.14 -28.26
CA GLY D 763 -7.70 -60.31 -29.70
C GLY D 763 -7.86 -61.74 -30.16
N ASN D 764 -8.45 -62.59 -29.32
CA ASN D 764 -8.72 -63.99 -29.66
C ASN D 764 -10.22 -64.23 -29.71
N ARG D 765 -10.59 -65.29 -30.42
CA ARG D 765 -11.98 -65.73 -30.50
C ARG D 765 -12.28 -66.77 -29.43
N LEU D 766 -11.96 -66.44 -28.18
CA LEU D 766 -12.31 -67.29 -27.06
C LEU D 766 -13.74 -67.03 -26.64
N GLU D 767 -14.40 -68.06 -26.11
CA GLU D 767 -15.73 -67.93 -25.55
C GLU D 767 -15.71 -67.79 -24.03
N CYS D 768 -14.75 -68.43 -23.37
CA CYS D 768 -14.58 -68.32 -21.93
C CYS D 768 -13.09 -68.39 -21.61
N LEU D 769 -12.77 -68.31 -20.31
CA LEU D 769 -11.41 -68.45 -19.81
C LEU D 769 -11.33 -69.64 -18.85
N PRO D 770 -10.15 -70.25 -18.69
CA PRO D 770 -10.03 -71.33 -17.72
C PRO D 770 -9.90 -70.80 -16.30
N VAL D 771 -10.56 -71.49 -15.38
CA VAL D 771 -10.60 -71.07 -13.97
C VAL D 771 -9.23 -70.95 -13.35
N GLU D 772 -8.25 -71.70 -13.86
CA GLU D 772 -6.95 -71.79 -13.20
C GLU D 772 -6.18 -70.47 -13.22
N LEU D 773 -6.64 -69.48 -14.00
CA LEU D 773 -6.06 -68.13 -13.90
C LEU D 773 -6.19 -67.58 -12.49
N GLY D 774 -7.24 -67.97 -11.77
CA GLY D 774 -7.39 -67.55 -10.38
C GLY D 774 -6.32 -68.10 -9.45
N GLU D 775 -5.57 -69.11 -9.89
CA GLU D 775 -4.56 -69.73 -9.03
C GLU D 775 -3.27 -68.94 -8.94
N CYS D 776 -3.17 -67.79 -9.65
CA CYS D 776 -1.95 -66.99 -9.66
C CYS D 776 -1.93 -66.03 -8.47
N PRO D 777 -1.05 -66.22 -7.47
CA PRO D 777 -1.15 -65.37 -6.26
C PRO D 777 -0.93 -63.89 -6.50
N LEU D 778 0.12 -63.50 -7.21
CA LEU D 778 0.52 -62.11 -7.30
C LEU D 778 -0.23 -61.34 -8.38
N LEU D 779 -1.20 -61.95 -9.04
CA LEU D 779 -1.93 -61.31 -10.12
C LEU D 779 -3.02 -60.39 -9.56
N LYS D 780 -3.27 -59.30 -10.27
CA LYS D 780 -4.31 -58.34 -9.94
C LYS D 780 -5.24 -58.11 -11.12
N ARG D 781 -6.41 -57.55 -10.83
CA ARG D 781 -7.40 -57.26 -11.87
C ARG D 781 -6.80 -56.38 -12.96
N SER D 782 -6.02 -55.39 -12.55
CA SER D 782 -5.37 -54.53 -13.52
C SER D 782 -4.30 -55.27 -14.31
N GLY D 783 -3.75 -56.34 -13.75
CA GLY D 783 -2.70 -57.11 -14.39
C GLY D 783 -3.17 -58.21 -15.29
N LEU D 784 -4.40 -58.70 -15.11
CA LEU D 784 -4.96 -59.74 -15.95
C LEU D 784 -5.59 -59.04 -17.15
N VAL D 785 -4.83 -58.95 -18.23
CA VAL D 785 -5.14 -58.09 -19.35
C VAL D 785 -5.87 -58.96 -20.38
N VAL D 786 -7.20 -58.87 -20.38
CA VAL D 786 -8.04 -59.69 -21.23
C VAL D 786 -9.38 -58.98 -21.40
N GLU D 787 -10.10 -59.35 -22.45
CA GLU D 787 -11.42 -58.77 -22.69
C GLU D 787 -12.35 -58.99 -21.50
N GLU D 788 -13.25 -58.02 -21.30
CA GLU D 788 -14.10 -58.03 -20.11
C GLU D 788 -15.11 -59.15 -20.16
N ASP D 789 -15.69 -59.44 -21.32
CA ASP D 789 -16.67 -60.51 -21.42
C ASP D 789 -16.02 -61.87 -21.13
N LEU D 790 -14.78 -62.05 -21.58
CA LEU D 790 -14.02 -63.23 -21.21
C LEU D 790 -13.68 -63.23 -19.73
N PHE D 791 -13.28 -62.06 -19.21
CA PHE D 791 -12.93 -61.93 -17.80
C PHE D 791 -14.10 -62.30 -16.90
N ASN D 792 -15.33 -62.00 -17.33
CA ASN D 792 -16.51 -62.24 -16.52
C ASN D 792 -16.71 -63.72 -16.21
N THR D 793 -16.16 -64.60 -17.05
CA THR D 793 -16.35 -66.03 -16.88
C THR D 793 -15.65 -66.60 -15.66
N LEU D 794 -14.72 -65.85 -15.05
CA LEU D 794 -14.02 -66.36 -13.90
C LEU D 794 -14.98 -66.45 -12.70
N PRO D 795 -14.64 -67.24 -11.69
CA PRO D 795 -15.49 -67.32 -10.50
C PRO D 795 -15.61 -65.97 -9.82
N PRO D 796 -16.78 -65.65 -9.22
CA PRO D 796 -16.85 -64.41 -8.43
C PRO D 796 -15.83 -64.33 -7.31
N GLU D 797 -15.50 -65.45 -6.67
CA GLU D 797 -14.52 -65.44 -5.58
C GLU D 797 -13.18 -64.91 -6.07
N VAL D 798 -12.76 -65.31 -7.27
CA VAL D 798 -11.51 -64.81 -7.84
C VAL D 798 -11.58 -63.30 -8.01
N LYS D 799 -12.70 -62.81 -8.55
CA LYS D 799 -12.85 -61.37 -8.74
C LYS D 799 -12.84 -60.62 -7.42
N GLU D 800 -13.39 -61.23 -6.36
CA GLU D 800 -13.33 -60.61 -5.05
C GLU D 800 -11.89 -60.54 -4.55
N ARG D 801 -11.13 -61.63 -4.73
CA ARG D 801 -9.73 -61.60 -4.31
C ARG D 801 -8.94 -60.59 -5.12
N LEU D 802 -9.32 -60.38 -6.38
CA LEU D 802 -8.69 -59.35 -7.19
C LEU D 802 -9.04 -57.96 -6.68
N TRP D 803 -10.29 -57.76 -6.25
CA TRP D 803 -10.68 -56.50 -5.62
C TRP D 803 -9.85 -56.24 -4.37
N ARG D 804 -9.76 -57.23 -3.49
CA ARG D 804 -8.91 -57.11 -2.29
C ARG D 804 -7.47 -56.79 -2.67
N ALA D 805 -6.96 -57.44 -3.71
CA ALA D 805 -5.55 -57.33 -4.05
C ALA D 805 -5.17 -55.90 -4.44
N ASP D 806 -6.10 -55.19 -5.09
CA ASP D 806 -5.77 -53.88 -5.66
C ASP D 806 -5.48 -52.86 -4.57
N LYS D 807 -6.37 -52.74 -3.59
CA LYS D 807 -6.26 -51.68 -2.59
C LYS D 807 -5.26 -52.03 -1.49
N MET E 1 -17.60 50.57 -29.71
CA MET E 1 -16.41 50.98 -28.98
C MET E 1 -16.36 50.36 -27.59
N ILE E 2 -16.25 49.05 -27.55
CA ILE E 2 -15.98 48.33 -26.32
C ILE E 2 -14.71 47.51 -26.57
N PRO E 3 -13.68 47.63 -25.75
CA PRO E 3 -12.41 46.99 -26.07
C PRO E 3 -12.58 45.49 -26.26
N VAL E 4 -11.78 44.92 -27.16
CA VAL E 4 -12.00 43.51 -27.46
C VAL E 4 -11.23 42.67 -26.44
N THR E 5 -11.75 42.66 -25.22
CA THR E 5 -11.58 41.60 -24.24
C THR E 5 -12.97 41.33 -23.69
N GLU E 6 -13.71 42.42 -23.54
CA GLU E 6 -15.13 42.33 -23.20
C GLU E 6 -15.89 41.61 -24.29
N LEU E 7 -15.57 41.90 -25.55
CA LEU E 7 -16.12 41.15 -26.66
C LEU E 7 -15.59 39.72 -26.67
N ARG E 8 -14.40 39.52 -26.16
CA ARG E 8 -13.84 38.18 -26.06
C ARG E 8 -14.62 37.32 -25.08
N TYR E 9 -15.63 37.86 -24.40
CA TYR E 9 -16.55 37.01 -23.67
C TYR E 9 -17.30 36.10 -24.62
N PHE E 10 -17.76 36.66 -25.75
CA PHE E 10 -18.53 35.88 -26.70
C PHE E 10 -17.66 34.92 -27.50
N ALA E 11 -16.37 35.19 -27.58
CA ALA E 11 -15.50 34.61 -28.60
C ALA E 11 -14.62 33.49 -28.07
N ASP E 12 -14.96 32.92 -26.92
CA ASP E 12 -14.08 31.93 -26.32
C ASP E 12 -14.87 30.75 -25.83
N THR E 13 -14.21 29.59 -25.81
CA THR E 13 -14.75 28.37 -25.23
C THR E 13 -13.63 27.64 -24.51
N GLN E 14 -14.02 26.83 -23.54
CA GLN E 14 -13.04 26.14 -22.73
C GLN E 14 -12.15 25.28 -23.62
N PRO E 15 -10.83 25.25 -23.36
CA PRO E 15 -9.92 24.53 -24.26
C PRO E 15 -10.15 23.04 -24.25
N ALA E 16 -10.96 22.52 -23.33
CA ALA E 16 -11.34 21.11 -23.37
C ALA E 16 -11.90 20.73 -24.73
N TYR E 17 -12.40 21.71 -25.48
CA TYR E 17 -13.07 21.46 -26.74
C TYR E 17 -12.19 21.75 -27.93
N ARG E 18 -10.87 21.73 -27.81
CA ARG E 18 -10.08 21.80 -29.01
C ARG E 18 -10.24 20.58 -29.87
N ILE E 19 -10.55 19.44 -29.26
CA ILE E 19 -10.76 18.23 -30.03
C ILE E 19 -11.96 18.37 -30.92
N LEU E 20 -12.92 19.21 -30.56
CA LEU E 20 -14.17 19.28 -31.29
C LEU E 20 -14.18 20.37 -32.34
N LYS E 21 -12.93 21.06 -32.36
CA LYS E 21 -12.92 22.15 -33.33
C LYS E 21 -12.17 21.74 -34.57
N PRO E 22 -12.84 21.46 -35.67
CA PRO E 22 -12.10 21.16 -36.91
C PRO E 22 -11.35 22.38 -37.40
N TRP E 23 -10.61 22.24 -38.49
CA TRP E 23 -9.85 23.39 -38.97
C TRP E 23 -10.75 24.52 -39.42
N TRP E 24 -11.95 24.22 -39.91
CA TRP E 24 -12.82 25.30 -40.34
C TRP E 24 -13.31 26.10 -39.16
N ASP E 25 -13.60 25.44 -38.03
CA ASP E 25 -13.99 26.19 -36.84
C ASP E 25 -12.85 27.05 -36.33
N VAL E 26 -11.63 26.54 -36.38
CA VAL E 26 -10.47 27.33 -35.97
C VAL E 26 -10.32 28.55 -36.86
N PHE E 27 -10.42 28.35 -38.16
CA PHE E 27 -10.25 29.46 -39.10
C PHE E 27 -11.33 30.50 -38.91
N THR E 28 -12.58 30.07 -38.73
CA THR E 28 -13.64 31.04 -38.52
C THR E 28 -13.48 31.75 -37.20
N ASP E 29 -12.97 31.09 -36.16
CA ASP E 29 -12.73 31.77 -34.90
C ASP E 29 -11.69 32.87 -35.10
N TYR E 30 -10.60 32.55 -35.80
CA TYR E 30 -9.58 33.55 -36.08
C TYR E 30 -10.15 34.72 -36.87
N ILE E 31 -10.87 34.42 -37.95
CA ILE E 31 -11.44 35.46 -38.80
C ILE E 31 -12.40 36.32 -37.99
N SER E 32 -13.19 35.70 -37.12
CA SER E 32 -14.12 36.46 -36.30
C SER E 32 -13.39 37.40 -35.37
N ILE E 33 -12.27 36.96 -34.79
CA ILE E 33 -11.47 37.88 -33.98
C ILE E 33 -11.01 39.06 -34.82
N VAL E 34 -10.56 38.80 -36.05
CA VAL E 34 -10.08 39.90 -36.88
C VAL E 34 -11.21 40.86 -37.25
N MET E 35 -12.38 40.32 -37.60
CA MET E 35 -13.52 41.19 -37.89
C MET E 35 -13.93 41.99 -36.66
N LEU E 36 -13.87 41.38 -35.49
CA LEU E 36 -14.14 42.12 -34.26
C LEU E 36 -13.13 43.24 -34.09
N MET E 37 -11.87 42.98 -34.45
CA MET E 37 -10.84 44.00 -34.33
C MET E 37 -11.14 45.18 -35.24
N ILE E 38 -11.52 44.92 -36.48
CA ILE E 38 -11.82 46.05 -37.36
C ILE E 38 -13.11 46.74 -36.95
N ALA E 39 -14.07 46.01 -36.38
CA ALA E 39 -15.27 46.66 -35.87
C ALA E 39 -14.93 47.61 -34.74
N VAL E 40 -14.09 47.18 -33.81
CA VAL E 40 -13.68 48.05 -32.71
C VAL E 40 -12.92 49.24 -33.24
N PHE E 41 -12.00 49.01 -34.17
CA PHE E 41 -11.21 50.11 -34.71
C PHE E 41 -12.12 51.14 -35.37
N GLY E 42 -13.05 50.69 -36.20
CA GLY E 42 -13.98 51.62 -36.84
C GLY E 42 -14.86 52.34 -35.84
N GLY E 43 -15.27 51.64 -34.78
CA GLY E 43 -16.11 52.28 -33.78
C GLY E 43 -15.40 53.41 -33.06
N THR E 44 -14.17 53.17 -32.61
CA THR E 44 -13.42 54.24 -31.97
C THR E 44 -13.11 55.35 -32.96
N LEU E 45 -12.81 54.98 -34.20
CA LEU E 45 -12.52 55.98 -35.23
C LEU E 45 -13.71 56.91 -35.43
N GLN E 46 -14.91 56.35 -35.46
CA GLN E 46 -16.10 57.17 -35.62
C GLN E 46 -16.35 58.02 -34.39
N VAL E 47 -16.24 57.41 -33.21
CA VAL E 47 -16.57 58.12 -31.98
C VAL E 47 -15.65 59.32 -31.79
N THR E 48 -14.34 59.12 -31.97
CA THR E 48 -13.41 60.22 -31.75
C THR E 48 -13.45 61.24 -32.87
N GLN E 49 -13.75 60.82 -34.10
CA GLN E 49 -13.86 61.78 -35.20
C GLN E 49 -14.90 61.27 -36.19
N ASP E 50 -16.15 61.72 -36.02
CA ASP E 50 -17.20 61.51 -37.01
C ASP E 50 -17.48 62.79 -37.76
N LYS E 51 -16.45 63.59 -37.97
CA LYS E 51 -16.63 64.93 -38.49
C LYS E 51 -17.17 64.89 -39.91
N MET E 52 -17.74 66.03 -40.32
CA MET E 52 -18.12 66.23 -41.71
C MET E 52 -17.99 67.72 -41.98
N ILE E 53 -16.85 68.12 -42.52
CA ILE E 53 -16.60 69.53 -42.78
C ILE E 53 -17.43 69.96 -43.98
N CYS E 54 -18.21 71.00 -43.81
CA CYS E 54 -19.13 71.46 -44.85
C CYS E 54 -18.93 72.95 -45.08
N LEU E 55 -18.88 73.34 -46.35
CA LEU E 55 -18.80 74.73 -46.76
C LEU E 55 -19.95 75.06 -47.69
N PRO E 56 -20.52 76.25 -47.59
CA PRO E 56 -21.59 76.62 -48.49
C PRO E 56 -21.10 76.87 -49.90
N CYS E 57 -22.01 76.77 -50.84
CA CYS E 57 -21.72 77.08 -52.24
C CYS E 57 -22.49 78.34 -52.61
N LYS E 58 -21.77 79.39 -52.98
CA LYS E 58 -22.42 80.65 -53.31
C LYS E 58 -23.10 80.59 -54.66
N TRP E 59 -22.44 80.02 -55.66
CA TRP E 59 -23.01 79.87 -56.99
C TRP E 59 -23.52 78.44 -57.12
N VAL E 60 -24.83 78.28 -57.18
CA VAL E 60 -25.47 76.97 -57.21
C VAL E 60 -26.22 76.82 -58.54
N THR E 61 -25.99 75.71 -59.23
CA THR E 61 -26.64 75.42 -60.49
C THR E 61 -27.29 74.05 -60.39
N LYS E 62 -28.55 73.97 -60.83
CA LYS E 62 -29.37 72.76 -60.84
C LYS E 62 -29.16 71.95 -59.55
N ASP E 63 -29.32 72.63 -58.43
CA ASP E 63 -29.13 72.06 -57.09
C ASP E 63 -27.76 71.39 -57.03
N SER E 64 -26.74 72.19 -57.31
CA SER E 64 -25.35 71.76 -57.26
C SER E 64 -24.47 72.98 -57.39
N CYS E 65 -23.24 72.86 -56.89
CA CYS E 65 -22.29 73.97 -56.92
C CYS E 65 -21.80 74.16 -58.35
N ASN E 66 -21.82 75.41 -58.81
CA ASN E 66 -21.37 75.70 -60.17
C ASN E 66 -19.89 75.38 -60.33
N ASP E 67 -19.12 75.40 -59.25
CA ASP E 67 -17.69 75.06 -59.27
C ASP E 67 -16.94 75.92 -60.28
N SER E 68 -17.29 77.21 -60.33
CA SER E 68 -16.63 78.15 -61.22
C SER E 68 -16.47 79.50 -60.53
N THR E 92 -6.60 92.38 -58.17
CA THR E 92 -5.25 92.05 -57.74
C THR E 92 -5.08 90.56 -57.52
N GLY E 93 -4.46 90.18 -56.40
CA GLY E 93 -4.20 88.80 -56.09
C GLY E 93 -5.43 88.07 -55.60
N PRO E 94 -5.32 86.74 -55.46
CA PRO E 94 -6.45 85.96 -54.95
C PRO E 94 -6.75 86.30 -53.51
N THR E 95 -8.04 86.23 -53.16
CA THR E 95 -8.50 86.48 -51.80
C THR E 95 -9.51 85.42 -51.43
N GLY E 96 -9.64 85.18 -50.13
CA GLY E 96 -10.57 84.18 -49.66
C GLY E 96 -12.01 84.56 -49.87
N ILE E 97 -12.87 83.56 -49.94
CA ILE E 97 -14.30 83.78 -50.04
C ILE E 97 -14.86 84.00 -48.65
N LYS E 98 -15.57 85.10 -48.46
CA LYS E 98 -16.15 85.45 -47.17
C LYS E 98 -17.57 84.91 -47.10
N TYR E 99 -17.80 83.98 -46.18
CA TYR E 99 -19.10 83.34 -46.05
C TYR E 99 -19.96 83.93 -44.94
N ASP E 100 -19.38 84.71 -44.04
CA ASP E 100 -20.13 85.40 -42.99
C ASP E 100 -20.86 84.42 -42.07
N LEU E 101 -20.24 83.30 -41.77
CA LEU E 101 -20.81 82.31 -40.89
C LEU E 101 -19.97 82.20 -39.62
N ASP E 102 -20.64 82.15 -38.48
CA ASP E 102 -19.94 81.89 -37.23
C ASP E 102 -19.45 80.45 -37.22
N ARG E 103 -18.56 80.15 -36.28
CA ARG E 103 -18.12 78.77 -36.14
C ARG E 103 -19.30 77.86 -35.82
N HIS E 104 -20.26 78.36 -35.05
CA HIS E 104 -21.37 77.55 -34.60
C HIS E 104 -22.39 77.30 -35.70
N GLN E 105 -22.58 78.23 -36.63
CA GLN E 105 -23.41 77.93 -37.79
C GLN E 105 -22.77 76.84 -38.63
N TYR E 106 -21.44 76.86 -38.76
CA TYR E 106 -20.74 75.79 -39.45
C TYR E 106 -20.96 74.47 -38.74
N ASN E 107 -20.89 74.46 -37.41
CA ASN E 107 -21.15 73.25 -36.65
C ASN E 107 -22.57 72.75 -36.93
N TYR E 108 -23.52 73.68 -36.98
CA TYR E 108 -24.91 73.30 -37.21
C TYR E 108 -25.09 72.66 -38.57
N VAL E 109 -24.54 73.27 -39.62
CA VAL E 109 -24.71 72.69 -40.94
C VAL E 109 -23.97 71.37 -41.05
N ASP E 110 -22.81 71.23 -40.39
CA ASP E 110 -22.14 69.94 -40.36
C ASP E 110 -23.07 68.89 -39.77
N ALA E 111 -23.67 69.18 -38.62
CA ALA E 111 -24.55 68.19 -38.00
C ALA E 111 -25.74 67.88 -38.88
N VAL E 112 -26.34 68.91 -39.48
CA VAL E 112 -27.53 68.70 -40.29
C VAL E 112 -27.22 67.86 -41.52
N CYS E 113 -26.11 68.16 -42.20
CA CYS E 113 -25.79 67.41 -43.40
C CYS E 113 -25.26 66.03 -43.07
N TYR E 114 -24.63 65.86 -41.91
CA TYR E 114 -24.24 64.53 -41.47
C TYR E 114 -25.45 63.68 -41.16
N GLU E 115 -26.47 64.26 -40.55
CA GLU E 115 -27.67 63.52 -40.22
C GLU E 115 -28.50 63.20 -41.47
N ASN E 116 -28.70 64.19 -42.32
CA ASN E 116 -29.69 64.06 -43.38
C ASN E 116 -29.11 63.59 -44.69
N ARG E 117 -27.93 64.06 -45.07
CA ARG E 117 -27.44 63.84 -46.43
C ARG E 117 -26.17 63.01 -46.47
N LEU E 118 -25.88 62.26 -45.41
CA LEU E 118 -24.81 61.29 -45.44
C LEU E 118 -25.41 59.90 -45.35
N HIS E 119 -24.94 59.00 -46.20
CA HIS E 119 -25.56 57.69 -46.31
C HIS E 119 -25.41 56.90 -45.03
N TRP E 120 -26.47 56.18 -44.66
CA TRP E 120 -26.48 55.47 -43.39
C TRP E 120 -25.35 54.46 -43.30
N PHE E 121 -24.95 53.88 -44.43
CA PHE E 121 -23.87 52.91 -44.41
C PHE E 121 -22.57 53.55 -43.94
N ALA E 122 -22.25 54.73 -44.44
CA ALA E 122 -21.01 55.38 -44.07
C ALA E 122 -20.97 55.72 -42.58
N LYS E 123 -22.13 56.00 -41.99
CA LYS E 123 -22.15 56.27 -40.55
C LYS E 123 -22.06 54.97 -39.76
N TYR E 124 -22.99 54.06 -39.99
CA TYR E 124 -23.16 52.90 -39.12
C TYR E 124 -22.46 51.65 -39.62
N PHE E 125 -21.46 51.79 -40.48
CA PHE E 125 -20.71 50.61 -40.92
C PHE E 125 -20.06 49.87 -39.75
N PRO E 126 -19.27 50.50 -38.88
CA PRO E 126 -18.61 49.73 -37.81
C PRO E 126 -19.57 49.05 -36.87
N TYR E 127 -20.72 49.67 -36.56
CA TYR E 127 -21.69 49.01 -35.70
C TYR E 127 -22.33 47.81 -36.38
N LEU E 128 -22.57 47.90 -37.70
CA LEU E 128 -23.04 46.74 -38.42
C LEU E 128 -22.00 45.63 -38.40
N VAL E 129 -20.73 45.98 -38.52
CA VAL E 129 -19.68 44.96 -38.45
C VAL E 129 -19.67 44.29 -37.09
N LEU E 130 -19.81 45.09 -36.03
CA LEU E 130 -19.87 44.53 -34.69
C LEU E 130 -21.06 43.60 -34.52
N LEU E 131 -22.23 44.02 -35.00
CA LEU E 131 -23.41 43.19 -34.87
C LEU E 131 -23.26 41.88 -35.63
N HIS E 132 -22.74 41.94 -36.85
CA HIS E 132 -22.54 40.73 -37.63
C HIS E 132 -21.55 39.80 -36.96
N THR E 133 -20.46 40.35 -36.44
CA THR E 133 -19.48 39.50 -35.78
C THR E 133 -20.05 38.86 -34.53
N LEU E 134 -20.86 39.59 -33.77
CA LEU E 134 -21.49 38.99 -32.60
C LEU E 134 -22.42 37.87 -33.00
N ILE E 135 -23.18 38.04 -34.07
CA ILE E 135 -24.07 36.97 -34.51
C ILE E 135 -23.27 35.77 -34.96
N PHE E 136 -22.15 35.99 -35.66
CA PHE E 136 -21.30 34.88 -36.07
C PHE E 136 -20.77 34.13 -34.86
N LEU E 137 -20.29 34.86 -33.86
CA LEU E 137 -19.74 34.21 -32.68
C LEU E 137 -20.80 33.42 -31.93
N ALA E 138 -22.01 33.99 -31.83
CA ALA E 138 -23.09 33.28 -31.18
C ALA E 138 -23.44 32.01 -31.93
N CYS E 139 -23.54 32.09 -33.26
CA CYS E 139 -23.84 30.91 -34.04
C CYS E 139 -22.75 29.87 -33.93
N SER E 140 -21.50 30.28 -33.73
CA SER E 140 -20.42 29.32 -33.60
C SER E 140 -20.38 28.66 -32.22
N ASN E 141 -20.71 29.38 -31.15
CA ASN E 141 -20.59 28.82 -29.81
C ASN E 141 -21.91 28.42 -29.19
N PHE E 142 -23.01 28.49 -29.94
CA PHE E 142 -24.31 28.16 -29.36
C PHE E 142 -24.34 26.73 -28.85
N TRP E 143 -23.83 25.79 -29.63
CA TRP E 143 -23.84 24.39 -29.24
C TRP E 143 -22.88 24.10 -28.10
N PHE E 144 -21.95 25.01 -27.81
CA PHE E 144 -21.15 24.90 -26.60
C PHE E 144 -21.83 25.52 -25.40
N LYS E 145 -22.72 26.49 -25.62
CA LYS E 145 -23.44 27.11 -24.52
C LYS E 145 -24.76 26.44 -24.21
N PHE E 146 -25.44 25.93 -25.22
CA PHE E 146 -26.70 25.22 -25.03
C PHE E 146 -26.47 24.02 -24.11
N PRO E 147 -27.10 24.00 -22.93
CA PRO E 147 -26.84 22.89 -22.00
C PRO E 147 -27.19 21.52 -22.56
N ARG E 148 -28.25 21.42 -23.35
CA ARG E 148 -28.67 20.11 -23.84
C ARG E 148 -27.64 19.47 -24.75
N THR E 149 -26.83 20.27 -25.45
CA THR E 149 -25.71 19.74 -26.22
C THR E 149 -24.37 19.93 -25.54
N SER E 150 -24.23 20.97 -24.71
CA SER E 150 -22.99 21.14 -23.97
C SER E 150 -22.72 19.97 -23.06
N SER E 151 -23.76 19.46 -22.39
CA SER E 151 -23.60 18.30 -21.53
C SER E 151 -23.14 17.09 -22.33
N LYS E 152 -23.74 16.87 -23.50
CA LYS E 152 -23.36 15.72 -24.32
C LYS E 152 -21.92 15.84 -24.77
N LEU E 153 -21.50 17.04 -25.19
CA LEU E 153 -20.13 17.20 -25.66
C LEU E 153 -19.14 17.01 -24.52
N GLU E 154 -19.45 17.53 -23.33
CA GLU E 154 -18.55 17.31 -22.19
C GLU E 154 -18.45 15.84 -21.84
N HIS E 155 -19.59 15.14 -21.79
CA HIS E 155 -19.60 13.72 -21.49
C HIS E 155 -18.76 12.97 -22.51
N PHE E 156 -19.01 13.23 -23.79
CA PHE E 156 -18.32 12.52 -24.86
C PHE E 156 -16.82 12.77 -24.81
N VAL E 157 -16.42 14.02 -24.60
CA VAL E 157 -14.99 14.33 -24.61
C VAL E 157 -14.29 13.76 -23.39
N SER E 158 -14.94 13.75 -22.22
CA SER E 158 -14.32 13.11 -21.06
C SER E 158 -14.12 11.62 -21.30
N ILE E 159 -15.16 10.93 -21.81
CA ILE E 159 -15.00 9.52 -22.13
C ILE E 159 -13.92 9.31 -23.17
N LEU E 160 -13.87 10.18 -24.17
CA LEU E 160 -12.89 10.04 -25.24
C LEU E 160 -11.47 10.18 -24.73
N LEU E 161 -11.21 11.15 -23.87
CA LEU E 161 -9.90 11.32 -23.27
C LEU E 161 -9.53 10.17 -22.37
N LYS E 162 -10.48 9.67 -21.58
CA LYS E 162 -10.18 8.52 -20.72
C LYS E 162 -9.84 7.30 -21.56
N CYS E 163 -10.58 7.05 -22.63
CA CYS E 163 -10.26 5.92 -23.50
C CYS E 163 -8.91 6.10 -24.17
N PHE E 164 -8.61 7.32 -24.63
CA PHE E 164 -7.35 7.56 -25.32
C PHE E 164 -6.17 7.37 -24.36
N ASP E 165 -6.36 7.74 -23.10
CA ASP E 165 -5.28 7.65 -22.14
C ASP E 165 -5.27 6.37 -21.31
N SER E 166 -6.30 5.53 -21.46
CA SER E 166 -6.36 4.31 -20.66
C SER E 166 -5.28 3.32 -21.06
N PRO E 167 -4.70 2.59 -20.11
CA PRO E 167 -3.63 1.64 -20.46
C PRO E 167 -4.11 0.46 -21.28
N TRP E 168 -5.38 0.08 -21.17
CA TRP E 168 -5.83 -1.07 -21.92
C TRP E 168 -5.94 -0.77 -23.41
N THR E 169 -6.18 0.49 -23.77
CA THR E 169 -6.28 0.83 -25.18
C THR E 169 -4.96 0.63 -25.90
N THR E 170 -3.83 0.67 -25.18
CA THR E 170 -2.56 0.30 -25.77
C THR E 170 -2.16 -1.14 -25.46
N ARG E 171 -2.73 -1.72 -24.39
CA ARG E 171 -2.59 -3.16 -24.21
C ARG E 171 -3.26 -3.91 -25.35
N ALA E 172 -4.45 -3.46 -25.74
CA ALA E 172 -5.07 -3.96 -26.96
C ALA E 172 -4.45 -3.25 -28.17
N LEU E 173 -4.81 -3.75 -29.35
CA LEU E 173 -4.34 -3.21 -30.62
C LEU E 173 -2.85 -3.45 -30.84
N SER E 174 -2.19 -4.07 -29.87
CA SER E 174 -0.80 -4.44 -29.99
C SER E 174 -0.59 -5.94 -30.12
N GLU E 175 -1.66 -6.73 -30.10
CA GLU E 175 -1.51 -8.18 -30.09
C GLU E 175 -0.90 -8.69 -31.39
N THR E 176 -1.10 -7.96 -32.49
CA THR E 176 -0.57 -8.35 -33.80
C THR E 176 -1.05 -9.74 -34.21
N VAL E 231 -0.54 -10.13 -12.39
CA VAL E 231 0.59 -9.21 -12.50
C VAL E 231 0.11 -7.86 -13.01
N LEU E 232 -1.21 -7.68 -13.03
CA LEU E 232 -1.83 -6.43 -13.45
C LEU E 232 -2.39 -5.73 -12.23
N ASP E 233 -2.35 -4.39 -12.25
CA ASP E 233 -2.81 -3.64 -11.11
C ASP E 233 -4.29 -3.87 -10.88
N LYS E 234 -4.66 -4.09 -9.61
CA LYS E 234 -6.07 -4.23 -9.28
C LYS E 234 -6.83 -2.98 -9.66
N LYS E 235 -6.29 -1.81 -9.30
CA LYS E 235 -6.96 -0.55 -9.61
C LYS E 235 -7.14 -0.40 -11.11
N GLU E 236 -6.08 -0.63 -11.88
CA GLU E 236 -6.16 -0.54 -13.33
C GLU E 236 -7.16 -1.55 -13.88
N GLY E 237 -7.09 -2.78 -13.39
CA GLY E 237 -7.98 -3.83 -13.83
C GLY E 237 -9.44 -3.55 -13.60
N GLU E 238 -9.79 -2.87 -12.51
CA GLU E 238 -11.20 -2.52 -12.33
C GLU E 238 -11.59 -1.25 -13.06
N GLN E 239 -10.69 -0.28 -13.21
CA GLN E 239 -11.08 0.94 -13.90
C GLN E 239 -11.26 0.68 -15.39
N ALA E 240 -10.52 -0.27 -15.95
CA ALA E 240 -10.75 -0.64 -17.35
C ALA E 240 -12.16 -1.21 -17.53
N LYS E 241 -12.57 -2.08 -16.62
CA LYS E 241 -13.93 -2.63 -16.65
C LYS E 241 -14.96 -1.51 -16.51
N ALA E 242 -14.71 -0.60 -15.57
CA ALA E 242 -15.62 0.51 -15.35
C ALA E 242 -15.71 1.40 -16.58
N LEU E 243 -14.58 1.61 -17.26
CA LEU E 243 -14.58 2.41 -18.47
C LEU E 243 -15.36 1.73 -19.58
N PHE E 244 -15.27 0.40 -19.67
CA PHE E 244 -16.10 -0.30 -20.62
C PHE E 244 -17.58 -0.05 -20.36
N GLU E 245 -18.01 -0.17 -19.11
CA GLU E 245 -19.42 0.12 -18.83
C GLU E 245 -19.79 1.58 -19.03
N LYS E 246 -18.90 2.53 -18.69
CA LYS E 246 -19.20 3.92 -18.95
C LYS E 246 -19.38 4.17 -20.43
N VAL E 247 -18.55 3.55 -21.26
CA VAL E 247 -18.71 3.69 -22.70
C VAL E 247 -20.05 3.13 -23.14
N LYS E 248 -20.43 1.96 -22.61
CA LYS E 248 -21.71 1.38 -22.98
C LYS E 248 -22.88 2.29 -22.60
N LYS E 249 -22.87 2.79 -21.36
CA LYS E 249 -23.96 3.64 -20.90
C LYS E 249 -24.03 4.93 -21.70
N PHE E 250 -22.88 5.54 -21.95
CA PHE E 250 -22.84 6.78 -22.72
C PHE E 250 -23.31 6.55 -24.14
N ARG E 251 -22.92 5.44 -24.75
CA ARG E 251 -23.37 5.14 -26.10
C ARG E 251 -24.88 4.98 -26.14
N THR E 252 -25.44 4.28 -25.16
CA THR E 252 -26.89 4.14 -25.10
C THR E 252 -27.56 5.49 -24.91
N HIS E 253 -27.00 6.32 -24.04
CA HIS E 253 -27.63 7.59 -23.70
C HIS E 253 -27.59 8.59 -24.85
N VAL E 254 -26.53 8.54 -25.65
CA VAL E 254 -26.31 9.56 -26.68
C VAL E 254 -26.82 9.10 -28.04
N GLU E 255 -26.64 7.82 -28.36
CA GLU E 255 -26.82 7.35 -29.73
C GLU E 255 -28.25 7.56 -30.25
N GLU E 256 -29.22 7.71 -29.36
CA GLU E 256 -30.57 8.01 -29.84
C GLU E 256 -30.85 9.51 -29.89
N GLY E 257 -29.83 10.33 -29.65
CA GLY E 257 -30.01 11.77 -29.53
C GLY E 257 -30.47 12.48 -30.78
N ASP E 258 -29.61 12.55 -31.80
CA ASP E 258 -29.78 13.26 -33.06
C ASP E 258 -29.65 14.77 -32.89
N ILE E 259 -29.51 15.28 -31.66
CA ILE E 259 -29.66 16.71 -31.44
C ILE E 259 -28.38 17.47 -31.76
N VAL E 260 -27.22 16.93 -31.39
CA VAL E 260 -25.98 17.67 -31.59
C VAL E 260 -25.74 17.91 -33.08
N TYR E 261 -25.92 16.87 -33.89
CA TYR E 261 -25.70 17.02 -35.32
C TYR E 261 -26.68 18.01 -35.92
N ARG E 262 -27.96 17.91 -35.54
CA ARG E 262 -28.97 18.78 -36.10
C ARG E 262 -28.69 20.23 -35.74
N LEU E 263 -28.30 20.48 -34.49
CA LEU E 263 -28.07 21.85 -34.05
C LEU E 263 -26.82 22.41 -34.71
N TYR E 264 -25.79 21.59 -34.87
CA TYR E 264 -24.59 22.02 -35.60
C TYR E 264 -24.91 22.37 -37.04
N MET E 265 -25.71 21.54 -37.70
CA MET E 265 -26.10 21.84 -39.07
C MET E 265 -26.90 23.12 -39.15
N ARG E 266 -27.79 23.36 -38.19
CA ARG E 266 -28.54 24.61 -38.19
C ARG E 266 -27.63 25.81 -38.00
N GLN E 267 -26.64 25.70 -37.10
CA GLN E 267 -25.70 26.80 -36.94
C GLN E 267 -24.97 27.09 -38.24
N THR E 268 -24.51 26.05 -38.93
CA THR E 268 -23.80 26.26 -40.17
C THR E 268 -24.70 26.87 -41.25
N ILE E 269 -25.95 26.43 -41.34
CA ILE E 269 -26.86 27.02 -42.32
C ILE E 269 -27.10 28.48 -42.01
N ILE E 270 -27.26 28.82 -40.73
CA ILE E 270 -27.46 30.22 -40.36
C ILE E 270 -26.24 31.04 -40.76
N LYS E 271 -25.04 30.52 -40.51
CA LYS E 271 -23.84 31.25 -40.91
C LYS E 271 -23.80 31.46 -42.41
N VAL E 272 -24.15 30.44 -43.18
CA VAL E 272 -24.09 30.58 -44.63
C VAL E 272 -25.09 31.61 -45.14
N ILE E 273 -26.32 31.60 -44.65
CA ILE E 273 -27.25 32.63 -45.10
C ILE E 273 -26.83 34.02 -44.60
N LYS E 274 -26.25 34.12 -43.42
CA LYS E 274 -25.76 35.41 -42.95
C LYS E 274 -24.67 35.94 -43.84
N PHE E 275 -23.74 35.08 -44.25
CA PHE E 275 -22.71 35.50 -45.19
C PHE E 275 -23.33 35.92 -46.51
N ILE E 276 -24.30 35.16 -46.99
CA ILE E 276 -24.93 35.51 -48.27
C ILE E 276 -25.62 36.86 -48.21
N LEU E 277 -26.26 37.20 -47.10
CA LEU E 277 -26.93 38.49 -46.93
C LEU E 277 -25.94 39.63 -46.71
N ILE E 278 -24.92 39.40 -45.87
CA ILE E 278 -23.94 40.42 -45.59
C ILE E 278 -23.20 40.83 -46.85
N ILE E 279 -22.73 39.85 -47.63
CA ILE E 279 -21.99 40.21 -48.82
C ILE E 279 -22.88 40.97 -49.79
N CYS E 280 -24.13 40.56 -49.92
CA CYS E 280 -25.05 41.23 -50.83
C CYS E 280 -25.19 42.70 -50.45
N TYR E 281 -25.66 42.95 -49.23
CA TYR E 281 -25.97 44.33 -48.88
C TYR E 281 -24.70 45.18 -48.77
N THR E 282 -23.62 44.62 -48.25
CA THR E 282 -22.39 45.40 -48.11
C THR E 282 -21.83 45.78 -49.46
N VAL E 283 -21.81 44.85 -50.41
CA VAL E 283 -21.32 45.18 -51.74
C VAL E 283 -22.23 46.20 -52.40
N TYR E 284 -23.55 46.04 -52.25
CA TYR E 284 -24.46 46.96 -52.90
C TYR E 284 -24.33 48.37 -52.36
N TYR E 285 -24.03 48.53 -51.08
CA TYR E 285 -24.03 49.85 -50.46
C TYR E 285 -22.65 50.45 -50.25
N VAL E 286 -21.57 49.69 -50.42
CA VAL E 286 -20.25 50.21 -50.09
C VAL E 286 -19.84 51.33 -51.02
N HIS E 287 -20.42 51.41 -52.20
CA HIS E 287 -20.09 52.49 -53.11
C HIS E 287 -20.61 53.84 -52.63
N ASN E 288 -21.46 53.86 -51.60
CA ASN E 288 -22.01 55.09 -51.08
C ASN E 288 -21.13 55.76 -50.06
N ILE E 289 -20.01 55.15 -49.67
CA ILE E 289 -19.06 55.80 -48.79
C ILE E 289 -18.18 56.70 -49.62
N LYS E 290 -18.61 57.93 -49.86
CA LYS E 290 -17.88 58.89 -50.66
C LYS E 290 -17.19 59.91 -49.76
N PHE E 291 -16.12 60.50 -50.27
CA PHE E 291 -15.46 61.57 -49.53
C PHE E 291 -16.20 62.88 -49.69
N ASP E 292 -16.34 63.36 -50.91
CA ASP E 292 -17.00 64.64 -51.18
C ASP E 292 -18.50 64.39 -51.31
N VAL E 293 -19.21 64.67 -50.23
CA VAL E 293 -20.68 64.60 -50.22
C VAL E 293 -21.22 65.98 -50.55
N ASP E 294 -22.39 66.02 -51.17
CA ASP E 294 -23.06 67.28 -51.50
C ASP E 294 -24.44 67.27 -50.85
N CYS E 295 -24.71 68.25 -50.00
CA CYS E 295 -25.96 68.28 -49.26
C CYS E 295 -26.76 69.53 -49.59
N THR E 296 -28.08 69.36 -49.64
CA THR E 296 -29.02 70.45 -49.82
C THR E 296 -30.13 70.23 -48.79
N VAL E 297 -30.07 70.94 -47.68
CA VAL E 297 -30.88 70.63 -46.51
C VAL E 297 -31.95 71.66 -46.21
N ASP E 298 -32.05 72.72 -47.02
CA ASP E 298 -33.10 73.73 -46.87
C ASP E 298 -33.08 74.33 -45.48
N ILE E 299 -31.97 75.00 -45.16
CA ILE E 299 -31.92 75.87 -44.00
C ILE E 299 -31.43 77.24 -44.47
N GLU E 300 -32.34 78.08 -44.89
CA GLU E 300 -32.00 79.46 -45.20
C GLU E 300 -32.30 80.38 -44.03
N SER E 301 -33.29 80.04 -43.22
CA SER E 301 -33.63 80.86 -42.07
C SER E 301 -32.57 80.80 -41.00
N LEU E 302 -31.69 79.82 -41.04
CA LEU E 302 -30.66 79.68 -40.02
C LEU E 302 -29.28 80.08 -40.50
N THR E 303 -28.93 79.81 -41.75
CA THR E 303 -27.62 80.17 -42.26
C THR E 303 -27.65 81.09 -43.46
N GLY E 304 -28.73 81.09 -44.24
CA GLY E 304 -28.81 81.89 -45.44
C GLY E 304 -28.27 81.23 -46.68
N TYR E 305 -27.73 80.01 -46.57
CA TYR E 305 -27.18 79.30 -47.70
C TYR E 305 -28.03 78.08 -48.02
N ARG E 306 -28.25 77.87 -49.32
CA ARG E 306 -29.14 76.83 -49.83
C ARG E 306 -28.49 75.47 -49.82
N THR E 307 -27.36 75.31 -50.51
CA THR E 307 -26.66 74.05 -50.65
C THR E 307 -25.24 74.16 -50.12
N TYR E 308 -24.72 73.04 -49.65
CA TYR E 308 -23.39 72.99 -49.08
C TYR E 308 -22.58 71.89 -49.76
N ARG E 309 -21.27 72.08 -49.79
CA ARG E 309 -20.35 71.10 -50.34
C ARG E 309 -19.59 70.51 -49.17
N CYS E 310 -19.95 69.30 -48.76
CA CYS E 310 -19.38 68.71 -47.57
C CYS E 310 -18.17 67.85 -47.91
N ALA E 311 -17.56 67.28 -46.88
CA ALA E 311 -16.39 66.42 -47.05
C ALA E 311 -16.30 65.50 -45.87
N HIS E 312 -16.41 64.21 -46.11
CA HIS E 312 -16.32 63.21 -45.06
C HIS E 312 -14.87 62.76 -44.94
N PRO E 313 -14.10 63.32 -44.01
CA PRO E 313 -12.66 62.99 -43.97
C PRO E 313 -12.38 61.54 -43.70
N LEU E 314 -13.33 60.84 -43.09
CA LEU E 314 -13.13 59.45 -42.70
C LEU E 314 -13.59 58.49 -43.77
N ALA E 315 -13.93 59.00 -44.95
CA ALA E 315 -14.56 58.16 -45.96
C ALA E 315 -13.58 57.14 -46.54
N THR E 316 -12.36 57.56 -46.84
CA THR E 316 -11.43 56.63 -47.49
C THR E 316 -11.02 55.52 -46.54
N LEU E 317 -10.75 55.87 -45.29
CA LEU E 317 -10.43 54.82 -44.32
C LEU E 317 -11.60 53.88 -44.13
N PHE E 318 -12.82 54.41 -44.14
CA PHE E 318 -13.99 53.54 -44.02
C PHE E 318 -14.14 52.66 -45.24
N LYS E 319 -13.81 53.16 -46.44
CA LYS E 319 -13.89 52.32 -47.62
C LYS E 319 -12.90 51.19 -47.56
N ILE E 320 -11.68 51.46 -47.15
CA ILE E 320 -10.72 50.36 -47.06
C ILE E 320 -11.08 49.40 -45.93
N LEU E 321 -11.63 49.90 -44.82
CA LEU E 321 -12.10 49.00 -43.77
C LEU E 321 -13.25 48.13 -44.28
N ALA E 322 -14.16 48.71 -45.05
CA ALA E 322 -15.27 47.94 -45.58
C ALA E 322 -14.78 46.90 -46.57
N SER E 323 -13.79 47.25 -47.39
CA SER E 323 -13.24 46.26 -48.31
C SER E 323 -12.52 45.14 -47.57
N PHE E 324 -11.78 45.47 -46.52
CA PHE E 324 -11.15 44.45 -45.71
C PHE E 324 -12.19 43.55 -45.07
N TYR E 325 -13.29 44.14 -44.60
CA TYR E 325 -14.38 43.37 -44.02
C TYR E 325 -15.03 42.47 -45.07
N ILE E 326 -15.19 42.97 -46.30
CA ILE E 326 -15.72 42.14 -47.36
C ILE E 326 -14.81 40.95 -47.61
N SER E 327 -13.50 41.17 -47.62
CA SER E 327 -12.58 40.06 -47.81
C SER E 327 -12.73 39.03 -46.70
N LEU E 328 -12.81 39.49 -45.46
CA LEU E 328 -12.97 38.56 -44.36
C LEU E 328 -14.31 37.82 -44.43
N VAL E 329 -15.38 38.51 -44.82
CA VAL E 329 -16.67 37.85 -44.94
C VAL E 329 -16.64 36.83 -46.07
N ILE E 330 -15.92 37.13 -47.15
CA ILE E 330 -15.82 36.17 -48.25
C ILE E 330 -15.09 34.92 -47.79
N PHE E 331 -13.98 35.09 -47.06
CA PHE E 331 -13.26 33.92 -46.55
C PHE E 331 -14.12 33.14 -45.58
N TYR E 332 -14.83 33.84 -44.69
CA TYR E 332 -15.71 33.18 -43.74
C TYR E 332 -16.80 32.40 -44.46
N GLY E 333 -17.39 32.99 -45.50
CA GLY E 333 -18.44 32.30 -46.22
C GLY E 333 -17.91 31.11 -46.99
N LEU E 334 -16.72 31.23 -47.57
CA LEU E 334 -16.14 30.08 -48.25
C LEU E 334 -15.92 28.94 -47.29
N ILE E 335 -15.39 29.24 -46.10
CA ILE E 335 -15.16 28.19 -45.11
C ILE E 335 -16.48 27.59 -44.66
N CYS E 336 -17.49 28.42 -44.43
CA CYS E 336 -18.79 27.92 -44.00
C CYS E 336 -19.49 27.09 -45.06
N MET E 337 -19.40 27.47 -46.33
CA MET E 337 -19.92 26.61 -47.37
C MET E 337 -19.14 25.32 -47.51
N TYR E 338 -17.83 25.34 -47.28
CA TYR E 338 -17.11 24.07 -47.23
C TYR E 338 -17.64 23.19 -46.11
N THR E 339 -17.87 23.78 -44.94
CA THR E 339 -18.41 23.00 -43.83
C THR E 339 -19.79 22.45 -44.18
N LEU E 340 -20.63 23.26 -44.80
CA LEU E 340 -21.95 22.81 -45.19
C LEU E 340 -21.86 21.67 -46.18
N TRP E 341 -20.95 21.75 -47.14
CA TRP E 341 -20.79 20.67 -48.11
C TRP E 341 -20.29 19.41 -47.44
N TRP E 342 -19.29 19.55 -46.57
CA TRP E 342 -18.75 18.39 -45.86
C TRP E 342 -19.83 17.72 -45.02
N MET E 343 -20.77 18.51 -44.52
CA MET E 343 -21.86 17.96 -43.73
C MET E 343 -22.91 17.31 -44.60
N LEU E 344 -23.19 17.88 -45.78
CA LEU E 344 -24.26 17.40 -46.65
C LEU E 344 -23.97 16.05 -47.28
N ARG E 345 -22.75 15.83 -47.75
CA ARG E 345 -22.41 14.54 -48.32
C ARG E 345 -22.04 13.55 -47.23
N ARG E 346 -21.94 12.28 -47.63
CA ARG E 346 -21.36 11.22 -46.81
C ARG E 346 -22.26 10.83 -45.64
N SER E 347 -23.35 11.56 -45.42
CA SER E 347 -24.38 11.18 -44.44
C SER E 347 -23.76 11.02 -43.04
N LEU E 348 -23.33 12.15 -42.50
CA LEU E 348 -22.63 12.18 -41.22
C LEU E 348 -23.45 11.64 -40.06
N LYS E 349 -24.69 11.23 -40.30
CA LYS E 349 -25.52 10.67 -39.26
C LYS E 349 -25.17 9.23 -38.95
N LYS E 350 -24.22 8.64 -39.68
CA LYS E 350 -23.91 7.22 -39.50
C LYS E 350 -22.41 7.05 -39.73
N TYR E 351 -21.76 6.31 -38.84
CA TYR E 351 -20.34 6.04 -38.92
C TYR E 351 -20.10 4.70 -39.59
N SER E 352 -18.83 4.37 -39.80
CA SER E 352 -18.46 3.12 -40.47
C SER E 352 -17.62 2.20 -39.61
N PHE E 353 -16.53 2.69 -39.06
CA PHE E 353 -15.51 1.89 -38.38
C PHE E 353 -14.92 0.81 -39.28
N GLU E 354 -15.20 0.85 -40.57
CA GLU E 354 -14.71 -0.20 -41.46
C GLU E 354 -13.19 -0.17 -41.54
N SER E 355 -12.59 1.01 -41.62
CA SER E 355 -11.14 1.12 -41.68
C SER E 355 -10.50 0.57 -40.41
N ILE E 356 -11.07 0.89 -39.26
CA ILE E 356 -10.49 0.46 -37.99
C ILE E 356 -10.59 -1.04 -37.83
N ARG E 357 -11.72 -1.62 -38.21
CA ARG E 357 -11.90 -3.05 -37.96
C ARG E 357 -11.15 -3.93 -38.94
N GLU E 358 -10.49 -3.39 -39.95
CA GLU E 358 -9.62 -4.18 -40.81
C GLU E 358 -8.21 -4.30 -40.25
N GLU E 359 -7.71 -3.25 -39.60
CA GLU E 359 -6.38 -3.24 -39.01
C GLU E 359 -6.40 -3.61 -37.54
N SER E 360 -7.48 -4.24 -37.06
CA SER E 360 -7.56 -4.67 -35.68
C SER E 360 -8.10 -6.08 -35.51
N SER E 361 -8.56 -6.74 -36.57
CA SER E 361 -9.12 -8.08 -36.50
C SER E 361 -10.30 -8.13 -35.53
N TYR E 362 -11.08 -7.05 -35.49
CA TYR E 362 -12.28 -6.95 -34.64
C TYR E 362 -13.45 -6.72 -35.56
N SER E 363 -13.99 -7.79 -36.13
CA SER E 363 -15.17 -7.63 -36.97
C SER E 363 -16.41 -7.27 -36.18
N ASP E 364 -16.35 -7.35 -34.86
CA ASP E 364 -17.52 -7.10 -34.01
C ASP E 364 -17.57 -5.65 -33.54
N ILE E 365 -17.39 -4.70 -34.45
CA ILE E 365 -17.54 -3.29 -34.12
C ILE E 365 -18.66 -2.75 -35.00
N PRO E 366 -19.84 -2.48 -34.45
CA PRO E 366 -21.00 -2.16 -35.28
C PRO E 366 -20.94 -0.73 -35.81
N ASP E 367 -21.74 -0.50 -36.83
CA ASP E 367 -21.94 0.87 -37.29
C ASP E 367 -22.63 1.67 -36.19
N VAL E 368 -22.23 2.94 -36.09
CA VAL E 368 -22.70 3.82 -35.03
C VAL E 368 -23.74 4.77 -35.61
N LYS E 369 -24.83 4.96 -34.87
CA LYS E 369 -25.96 5.74 -35.36
C LYS E 369 -25.75 7.23 -35.11
N ASN E 370 -26.82 7.99 -35.23
CA ASN E 370 -26.77 9.44 -35.21
C ASN E 370 -26.35 9.99 -33.84
N ASP E 371 -25.88 11.23 -33.84
CA ASP E 371 -25.43 11.94 -32.64
C ASP E 371 -24.22 11.32 -31.98
N PHE E 372 -23.80 10.16 -32.45
CA PHE E 372 -22.56 9.57 -32.00
C PHE E 372 -21.59 9.43 -33.15
N ALA E 373 -22.11 9.03 -34.31
CA ALA E 373 -21.35 9.14 -35.54
C ALA E 373 -20.92 10.58 -35.77
N PHE E 374 -21.73 11.54 -35.38
CA PHE E 374 -21.37 12.93 -35.66
C PHE E 374 -20.12 13.34 -34.90
N MET E 375 -20.11 13.13 -33.58
CA MET E 375 -18.87 13.49 -32.89
C MET E 375 -17.71 12.59 -33.24
N LEU E 376 -17.95 11.35 -33.62
CA LEU E 376 -16.82 10.56 -34.13
C LEU E 376 -16.25 11.20 -35.39
N HIS E 377 -17.12 11.65 -36.29
CA HIS E 377 -16.67 12.36 -37.49
C HIS E 377 -15.93 13.64 -37.12
N LEU E 378 -16.42 14.36 -36.13
CA LEU E 378 -15.76 15.58 -35.70
C LEU E 378 -14.36 15.31 -35.16
N ILE E 379 -14.21 14.26 -34.36
CA ILE E 379 -12.89 13.94 -33.83
C ILE E 379 -11.96 13.49 -34.95
N ASP E 380 -12.48 12.77 -35.93
CA ASP E 380 -11.65 12.39 -37.06
C ASP E 380 -11.07 13.60 -37.77
N GLN E 381 -11.80 14.72 -37.79
CA GLN E 381 -11.26 15.94 -38.35
C GLN E 381 -10.13 16.51 -37.51
N TYR E 382 -10.00 16.06 -36.26
CA TYR E 382 -8.89 16.46 -35.41
C TYR E 382 -7.75 15.46 -35.46
N ASP E 383 -8.01 14.22 -35.07
CA ASP E 383 -7.01 13.17 -35.07
C ASP E 383 -7.69 11.81 -35.13
N PRO E 384 -7.53 11.05 -36.22
CA PRO E 384 -8.18 9.74 -36.31
C PRO E 384 -7.74 8.77 -35.24
N LEU E 385 -6.58 9.02 -34.63
CA LEU E 385 -6.11 8.16 -33.55
C LEU E 385 -7.08 8.12 -32.39
N TYR E 386 -7.79 9.23 -32.13
CA TYR E 386 -8.74 9.23 -31.03
C TYR E 386 -9.87 8.23 -31.26
N SER E 387 -10.46 8.27 -32.45
CA SER E 387 -11.49 7.29 -32.79
C SER E 387 -10.94 5.88 -32.82
N LYS E 388 -9.73 5.67 -33.32
CA LYS E 388 -9.16 4.33 -33.29
C LYS E 388 -8.98 3.80 -31.87
N ARG E 389 -8.41 4.60 -30.98
CA ARG E 389 -8.17 4.17 -29.62
C ARG E 389 -9.41 4.11 -28.82
N PHE E 390 -10.49 4.71 -29.31
CA PHE E 390 -11.79 4.62 -28.65
C PHE E 390 -12.61 3.45 -29.13
N ALA E 391 -12.44 3.03 -30.37
CA ALA E 391 -13.25 1.95 -30.94
C ALA E 391 -13.03 0.62 -30.25
N VAL E 392 -11.95 0.48 -29.47
CA VAL E 392 -11.71 -0.79 -28.79
C VAL E 392 -12.79 -1.04 -27.76
N PHE E 393 -13.30 0.01 -27.13
CA PHE E 393 -14.33 -0.14 -26.11
C PHE E 393 -15.72 -0.31 -26.70
N LEU E 394 -15.81 -0.63 -27.98
CA LEU E 394 -17.09 -0.85 -28.62
C LEU E 394 -17.27 -2.27 -29.13
N SER E 395 -16.25 -3.11 -29.04
CA SER E 395 -16.31 -4.46 -29.56
C SER E 395 -16.47 -5.45 -28.41
N GLU E 396 -17.38 -6.42 -28.58
CA GLU E 396 -17.58 -7.43 -27.55
C GLU E 396 -16.32 -8.26 -27.35
N VAL E 397 -15.55 -8.45 -28.43
CA VAL E 397 -14.32 -9.24 -28.34
C VAL E 397 -13.36 -8.60 -27.36
N SER E 398 -13.30 -7.27 -27.35
CA SER E 398 -12.42 -6.58 -26.40
C SER E 398 -12.86 -6.83 -24.97
N GLU E 399 -14.16 -6.79 -24.69
CA GLU E 399 -14.64 -7.07 -23.35
C GLU E 399 -14.32 -8.49 -22.94
N ASN E 400 -14.51 -9.44 -23.85
CA ASN E 400 -14.21 -10.83 -23.56
C ASN E 400 -12.73 -11.01 -23.26
N LYS E 401 -11.88 -10.38 -24.06
CA LYS E 401 -10.45 -10.47 -23.83
C LYS E 401 -10.06 -9.82 -22.51
N LEU E 402 -10.67 -8.69 -22.18
CA LEU E 402 -10.37 -8.04 -20.90
C LEU E 402 -10.78 -8.94 -19.73
N ARG E 403 -11.95 -9.54 -19.80
CA ARG E 403 -12.39 -10.40 -18.72
C ARG E 403 -11.50 -11.63 -18.61
N GLN E 404 -11.09 -12.19 -19.76
CA GLN E 404 -10.18 -13.33 -19.74
C GLN E 404 -8.85 -12.96 -19.12
N LEU E 405 -8.31 -11.80 -19.50
CA LEU E 405 -7.02 -11.37 -19.00
C LEU E 405 -7.06 -11.08 -17.50
N ASN E 406 -8.06 -10.33 -17.05
CA ASN E 406 -8.17 -10.05 -15.63
C ASN E 406 -8.38 -11.32 -14.83
N LEU E 407 -9.19 -12.24 -15.36
CA LEU E 407 -9.44 -13.51 -14.71
C LEU E 407 -8.17 -14.32 -14.56
N ASN E 408 -7.43 -14.49 -15.65
CA ASN E 408 -6.18 -15.23 -15.60
C ASN E 408 -5.16 -14.56 -14.71
N ASN E 409 -5.20 -13.24 -14.59
CA ASN E 409 -4.27 -12.56 -13.70
C ASN E 409 -4.64 -12.80 -12.24
N GLU E 410 -5.91 -12.65 -11.89
CA GLU E 410 -6.31 -12.72 -10.49
C GLU E 410 -6.31 -14.16 -9.98
N TRP E 411 -6.58 -15.10 -10.88
CA TRP E 411 -6.50 -16.50 -10.53
C TRP E 411 -5.25 -16.98 -11.24
N THR E 412 -4.09 -16.76 -10.62
CA THR E 412 -2.80 -17.09 -11.24
C THR E 412 -2.60 -18.42 -11.95
N LEU E 413 -1.77 -18.41 -13.00
CA LEU E 413 -1.46 -19.62 -13.76
C LEU E 413 -1.19 -20.82 -12.89
N ASP E 414 -0.27 -20.68 -11.95
CA ASP E 414 0.10 -21.83 -11.15
C ASP E 414 -0.73 -22.06 -9.89
N LYS E 415 -1.35 -21.04 -9.31
CA LYS E 415 -2.10 -21.30 -8.08
C LYS E 415 -3.06 -22.42 -8.37
N LEU E 416 -3.42 -22.56 -9.64
CA LEU E 416 -4.35 -23.60 -10.08
C LEU E 416 -3.82 -24.99 -9.76
N ARG E 417 -2.50 -25.20 -9.91
CA ARG E 417 -1.94 -26.52 -9.66
C ARG E 417 -2.10 -26.91 -8.20
N GLN E 418 -2.00 -25.94 -7.29
CA GLN E 418 -2.22 -26.23 -5.88
C GLN E 418 -3.69 -26.51 -5.64
N ARG E 419 -4.54 -26.01 -6.51
CA ARG E 419 -5.97 -26.13 -6.32
C ARG E 419 -6.53 -27.45 -6.83
N LEU E 420 -5.80 -28.16 -7.69
CA LEU E 420 -6.29 -29.41 -8.27
C LEU E 420 -6.57 -30.45 -7.20
N THR E 421 -7.39 -31.43 -7.56
CA THR E 421 -7.75 -32.52 -6.67
C THR E 421 -7.86 -33.82 -7.43
N LYS E 422 -7.30 -34.88 -6.85
CA LYS E 422 -7.53 -36.25 -7.32
C LYS E 422 -8.76 -36.79 -6.60
N ASN E 423 -9.78 -37.18 -7.37
CA ASN E 423 -11.09 -37.43 -6.82
C ASN E 423 -11.29 -38.88 -6.41
N ALA E 424 -12.52 -39.20 -6.04
CA ALA E 424 -12.84 -40.51 -5.52
C ALA E 424 -12.63 -41.61 -6.54
N GLN E 425 -12.81 -41.30 -7.83
CA GLN E 425 -12.61 -42.27 -8.90
C GLN E 425 -11.17 -42.30 -9.39
N ASP E 426 -10.23 -41.79 -8.59
CA ASP E 426 -8.80 -41.83 -8.90
C ASP E 426 -8.49 -41.08 -10.19
N LYS E 427 -9.29 -40.07 -10.50
CA LYS E 427 -9.09 -39.20 -11.64
C LYS E 427 -8.75 -37.80 -11.15
N LEU E 428 -7.74 -37.19 -11.77
CA LEU E 428 -7.39 -35.82 -11.43
C LEU E 428 -8.44 -34.90 -12.03
N GLU E 429 -9.07 -34.08 -11.18
CA GLU E 429 -10.14 -33.21 -11.59
C GLU E 429 -9.83 -31.78 -11.21
N LEU E 430 -10.43 -30.85 -11.96
CA LEU E 430 -10.53 -29.45 -11.59
C LEU E 430 -12.00 -29.08 -11.59
N HIS E 431 -12.41 -28.32 -10.57
CA HIS E 431 -13.78 -27.84 -10.47
C HIS E 431 -13.79 -26.32 -10.53
N LEU E 432 -14.53 -25.78 -11.49
CA LEU E 432 -14.68 -24.35 -11.69
C LEU E 432 -16.15 -24.00 -11.69
N PHE E 433 -16.46 -22.80 -11.20
CA PHE E 433 -17.84 -22.38 -11.02
C PHE E 433 -17.93 -20.88 -11.20
N MET E 434 -19.00 -20.44 -11.85
CA MET E 434 -19.47 -19.06 -11.76
C MET E 434 -18.41 -18.05 -12.19
N LEU E 435 -17.64 -18.41 -13.21
CA LEU E 435 -16.71 -17.48 -13.83
C LEU E 435 -17.32 -16.87 -15.08
N SER E 436 -16.65 -15.84 -15.58
CA SER E 436 -17.09 -15.17 -16.80
C SER E 436 -16.74 -15.94 -18.05
N GLY E 437 -15.75 -16.82 -17.97
CA GLY E 437 -15.35 -17.65 -19.09
C GLY E 437 -14.39 -18.72 -18.62
N ILE E 438 -13.59 -19.26 -19.53
CA ILE E 438 -12.57 -20.25 -19.21
C ILE E 438 -11.23 -19.53 -19.19
N PRO E 439 -10.49 -19.54 -18.08
CA PRO E 439 -9.11 -19.03 -18.13
C PRO E 439 -8.27 -19.86 -19.08
N ASP E 440 -7.45 -19.17 -19.86
CA ASP E 440 -6.52 -19.85 -20.76
C ASP E 440 -5.46 -20.64 -20.01
N THR E 441 -5.18 -20.29 -18.75
CA THR E 441 -4.23 -21.06 -17.95
C THR E 441 -4.70 -22.47 -17.67
N VAL E 442 -5.99 -22.74 -17.86
CA VAL E 442 -6.52 -24.08 -17.64
C VAL E 442 -5.82 -25.10 -18.53
N PHE E 443 -5.58 -24.72 -19.78
CA PHE E 443 -5.15 -25.68 -20.79
C PHE E 443 -3.65 -25.96 -20.78
N ASP E 444 -2.92 -25.40 -19.81
CA ASP E 444 -1.57 -25.85 -19.50
C ASP E 444 -1.55 -26.95 -18.46
N LEU E 445 -2.70 -27.28 -17.86
CA LEU E 445 -2.78 -28.31 -16.82
C LEU E 445 -2.96 -29.66 -17.50
N VAL E 446 -1.85 -30.12 -18.08
CA VAL E 446 -1.82 -31.30 -18.94
C VAL E 446 -2.16 -32.59 -18.22
N GLU E 447 -2.17 -32.60 -16.90
CA GLU E 447 -2.43 -33.80 -16.11
C GLU E 447 -3.91 -34.11 -15.98
N LEU E 448 -4.79 -33.30 -16.56
CA LEU E 448 -6.20 -33.33 -16.23
C LEU E 448 -6.88 -34.58 -16.79
N GLU E 449 -7.95 -35.00 -16.10
CA GLU E 449 -8.80 -36.09 -16.57
C GLU E 449 -10.29 -35.76 -16.48
N VAL E 450 -10.68 -34.87 -15.55
CA VAL E 450 -12.07 -34.50 -15.34
C VAL E 450 -12.17 -33.00 -15.24
N LEU E 451 -12.97 -32.38 -16.11
CA LEU E 451 -13.23 -30.94 -16.04
C LEU E 451 -14.69 -30.72 -15.68
N LYS E 452 -14.90 -29.86 -14.68
CA LYS E 452 -16.25 -29.47 -14.25
C LYS E 452 -16.40 -27.98 -14.49
N LEU E 453 -17.49 -27.60 -15.16
CA LEU E 453 -17.82 -26.21 -15.39
C LEU E 453 -19.24 -25.98 -14.90
N GLU E 454 -19.40 -24.97 -14.04
CA GLU E 454 -20.65 -24.72 -13.35
C GLU E 454 -21.03 -23.26 -13.53
N LEU E 455 -22.18 -23.02 -14.18
CA LEU E 455 -22.78 -21.70 -14.25
C LEU E 455 -21.83 -20.67 -14.87
N ILE E 456 -21.30 -21.00 -16.04
CA ILE E 456 -20.45 -20.10 -16.79
C ILE E 456 -21.19 -19.77 -18.09
N PRO E 457 -21.45 -18.50 -18.41
CA PRO E 457 -22.20 -18.20 -19.64
C PRO E 457 -21.32 -18.12 -20.88
N ASP E 458 -21.96 -18.41 -22.01
CA ASP E 458 -21.48 -18.02 -23.34
C ASP E 458 -20.09 -18.58 -23.62
N VAL E 459 -19.90 -19.85 -23.33
CA VAL E 459 -18.60 -20.48 -23.47
C VAL E 459 -18.41 -20.99 -24.90
N THR E 460 -17.21 -20.77 -25.43
CA THR E 460 -16.75 -21.41 -26.66
C THR E 460 -15.47 -22.14 -26.35
N ILE E 461 -15.40 -23.41 -26.72
CA ILE E 461 -14.25 -24.25 -26.41
C ILE E 461 -13.13 -23.92 -27.38
N PRO E 462 -11.93 -23.54 -26.92
CA PRO E 462 -10.87 -23.19 -27.86
C PRO E 462 -10.11 -24.43 -28.33
N PRO E 463 -9.30 -24.30 -29.38
CA PRO E 463 -8.57 -25.47 -29.88
C PRO E 463 -7.49 -25.98 -28.94
N SER E 464 -7.02 -25.15 -27.99
CA SER E 464 -5.97 -25.59 -27.09
C SER E 464 -6.39 -26.73 -26.18
N ILE E 465 -7.69 -27.07 -26.15
CA ILE E 465 -8.16 -28.26 -25.46
C ILE E 465 -7.52 -29.52 -26.02
N ALA E 466 -7.02 -29.48 -27.26
CA ALA E 466 -6.30 -30.62 -27.80
C ALA E 466 -5.00 -30.89 -27.06
N GLN E 467 -4.50 -29.92 -26.29
CA GLN E 467 -3.33 -30.16 -25.46
C GLN E 467 -3.61 -31.15 -24.33
N LEU E 468 -4.86 -31.24 -23.89
CA LEU E 468 -5.22 -32.09 -22.75
C LEU E 468 -5.52 -33.50 -23.26
N THR E 469 -4.42 -34.22 -23.51
CA THR E 469 -4.50 -35.53 -24.16
C THR E 469 -5.10 -36.60 -23.28
N GLY E 470 -5.07 -36.42 -21.96
CA GLY E 470 -5.59 -37.39 -21.02
C GLY E 470 -6.98 -37.12 -20.50
N LEU E 471 -7.71 -36.17 -21.09
CA LEU E 471 -9.04 -35.84 -20.62
C LEU E 471 -10.00 -36.98 -20.91
N LYS E 472 -10.76 -37.38 -19.89
CA LYS E 472 -11.70 -38.48 -19.99
C LYS E 472 -13.12 -38.11 -19.60
N GLU E 473 -13.33 -37.02 -18.87
CA GLU E 473 -14.66 -36.58 -18.50
C GLU E 473 -14.77 -35.08 -18.63
N LEU E 474 -15.94 -34.63 -19.05
CA LEU E 474 -16.32 -33.22 -19.03
C LEU E 474 -17.68 -33.12 -18.39
N TRP E 475 -17.82 -32.25 -17.40
CA TRP E 475 -19.10 -31.98 -16.77
C TRP E 475 -19.49 -30.54 -17.05
N LEU E 476 -20.63 -30.36 -17.70
CA LEU E 476 -21.17 -29.04 -18.04
C LEU E 476 -22.46 -28.87 -17.27
N TYR E 477 -22.39 -28.14 -16.17
CA TYR E 477 -23.53 -27.89 -15.31
C TYR E 477 -24.00 -26.46 -15.55
N HIS E 478 -25.09 -26.32 -16.28
CA HIS E 478 -25.66 -25.03 -16.61
C HIS E 478 -24.63 -24.15 -17.29
N THR E 479 -23.99 -24.72 -18.30
CA THR E 479 -22.91 -24.05 -19.03
C THR E 479 -23.06 -24.43 -20.50
N ALA E 480 -23.74 -23.57 -21.26
CA ALA E 480 -23.83 -23.77 -22.69
C ALA E 480 -22.45 -23.64 -23.32
N ALA E 481 -22.19 -24.45 -24.34
CA ALA E 481 -20.88 -24.50 -24.97
C ALA E 481 -21.02 -24.60 -26.48
N LYS E 482 -20.14 -23.88 -27.17
CA LYS E 482 -19.99 -23.99 -28.62
C LYS E 482 -18.57 -24.43 -28.93
N ILE E 483 -18.34 -24.87 -30.16
CA ILE E 483 -17.05 -25.47 -30.51
C ILE E 483 -16.91 -25.54 -32.02
N GLU E 484 -15.66 -25.54 -32.48
CA GLU E 484 -15.32 -25.71 -33.89
C GLU E 484 -14.67 -27.08 -34.12
N ALA E 485 -14.39 -27.36 -35.39
CA ALA E 485 -14.13 -28.74 -35.80
C ALA E 485 -12.86 -29.36 -35.23
N PRO E 486 -11.73 -28.67 -35.08
CA PRO E 486 -10.53 -29.35 -34.55
C PRO E 486 -10.69 -29.80 -33.10
N ALA E 487 -11.05 -28.88 -32.22
CA ALA E 487 -11.36 -29.24 -30.84
C ALA E 487 -12.47 -30.28 -30.79
N LEU E 488 -13.47 -30.13 -31.66
CA LEU E 488 -14.59 -31.07 -31.68
C LEU E 488 -14.11 -32.48 -32.01
N ALA E 489 -13.24 -32.60 -33.00
CA ALA E 489 -12.72 -33.92 -33.36
C ALA E 489 -11.86 -34.50 -32.25
N PHE E 490 -11.06 -33.66 -31.60
CA PHE E 490 -10.29 -34.11 -30.46
C PHE E 490 -11.19 -34.71 -29.40
N LEU E 491 -12.30 -34.03 -29.11
CA LEU E 491 -13.23 -34.54 -28.12
C LEU E 491 -13.98 -35.77 -28.63
N ARG E 492 -14.23 -35.84 -29.93
CA ARG E 492 -14.83 -37.04 -30.51
C ARG E 492 -13.96 -38.25 -30.28
N GLU E 493 -12.65 -38.07 -30.30
CA GLU E 493 -11.72 -39.19 -30.23
C GLU E 493 -11.21 -39.48 -28.82
N ASN E 494 -11.42 -38.58 -27.86
CA ASN E 494 -10.75 -38.64 -26.57
C ASN E 494 -11.71 -38.35 -25.42
N LEU E 495 -12.83 -39.06 -25.36
CA LEU E 495 -13.78 -38.86 -24.28
C LEU E 495 -14.52 -40.16 -23.99
N ARG E 496 -14.72 -40.42 -22.70
CA ARG E 496 -15.42 -41.61 -22.23
C ARG E 496 -16.78 -41.33 -21.64
N ALA E 497 -16.93 -40.23 -20.89
CA ALA E 497 -18.17 -39.92 -20.19
C ALA E 497 -18.49 -38.44 -20.31
N LEU E 498 -19.79 -38.13 -20.36
CA LEU E 498 -20.27 -36.76 -20.39
C LEU E 498 -21.43 -36.61 -19.40
N HIS E 499 -21.33 -35.62 -18.52
CA HIS E 499 -22.39 -35.26 -17.59
C HIS E 499 -22.91 -33.87 -17.91
N ILE E 500 -24.23 -33.73 -17.93
CA ILE E 500 -24.87 -32.45 -18.21
C ILE E 500 -25.98 -32.24 -17.18
N LYS E 501 -25.97 -31.08 -16.54
CA LYS E 501 -27.06 -30.63 -15.69
C LYS E 501 -27.63 -29.36 -16.30
N PHE E 502 -28.93 -29.38 -16.57
CA PHE E 502 -29.52 -28.39 -17.45
C PHE E 502 -30.83 -27.88 -16.89
N THR E 503 -31.17 -26.65 -17.27
CA THR E 503 -32.49 -26.08 -17.05
C THR E 503 -33.44 -26.43 -18.19
N ASP E 504 -32.95 -26.33 -19.43
CA ASP E 504 -33.76 -26.58 -20.60
C ASP E 504 -32.83 -26.96 -21.75
N ILE E 505 -33.37 -26.98 -22.97
CA ILE E 505 -32.61 -27.50 -24.11
C ILE E 505 -31.43 -26.61 -24.46
N LYS E 506 -31.52 -25.30 -24.21
CA LYS E 506 -30.46 -24.39 -24.62
C LYS E 506 -29.12 -24.70 -23.94
N GLU E 507 -29.14 -25.44 -22.82
CA GLU E 507 -27.93 -25.87 -22.14
C GLU E 507 -27.53 -27.29 -22.54
N ILE E 508 -28.10 -27.82 -23.60
CA ILE E 508 -27.73 -29.12 -24.18
C ILE E 508 -26.91 -28.82 -25.45
N PRO E 509 -25.62 -29.14 -25.50
CA PRO E 509 -24.91 -28.96 -26.77
C PRO E 509 -25.41 -29.94 -27.81
N LEU E 510 -25.73 -29.41 -29.00
CA LEU E 510 -26.29 -30.23 -30.05
C LEU E 510 -25.27 -31.19 -30.65
N TRP E 511 -23.98 -30.96 -30.44
CA TRP E 511 -22.95 -31.76 -31.09
C TRP E 511 -22.76 -33.13 -30.46
N ILE E 512 -23.39 -33.39 -29.32
CA ILE E 512 -23.10 -34.60 -28.56
C ILE E 512 -23.47 -35.84 -29.36
N TYR E 513 -24.52 -35.77 -30.17
CA TYR E 513 -24.92 -36.93 -30.94
C TYR E 513 -24.00 -37.24 -32.10
N SER E 514 -23.13 -36.29 -32.49
CA SER E 514 -22.10 -36.57 -33.47
C SER E 514 -20.84 -37.19 -32.85
N LEU E 515 -20.89 -37.58 -31.58
CA LEU E 515 -19.75 -38.17 -30.91
C LEU E 515 -19.75 -39.67 -31.14
N LYS E 516 -18.57 -40.27 -30.99
CA LYS E 516 -18.37 -41.65 -31.43
C LYS E 516 -17.71 -42.51 -30.36
N THR E 517 -16.81 -41.94 -29.54
CA THR E 517 -16.10 -42.69 -28.51
C THR E 517 -16.74 -42.59 -27.13
N LEU E 518 -17.95 -42.06 -27.02
CA LEU E 518 -18.56 -41.88 -25.71
C LEU E 518 -18.98 -43.23 -25.13
N GLU E 519 -18.76 -43.40 -23.82
CA GLU E 519 -19.20 -44.59 -23.10
C GLU E 519 -20.26 -44.33 -22.04
N GLU E 520 -20.40 -43.09 -21.57
CA GLU E 520 -21.40 -42.73 -20.58
C GLU E 520 -22.03 -41.41 -20.99
N LEU E 521 -23.36 -41.32 -20.86
CA LEU E 521 -24.07 -40.04 -20.97
C LEU E 521 -24.95 -39.89 -19.75
N HIS E 522 -24.90 -38.71 -19.15
CA HIS E 522 -25.60 -38.42 -17.91
C HIS E 522 -26.32 -37.08 -18.06
N LEU E 523 -27.65 -37.11 -18.06
CA LEU E 523 -28.48 -35.93 -18.18
C LEU E 523 -29.26 -35.74 -16.88
N THR E 524 -29.17 -34.53 -16.32
CA THR E 524 -29.86 -34.18 -15.08
C THR E 524 -30.84 -33.05 -15.39
N GLY E 525 -32.12 -33.37 -15.33
CA GLY E 525 -33.17 -32.41 -15.63
C GLY E 525 -34.34 -33.10 -16.30
N ASN E 526 -35.46 -32.40 -16.32
CA ASN E 526 -36.65 -32.95 -16.97
C ASN E 526 -36.45 -32.96 -18.46
N LEU E 527 -36.58 -34.13 -19.08
CA LEU E 527 -36.34 -34.31 -20.50
C LEU E 527 -37.59 -34.07 -21.33
N SER E 528 -38.72 -33.78 -20.71
CA SER E 528 -40.00 -33.74 -21.38
C SER E 528 -40.66 -32.39 -21.19
N ALA E 529 -41.55 -32.07 -22.12
CA ALA E 529 -42.39 -30.88 -22.05
C ALA E 529 -43.82 -31.31 -22.37
N GLU E 530 -44.74 -30.38 -22.20
CA GLU E 530 -46.15 -30.68 -22.43
C GLU E 530 -46.38 -31.05 -23.88
N ASN E 531 -46.95 -32.24 -24.09
CA ASN E 531 -47.36 -32.73 -25.42
C ASN E 531 -46.17 -32.90 -26.37
N ASN E 532 -44.95 -32.99 -25.85
CA ASN E 532 -43.76 -33.10 -26.70
C ASN E 532 -42.77 -34.09 -26.10
N ARG E 533 -43.26 -35.28 -25.72
CA ARG E 533 -42.43 -36.25 -25.01
C ARG E 533 -41.24 -36.68 -25.86
N TYR E 534 -40.05 -36.51 -25.29
CA TYR E 534 -38.82 -37.14 -25.77
C TYR E 534 -38.42 -36.68 -27.16
N ILE E 535 -38.91 -35.50 -27.57
CA ILE E 535 -38.39 -34.89 -28.78
C ILE E 535 -36.93 -34.51 -28.61
N VAL E 536 -36.54 -34.12 -27.39
CA VAL E 536 -35.18 -33.70 -27.11
C VAL E 536 -34.17 -34.81 -27.37
N ILE E 537 -34.57 -36.07 -27.28
CA ILE E 537 -33.66 -37.21 -27.30
C ILE E 537 -33.83 -38.08 -28.53
N ASP E 538 -34.56 -37.58 -29.55
CA ASP E 538 -34.78 -38.33 -30.78
C ASP E 538 -33.47 -38.80 -31.41
N GLY E 539 -32.38 -38.05 -31.21
CA GLY E 539 -31.09 -38.36 -31.77
C GLY E 539 -30.29 -39.42 -31.06
N LEU E 540 -30.80 -40.02 -29.98
CA LEU E 540 -30.04 -41.03 -29.25
C LEU E 540 -29.64 -42.22 -30.13
N ARG E 541 -30.34 -42.41 -31.26
CA ARG E 541 -30.02 -43.49 -32.18
C ARG E 541 -28.59 -43.37 -32.71
N GLU E 542 -28.02 -42.16 -32.75
CA GLU E 542 -26.71 -41.99 -33.35
C GLU E 542 -25.56 -42.41 -32.44
N LEU E 543 -25.81 -42.56 -31.13
CA LEU E 543 -24.77 -42.90 -30.17
C LEU E 543 -24.75 -44.41 -30.00
N LYS E 544 -23.98 -45.06 -30.89
CA LYS E 544 -24.03 -46.50 -31.06
C LYS E 544 -23.07 -47.28 -30.17
N ARG E 545 -22.23 -46.60 -29.37
CA ARG E 545 -21.27 -47.26 -28.48
C ARG E 545 -21.55 -47.00 -27.01
N LEU E 546 -22.69 -46.41 -26.66
CA LEU E 546 -22.98 -46.06 -25.27
C LEU E 546 -23.20 -47.31 -24.43
N LYS E 547 -22.48 -47.41 -23.31
CA LYS E 547 -22.58 -48.54 -22.40
C LYS E 547 -23.37 -48.25 -21.14
N VAL E 548 -23.51 -46.99 -20.76
CA VAL E 548 -24.20 -46.60 -19.54
C VAL E 548 -25.02 -45.36 -19.84
N LEU E 549 -26.32 -45.42 -19.55
CA LEU E 549 -27.19 -44.25 -19.55
C LEU E 549 -27.88 -44.18 -18.21
N ARG E 550 -27.79 -43.03 -17.56
CA ARG E 550 -28.53 -42.74 -16.34
C ARG E 550 -29.39 -41.51 -16.57
N LEU E 551 -30.66 -41.58 -16.17
CA LEU E 551 -31.60 -40.48 -16.33
C LEU E 551 -32.34 -40.25 -15.02
N LYS E 552 -32.37 -38.99 -14.60
CA LYS E 552 -33.05 -38.55 -13.39
C LYS E 552 -33.94 -37.40 -13.83
N SER E 553 -35.11 -37.75 -14.40
CA SER E 553 -35.86 -36.79 -15.20
C SER E 553 -37.37 -36.83 -14.98
N ASN E 554 -37.87 -37.51 -13.94
CA ASN E 554 -39.31 -37.56 -13.64
C ASN E 554 -40.09 -38.10 -14.83
N LEU E 555 -39.75 -39.31 -15.24
CA LEU E 555 -40.22 -39.85 -16.52
C LEU E 555 -41.47 -40.70 -16.31
N SER E 556 -42.50 -40.42 -17.12
CA SER E 556 -43.73 -41.20 -17.06
C SER E 556 -43.55 -42.59 -17.63
N LYS E 557 -42.66 -42.75 -18.60
CA LYS E 557 -42.43 -44.03 -19.25
C LYS E 557 -40.95 -44.15 -19.58
N LEU E 558 -40.55 -45.37 -19.94
CA LEU E 558 -39.23 -45.59 -20.49
C LEU E 558 -39.28 -45.24 -21.98
N PRO E 559 -38.36 -44.41 -22.49
CA PRO E 559 -38.45 -44.04 -23.91
C PRO E 559 -38.30 -45.25 -24.82
N GLN E 560 -39.07 -45.23 -25.91
CA GLN E 560 -38.88 -46.24 -26.94
C GLN E 560 -37.47 -46.19 -27.50
N VAL E 561 -36.93 -44.98 -27.68
CA VAL E 561 -35.63 -44.81 -28.30
C VAL E 561 -34.52 -45.43 -27.46
N VAL E 562 -34.65 -45.41 -26.14
CA VAL E 562 -33.66 -46.06 -25.28
C VAL E 562 -33.63 -47.56 -25.56
N THR E 563 -34.80 -48.19 -25.56
CA THR E 563 -34.86 -49.62 -25.83
C THR E 563 -34.44 -49.95 -27.26
N ASP E 564 -34.62 -48.99 -28.18
CA ASP E 564 -34.11 -49.16 -29.53
C ASP E 564 -32.58 -49.13 -29.55
N VAL E 565 -31.99 -48.31 -28.69
CA VAL E 565 -30.54 -48.20 -28.55
C VAL E 565 -30.01 -49.29 -27.62
N GLY E 566 -30.90 -50.10 -27.07
CA GLY E 566 -30.54 -51.15 -26.13
C GLY E 566 -29.75 -52.30 -26.72
N VAL E 567 -29.37 -52.25 -28.00
CA VAL E 567 -28.56 -53.32 -28.59
C VAL E 567 -27.22 -53.45 -27.89
N HIS E 568 -26.63 -52.33 -27.51
CA HIS E 568 -25.27 -52.28 -27.00
C HIS E 568 -25.15 -51.73 -25.60
N LEU E 569 -26.21 -51.10 -25.08
CA LEU E 569 -26.23 -50.65 -23.70
C LEU E 569 -26.05 -51.82 -22.74
N GLN E 570 -25.24 -51.60 -21.70
CA GLN E 570 -24.97 -52.62 -20.68
C GLN E 570 -25.65 -52.35 -19.35
N LYS E 571 -25.74 -51.09 -18.94
CA LYS E 571 -26.38 -50.72 -17.68
C LYS E 571 -27.29 -49.53 -17.93
N LEU E 572 -28.55 -49.65 -17.51
CA LEU E 572 -29.52 -48.57 -17.56
C LEU E 572 -29.99 -48.28 -16.14
N SER E 573 -30.01 -47.00 -15.79
CA SER E 573 -30.43 -46.55 -14.47
C SER E 573 -31.43 -45.42 -14.63
N ILE E 574 -32.63 -45.60 -14.09
CA ILE E 574 -33.66 -44.57 -14.10
C ILE E 574 -33.97 -44.24 -12.65
N ASN E 575 -33.78 -42.97 -12.28
CA ASN E 575 -34.19 -42.44 -10.98
C ASN E 575 -35.39 -41.52 -11.24
N ASN E 576 -36.58 -42.04 -11.01
CA ASN E 576 -37.81 -41.35 -11.40
C ASN E 576 -38.41 -40.53 -10.26
N GLU E 577 -37.80 -40.57 -9.08
CA GLU E 577 -38.22 -39.74 -7.94
C GLU E 577 -39.67 -39.99 -7.55
N GLY E 578 -40.05 -41.27 -7.51
CA GLY E 578 -41.37 -41.67 -7.10
C GLY E 578 -42.44 -41.56 -8.16
N THR E 579 -42.14 -40.95 -9.30
CA THR E 579 -43.10 -40.93 -10.40
C THR E 579 -43.21 -42.31 -11.00
N LYS E 580 -44.43 -42.74 -11.30
CA LYS E 580 -44.66 -44.10 -11.77
C LYS E 580 -44.07 -44.29 -13.16
N LEU E 581 -43.21 -45.28 -13.31
CA LEU E 581 -42.62 -45.65 -14.58
C LEU E 581 -43.42 -46.78 -15.21
N ILE E 582 -43.76 -46.64 -16.49
CA ILE E 582 -44.39 -47.69 -17.27
C ILE E 582 -43.32 -48.37 -18.09
N VAL E 583 -43.23 -49.69 -18.01
CA VAL E 583 -42.19 -50.44 -18.76
C VAL E 583 -42.64 -50.89 -20.14
N LEU E 584 -43.91 -51.29 -20.27
CA LEU E 584 -44.47 -51.71 -21.57
C LEU E 584 -43.75 -52.80 -22.37
N ASN E 585 -43.23 -53.84 -21.70
CA ASN E 585 -42.57 -54.97 -22.37
C ASN E 585 -41.37 -54.70 -23.27
N SER E 586 -41.10 -53.45 -23.62
CA SER E 586 -39.91 -53.10 -24.39
C SER E 586 -38.66 -53.65 -23.73
N LEU E 587 -38.66 -53.73 -22.40
CA LEU E 587 -37.50 -54.17 -21.63
C LEU E 587 -37.01 -55.55 -22.03
N LYS E 588 -37.84 -56.35 -22.70
CA LYS E 588 -37.44 -57.68 -23.13
C LYS E 588 -36.28 -57.65 -24.12
N LYS E 589 -36.01 -56.51 -24.78
CA LYS E 589 -34.94 -56.50 -25.76
C LYS E 589 -33.55 -56.41 -25.15
N MET E 590 -33.42 -56.13 -23.85
CA MET E 590 -32.14 -55.76 -23.26
C MET E 590 -31.43 -57.01 -22.72
N ALA E 591 -31.20 -57.95 -23.64
CA ALA E 591 -30.55 -59.22 -23.29
C ALA E 591 -29.11 -59.00 -22.84
N ASN E 592 -28.49 -57.89 -23.24
CA ASN E 592 -27.11 -57.59 -22.89
C ASN E 592 -26.99 -56.97 -21.49
N LEU E 593 -28.12 -56.61 -20.88
CA LEU E 593 -28.13 -55.98 -19.57
C LEU E 593 -27.60 -56.95 -18.50
N THR E 594 -26.60 -56.48 -17.73
CA THR E 594 -26.06 -57.22 -16.61
C THR E 594 -26.42 -56.64 -15.26
N GLU E 595 -26.67 -55.33 -15.19
CA GLU E 595 -27.04 -54.65 -13.96
C GLU E 595 -28.19 -53.70 -14.27
N LEU E 596 -29.27 -53.78 -13.50
CA LEU E 596 -30.43 -52.92 -13.68
C LEU E 596 -30.77 -52.24 -12.38
N GLU E 597 -30.99 -50.92 -12.46
CA GLU E 597 -31.45 -50.13 -11.33
C GLU E 597 -32.66 -49.33 -11.80
N LEU E 598 -33.84 -49.67 -11.29
CA LEU E 598 -35.06 -48.91 -11.56
C LEU E 598 -35.45 -48.29 -10.23
N ILE E 599 -35.01 -47.05 -10.05
CA ILE E 599 -34.91 -46.41 -8.77
C ILE E 599 -36.02 -45.40 -8.63
N ARG E 600 -36.73 -45.46 -7.51
CA ARG E 600 -37.76 -44.47 -7.17
C ARG E 600 -38.78 -44.34 -8.30
N CYS E 601 -39.20 -45.49 -8.82
CA CYS E 601 -40.09 -45.54 -9.98
C CYS E 601 -41.51 -45.98 -9.62
N ASP E 602 -41.81 -46.16 -8.32
CA ASP E 602 -43.15 -46.50 -7.83
C ASP E 602 -43.72 -47.67 -8.62
N LEU E 603 -42.89 -48.70 -8.78
CA LEU E 603 -43.24 -49.77 -9.71
C LEU E 603 -44.41 -50.59 -9.19
N GLU E 604 -44.40 -50.94 -7.90
CA GLU E 604 -45.47 -51.64 -7.20
C GLU E 604 -45.59 -53.11 -7.59
N ARG E 605 -44.83 -53.57 -8.57
CA ARG E 605 -44.79 -54.97 -8.97
C ARG E 605 -43.45 -55.25 -9.62
N ILE E 606 -42.87 -56.39 -9.29
CA ILE E 606 -41.66 -56.84 -9.96
C ILE E 606 -42.08 -57.17 -11.39
N PRO E 607 -41.59 -56.49 -12.42
CA PRO E 607 -42.06 -56.80 -13.77
C PRO E 607 -41.56 -58.18 -14.21
N HIS E 608 -42.47 -58.96 -14.78
CA HIS E 608 -42.14 -60.32 -15.19
C HIS E 608 -41.14 -60.35 -16.33
N SER E 609 -41.02 -59.26 -17.09
CA SER E 609 -40.03 -59.16 -18.16
C SER E 609 -38.61 -59.41 -17.69
N ILE E 610 -38.34 -59.23 -16.39
CA ILE E 610 -37.01 -59.51 -15.85
C ILE E 610 -36.63 -60.97 -16.06
N PHE E 611 -37.60 -61.88 -16.07
CA PHE E 611 -37.30 -63.30 -16.08
C PHE E 611 -36.67 -63.76 -17.39
N SER E 612 -36.82 -62.98 -18.46
CA SER E 612 -36.18 -63.28 -19.73
C SER E 612 -34.77 -62.76 -19.84
N LEU E 613 -34.31 -61.94 -18.87
CA LEU E 613 -33.02 -61.26 -18.95
C LEU E 613 -31.98 -62.12 -18.21
N HIS E 614 -31.51 -63.14 -18.92
CA HIS E 614 -30.73 -64.22 -18.31
C HIS E 614 -29.29 -63.85 -17.99
N ASN E 615 -28.86 -62.62 -18.26
CA ASN E 615 -27.51 -62.18 -17.96
C ASN E 615 -27.42 -61.28 -16.73
N LEU E 616 -28.53 -61.02 -16.06
CA LEU E 616 -28.54 -60.07 -14.96
C LEU E 616 -27.71 -60.56 -13.78
N GLN E 617 -26.88 -59.66 -13.25
CA GLN E 617 -26.04 -59.92 -12.09
C GLN E 617 -26.51 -59.18 -10.84
N GLU E 618 -27.12 -58.01 -11.01
CA GLU E 618 -27.48 -57.14 -9.90
C GLU E 618 -28.83 -56.50 -10.18
N ILE E 619 -29.63 -56.35 -9.12
CA ILE E 619 -30.92 -55.67 -9.19
C ILE E 619 -30.99 -54.73 -8.01
N ASP E 620 -31.50 -53.52 -8.23
CA ASP E 620 -31.74 -52.56 -7.17
C ASP E 620 -33.14 -51.99 -7.33
N LEU E 621 -33.94 -52.09 -6.26
CA LEU E 621 -35.33 -51.66 -6.26
C LEU E 621 -35.62 -50.71 -5.10
N LYS E 622 -34.78 -49.68 -4.97
CA LYS E 622 -35.03 -48.59 -4.04
C LYS E 622 -36.44 -48.03 -4.17
N ASP E 623 -37.13 -47.98 -3.04
CA ASP E 623 -38.38 -47.23 -2.90
C ASP E 623 -39.43 -47.68 -3.93
N ASN E 624 -39.99 -48.86 -3.67
CA ASN E 624 -41.14 -49.34 -4.41
C ASN E 624 -42.24 -49.87 -3.50
N ASN E 625 -42.16 -49.57 -2.20
CA ASN E 625 -43.22 -49.89 -1.24
C ASN E 625 -43.53 -51.38 -1.23
N LEU E 626 -42.49 -52.19 -1.43
CA LEU E 626 -42.68 -53.62 -1.57
C LEU E 626 -42.97 -54.25 -0.21
N LYS E 627 -44.03 -55.05 -0.16
CA LYS E 627 -44.43 -55.77 1.04
C LYS E 627 -44.21 -57.27 0.92
N THR E 628 -44.45 -57.82 -0.27
CA THR E 628 -44.17 -59.20 -0.57
C THR E 628 -43.35 -59.28 -1.86
N ILE E 629 -42.43 -60.24 -1.88
CA ILE E 629 -41.45 -60.38 -2.95
C ILE E 629 -41.47 -61.80 -3.50
N GLU E 630 -42.65 -62.43 -3.49
CA GLU E 630 -42.75 -63.85 -3.84
C GLU E 630 -42.17 -64.14 -5.23
N GLU E 631 -42.19 -63.16 -6.13
CA GLU E 631 -41.75 -63.33 -7.51
C GLU E 631 -40.33 -63.87 -7.63
N ILE E 632 -39.52 -63.75 -6.56
CA ILE E 632 -38.16 -64.24 -6.56
C ILE E 632 -38.06 -65.73 -6.87
N ILE E 633 -39.16 -66.48 -6.73
CA ILE E 633 -39.16 -67.89 -7.08
C ILE E 633 -38.68 -68.08 -8.51
N SER E 634 -39.01 -67.15 -9.41
CA SER E 634 -38.58 -67.29 -10.81
C SER E 634 -37.19 -66.72 -11.06
N PHE E 635 -36.58 -66.01 -10.11
CA PHE E 635 -35.21 -65.55 -10.28
C PHE E 635 -34.20 -66.70 -10.29
N GLN E 636 -34.60 -67.91 -9.90
CA GLN E 636 -33.69 -69.06 -9.85
C GLN E 636 -33.02 -69.38 -11.18
N HIS E 637 -33.57 -68.91 -12.30
CA HIS E 637 -32.99 -69.12 -13.61
C HIS E 637 -31.97 -68.05 -14.00
N LEU E 638 -31.78 -67.03 -13.16
CA LEU E 638 -30.79 -65.98 -13.40
C LEU E 638 -29.52 -66.40 -12.66
N HIS E 639 -28.64 -67.08 -13.39
CA HIS E 639 -27.58 -67.85 -12.75
C HIS E 639 -26.44 -67.00 -12.20
N ARG E 640 -26.28 -65.76 -12.69
CA ARG E 640 -25.22 -64.88 -12.21
C ARG E 640 -25.71 -63.87 -11.20
N LEU E 641 -26.97 -63.95 -10.76
CA LEU E 641 -27.50 -62.97 -9.83
C LEU E 641 -26.83 -63.19 -8.48
N THR E 642 -26.00 -62.24 -8.07
CA THR E 642 -25.25 -62.32 -6.83
C THR E 642 -25.61 -61.24 -5.82
N CYS E 643 -26.33 -60.20 -6.23
CA CYS E 643 -26.58 -59.05 -5.37
C CYS E 643 -28.02 -58.61 -5.57
N LEU E 644 -28.83 -58.69 -4.51
CA LEU E 644 -30.21 -58.23 -4.52
C LEU E 644 -30.36 -57.13 -3.48
N LYS E 645 -30.87 -55.98 -3.93
CA LYS E 645 -30.90 -54.75 -3.16
C LYS E 645 -32.35 -54.27 -3.04
N LEU E 646 -32.99 -54.56 -1.90
CA LEU E 646 -34.41 -54.30 -1.68
C LEU E 646 -34.68 -53.42 -0.46
N TRP E 647 -33.74 -52.55 -0.10
CA TRP E 647 -33.88 -51.71 1.08
C TRP E 647 -35.13 -50.82 1.01
N TYR E 648 -35.45 -50.21 2.15
CA TYR E 648 -36.42 -49.12 2.27
C TYR E 648 -37.74 -49.48 1.58
N ASN E 649 -38.29 -50.62 1.97
CA ASN E 649 -39.60 -51.05 1.52
C ASN E 649 -40.33 -51.50 2.79
N HIS E 650 -41.51 -52.09 2.61
CA HIS E 650 -42.38 -52.46 3.70
C HIS E 650 -42.49 -53.98 3.81
N ILE E 651 -41.38 -54.67 3.56
CA ILE E 651 -41.39 -56.12 3.50
C ILE E 651 -41.57 -56.67 4.90
N ALA E 652 -42.53 -57.58 5.05
CA ALA E 652 -42.87 -58.15 6.34
C ALA E 652 -42.19 -59.48 6.60
N TYR E 653 -41.85 -60.24 5.55
CA TYR E 653 -41.24 -61.54 5.73
C TYR E 653 -40.45 -61.89 4.47
N ILE E 654 -39.58 -62.89 4.60
CA ILE E 654 -38.76 -63.39 3.51
C ILE E 654 -39.40 -64.68 3.01
N PRO E 655 -39.84 -64.77 1.76
CA PRO E 655 -40.36 -66.06 1.26
C PRO E 655 -39.31 -67.16 1.27
N ILE E 656 -39.79 -68.39 1.44
CA ILE E 656 -38.93 -69.56 1.62
C ILE E 656 -38.13 -69.90 0.37
N GLN E 657 -38.67 -69.61 -0.81
CA GLN E 657 -38.03 -70.00 -2.06
C GLN E 657 -36.66 -69.35 -2.27
N ILE E 658 -36.29 -68.38 -1.43
CA ILE E 658 -34.97 -67.75 -1.50
C ILE E 658 -33.85 -68.77 -1.47
N GLY E 659 -34.08 -69.93 -0.84
CA GLY E 659 -33.07 -70.96 -0.80
C GLY E 659 -32.69 -71.52 -2.16
N ASN E 660 -33.53 -71.33 -3.17
CA ASN E 660 -33.21 -71.74 -4.54
C ASN E 660 -32.39 -70.71 -5.28
N LEU E 661 -32.07 -69.58 -4.66
CA LEU E 661 -31.17 -68.59 -5.23
C LEU E 661 -29.76 -68.84 -4.71
N THR E 662 -29.20 -69.95 -5.18
CA THR E 662 -28.01 -70.53 -4.59
C THR E 662 -26.73 -69.79 -4.95
N ASN E 663 -26.76 -68.93 -5.96
CA ASN E 663 -25.57 -68.20 -6.40
C ASN E 663 -25.40 -66.85 -5.73
N LEU E 664 -26.24 -66.51 -4.76
CA LEU E 664 -26.21 -65.17 -4.17
C LEU E 664 -24.97 -64.97 -3.32
N GLU E 665 -24.30 -63.83 -3.52
CA GLU E 665 -23.17 -63.43 -2.70
C GLU E 665 -23.42 -62.20 -1.85
N ARG E 666 -24.37 -61.35 -2.25
CA ARG E 666 -24.76 -60.15 -1.52
C ARG E 666 -26.27 -60.17 -1.40
N LEU E 667 -26.79 -59.89 -0.21
CA LEU E 667 -28.22 -59.74 -0.01
C LEU E 667 -28.46 -58.61 0.98
N TYR E 668 -29.17 -57.58 0.55
CA TYR E 668 -29.48 -56.43 1.39
C TYR E 668 -30.99 -56.32 1.53
N LEU E 669 -31.47 -56.58 2.74
CA LEU E 669 -32.87 -56.42 3.11
C LEU E 669 -33.03 -55.47 4.29
N ASN E 670 -32.04 -54.64 4.55
CA ASN E 670 -32.08 -53.71 5.67
C ASN E 670 -33.16 -52.65 5.45
N ARG E 671 -33.52 -51.99 6.54
CA ARG E 671 -34.49 -50.89 6.52
C ARG E 671 -35.84 -51.40 6.00
N ASN E 672 -36.32 -52.46 6.63
CA ASN E 672 -37.59 -53.08 6.24
C ASN E 672 -38.30 -53.50 7.52
N LYS E 673 -39.36 -54.29 7.37
CA LYS E 673 -40.27 -54.64 8.46
C LYS E 673 -40.23 -56.13 8.73
N ILE E 674 -39.06 -56.74 8.60
CA ILE E 674 -38.95 -58.19 8.69
C ILE E 674 -38.89 -58.60 10.14
N GLU E 675 -39.67 -59.62 10.49
CA GLU E 675 -39.87 -60.04 11.86
C GLU E 675 -39.04 -61.26 12.23
N LYS E 676 -38.71 -62.10 11.26
CA LYS E 676 -37.95 -63.32 11.50
C LYS E 676 -37.10 -63.63 10.28
N ILE E 677 -36.17 -64.55 10.46
CA ILE E 677 -35.33 -65.05 9.38
C ILE E 677 -35.80 -66.46 9.06
N PRO E 678 -36.24 -66.76 7.84
CA PRO E 678 -36.46 -68.17 7.47
C PRO E 678 -35.12 -68.88 7.34
N THR E 679 -35.11 -70.15 7.74
CA THR E 679 -33.90 -70.96 7.58
C THR E 679 -33.53 -71.15 6.11
N GLN E 680 -34.50 -71.04 5.20
CA GLN E 680 -34.23 -71.33 3.80
C GLN E 680 -33.28 -70.33 3.17
N LEU E 681 -33.17 -69.15 3.78
CA LEU E 681 -32.23 -68.13 3.30
C LEU E 681 -30.81 -68.66 3.33
N PHE E 682 -30.53 -69.58 4.23
CA PHE E 682 -29.15 -70.06 4.38
C PHE E 682 -28.72 -71.14 3.41
N TYR E 683 -29.59 -71.52 2.48
CA TYR E 683 -29.20 -72.50 1.47
C TYR E 683 -28.37 -71.71 0.49
N CYS E 684 -28.44 -70.38 0.59
CA CYS E 684 -27.59 -69.51 -0.23
C CYS E 684 -26.19 -69.48 0.38
N ARG E 685 -25.45 -70.54 0.13
CA ARG E 685 -24.19 -70.78 0.82
C ARG E 685 -23.02 -70.00 0.22
N LYS E 686 -23.25 -69.21 -0.84
CA LYS E 686 -22.23 -68.33 -1.39
C LYS E 686 -22.32 -66.90 -0.86
N LEU E 687 -23.21 -66.64 0.10
CA LEU E 687 -23.37 -65.27 0.61
C LEU E 687 -22.11 -64.79 1.30
N ARG E 688 -21.63 -63.62 0.89
CA ARG E 688 -20.52 -62.92 1.52
C ARG E 688 -20.98 -61.78 2.41
N TYR E 689 -21.97 -61.01 1.96
CA TYR E 689 -22.46 -59.84 2.66
C TYR E 689 -23.96 -60.01 2.86
N LEU E 690 -24.40 -59.78 4.10
CA LEU E 690 -25.82 -59.76 4.44
C LEU E 690 -26.05 -58.57 5.34
N ASP E 691 -27.03 -57.75 5.01
CA ASP E 691 -27.40 -56.58 5.80
C ASP E 691 -28.86 -56.68 6.17
N LEU E 692 -29.14 -56.84 7.46
CA LEU E 692 -30.49 -56.94 7.99
C LEU E 692 -30.73 -55.91 9.08
N SER E 693 -29.96 -54.82 9.08
CA SER E 693 -30.13 -53.80 10.10
C SER E 693 -31.49 -53.14 9.97
N HIS E 694 -32.01 -52.68 11.11
CA HIS E 694 -33.25 -51.91 11.16
C HIS E 694 -34.42 -52.73 10.61
N ASN E 695 -34.60 -53.90 11.21
CA ASN E 695 -35.77 -54.75 10.99
C ASN E 695 -36.31 -55.06 12.38
N ASN E 696 -37.19 -56.07 12.51
CA ASN E 696 -37.80 -56.42 13.79
C ASN E 696 -37.31 -57.77 14.29
N LEU E 697 -36.00 -58.03 14.12
CA LEU E 697 -35.44 -59.32 14.50
C LEU E 697 -35.16 -59.38 15.99
N THR E 698 -35.47 -60.53 16.59
CA THR E 698 -35.23 -60.79 18.00
C THR E 698 -34.07 -61.73 18.25
N PHE E 699 -33.82 -62.66 17.32
CA PHE E 699 -32.77 -63.66 17.46
C PHE E 699 -32.20 -63.95 16.09
N LEU E 700 -31.03 -64.61 16.09
CA LEU E 700 -30.40 -65.11 14.89
C LEU E 700 -30.53 -66.63 14.85
N PRO E 701 -31.10 -67.26 13.81
CA PRO E 701 -31.15 -68.73 13.79
C PRO E 701 -29.77 -69.36 13.76
N ALA E 702 -29.68 -70.56 14.34
CA ALA E 702 -28.44 -71.32 14.35
C ALA E 702 -27.96 -71.64 12.93
N ASP E 703 -28.90 -71.79 11.99
CA ASP E 703 -28.58 -72.13 10.60
C ASP E 703 -27.69 -71.11 9.93
N ILE E 704 -27.48 -69.94 10.53
CA ILE E 704 -26.53 -68.96 10.03
C ILE E 704 -25.13 -69.54 9.93
N GLY E 705 -24.84 -70.62 10.67
CA GLY E 705 -23.57 -71.29 10.51
C GLY E 705 -23.31 -71.87 9.14
N LEU E 706 -24.34 -71.97 8.28
CA LEU E 706 -24.19 -72.53 6.95
C LEU E 706 -23.61 -71.56 5.93
N LEU E 707 -23.48 -70.28 6.25
CA LEU E 707 -22.93 -69.30 5.31
C LEU E 707 -21.41 -69.31 5.43
N GLN E 708 -20.81 -70.30 4.77
CA GLN E 708 -19.38 -70.51 4.88
C GLN E 708 -18.56 -69.42 4.20
N ASN E 709 -19.18 -68.66 3.28
CA ASN E 709 -18.48 -67.61 2.55
C ASN E 709 -18.78 -66.22 3.10
N LEU E 710 -19.47 -66.12 4.24
CA LEU E 710 -19.85 -64.83 4.81
C LEU E 710 -18.61 -64.08 5.33
N GLN E 711 -18.51 -62.79 4.99
CA GLN E 711 -17.38 -61.96 5.41
C GLN E 711 -17.79 -60.74 6.22
N ASN E 712 -18.86 -60.03 5.85
CA ASN E 712 -19.35 -58.91 6.62
C ASN E 712 -20.85 -59.08 6.85
N LEU E 713 -21.32 -58.52 7.96
CA LEU E 713 -22.67 -58.76 8.43
C LEU E 713 -23.08 -57.64 9.35
N ALA E 714 -24.26 -57.07 9.10
CA ALA E 714 -24.83 -56.02 9.94
C ALA E 714 -26.25 -56.41 10.34
N ILE E 715 -26.50 -56.40 11.64
CA ILE E 715 -27.80 -56.70 12.21
C ILE E 715 -28.12 -55.53 13.15
N THR E 716 -27.61 -54.36 12.79
CA THR E 716 -27.66 -53.19 13.65
C THR E 716 -29.10 -52.82 14.01
N ALA E 717 -29.27 -52.31 15.22
CA ALA E 717 -30.50 -51.61 15.61
C ALA E 717 -31.70 -52.55 15.70
N ASN E 718 -31.44 -53.80 16.10
CA ASN E 718 -32.48 -54.71 16.57
C ASN E 718 -32.36 -54.80 18.10
N ARG E 719 -33.14 -55.69 18.71
CA ARG E 719 -33.18 -55.83 20.16
C ARG E 719 -32.69 -57.22 20.57
N ILE E 720 -31.62 -57.67 19.95
CA ILE E 720 -31.08 -58.99 20.22
C ILE E 720 -30.30 -58.94 21.53
N GLU E 721 -30.56 -59.90 22.41
CA GLU E 721 -29.97 -59.90 23.74
C GLU E 721 -28.62 -60.61 23.76
N THR E 722 -28.47 -61.65 22.95
CA THR E 722 -27.24 -62.42 22.92
C THR E 722 -27.13 -63.05 21.54
N LEU E 723 -25.90 -63.40 21.18
CA LEU E 723 -25.61 -63.94 19.87
C LEU E 723 -25.61 -65.46 19.92
N PRO E 724 -26.18 -66.18 18.96
CA PRO E 724 -26.07 -67.64 19.00
C PRO E 724 -24.63 -68.07 18.80
N PRO E 725 -24.19 -69.17 19.42
CA PRO E 725 -22.82 -69.63 19.17
C PRO E 725 -22.57 -70.01 17.72
N GLU E 726 -23.59 -70.52 17.03
CA GLU E 726 -23.42 -71.00 15.67
C GLU E 726 -23.04 -69.88 14.72
N LEU E 727 -23.27 -68.62 15.10
CA LEU E 727 -22.83 -67.49 14.31
C LEU E 727 -21.33 -67.57 14.00
N PHE E 728 -20.55 -68.15 14.90
CA PHE E 728 -19.11 -68.21 14.70
C PHE E 728 -18.66 -69.43 13.91
N GLN E 729 -19.60 -70.13 13.27
CA GLN E 729 -19.25 -71.08 12.24
C GLN E 729 -18.87 -70.38 10.93
N CYS E 730 -19.24 -69.12 10.76
CA CYS E 730 -18.86 -68.31 9.60
C CYS E 730 -17.42 -67.85 9.81
N ARG E 731 -16.49 -68.71 9.37
CA ARG E 731 -15.08 -68.52 9.67
C ARG E 731 -14.46 -67.32 8.96
N LYS E 732 -15.04 -66.90 7.84
CA LYS E 732 -14.44 -65.87 7.00
C LYS E 732 -14.85 -64.45 7.38
N LEU E 733 -15.52 -64.28 8.51
CA LEU E 733 -15.96 -62.95 8.93
C LEU E 733 -14.77 -62.05 9.22
N ARG E 734 -14.85 -60.82 8.71
CA ARG E 734 -13.86 -59.79 8.97
C ARG E 734 -14.44 -58.56 9.65
N ALA E 735 -15.75 -58.31 9.51
CA ALA E 735 -16.39 -57.18 10.15
C ALA E 735 -17.78 -57.57 10.59
N LEU E 736 -18.17 -57.16 11.81
CA LEU E 736 -19.48 -57.46 12.36
C LEU E 736 -20.02 -56.21 13.02
N HIS E 737 -20.98 -55.56 12.36
CA HIS E 737 -21.56 -54.31 12.83
C HIS E 737 -22.83 -54.64 13.60
N LEU E 738 -22.71 -54.72 14.92
CA LEU E 738 -23.81 -55.09 15.81
C LEU E 738 -24.14 -54.00 16.82
N GLY E 739 -23.65 -52.78 16.61
CA GLY E 739 -23.83 -51.74 17.61
C GLY E 739 -25.28 -51.33 17.76
N ASN E 740 -25.53 -50.57 18.82
CA ASN E 740 -26.84 -49.98 19.11
C ASN E 740 -27.93 -51.04 19.20
N ASN E 741 -27.58 -52.17 19.80
CA ASN E 741 -28.50 -53.22 20.20
C ASN E 741 -28.57 -53.23 21.73
N VAL E 742 -29.21 -54.26 22.28
CA VAL E 742 -29.37 -54.40 23.73
C VAL E 742 -28.64 -55.65 24.21
N LEU E 743 -27.51 -55.96 23.55
CA LEU E 743 -26.70 -57.10 23.96
C LEU E 743 -26.23 -56.92 25.39
N GLN E 744 -26.31 -58.00 26.17
CA GLN E 744 -25.81 -58.04 27.53
C GLN E 744 -24.47 -58.73 27.66
N SER E 745 -24.14 -59.62 26.73
CA SER E 745 -22.86 -60.32 26.75
C SER E 745 -22.41 -60.62 25.33
N LEU E 746 -21.10 -60.71 25.15
CA LEU E 746 -20.48 -61.02 23.86
C LEU E 746 -19.86 -62.41 23.96
N PRO E 747 -20.30 -63.41 23.16
CA PRO E 747 -19.80 -64.78 23.35
C PRO E 747 -18.29 -64.92 23.18
N SER E 748 -17.72 -65.89 23.91
CA SER E 748 -16.30 -66.19 23.83
C SER E 748 -15.87 -66.62 22.44
N ARG E 749 -16.78 -67.23 21.66
CA ARG E 749 -16.40 -67.81 20.38
C ARG E 749 -15.97 -66.77 19.34
N VAL E 750 -16.00 -65.48 19.70
CA VAL E 750 -15.35 -64.46 18.88
C VAL E 750 -13.87 -64.75 18.71
N GLY E 751 -13.27 -65.52 19.62
CA GLY E 751 -11.90 -65.97 19.44
C GLY E 751 -11.66 -66.75 18.17
N GLU E 752 -12.70 -67.40 17.64
CA GLU E 752 -12.54 -68.22 16.44
C GLU E 752 -12.40 -67.38 15.16
N LEU E 753 -12.84 -66.12 15.18
CA LEU E 753 -12.79 -65.27 14.00
C LEU E 753 -11.35 -64.79 13.82
N THR E 754 -10.61 -65.59 13.06
CA THR E 754 -9.20 -65.30 12.80
C THR E 754 -9.02 -63.97 12.10
N ASN E 755 -9.89 -63.65 11.15
CA ASN E 755 -9.70 -62.51 10.27
C ASN E 755 -10.50 -61.28 10.71
N LEU E 756 -11.02 -61.28 11.94
CA LEU E 756 -11.83 -60.15 12.40
C LEU E 756 -10.94 -58.95 12.65
N THR E 757 -11.32 -57.81 12.05
CA THR E 757 -10.60 -56.55 12.23
C THR E 757 -11.47 -55.42 12.74
N GLN E 758 -12.80 -55.55 12.65
CA GLN E 758 -13.71 -54.50 13.08
C GLN E 758 -14.96 -55.13 13.67
N ILE E 759 -15.44 -54.58 14.78
CA ILE E 759 -16.66 -55.08 15.40
C ILE E 759 -17.26 -53.96 16.22
N GLU E 760 -18.59 -53.81 16.12
CA GLU E 760 -19.33 -52.82 16.91
C GLU E 760 -19.96 -53.48 18.12
N LEU E 761 -19.85 -52.80 19.27
CA LEU E 761 -20.55 -53.19 20.48
C LEU E 761 -21.23 -51.99 21.14
N ARG E 762 -21.24 -50.83 20.49
CA ARG E 762 -21.69 -49.61 21.12
C ARG E 762 -23.20 -49.66 21.37
N GLY E 763 -23.64 -48.83 22.31
CA GLY E 763 -25.06 -48.73 22.60
C GLY E 763 -25.61 -49.87 23.42
N ASN E 764 -24.79 -50.52 24.22
CA ASN E 764 -25.20 -51.61 25.10
C ASN E 764 -25.01 -51.23 26.56
N ARG E 765 -25.63 -51.99 27.46
CA ARG E 765 -25.46 -51.72 28.88
C ARG E 765 -24.38 -52.61 29.50
N LEU E 766 -23.21 -52.70 28.85
CA LEU E 766 -22.12 -53.47 29.42
C LEU E 766 -21.54 -52.69 30.58
N GLU E 767 -21.05 -53.41 31.59
CA GLU E 767 -20.26 -52.81 32.66
C GLU E 767 -18.78 -53.03 32.43
N CYS E 768 -18.42 -54.16 31.84
CA CYS E 768 -17.07 -54.47 31.41
C CYS E 768 -17.17 -55.14 30.05
N LEU E 769 -16.00 -55.54 29.52
CA LEU E 769 -15.92 -56.22 28.25
C LEU E 769 -15.26 -57.60 28.43
N PRO E 770 -15.64 -58.60 27.63
CA PRO E 770 -15.00 -59.91 27.77
C PRO E 770 -13.65 -59.98 27.09
N VAL E 771 -12.72 -60.66 27.76
CA VAL E 771 -11.32 -60.73 27.34
C VAL E 771 -11.16 -61.36 25.96
N GLU E 772 -12.10 -62.21 25.54
CA GLU E 772 -11.89 -63.02 24.35
C GLU E 772 -11.77 -62.20 23.07
N LEU E 773 -12.17 -60.94 23.09
CA LEU E 773 -11.90 -60.06 21.95
C LEU E 773 -10.40 -59.96 21.68
N GLY E 774 -9.57 -60.10 22.72
CA GLY E 774 -8.13 -60.13 22.53
C GLY E 774 -7.64 -61.31 21.73
N GLU E 775 -8.45 -62.36 21.58
CA GLU E 775 -8.06 -63.55 20.84
C GLU E 775 -8.14 -63.35 19.33
N CYS E 776 -8.55 -62.17 18.86
CA CYS E 776 -8.61 -61.87 17.43
C CYS E 776 -7.25 -61.33 16.99
N PRO E 777 -6.48 -62.07 16.15
CA PRO E 777 -5.10 -61.61 15.86
C PRO E 777 -5.02 -60.26 15.19
N LEU E 778 -5.86 -59.97 14.21
CA LEU E 778 -5.71 -58.78 13.38
C LEU E 778 -6.41 -57.56 13.95
N LEU E 779 -7.01 -57.65 15.13
CA LEU E 779 -7.79 -56.54 15.66
C LEU E 779 -6.88 -55.45 16.20
N LYS E 780 -7.26 -54.20 15.96
CA LYS E 780 -6.54 -53.03 16.43
C LYS E 780 -7.48 -52.11 17.21
N ARG E 781 -6.88 -51.17 17.93
CA ARG E 781 -7.64 -50.22 18.74
C ARG E 781 -8.67 -49.47 17.91
N SER E 782 -8.29 -49.09 16.70
CA SER E 782 -9.23 -48.41 15.82
C SER E 782 -10.35 -49.32 15.37
N GLY E 783 -10.12 -50.63 15.33
CA GLY E 783 -11.13 -51.59 14.94
C GLY E 783 -12.02 -52.04 16.06
N LEU E 784 -11.62 -51.80 17.30
CA LEU E 784 -12.42 -52.17 18.46
C LEU E 784 -13.36 -51.00 18.74
N VAL E 785 -14.57 -51.08 18.21
CA VAL E 785 -15.52 -49.99 18.20
C VAL E 785 -16.41 -50.18 19.42
N VAL E 786 -16.10 -49.43 20.48
CA VAL E 786 -16.81 -49.55 21.75
C VAL E 786 -16.64 -48.26 22.53
N GLU E 787 -17.56 -48.03 23.47
CA GLU E 787 -17.45 -46.90 24.37
C GLU E 787 -16.14 -46.93 25.13
N GLU E 788 -15.62 -45.75 25.46
CA GLU E 788 -14.29 -45.65 26.08
C GLU E 788 -14.30 -46.22 27.49
N ASP E 789 -15.37 -45.97 28.26
CA ASP E 789 -15.42 -46.47 29.63
C ASP E 789 -15.37 -48.00 29.64
N LEU E 790 -16.06 -48.63 28.69
CA LEU E 790 -15.97 -50.08 28.55
C LEU E 790 -14.57 -50.50 28.10
N PHE E 791 -13.95 -49.73 27.19
CA PHE E 791 -12.60 -50.06 26.74
C PHE E 791 -11.62 -50.06 27.91
N ASN E 792 -11.79 -49.13 28.86
CA ASN E 792 -10.89 -49.05 29.99
C ASN E 792 -10.95 -50.29 30.87
N THR E 793 -12.05 -51.04 30.83
CA THR E 793 -12.21 -52.24 31.64
C THR E 793 -11.34 -53.40 31.19
N LEU E 794 -10.80 -53.35 29.98
CA LEU E 794 -10.04 -54.47 29.46
C LEU E 794 -8.72 -54.62 30.24
N PRO E 795 -8.09 -55.79 30.18
CA PRO E 795 -6.80 -55.98 30.85
C PRO E 795 -5.74 -55.01 30.33
N PRO E 796 -4.81 -54.53 31.18
CA PRO E 796 -3.72 -53.70 30.65
C PRO E 796 -2.93 -54.35 29.53
N GLU E 797 -2.72 -55.67 29.59
CA GLU E 797 -1.96 -56.36 28.56
C GLU E 797 -2.61 -56.18 27.19
N VAL E 798 -3.94 -56.29 27.13
CA VAL E 798 -4.65 -56.12 25.87
C VAL E 798 -4.42 -54.71 25.33
N LYS E 799 -4.53 -53.71 26.21
CA LYS E 799 -4.31 -52.33 25.78
C LYS E 799 -2.87 -52.11 25.31
N GLU E 800 -1.91 -52.78 25.94
CA GLU E 800 -0.52 -52.68 25.51
C GLU E 800 -0.34 -53.28 24.11
N ARG E 801 -0.95 -54.44 23.88
CA ARG E 801 -0.89 -55.06 22.56
C ARG E 801 -1.56 -54.19 21.51
N LEU E 802 -2.64 -53.50 21.89
CA LEU E 802 -3.28 -52.57 20.98
C LEU E 802 -2.40 -51.36 20.70
N TRP E 803 -1.66 -50.90 21.71
CA TRP E 803 -0.73 -49.80 21.52
C TRP E 803 0.33 -50.16 20.48
N ARG E 804 0.97 -51.33 20.65
CA ARG E 804 2.00 -51.71 19.70
C ARG E 804 1.40 -51.95 18.31
N ALA E 805 0.20 -52.54 18.25
CA ALA E 805 -0.35 -52.99 16.98
C ALA E 805 -0.58 -51.83 16.01
N ASP E 806 -0.99 -50.68 16.53
CA ASP E 806 -1.36 -49.55 15.69
C ASP E 806 -0.17 -48.99 14.93
N LYS E 807 0.84 -48.54 15.66
CA LYS E 807 1.94 -47.79 15.04
C LYS E 807 2.98 -48.72 14.42
N MET F 1 -20.15 54.85 -18.22
CA MET F 1 -18.79 54.85 -18.71
C MET F 1 -17.88 54.18 -17.67
N ILE F 2 -18.21 52.94 -17.37
CA ILE F 2 -17.40 52.08 -16.51
C ILE F 2 -17.25 50.76 -17.27
N PRO F 3 -16.04 50.29 -17.51
CA PRO F 3 -15.84 49.14 -18.40
C PRO F 3 -16.73 47.94 -18.10
N VAL F 4 -17.01 47.14 -19.12
CA VAL F 4 -17.86 45.97 -18.95
C VAL F 4 -17.23 45.00 -17.97
N THR F 5 -15.93 44.75 -18.10
CA THR F 5 -15.25 43.80 -17.23
C THR F 5 -15.31 44.18 -15.76
N GLU F 6 -15.54 45.45 -15.44
CA GLU F 6 -15.75 45.83 -14.06
C GLU F 6 -17.22 45.81 -13.67
N LEU F 7 -18.12 45.98 -14.64
CA LEU F 7 -19.52 45.71 -14.42
C LEU F 7 -19.82 44.22 -14.44
N ARG F 8 -18.92 43.42 -15.00
CA ARG F 8 -19.12 41.98 -15.04
C ARG F 8 -19.16 41.40 -13.64
N TYR F 9 -18.60 42.11 -12.66
CA TYR F 9 -18.66 41.65 -11.28
C TYR F 9 -20.08 41.30 -10.89
N PHE F 10 -21.03 42.06 -11.41
CA PHE F 10 -22.42 41.79 -11.08
C PHE F 10 -22.91 40.51 -11.70
N ALA F 11 -22.37 40.13 -12.86
CA ALA F 11 -22.77 38.93 -13.57
C ALA F 11 -21.61 37.96 -13.65
N ASP F 12 -21.43 37.15 -12.61
CA ASP F 12 -20.52 36.03 -12.68
C ASP F 12 -20.75 35.10 -11.50
N THR F 13 -20.90 33.81 -11.78
CA THR F 13 -21.06 32.81 -10.75
C THR F 13 -19.89 31.84 -10.78
N GLN F 14 -19.95 30.85 -9.91
CA GLN F 14 -18.97 29.78 -9.95
C GLN F 14 -19.18 28.97 -11.23
N PRO F 15 -18.13 28.37 -11.76
CA PRO F 15 -18.33 27.39 -12.83
C PRO F 15 -18.98 26.12 -12.33
N ALA F 16 -18.98 25.90 -11.02
CA ALA F 16 -19.71 24.76 -10.48
C ALA F 16 -21.19 24.89 -10.74
N TYR F 17 -21.73 26.09 -10.59
CA TYR F 17 -23.15 26.31 -10.76
C TYR F 17 -23.60 26.21 -12.19
N ARG F 18 -22.69 25.95 -13.13
CA ARG F 18 -23.07 25.83 -14.53
C ARG F 18 -24.15 24.80 -14.74
N ILE F 19 -24.17 23.77 -13.91
CA ILE F 19 -25.22 22.76 -13.99
C ILE F 19 -26.57 23.36 -13.65
N LEU F 20 -26.60 24.35 -12.79
CA LEU F 20 -27.85 24.89 -12.28
C LEU F 20 -28.45 25.95 -13.20
N LYS F 21 -27.77 26.17 -14.24
CA LYS F 21 -28.29 27.19 -15.15
C LYS F 21 -28.98 26.53 -16.32
N PRO F 22 -30.30 26.57 -16.41
CA PRO F 22 -30.96 26.02 -17.60
C PRO F 22 -30.68 26.88 -18.82
N TRP F 23 -31.21 26.49 -19.99
CA TRP F 23 -30.90 27.26 -21.18
C TRP F 23 -31.44 28.68 -21.10
N TRP F 24 -32.56 28.88 -20.41
CA TRP F 24 -33.07 30.24 -20.32
C TRP F 24 -32.17 31.13 -19.49
N ASP F 25 -31.59 30.58 -18.42
CA ASP F 25 -30.66 31.36 -17.63
C ASP F 25 -29.42 31.73 -18.44
N VAL F 26 -28.93 30.80 -19.25
CA VAL F 26 -27.78 31.07 -20.09
C VAL F 26 -28.11 32.14 -21.12
N PHE F 27 -29.27 32.03 -21.77
CA PHE F 27 -29.66 33.01 -22.77
C PHE F 27 -29.78 34.39 -22.14
N THR F 28 -30.39 34.47 -20.96
CA THR F 28 -30.55 35.76 -20.32
C THR F 28 -29.21 36.32 -19.86
N ASP F 29 -28.27 35.47 -19.45
CA ASP F 29 -26.94 35.97 -19.14
C ASP F 29 -26.28 36.59 -20.37
N TYR F 30 -26.37 35.91 -21.51
CA TYR F 30 -25.83 36.46 -22.75
C TYR F 30 -26.50 37.79 -23.10
N ILE F 31 -27.82 37.82 -23.04
CA ILE F 31 -28.56 39.02 -23.41
C ILE F 31 -28.20 40.16 -22.47
N SER F 32 -28.04 39.86 -21.18
CA SER F 32 -27.66 40.88 -20.22
C SER F 32 -26.28 41.42 -20.52
N ILE F 33 -25.36 40.56 -20.95
CA ILE F 33 -24.05 41.06 -21.34
C ILE F 33 -24.16 42.00 -22.52
N VAL F 34 -24.99 41.66 -23.50
CA VAL F 34 -25.15 42.56 -24.64
C VAL F 34 -25.78 43.88 -24.22
N MET F 35 -26.78 43.82 -23.35
CA MET F 35 -27.40 45.04 -22.83
C MET F 35 -26.38 45.90 -22.11
N LEU F 36 -25.53 45.28 -21.31
CA LEU F 36 -24.48 46.02 -20.62
C LEU F 36 -23.53 46.65 -21.61
N MET F 37 -23.22 45.95 -22.69
CA MET F 37 -22.37 46.52 -23.73
C MET F 37 -22.98 47.77 -24.32
N ILE F 38 -24.27 47.71 -24.67
CA ILE F 38 -24.87 48.91 -25.26
C ILE F 38 -25.03 50.01 -24.24
N ALA F 39 -25.25 49.68 -22.97
CA ALA F 39 -25.29 50.71 -21.93
C ALA F 39 -23.96 51.42 -21.82
N VAL F 40 -22.87 50.67 -21.80
CA VAL F 40 -21.54 51.26 -21.70
C VAL F 40 -21.24 52.09 -22.94
N PHE F 41 -21.58 51.57 -24.11
CA PHE F 41 -21.32 52.30 -25.35
C PHE F 41 -22.09 53.60 -25.38
N GLY F 42 -23.37 53.56 -25.05
CA GLY F 42 -24.16 54.78 -25.04
C GLY F 42 -23.68 55.76 -23.99
N GLY F 43 -23.27 55.25 -22.83
CA GLY F 43 -22.77 56.14 -21.79
C GLY F 43 -21.51 56.86 -22.21
N THR F 44 -20.54 56.13 -22.79
CA THR F 44 -19.34 56.79 -23.27
C THR F 44 -19.67 57.75 -24.40
N LEU F 45 -20.57 57.35 -25.29
CA LEU F 45 -20.99 58.19 -26.39
C LEU F 45 -21.54 59.52 -25.88
N GLN F 46 -22.37 59.46 -24.85
CA GLN F 46 -22.93 60.69 -24.31
C GLN F 46 -21.89 61.51 -23.59
N VAL F 47 -21.10 60.87 -22.73
CA VAL F 47 -20.17 61.61 -21.90
C VAL F 47 -19.14 62.34 -22.75
N THR F 48 -18.57 61.64 -23.73
CA THR F 48 -17.50 62.25 -24.51
C THR F 48 -18.02 63.23 -25.56
N GLN F 49 -19.16 62.97 -26.19
CA GLN F 49 -19.82 63.98 -27.03
C GLN F 49 -21.30 64.02 -26.69
N ASP F 50 -21.69 64.94 -25.82
CA ASP F 50 -23.09 65.24 -25.52
C ASP F 50 -23.51 66.54 -26.16
N LYS F 51 -22.93 66.85 -27.32
CA LYS F 51 -23.11 68.15 -27.94
C LYS F 51 -24.59 68.37 -28.26
N MET F 52 -24.95 69.65 -28.38
CA MET F 52 -26.28 70.03 -28.83
C MET F 52 -26.14 71.41 -29.44
N ILE F 53 -26.20 71.49 -30.75
CA ILE F 53 -25.94 72.74 -31.46
C ILE F 53 -27.25 73.50 -31.63
N CYS F 54 -27.26 74.75 -31.21
CA CYS F 54 -28.46 75.58 -31.25
C CYS F 54 -28.15 76.88 -31.98
N LEU F 55 -29.02 77.25 -32.91
CA LEU F 55 -28.94 78.52 -33.61
C LEU F 55 -30.19 79.33 -33.37
N PRO F 56 -30.07 80.62 -33.08
CA PRO F 56 -31.25 81.44 -32.85
C PRO F 56 -32.06 81.62 -34.11
N CYS F 57 -33.35 81.84 -33.92
CA CYS F 57 -34.30 82.08 -35.02
C CYS F 57 -34.61 83.56 -35.04
N LYS F 58 -34.18 84.26 -36.10
CA LYS F 58 -34.42 85.69 -36.18
C LYS F 58 -35.88 86.01 -36.38
N TRP F 59 -36.54 85.31 -37.31
CA TRP F 59 -37.95 85.51 -37.58
C TRP F 59 -38.71 84.39 -36.88
N VAL F 60 -39.38 84.74 -35.78
CA VAL F 60 -40.14 83.78 -34.99
C VAL F 60 -41.61 84.17 -35.04
N THR F 61 -42.46 83.20 -35.34
CA THR F 61 -43.90 83.42 -35.43
C THR F 61 -44.60 82.38 -34.58
N LYS F 62 -45.42 82.83 -33.64
CA LYS F 62 -46.12 81.95 -32.72
C LYS F 62 -45.14 81.02 -32.00
N ASP F 63 -44.09 81.60 -31.41
CA ASP F 63 -43.05 80.83 -30.69
C ASP F 63 -42.39 79.80 -31.61
N SER F 64 -42.59 79.95 -32.91
CA SER F 64 -41.98 79.06 -33.89
C SER F 64 -41.23 79.88 -34.94
N CYS F 65 -40.14 79.31 -35.45
CA CYS F 65 -39.37 79.99 -36.47
C CYS F 65 -40.17 80.06 -37.77
N ASN F 66 -40.19 81.25 -38.38
CA ASN F 66 -40.99 81.46 -39.57
C ASN F 66 -40.54 80.60 -40.74
N ASP F 67 -39.33 80.06 -40.70
CA ASP F 67 -38.84 79.14 -41.72
C ASP F 67 -38.90 79.76 -43.12
N SER F 68 -38.43 81.00 -43.22
CA SER F 68 -38.38 81.70 -44.50
C SER F 68 -37.21 82.68 -44.54
N THR F 92 -27.11 90.22 -55.08
CA THR F 92 -26.08 89.29 -55.55
C THR F 92 -26.39 87.87 -55.09
N GLY F 93 -25.34 87.11 -54.77
CA GLY F 93 -25.51 85.75 -54.32
C GLY F 93 -25.96 85.69 -52.87
N PRO F 94 -26.16 84.47 -52.39
CA PRO F 94 -26.55 84.31 -50.98
C PRO F 94 -25.44 84.75 -50.06
N THR F 95 -25.84 85.28 -48.90
CA THR F 95 -24.91 85.69 -47.87
C THR F 95 -25.35 85.12 -46.54
N GLY F 96 -24.38 84.86 -45.68
CA GLY F 96 -24.68 84.23 -44.41
C GLY F 96 -25.48 85.14 -43.50
N ILE F 97 -26.23 84.53 -42.61
CA ILE F 97 -26.99 85.25 -41.61
C ILE F 97 -26.06 85.60 -40.45
N LYS F 98 -26.15 86.84 -39.97
CA LYS F 98 -25.30 87.32 -38.90
C LYS F 98 -26.11 87.42 -37.62
N TYR F 99 -25.66 86.71 -36.58
CA TYR F 99 -26.38 86.69 -35.31
C TYR F 99 -25.73 87.53 -34.23
N ASP F 100 -24.44 87.86 -34.38
CA ASP F 100 -23.72 88.68 -33.41
C ASP F 100 -23.68 88.03 -32.03
N LEU F 101 -23.40 86.74 -31.99
CA LEU F 101 -23.25 86.03 -30.74
C LEU F 101 -21.82 85.55 -30.59
N ASP F 102 -21.28 85.68 -29.37
CA ASP F 102 -19.97 85.13 -29.09
C ASP F 102 -20.05 83.62 -29.12
N ARG F 103 -18.88 82.99 -29.22
CA ARG F 103 -18.84 81.54 -29.08
C ARG F 103 -19.36 81.10 -27.73
N HIS F 104 -19.12 81.89 -26.69
CA HIS F 104 -19.57 81.53 -25.36
C HIS F 104 -21.06 81.73 -25.18
N GLN F 105 -21.67 82.69 -25.86
CA GLN F 105 -23.12 82.79 -25.84
C GLN F 105 -23.75 81.58 -26.52
N TYR F 106 -23.15 81.11 -27.60
CA TYR F 106 -23.61 79.89 -28.24
C TYR F 106 -23.48 78.72 -27.27
N ASN F 107 -22.37 78.63 -26.56
CA ASN F 107 -22.21 77.58 -25.57
C ASN F 107 -23.27 77.69 -24.49
N TYR F 108 -23.58 78.90 -24.04
CA TYR F 108 -24.57 79.07 -22.99
C TYR F 108 -25.94 78.63 -23.46
N VAL F 109 -26.34 79.03 -24.67
CA VAL F 109 -27.67 78.63 -25.11
C VAL F 109 -27.70 77.13 -25.37
N ASP F 110 -26.61 76.53 -25.83
CA ASP F 110 -26.57 75.08 -25.96
C ASP F 110 -26.80 74.42 -24.61
N ALA F 111 -26.09 74.87 -23.58
CA ALA F 111 -26.25 74.26 -22.27
C ALA F 111 -27.66 74.46 -21.75
N VAL F 112 -28.22 75.65 -21.92
CA VAL F 112 -29.53 75.94 -21.36
C VAL F 112 -30.61 75.14 -22.07
N CYS F 113 -30.55 75.08 -23.40
CA CYS F 113 -31.58 74.35 -24.14
C CYS F 113 -31.39 72.85 -24.02
N TYR F 114 -30.16 72.38 -23.77
CA TYR F 114 -29.96 70.97 -23.48
C TYR F 114 -30.46 70.60 -22.10
N GLU F 115 -30.33 71.50 -21.13
CA GLU F 115 -30.84 71.22 -19.81
C GLU F 115 -32.36 71.28 -19.76
N ASN F 116 -32.94 72.31 -20.36
CA ASN F 116 -34.36 72.55 -20.15
C ASN F 116 -35.21 71.85 -21.20
N ARG F 117 -35.00 72.17 -22.47
CA ARG F 117 -35.91 71.74 -23.53
C ARG F 117 -35.38 70.54 -24.30
N LEU F 118 -34.69 69.63 -23.63
CA LEU F 118 -34.39 68.32 -24.19
C LEU F 118 -35.03 67.28 -23.29
N HIS F 119 -35.71 66.31 -23.91
CA HIS F 119 -36.45 65.34 -23.11
C HIS F 119 -35.50 64.46 -22.31
N TRP F 120 -35.87 64.20 -21.07
CA TRP F 120 -34.98 63.50 -20.15
C TRP F 120 -34.61 62.13 -20.67
N PHE F 121 -35.45 61.52 -21.49
CA PHE F 121 -35.13 60.21 -22.02
C PHE F 121 -33.91 60.27 -22.92
N ALA F 122 -33.89 61.21 -23.85
CA ALA F 122 -32.73 61.34 -24.73
C ALA F 122 -31.47 61.65 -23.95
N LYS F 123 -31.61 62.28 -22.77
CA LYS F 123 -30.46 62.57 -21.95
C LYS F 123 -29.95 61.33 -21.23
N TYR F 124 -30.81 60.66 -20.47
CA TYR F 124 -30.39 59.65 -19.53
C TYR F 124 -30.70 58.23 -19.98
N PHE F 125 -31.00 58.03 -21.26
CA PHE F 125 -31.25 56.68 -21.76
C PHE F 125 -30.11 55.71 -21.49
N PRO F 126 -28.85 56.02 -21.78
CA PRO F 126 -27.78 55.05 -21.50
C PRO F 126 -27.58 54.77 -20.03
N TYR F 127 -28.08 55.60 -19.13
CA TYR F 127 -28.00 55.30 -17.70
C TYR F 127 -29.19 54.48 -17.24
N LEU F 128 -30.37 54.73 -17.78
CA LEU F 128 -31.50 53.85 -17.49
C LEU F 128 -31.23 52.44 -17.99
N VAL F 129 -30.59 52.32 -19.15
CA VAL F 129 -30.25 51.00 -19.67
C VAL F 129 -29.32 50.28 -18.69
N LEU F 130 -28.31 50.98 -18.20
CA LEU F 130 -27.38 50.37 -17.25
C LEU F 130 -28.07 49.98 -15.97
N LEU F 131 -28.94 50.85 -15.44
CA LEU F 131 -29.61 50.55 -14.19
C LEU F 131 -30.53 49.35 -14.34
N HIS F 132 -31.29 49.29 -15.44
CA HIS F 132 -32.16 48.15 -15.66
C HIS F 132 -31.35 46.86 -15.82
N THR F 133 -30.23 46.94 -16.54
CA THR F 133 -29.41 45.75 -16.72
C THR F 133 -28.83 45.28 -15.39
N LEU F 134 -28.39 46.20 -14.55
CA LEU F 134 -27.87 45.82 -13.24
C LEU F 134 -28.94 45.18 -12.39
N ILE F 135 -30.16 45.71 -12.45
CA ILE F 135 -31.25 45.08 -11.70
C ILE F 135 -31.52 43.67 -12.22
N PHE F 136 -31.48 43.50 -13.53
CA PHE F 136 -31.67 42.17 -14.10
C PHE F 136 -30.58 41.21 -13.63
N LEU F 137 -29.33 41.65 -13.65
CA LEU F 137 -28.24 40.79 -13.21
C LEU F 137 -28.37 40.44 -11.73
N ALA F 138 -28.76 41.42 -10.91
CA ALA F 138 -28.96 41.15 -9.50
C ALA F 138 -30.08 40.14 -9.29
N CYS F 139 -31.17 40.27 -10.04
CA CYS F 139 -32.24 39.29 -9.93
C CYS F 139 -31.77 37.91 -10.36
N SER F 140 -30.95 37.83 -11.39
CA SER F 140 -30.46 36.54 -11.85
C SER F 140 -29.57 35.86 -10.82
N ASN F 141 -28.67 36.63 -10.20
CA ASN F 141 -27.64 36.05 -9.35
C ASN F 141 -27.93 36.15 -7.86
N PHE F 142 -29.09 36.68 -7.47
CA PHE F 142 -29.36 36.83 -6.04
C PHE F 142 -29.38 35.49 -5.33
N TRP F 143 -30.06 34.50 -5.89
CA TRP F 143 -30.15 33.21 -5.23
C TRP F 143 -28.83 32.47 -5.20
N PHE F 144 -27.87 32.87 -6.02
CA PHE F 144 -26.51 32.37 -5.92
C PHE F 144 -25.68 33.12 -4.90
N LYS F 145 -25.98 34.38 -4.65
CA LYS F 145 -25.22 35.16 -3.68
C LYS F 145 -25.82 35.13 -2.28
N PHE F 146 -27.14 35.04 -2.17
CA PHE F 146 -27.82 34.95 -0.89
C PHE F 146 -27.32 33.73 -0.13
N PRO F 147 -26.72 33.91 1.04
CA PRO F 147 -26.09 32.77 1.72
C PRO F 147 -27.04 31.65 2.07
N ARG F 148 -28.29 31.95 2.42
CA ARG F 148 -29.20 30.91 2.87
C ARG F 148 -29.48 29.90 1.76
N THR F 149 -29.65 30.37 0.53
CA THR F 149 -29.83 29.47 -0.60
C THR F 149 -28.53 29.13 -1.30
N SER F 150 -27.52 30.00 -1.23
CA SER F 150 -26.22 29.65 -1.79
C SER F 150 -25.64 28.42 -1.10
N SER F 151 -25.79 28.33 0.23
CA SER F 151 -25.31 27.17 0.94
C SER F 151 -26.02 25.90 0.46
N LYS F 152 -27.34 25.97 0.32
CA LYS F 152 -28.09 24.79 -0.11
C LYS F 152 -27.69 24.37 -1.51
N LEU F 153 -27.55 25.33 -2.42
CA LEU F 153 -27.19 25.00 -3.79
C LEU F 153 -25.80 24.40 -3.86
N GLU F 154 -24.83 24.96 -3.13
CA GLU F 154 -23.49 24.41 -3.18
C GLU F 154 -23.43 23.02 -2.54
N HIS F 155 -24.18 22.81 -1.45
CA HIS F 155 -24.26 21.49 -0.85
C HIS F 155 -24.86 20.49 -1.83
N PHE F 156 -25.95 20.86 -2.48
CA PHE F 156 -26.62 19.97 -3.41
C PHE F 156 -25.74 19.65 -4.59
N VAL F 157 -25.05 20.64 -5.14
CA VAL F 157 -24.18 20.39 -6.29
C VAL F 157 -22.97 19.55 -5.90
N SER F 158 -22.42 19.73 -4.69
CA SER F 158 -21.33 18.86 -4.26
C SER F 158 -21.79 17.42 -4.12
N ILE F 159 -22.96 17.23 -3.50
CA ILE F 159 -23.50 15.88 -3.36
C ILE F 159 -23.78 15.26 -4.72
N LEU F 160 -24.36 16.05 -5.62
CA LEU F 160 -24.69 15.54 -6.95
C LEU F 160 -23.45 15.15 -7.72
N LEU F 161 -22.40 15.96 -7.65
CA LEU F 161 -21.15 15.62 -8.32
C LEU F 161 -20.49 14.40 -7.71
N LYS F 162 -20.56 14.23 -6.39
CA LYS F 162 -20.00 13.03 -5.78
C LYS F 162 -20.77 11.79 -6.21
N CYS F 163 -22.10 11.87 -6.26
CA CYS F 163 -22.89 10.73 -6.72
C CYS F 163 -22.59 10.41 -8.18
N PHE F 164 -22.46 11.43 -9.01
CA PHE F 164 -22.06 11.24 -10.40
C PHE F 164 -20.67 10.65 -10.51
N ASP F 165 -19.80 10.92 -9.54
CA ASP F 165 -18.43 10.44 -9.56
C ASP F 165 -18.27 9.06 -8.95
N SER F 166 -19.19 8.65 -8.08
CA SER F 166 -19.01 7.42 -7.33
C SER F 166 -18.96 6.21 -8.27
N PRO F 167 -17.99 5.30 -8.08
CA PRO F 167 -17.98 4.08 -8.90
C PRO F 167 -19.18 3.21 -8.68
N TRP F 168 -19.84 3.31 -7.53
CA TRP F 168 -20.97 2.44 -7.25
C TRP F 168 -22.12 2.68 -8.22
N THR F 169 -22.34 3.94 -8.60
CA THR F 169 -23.40 4.23 -9.57
C THR F 169 -23.09 3.68 -10.95
N THR F 170 -21.82 3.35 -11.23
CA THR F 170 -21.52 2.66 -12.47
C THR F 170 -21.90 1.19 -12.38
N ARG F 171 -21.58 0.55 -11.25
CA ARG F 171 -21.92 -0.86 -11.08
C ARG F 171 -23.43 -1.04 -11.07
N ALA F 172 -24.15 -0.15 -10.40
CA ALA F 172 -25.59 -0.17 -10.44
C ALA F 172 -26.07 0.21 -11.83
N LEU F 173 -27.36 -0.02 -12.08
CA LEU F 173 -28.00 0.20 -13.38
C LEU F 173 -27.36 -0.65 -14.48
N SER F 174 -26.44 -1.53 -14.11
CA SER F 174 -25.76 -2.39 -15.08
C SER F 174 -26.22 -3.84 -15.00
N GLU F 175 -27.23 -4.13 -14.18
CA GLU F 175 -27.65 -5.51 -13.98
C GLU F 175 -28.27 -6.14 -15.22
N THR F 176 -28.76 -5.31 -16.15
CA THR F 176 -29.40 -5.77 -17.37
C THR F 176 -30.56 -6.72 -17.09
N VAL F 231 -17.35 -9.56 -6.16
CA VAL F 231 -16.40 -9.15 -5.14
C VAL F 231 -15.83 -7.77 -5.46
N LEU F 232 -15.98 -6.84 -4.51
CA LEU F 232 -15.55 -5.47 -4.69
C LEU F 232 -14.76 -5.00 -3.48
N ASP F 233 -13.96 -3.96 -3.71
CA ASP F 233 -13.04 -3.46 -2.70
C ASP F 233 -13.80 -2.89 -1.51
N LYS F 234 -13.26 -3.12 -0.32
CA LYS F 234 -13.91 -2.67 0.90
C LYS F 234 -13.89 -1.14 1.00
N LYS F 235 -12.80 -0.52 0.56
CA LYS F 235 -12.64 0.92 0.73
C LYS F 235 -13.64 1.68 -0.13
N GLU F 236 -13.73 1.34 -1.42
CA GLU F 236 -14.75 1.97 -2.24
C GLU F 236 -16.14 1.56 -1.80
N GLY F 237 -16.33 0.29 -1.41
CA GLY F 237 -17.59 -0.14 -0.88
C GLY F 237 -17.92 0.49 0.46
N GLU F 238 -16.92 1.07 1.13
CA GLU F 238 -17.18 1.79 2.37
C GLU F 238 -17.59 3.22 2.05
N GLN F 239 -16.85 3.89 1.18
CA GLN F 239 -17.20 5.27 0.86
C GLN F 239 -18.54 5.34 0.16
N ALA F 240 -18.92 4.28 -0.54
CA ALA F 240 -20.25 4.25 -1.15
C ALA F 240 -21.35 4.26 -0.11
N LYS F 241 -21.20 3.53 0.99
CA LYS F 241 -22.18 3.58 2.06
C LYS F 241 -22.13 4.94 2.76
N ALA F 242 -20.94 5.50 2.89
CA ALA F 242 -20.83 6.86 3.42
C ALA F 242 -21.60 7.85 2.55
N LEU F 243 -21.57 7.65 1.24
CA LEU F 243 -22.33 8.52 0.34
C LEU F 243 -23.83 8.33 0.50
N PHE F 244 -24.28 7.10 0.74
CA PHE F 244 -25.68 6.88 1.09
C PHE F 244 -26.05 7.69 2.33
N GLU F 245 -25.20 7.65 3.35
CA GLU F 245 -25.51 8.39 4.56
C GLU F 245 -25.52 9.89 4.33
N LYS F 246 -24.56 10.40 3.55
CA LYS F 246 -24.51 11.81 3.25
C LYS F 246 -25.74 12.24 2.47
N VAL F 247 -26.17 11.43 1.51
CA VAL F 247 -27.37 11.74 0.75
C VAL F 247 -28.58 11.76 1.68
N LYS F 248 -28.68 10.80 2.58
CA LYS F 248 -29.80 10.78 3.49
C LYS F 248 -29.84 12.01 4.38
N LYS F 249 -28.69 12.40 4.93
CA LYS F 249 -28.63 13.57 5.78
C LYS F 249 -29.01 14.83 5.00
N PHE F 250 -28.46 14.98 3.79
CA PHE F 250 -28.76 16.14 2.98
C PHE F 250 -30.23 16.20 2.62
N ARG F 251 -30.81 15.06 2.25
CA ARG F 251 -32.21 15.00 1.90
C ARG F 251 -33.08 15.36 3.10
N THR F 252 -32.73 14.85 4.27
CA THR F 252 -33.49 15.20 5.48
C THR F 252 -33.39 16.70 5.76
N HIS F 253 -32.22 17.27 5.55
CA HIS F 253 -32.00 18.67 5.88
C HIS F 253 -32.67 19.62 4.91
N VAL F 254 -32.80 19.23 3.64
CA VAL F 254 -33.22 20.15 2.59
C VAL F 254 -34.67 19.97 2.20
N GLU F 255 -35.19 18.75 2.26
CA GLU F 255 -36.49 18.43 1.69
C GLU F 255 -37.65 19.16 2.36
N GLU F 256 -37.40 19.89 3.45
CA GLU F 256 -38.46 20.64 4.08
C GLU F 256 -38.32 22.15 3.91
N GLY F 257 -37.25 22.62 3.28
CA GLY F 257 -36.94 24.04 3.23
C GLY F 257 -37.91 24.89 2.43
N ASP F 258 -38.05 24.57 1.15
CA ASP F 258 -38.87 25.35 0.22
C ASP F 258 -38.44 26.83 0.18
N ILE F 259 -37.14 27.07 0.11
CA ILE F 259 -36.61 28.42 0.03
C ILE F 259 -35.97 28.69 -1.33
N VAL F 260 -35.26 27.70 -1.88
CA VAL F 260 -34.68 27.88 -3.21
C VAL F 260 -35.79 28.04 -4.24
N TYR F 261 -36.82 27.20 -4.17
CA TYR F 261 -37.93 27.33 -5.09
C TYR F 261 -38.63 28.67 -4.92
N ARG F 262 -38.86 29.09 -3.68
CA ARG F 262 -39.55 30.34 -3.44
C ARG F 262 -38.74 31.52 -3.95
N LEU F 263 -37.43 31.50 -3.70
CA LEU F 263 -36.58 32.59 -4.15
C LEU F 263 -36.52 32.65 -5.67
N TYR F 264 -36.43 31.49 -6.32
CA TYR F 264 -36.42 31.45 -7.77
C TYR F 264 -37.74 31.96 -8.35
N MET F 265 -38.85 31.57 -7.74
CA MET F 265 -40.14 32.12 -8.11
C MET F 265 -40.12 33.64 -8.07
N ARG F 266 -39.67 34.18 -6.94
CA ARG F 266 -39.70 35.64 -6.78
C ARG F 266 -38.78 36.31 -7.79
N GLN F 267 -37.61 35.74 -8.04
CA GLN F 267 -36.69 36.33 -9.01
C GLN F 267 -37.31 36.38 -10.39
N THR F 268 -37.92 35.28 -10.82
CA THR F 268 -38.53 35.25 -12.13
C THR F 268 -39.69 36.24 -12.22
N ILE F 269 -40.49 36.33 -11.16
CA ILE F 269 -41.62 37.25 -11.18
C ILE F 269 -41.13 38.69 -11.26
N ILE F 270 -40.09 39.03 -10.50
CA ILE F 270 -39.55 40.37 -10.55
C ILE F 270 -39.01 40.67 -11.94
N LYS F 271 -38.31 39.71 -12.53
CA LYS F 271 -37.82 39.90 -13.88
C LYS F 271 -38.93 40.14 -14.88
N VAL F 272 -40.04 39.42 -14.78
CA VAL F 272 -41.15 39.59 -15.70
C VAL F 272 -41.84 40.94 -15.51
N ILE F 273 -42.13 41.33 -14.26
CA ILE F 273 -42.76 42.63 -14.04
C ILE F 273 -41.79 43.78 -14.24
N LYS F 274 -40.49 43.49 -14.37
CA LYS F 274 -39.52 44.53 -14.70
C LYS F 274 -39.49 44.77 -16.21
N PHE F 275 -39.45 43.67 -16.97
CA PHE F 275 -39.55 43.74 -18.42
C PHE F 275 -40.88 44.38 -18.85
N ILE F 276 -41.97 43.98 -18.21
CA ILE F 276 -43.28 44.50 -18.56
C ILE F 276 -43.44 45.97 -18.21
N LEU F 277 -42.49 46.56 -17.48
CA LEU F 277 -42.51 48.00 -17.22
C LEU F 277 -41.53 48.75 -18.12
N ILE F 278 -40.34 48.17 -18.28
CA ILE F 278 -39.35 48.74 -19.18
C ILE F 278 -39.93 48.88 -20.57
N ILE F 279 -40.62 47.85 -21.05
CA ILE F 279 -41.18 47.91 -22.39
C ILE F 279 -42.16 49.06 -22.52
N CYS F 280 -43.12 49.18 -21.59
CA CYS F 280 -44.12 50.22 -21.72
C CYS F 280 -43.50 51.61 -21.67
N TYR F 281 -42.71 51.89 -20.64
CA TYR F 281 -42.22 53.26 -20.51
C TYR F 281 -41.24 53.61 -21.62
N THR F 282 -40.40 52.65 -22.03
CA THR F 282 -39.43 52.95 -23.06
C THR F 282 -40.10 53.14 -24.42
N VAL F 283 -41.08 52.29 -24.75
CA VAL F 283 -41.79 52.46 -26.01
C VAL F 283 -42.55 53.78 -26.01
N TYR F 284 -43.14 54.14 -24.87
CA TYR F 284 -43.88 55.40 -24.81
C TYR F 284 -42.97 56.59 -25.02
N TYR F 285 -41.77 56.57 -24.43
CA TYR F 285 -40.93 57.75 -24.45
C TYR F 285 -39.89 57.77 -25.57
N VAL F 286 -39.72 56.68 -26.30
CA VAL F 286 -38.68 56.64 -27.32
C VAL F 286 -38.98 57.56 -28.49
N HIS F 287 -40.23 57.98 -28.67
CA HIS F 287 -40.53 58.92 -29.73
C HIS F 287 -39.96 60.30 -29.46
N ASN F 288 -39.50 60.56 -28.24
CA ASN F 288 -38.99 61.87 -27.85
C ASN F 288 -37.53 62.06 -28.21
N ILE F 289 -36.86 61.04 -28.73
CA ILE F 289 -35.47 61.18 -29.17
C ILE F 289 -35.53 61.62 -30.62
N LYS F 290 -35.47 62.92 -30.83
CA LYS F 290 -35.51 63.50 -32.17
C LYS F 290 -34.27 64.36 -32.39
N PHE F 291 -33.83 64.40 -33.64
CA PHE F 291 -32.62 65.15 -33.96
C PHE F 291 -32.86 66.65 -33.91
N ASP F 292 -33.95 67.13 -34.50
CA ASP F 292 -34.23 68.56 -34.60
C ASP F 292 -35.10 68.98 -33.43
N VAL F 293 -34.45 69.38 -32.33
CA VAL F 293 -35.15 69.89 -31.16
C VAL F 293 -35.46 71.36 -31.38
N ASP F 294 -36.48 71.87 -30.70
CA ASP F 294 -36.85 73.28 -30.83
C ASP F 294 -37.07 73.82 -29.43
N CYS F 295 -36.25 74.77 -29.02
CA CYS F 295 -36.27 75.26 -27.64
C CYS F 295 -36.64 76.73 -27.58
N THR F 296 -37.33 77.11 -26.51
CA THR F 296 -37.63 78.50 -26.21
C THR F 296 -37.41 78.67 -24.71
N VAL F 297 -36.23 79.16 -24.34
CA VAL F 297 -35.77 79.08 -22.95
C VAL F 297 -35.88 80.40 -22.22
N ASP F 298 -36.35 81.46 -22.87
CA ASP F 298 -36.54 82.75 -22.23
C ASP F 298 -35.24 83.25 -21.59
N ILE F 299 -34.23 83.43 -22.45
CA ILE F 299 -33.06 84.20 -22.08
C ILE F 299 -32.85 85.26 -23.14
N GLU F 300 -33.48 86.40 -22.96
CA GLU F 300 -33.32 87.53 -23.87
C GLU F 300 -32.31 88.54 -23.34
N SER F 301 -32.16 88.62 -22.03
CA SER F 301 -31.19 89.55 -21.47
C SER F 301 -29.77 89.11 -21.76
N LEU F 302 -29.54 87.80 -21.80
CA LEU F 302 -28.17 87.31 -21.94
C LEU F 302 -27.72 87.26 -23.39
N THR F 303 -28.57 86.77 -24.28
CA THR F 303 -28.19 86.60 -25.68
C THR F 303 -28.93 87.51 -26.64
N GLY F 304 -30.15 87.88 -26.31
CA GLY F 304 -30.91 88.77 -27.16
C GLY F 304 -31.83 88.07 -28.14
N TYR F 305 -31.97 86.76 -28.06
CA TYR F 305 -32.79 86.00 -28.99
C TYR F 305 -33.87 85.26 -28.23
N ARG F 306 -35.07 85.26 -28.81
CA ARG F 306 -36.24 84.73 -28.13
C ARG F 306 -36.21 83.20 -28.12
N THR F 307 -36.23 82.58 -29.29
CA THR F 307 -36.28 81.13 -29.43
C THR F 307 -35.10 80.67 -30.27
N TYR F 308 -34.75 79.41 -30.10
CA TYR F 308 -33.62 78.81 -30.79
C TYR F 308 -34.04 77.53 -31.47
N ARG F 309 -33.31 77.18 -32.53
CA ARG F 309 -33.55 75.96 -33.29
C ARG F 309 -32.34 75.06 -33.06
N CYS F 310 -32.50 74.08 -32.18
CA CYS F 310 -31.39 73.24 -31.78
C CYS F 310 -31.30 72.00 -32.66
N ALA F 311 -30.25 71.22 -32.45
CA ALA F 311 -30.04 69.99 -33.21
C ALA F 311 -29.26 69.04 -32.32
N HIS F 312 -29.86 67.94 -31.94
CA HIS F 312 -29.22 66.96 -31.08
C HIS F 312 -28.55 65.92 -31.95
N PRO F 313 -27.27 66.07 -32.27
CA PRO F 313 -26.68 65.21 -33.31
C PRO F 313 -26.70 63.75 -32.96
N LEU F 314 -26.75 63.42 -31.68
CA LEU F 314 -26.65 62.04 -31.23
C LEU F 314 -27.99 61.33 -31.24
N ALA F 315 -29.05 62.01 -31.66
CA ALA F 315 -30.40 61.49 -31.50
C ALA F 315 -30.63 60.28 -32.37
N THR F 316 -30.12 60.26 -33.60
CA THR F 316 -30.36 59.11 -34.46
C THR F 316 -29.69 57.87 -33.90
N LEU F 317 -28.44 57.99 -33.47
CA LEU F 317 -27.78 56.85 -32.86
C LEU F 317 -28.43 56.45 -31.56
N PHE F 318 -28.99 57.38 -30.81
CA PHE F 318 -29.71 57.01 -29.61
C PHE F 318 -31.01 56.29 -29.91
N LYS F 319 -31.72 56.68 -30.98
CA LYS F 319 -32.89 55.92 -31.39
C LYS F 319 -32.50 54.51 -31.81
N ILE F 320 -31.39 54.38 -32.53
CA ILE F 320 -30.95 53.06 -32.94
C ILE F 320 -30.63 52.20 -31.73
N LEU F 321 -29.90 52.76 -30.77
CA LEU F 321 -29.59 52.01 -29.56
C LEU F 321 -30.84 51.69 -28.77
N ALA F 322 -31.80 52.62 -28.71
CA ALA F 322 -33.03 52.37 -27.98
C ALA F 322 -33.83 51.25 -28.63
N SER F 323 -33.93 51.26 -29.96
CA SER F 323 -34.66 50.19 -30.64
C SER F 323 -33.98 48.84 -30.45
N PHE F 324 -32.66 48.82 -30.56
CA PHE F 324 -31.93 47.59 -30.29
C PHE F 324 -32.12 47.12 -28.86
N TYR F 325 -32.12 48.04 -27.90
CA TYR F 325 -32.38 47.71 -26.51
C TYR F 325 -33.79 47.18 -26.31
N ILE F 326 -34.77 47.75 -27.00
CA ILE F 326 -36.13 47.25 -26.89
C ILE F 326 -36.21 45.83 -27.42
N SER F 327 -35.53 45.56 -28.53
CA SER F 327 -35.50 44.19 -29.04
C SER F 327 -34.90 43.25 -28.01
N LEU F 328 -33.79 43.65 -27.39
CA LEU F 328 -33.16 42.80 -26.39
C LEU F 328 -34.08 42.60 -25.19
N VAL F 329 -34.75 43.66 -24.74
CA VAL F 329 -35.62 43.53 -23.58
C VAL F 329 -36.82 42.66 -23.91
N ILE F 330 -37.31 42.73 -25.14
CA ILE F 330 -38.41 41.86 -25.55
C ILE F 330 -37.97 40.41 -25.50
N PHE F 331 -36.78 40.12 -26.01
CA PHE F 331 -36.31 38.73 -25.94
C PHE F 331 -36.12 38.29 -24.50
N TYR F 332 -35.56 39.16 -23.66
CA TYR F 332 -35.36 38.83 -22.25
C TYR F 332 -36.69 38.54 -21.58
N GLY F 333 -37.69 39.37 -21.85
CA GLY F 333 -38.99 39.17 -21.24
C GLY F 333 -39.68 37.92 -21.75
N LEU F 334 -39.52 37.62 -23.03
CA LEU F 334 -40.10 36.39 -23.55
C LEU F 334 -39.48 35.17 -22.88
N ILE F 335 -38.16 35.19 -22.69
CA ILE F 335 -37.50 34.08 -22.02
C ILE F 335 -37.95 33.97 -20.57
N CYS F 336 -38.06 35.11 -19.88
CA CYS F 336 -38.53 35.08 -18.51
C CYS F 336 -39.98 34.63 -18.39
N MET F 337 -40.84 35.01 -19.32
CA MET F 337 -42.21 34.48 -19.37
C MET F 337 -42.21 32.98 -19.62
N TYR F 338 -41.33 32.48 -20.47
CA TYR F 338 -41.23 31.03 -20.64
C TYR F 338 -40.85 30.37 -19.34
N THR F 339 -39.88 30.94 -18.62
CA THR F 339 -39.50 30.37 -17.33
C THR F 339 -40.66 30.39 -16.35
N LEU F 340 -41.38 31.50 -16.32
CA LEU F 340 -42.50 31.62 -15.39
C LEU F 340 -43.57 30.61 -15.71
N TRP F 341 -43.87 30.40 -16.98
CA TRP F 341 -44.84 29.39 -17.36
C TRP F 341 -44.34 28.00 -17.02
N TRP F 342 -43.05 27.73 -17.26
CA TRP F 342 -42.47 26.45 -16.95
C TRP F 342 -42.58 26.13 -15.46
N MET F 343 -42.53 27.15 -14.62
CA MET F 343 -42.70 26.95 -13.18
C MET F 343 -44.16 26.94 -12.75
N LEU F 344 -45.06 27.57 -13.50
CA LEU F 344 -46.47 27.57 -13.15
C LEU F 344 -47.15 26.24 -13.45
N ARG F 345 -46.56 25.40 -14.28
CA ARG F 345 -47.11 24.10 -14.59
C ARG F 345 -46.25 23.00 -13.97
N ARG F 346 -46.85 21.83 -13.80
CA ARG F 346 -46.22 20.58 -13.39
C ARG F 346 -45.84 20.61 -11.90
N SER F 347 -46.00 21.75 -11.21
CA SER F 347 -45.89 21.80 -9.75
C SER F 347 -44.52 21.32 -9.28
N LEU F 348 -43.51 22.12 -9.61
CA LEU F 348 -42.10 21.80 -9.38
C LEU F 348 -41.75 21.41 -7.95
N LYS F 349 -42.68 21.56 -7.02
CA LYS F 349 -42.41 21.18 -5.63
C LYS F 349 -42.43 19.67 -5.43
N LYS F 350 -42.90 18.90 -6.41
CA LYS F 350 -42.94 17.45 -6.32
C LYS F 350 -42.12 16.88 -7.48
N TYR F 351 -41.39 15.80 -7.21
CA TYR F 351 -40.59 15.13 -8.21
C TYR F 351 -41.03 13.69 -8.31
N SER F 352 -41.10 13.18 -9.53
CA SER F 352 -41.75 11.90 -9.77
C SER F 352 -40.79 10.72 -9.64
N PHE F 353 -39.70 10.73 -10.41
CA PHE F 353 -38.79 9.61 -10.61
C PHE F 353 -39.49 8.43 -11.28
N GLU F 354 -40.64 8.67 -11.92
CA GLU F 354 -41.42 7.57 -12.47
C GLU F 354 -40.67 6.85 -13.58
N SER F 355 -39.96 7.59 -14.42
CA SER F 355 -39.28 6.98 -15.55
C SER F 355 -38.22 5.98 -15.10
N ILE F 356 -37.41 6.35 -14.10
CA ILE F 356 -36.34 5.47 -13.66
C ILE F 356 -36.92 4.22 -13.01
N ARG F 357 -37.90 4.37 -12.13
CA ARG F 357 -38.52 3.24 -11.46
C ARG F 357 -39.35 2.38 -12.41
N GLU F 358 -39.73 2.90 -13.58
CA GLU F 358 -40.44 2.11 -14.57
C GLU F 358 -39.53 1.42 -15.57
N GLU F 359 -38.33 1.96 -15.81
CA GLU F 359 -37.39 1.36 -16.75
C GLU F 359 -36.24 0.63 -16.06
N SER F 360 -36.19 0.63 -14.73
CA SER F 360 -35.21 -0.14 -13.98
C SER F 360 -35.85 -1.09 -12.98
N SER F 361 -37.18 -1.11 -12.89
CA SER F 361 -37.92 -1.99 -11.98
C SER F 361 -37.63 -1.66 -10.52
N TYR F 362 -36.88 -0.59 -10.28
CA TYR F 362 -36.53 -0.18 -8.92
C TYR F 362 -37.60 0.81 -8.43
N SER F 363 -38.76 0.25 -8.10
CA SER F 363 -39.90 1.06 -7.75
C SER F 363 -39.75 1.76 -6.40
N ASP F 364 -38.72 1.43 -5.62
CA ASP F 364 -38.60 1.95 -4.26
C ASP F 364 -37.87 3.29 -4.23
N ILE F 365 -38.28 4.22 -5.08
CA ILE F 365 -37.72 5.57 -5.05
C ILE F 365 -38.86 6.53 -4.72
N PRO F 366 -38.91 7.10 -3.53
CA PRO F 366 -40.07 7.89 -3.13
C PRO F 366 -40.13 9.20 -3.90
N ASP F 367 -41.34 9.75 -3.97
CA ASP F 367 -41.49 11.09 -4.51
C ASP F 367 -40.78 12.09 -3.60
N VAL F 368 -40.00 12.95 -4.21
CA VAL F 368 -39.22 13.93 -3.47
C VAL F 368 -40.06 15.17 -3.24
N LYS F 369 -39.99 15.73 -2.04
CA LYS F 369 -40.79 16.88 -1.69
C LYS F 369 -40.09 18.17 -2.13
N ASN F 370 -40.60 19.30 -1.64
CA ASN F 370 -40.20 20.61 -2.14
C ASN F 370 -38.75 20.92 -1.84
N ASP F 371 -38.18 21.84 -2.62
CA ASP F 371 -36.85 22.39 -2.44
C ASP F 371 -35.77 21.39 -2.79
N PHE F 372 -36.18 20.15 -3.00
CA PHE F 372 -35.34 19.09 -3.53
C PHE F 372 -35.89 18.56 -4.82
N ALA F 373 -37.21 18.63 -5.00
CA ALA F 373 -37.80 18.40 -6.30
C ALA F 373 -37.38 19.49 -7.28
N PHE F 374 -37.37 20.74 -6.82
CA PHE F 374 -37.03 21.84 -7.70
C PHE F 374 -35.58 21.76 -8.15
N MET F 375 -34.67 21.48 -7.22
CA MET F 375 -33.27 21.43 -7.59
C MET F 375 -33.00 20.27 -8.54
N LEU F 376 -33.77 19.18 -8.42
CA LEU F 376 -33.64 18.10 -9.40
C LEU F 376 -34.25 18.48 -10.73
N HIS F 377 -35.34 19.25 -10.72
CA HIS F 377 -35.94 19.72 -11.96
C HIS F 377 -34.99 20.60 -12.74
N LEU F 378 -34.17 21.40 -12.05
CA LEU F 378 -33.17 22.19 -12.76
C LEU F 378 -32.16 21.30 -13.47
N ILE F 379 -31.65 20.28 -12.79
CA ILE F 379 -30.67 19.41 -13.43
C ILE F 379 -31.28 18.68 -14.60
N ASP F 380 -32.56 18.32 -14.49
CA ASP F 380 -33.24 17.74 -15.64
C ASP F 380 -33.19 18.67 -16.85
N GLN F 381 -33.36 19.97 -16.62
CA GLN F 381 -33.18 20.91 -17.72
C GLN F 381 -31.75 20.91 -18.22
N TYR F 382 -30.79 20.69 -17.33
CA TYR F 382 -29.42 20.59 -17.80
C TYR F 382 -29.13 19.21 -18.40
N ASP F 383 -29.23 18.16 -17.59
CA ASP F 383 -28.87 16.83 -18.05
C ASP F 383 -29.61 15.77 -17.24
N PRO F 384 -30.50 15.00 -17.87
CA PRO F 384 -31.26 13.99 -17.12
C PRO F 384 -30.38 12.90 -16.54
N LEU F 385 -29.16 12.80 -17.08
CA LEU F 385 -28.22 11.80 -16.62
C LEU F 385 -27.85 11.98 -15.17
N TYR F 386 -27.67 13.22 -14.71
CA TYR F 386 -27.35 13.44 -13.31
C TYR F 386 -28.48 12.98 -12.41
N SER F 387 -29.73 13.27 -12.78
CA SER F 387 -30.85 12.82 -11.98
C SER F 387 -30.92 11.30 -11.97
N LYS F 388 -30.67 10.66 -13.11
CA LYS F 388 -30.71 9.20 -13.14
C LYS F 388 -29.62 8.59 -12.26
N ARG F 389 -28.41 9.14 -12.33
CA ARG F 389 -27.30 8.62 -11.53
C ARG F 389 -27.41 9.03 -10.07
N PHE F 390 -28.29 9.95 -9.75
CA PHE F 390 -28.57 10.32 -8.38
C PHE F 390 -29.70 9.51 -7.77
N ALA F 391 -30.64 9.03 -8.59
CA ALA F 391 -31.74 8.23 -8.07
C ALA F 391 -31.25 6.93 -7.44
N VAL F 392 -30.10 6.42 -7.88
CA VAL F 392 -29.62 5.15 -7.33
C VAL F 392 -29.27 5.31 -5.86
N PHE F 393 -28.92 6.52 -5.43
CA PHE F 393 -28.59 6.77 -4.04
C PHE F 393 -29.82 7.10 -3.20
N LEU F 394 -31.01 7.00 -3.77
CA LEU F 394 -32.23 7.23 -3.03
C LEU F 394 -33.10 5.99 -2.90
N SER F 395 -32.67 4.87 -3.49
CA SER F 395 -33.47 3.65 -3.52
C SER F 395 -33.03 2.73 -2.40
N GLU F 396 -33.99 2.14 -1.70
CA GLU F 396 -33.67 1.17 -0.66
C GLU F 396 -33.10 -0.11 -1.25
N VAL F 397 -33.52 -0.47 -2.47
CA VAL F 397 -33.03 -1.69 -3.10
C VAL F 397 -31.52 -1.60 -3.31
N SER F 398 -31.05 -0.47 -3.84
CA SER F 398 -29.62 -0.29 -4.03
C SER F 398 -28.89 -0.26 -2.70
N GLU F 399 -29.51 0.30 -1.66
CA GLU F 399 -28.89 0.28 -0.34
C GLU F 399 -28.71 -1.14 0.16
N ASN F 400 -29.73 -1.98 -0.01
CA ASN F 400 -29.62 -3.37 0.40
C ASN F 400 -28.54 -4.09 -0.38
N LYS F 401 -28.48 -3.83 -1.68
CA LYS F 401 -27.43 -4.44 -2.49
C LYS F 401 -26.06 -4.02 -2.01
N LEU F 402 -25.88 -2.74 -1.71
CA LEU F 402 -24.58 -2.27 -1.23
C LEU F 402 -24.23 -2.88 0.11
N ARG F 403 -25.21 -3.02 1.01
CA ARG F 403 -24.90 -3.57 2.33
C ARG F 403 -24.56 -5.04 2.24
N GLN F 404 -25.23 -5.78 1.35
CA GLN F 404 -24.83 -7.15 1.09
C GLN F 404 -23.42 -7.21 0.52
N LEU F 405 -23.13 -6.32 -0.43
CA LEU F 405 -21.85 -6.36 -1.11
C LEU F 405 -20.70 -6.06 -0.15
N ASN F 406 -20.84 -5.05 0.71
CA ASN F 406 -19.78 -4.78 1.66
C ASN F 406 -19.81 -5.72 2.86
N LEU F 407 -20.93 -6.40 3.13
CA LEU F 407 -20.96 -7.38 4.20
C LEU F 407 -19.94 -8.42 3.81
N ASN F 408 -19.86 -8.73 2.51
CA ASN F 408 -18.89 -9.72 2.01
C ASN F 408 -17.47 -9.18 2.05
N ASN F 409 -17.30 -7.88 1.88
CA ASN F 409 -15.97 -7.27 1.85
C ASN F 409 -15.24 -7.46 3.18
N GLU F 410 -15.84 -7.01 4.28
CA GLU F 410 -15.19 -7.13 5.60
C GLU F 410 -15.19 -8.59 6.09
N TRP F 411 -16.20 -9.37 5.70
CA TRP F 411 -16.23 -10.79 6.06
C TRP F 411 -15.20 -11.54 5.26
N THR F 412 -14.15 -12.04 5.91
CA THR F 412 -13.10 -12.76 5.22
C THR F 412 -13.55 -14.20 5.08
N LEU F 413 -13.05 -15.09 5.93
CA LEU F 413 -13.45 -16.49 5.90
C LEU F 413 -12.77 -17.04 7.12
N ASP F 414 -11.74 -16.35 7.58
CA ASP F 414 -11.03 -16.77 8.78
C ASP F 414 -11.78 -16.20 9.96
N LYS F 415 -12.41 -15.05 9.77
CA LYS F 415 -13.23 -14.47 10.84
C LYS F 415 -14.50 -15.30 10.90
N LEU F 416 -14.84 -15.93 9.79
CA LEU F 416 -16.02 -16.77 9.76
C LEU F 416 -15.68 -18.10 10.40
N ARG F 417 -14.47 -18.59 10.11
CA ARG F 417 -14.07 -19.89 10.62
C ARG F 417 -13.98 -19.93 12.14
N GLN F 418 -13.40 -18.90 12.74
CA GLN F 418 -13.28 -18.85 14.20
C GLN F 418 -14.64 -18.70 14.86
N ARG F 419 -15.59 -18.12 14.13
CA ARG F 419 -16.93 -17.90 14.69
C ARG F 419 -17.79 -19.16 14.65
N LEU F 420 -17.46 -20.11 13.79
CA LEU F 420 -18.24 -21.33 13.66
C LEU F 420 -18.29 -22.10 14.97
N THR F 421 -19.26 -23.00 15.07
CA THR F 421 -19.43 -23.84 16.25
C THR F 421 -19.75 -25.27 15.84
N LYS F 422 -19.06 -26.21 16.48
CA LYS F 422 -19.40 -27.63 16.42
C LYS F 422 -20.38 -27.95 17.53
N ASN F 423 -21.59 -28.39 17.18
CA ASN F 423 -22.66 -28.50 18.15
C ASN F 423 -22.66 -29.86 18.84
N ALA F 424 -23.74 -30.13 19.58
CA ALA F 424 -23.80 -31.31 20.44
C ALA F 424 -23.80 -32.59 19.64
N GLN F 425 -24.39 -32.58 18.45
CA GLN F 425 -24.42 -33.75 17.58
C GLN F 425 -23.21 -33.83 16.66
N ASP F 426 -22.12 -33.12 17.00
CA ASP F 426 -20.89 -33.14 16.23
C ASP F 426 -21.10 -32.62 14.82
N LYS F 427 -22.06 -31.71 14.66
CA LYS F 427 -22.34 -31.07 13.39
C LYS F 427 -21.88 -29.62 13.44
N LEU F 428 -21.17 -29.21 12.41
CA LEU F 428 -20.73 -27.83 12.32
C LEU F 428 -21.92 -26.96 11.96
N GLU F 429 -22.17 -25.94 12.77
CA GLU F 429 -23.30 -25.04 12.57
C GLU F 429 -22.85 -23.60 12.62
N LEU F 430 -23.65 -22.74 11.98
CA LEU F 430 -23.54 -21.31 12.09
C LEU F 430 -24.92 -20.73 12.38
N HIS F 431 -25.00 -19.83 13.36
CA HIS F 431 -26.24 -19.15 13.70
C HIS F 431 -26.06 -17.67 13.49
N LEU F 432 -26.92 -17.09 12.65
CA LEU F 432 -26.90 -15.67 12.35
C LEU F 432 -28.28 -15.09 12.61
N PHE F 433 -28.32 -13.83 13.01
CA PHE F 433 -29.57 -13.15 13.26
C PHE F 433 -29.44 -11.68 12.92
N MET F 434 -30.53 -11.11 12.41
CA MET F 434 -30.70 -9.66 12.34
C MET F 434 -29.63 -8.99 11.49
N LEU F 435 -29.26 -9.65 10.40
CA LEU F 435 -28.41 -9.05 9.38
C LEU F 435 -29.25 -8.61 8.20
N SER F 436 -28.63 -7.88 7.29
CA SER F 436 -29.34 -7.41 6.12
C SER F 436 -29.50 -8.48 5.06
N GLY F 437 -28.68 -9.52 5.11
CA GLY F 437 -28.82 -10.64 4.19
C GLY F 437 -27.84 -11.74 4.51
N ILE F 438 -27.46 -12.52 3.51
CA ILE F 438 -26.52 -13.63 3.65
C ILE F 438 -25.19 -13.17 3.05
N PRO F 439 -24.10 -13.14 3.81
CA PRO F 439 -22.80 -12.90 3.16
C PRO F 439 -22.47 -14.06 2.23
N ASP F 440 -21.98 -13.71 1.04
CA ASP F 440 -21.57 -14.74 0.08
C ASP F 440 -20.35 -15.52 0.56
N THR F 441 -19.55 -14.94 1.45
CA THR F 441 -18.39 -15.63 2.01
C THR F 441 -18.79 -16.83 2.85
N VAL F 442 -20.05 -16.89 3.27
CA VAL F 442 -20.54 -18.02 4.07
C VAL F 442 -20.33 -19.33 3.32
N PHE F 443 -20.57 -19.31 2.01
CA PHE F 443 -20.69 -20.55 1.26
C PHE F 443 -19.37 -21.15 0.84
N ASP F 444 -18.25 -20.51 1.18
CA ASP F 444 -16.93 -21.12 1.05
C ASP F 444 -16.53 -21.90 2.28
N LEU F 445 -17.34 -21.88 3.34
CA LEU F 445 -17.10 -22.68 4.53
C LEU F 445 -17.64 -24.09 4.29
N VAL F 446 -16.86 -24.84 3.49
CA VAL F 446 -17.31 -26.08 2.88
C VAL F 446 -17.64 -27.18 3.89
N GLU F 447 -17.15 -27.07 5.11
CA GLU F 447 -17.42 -28.07 6.13
C GLU F 447 -18.78 -27.90 6.80
N LEU F 448 -19.48 -26.82 6.50
CA LEU F 448 -20.71 -26.51 7.21
C LEU F 448 -21.79 -27.54 6.90
N GLU F 449 -22.61 -27.82 7.91
CA GLU F 449 -23.58 -28.90 7.84
C GLU F 449 -24.98 -28.43 8.23
N VAL F 450 -25.06 -27.36 9.00
CA VAL F 450 -26.33 -26.77 9.43
C VAL F 450 -26.23 -25.27 9.21
N LEU F 451 -27.24 -24.71 8.54
CA LEU F 451 -27.36 -23.27 8.35
C LEU F 451 -28.62 -22.78 9.04
N LYS F 452 -28.49 -21.68 9.79
CA LYS F 452 -29.58 -21.06 10.52
C LYS F 452 -29.70 -19.62 10.11
N LEU F 453 -30.93 -19.21 9.77
CA LEU F 453 -31.21 -17.83 9.40
C LEU F 453 -32.39 -17.34 10.23
N GLU F 454 -32.17 -16.25 10.96
CA GLU F 454 -33.13 -15.74 11.92
C GLU F 454 -33.39 -14.26 11.68
N LEU F 455 -34.63 -13.94 11.35
CA LEU F 455 -35.11 -12.55 11.26
C LEU F 455 -34.24 -11.72 10.32
N ILE F 456 -34.07 -12.23 9.10
CA ILE F 456 -33.35 -11.55 8.04
C ILE F 456 -34.36 -11.31 6.92
N PRO F 457 -34.59 -10.08 6.48
CA PRO F 457 -35.62 -9.85 5.45
C PRO F 457 -35.12 -10.08 4.03
N ASP F 458 -36.09 -10.40 3.17
CA ASP F 458 -35.94 -10.33 1.71
C ASP F 458 -34.75 -11.13 1.21
N VAL F 459 -34.66 -12.37 1.68
CA VAL F 459 -33.52 -13.22 1.36
C VAL F 459 -33.76 -13.91 0.02
N THR F 460 -32.70 -14.04 -0.75
CA THR F 460 -32.67 -14.87 -1.94
C THR F 460 -31.47 -15.81 -1.82
N ILE F 461 -31.71 -17.09 -2.08
CA ILE F 461 -30.66 -18.08 -1.95
C ILE F 461 -29.82 -18.05 -3.22
N PRO F 462 -28.51 -17.79 -3.16
CA PRO F 462 -27.71 -17.75 -4.38
C PRO F 462 -27.23 -19.14 -4.77
N PRO F 463 -26.72 -19.29 -5.99
CA PRO F 463 -26.28 -20.62 -6.45
C PRO F 463 -25.05 -21.14 -5.74
N SER F 464 -24.25 -20.27 -5.10
CA SER F 464 -23.03 -20.73 -4.45
C SER F 464 -23.29 -21.71 -3.32
N ILE F 465 -24.55 -21.86 -2.89
CA ILE F 465 -24.94 -22.88 -1.93
C ILE F 465 -24.61 -24.28 -2.42
N ALA F 466 -24.42 -24.47 -3.72
CA ALA F 466 -24.00 -25.78 -4.22
C ALA F 466 -22.61 -26.16 -3.73
N GLN F 467 -21.85 -25.22 -3.16
CA GLN F 467 -20.52 -25.53 -2.63
C GLN F 467 -20.55 -26.20 -1.26
N LEU F 468 -21.68 -26.11 -0.57
CA LEU F 468 -21.81 -26.72 0.75
C LEU F 468 -22.30 -28.15 0.57
N THR F 469 -21.35 -29.02 0.22
CA THR F 469 -21.69 -30.40 -0.11
C THR F 469 -22.18 -31.19 1.10
N GLY F 470 -21.86 -30.74 2.30
CA GLY F 470 -22.22 -31.44 3.53
C GLY F 470 -23.41 -30.88 4.26
N LEU F 471 -24.17 -29.96 3.65
CA LEU F 471 -25.32 -29.38 4.31
C LEU F 471 -26.42 -30.42 4.50
N LYS F 472 -26.98 -30.46 5.70
CA LYS F 472 -28.02 -31.41 6.07
C LYS F 472 -29.26 -30.76 6.63
N GLU F 473 -29.14 -29.57 7.23
CA GLU F 473 -30.25 -28.90 7.90
C GLU F 473 -30.26 -27.45 7.49
N LEU F 474 -31.45 -26.89 7.38
CA LEU F 474 -31.64 -25.46 7.19
C LEU F 474 -32.75 -25.00 8.10
N TRP F 475 -32.49 -23.94 8.87
CA TRP F 475 -33.49 -23.38 9.77
C TRP F 475 -33.82 -21.97 9.32
N LEU F 476 -35.10 -21.72 9.04
CA LEU F 476 -35.58 -20.43 8.55
C LEU F 476 -36.55 -19.87 9.58
N TYR F 477 -36.09 -18.96 10.41
CA TYR F 477 -36.91 -18.34 11.43
C TYR F 477 -37.35 -16.97 10.94
N HIS F 478 -38.61 -16.86 10.55
CA HIS F 478 -39.20 -15.61 10.10
C HIS F 478 -38.38 -15.00 8.96
N THR F 479 -38.10 -15.82 7.97
CA THR F 479 -37.29 -15.40 6.82
C THR F 479 -37.86 -16.04 5.56
N ALA F 480 -38.66 -15.28 4.83
CA ALA F 480 -39.07 -15.69 3.49
C ALA F 480 -37.85 -15.72 2.59
N ALA F 481 -37.82 -16.67 1.67
CA ALA F 481 -36.65 -16.90 0.84
C ALA F 481 -37.08 -17.19 -0.58
N LYS F 482 -36.53 -16.42 -1.52
CA LYS F 482 -36.68 -16.71 -2.93
C LYS F 482 -35.50 -17.56 -3.40
N ILE F 483 -35.69 -18.24 -4.54
CA ILE F 483 -34.66 -19.11 -5.06
C ILE F 483 -34.96 -19.38 -6.53
N GLU F 484 -33.90 -19.61 -7.30
CA GLU F 484 -34.00 -20.02 -8.69
C GLU F 484 -33.56 -21.48 -8.85
N ALA F 485 -33.68 -21.98 -10.08
CA ALA F 485 -33.66 -23.42 -10.30
C ALA F 485 -32.37 -24.13 -9.92
N PRO F 486 -31.16 -23.60 -10.19
CA PRO F 486 -29.95 -24.39 -9.88
C PRO F 486 -29.77 -24.67 -8.41
N ALA F 487 -29.80 -23.61 -7.59
CA ALA F 487 -29.75 -23.77 -6.15
C ALA F 487 -30.87 -24.66 -5.66
N LEU F 488 -32.05 -24.51 -6.28
CA LEU F 488 -33.19 -25.33 -5.90
C LEU F 488 -32.91 -26.80 -6.13
N ALA F 489 -32.31 -27.14 -7.27
CA ALA F 489 -32.04 -28.53 -7.57
C ALA F 489 -31.02 -29.11 -6.61
N PHE F 490 -29.99 -28.32 -6.30
CA PHE F 490 -29.01 -28.77 -5.31
C PHE F 490 -29.68 -29.08 -3.99
N LEU F 491 -30.59 -28.20 -3.56
CA LEU F 491 -31.26 -28.42 -2.28
C LEU F 491 -32.22 -29.60 -2.36
N ARG F 492 -32.86 -29.79 -3.51
CA ARG F 492 -33.70 -30.98 -3.68
C ARG F 492 -32.91 -32.25 -3.46
N GLU F 493 -31.66 -32.25 -3.91
CA GLU F 493 -30.85 -33.46 -3.85
C GLU F 493 -29.99 -33.58 -2.60
N ASN F 494 -29.84 -32.52 -1.80
CA ASN F 494 -28.88 -32.49 -0.71
C ASN F 494 -29.45 -31.80 0.52
N LEU F 495 -30.57 -32.32 1.04
CA LEU F 495 -31.11 -31.78 2.29
C LEU F 495 -31.91 -32.85 3.01
N ARG F 496 -31.80 -32.83 4.33
CA ARG F 496 -32.43 -33.82 5.20
C ARG F 496 -33.49 -33.25 6.13
N ALA F 497 -33.36 -31.99 6.54
CA ALA F 497 -34.27 -31.39 7.50
C ALA F 497 -34.53 -29.94 7.17
N LEU F 498 -35.73 -29.47 7.54
CA LEU F 498 -36.11 -28.07 7.40
C LEU F 498 -36.91 -27.67 8.62
N HIS F 499 -36.48 -26.60 9.28
CA HIS F 499 -37.19 -25.97 10.37
C HIS F 499 -37.70 -24.61 9.92
N ILE F 500 -38.97 -24.31 10.25
CA ILE F 500 -39.56 -23.02 9.93
C ILE F 500 -40.27 -22.50 11.17
N LYS F 501 -39.97 -21.26 11.53
CA LYS F 501 -40.72 -20.51 12.52
C LYS F 501 -41.29 -19.28 11.83
N PHE F 502 -42.62 -19.14 11.86
CA PHE F 502 -43.31 -18.18 11.03
C PHE F 502 -44.45 -17.52 11.78
N THR F 503 -44.82 -16.33 11.33
CA THR F 503 -45.99 -15.63 11.81
C THR F 503 -47.23 -15.98 11.00
N ASP F 504 -47.09 -16.05 9.67
CA ASP F 504 -48.21 -16.34 8.80
C ASP F 504 -47.65 -16.87 7.47
N ILE F 505 -48.51 -16.96 6.47
CA ILE F 505 -48.17 -17.67 5.23
C ILE F 505 -47.07 -16.98 4.46
N LYS F 506 -46.95 -15.65 4.59
CA LYS F 506 -45.98 -14.91 3.78
C LYS F 506 -44.54 -15.34 4.04
N GLU F 507 -44.27 -15.93 5.20
CA GLU F 507 -42.95 -16.43 5.54
C GLU F 507 -42.78 -17.91 5.25
N ILE F 508 -43.69 -18.51 4.47
CA ILE F 508 -43.60 -19.89 4.05
C ILE F 508 -43.14 -19.89 2.61
N PRO F 509 -41.93 -20.38 2.28
CA PRO F 509 -41.56 -20.50 0.87
C PRO F 509 -42.42 -21.54 0.18
N LEU F 510 -42.93 -21.18 -1.00
CA LEU F 510 -43.80 -22.08 -1.73
C LEU F 510 -43.07 -23.29 -2.31
N TRP F 511 -41.74 -23.22 -2.44
CA TRP F 511 -41.00 -24.25 -3.15
C TRP F 511 -40.74 -25.49 -2.33
N ILE F 512 -40.99 -25.45 -1.02
CA ILE F 512 -40.62 -26.54 -0.14
C ILE F 512 -41.33 -27.83 -0.53
N TYR F 513 -42.54 -27.72 -1.06
CA TYR F 513 -43.32 -28.89 -1.41
C TYR F 513 -42.84 -29.55 -2.70
N SER F 514 -41.97 -28.90 -3.47
CA SER F 514 -41.33 -29.53 -4.60
C SER F 514 -40.06 -30.30 -4.23
N LEU F 515 -39.79 -30.48 -2.94
CA LEU F 515 -38.61 -31.18 -2.48
C LEU F 515 -38.90 -32.67 -2.35
N LYS F 516 -37.82 -33.45 -2.24
CA LYS F 516 -37.90 -34.90 -2.41
C LYS F 516 -37.06 -35.70 -1.42
N THR F 517 -36.01 -35.15 -0.83
CA THR F 517 -35.14 -35.89 0.10
C THR F 517 -35.33 -35.47 1.55
N LEU F 518 -36.33 -34.64 1.85
CA LEU F 518 -36.51 -34.18 3.21
C LEU F 518 -36.93 -35.33 4.11
N GLU F 519 -36.36 -35.36 5.32
CA GLU F 519 -36.67 -36.36 6.32
C GLU F 519 -37.31 -35.80 7.58
N GLU F 520 -37.17 -34.50 7.83
CA GLU F 520 -37.79 -33.85 8.97
C GLU F 520 -38.38 -32.52 8.53
N LEU F 521 -39.59 -32.21 9.00
CA LEU F 521 -40.17 -30.89 8.85
C LEU F 521 -40.68 -30.41 10.19
N HIS F 522 -40.34 -29.17 10.52
CA HIS F 522 -40.70 -28.58 11.80
C HIS F 522 -41.29 -27.21 11.56
N LEU F 523 -42.57 -27.05 11.88
CA LEU F 523 -43.31 -25.82 11.64
C LEU F 523 -43.78 -25.26 12.98
N THR F 524 -43.50 -23.98 13.20
CA THR F 524 -43.91 -23.26 14.40
C THR F 524 -44.76 -22.07 13.97
N GLY F 525 -46.04 -22.14 14.28
CA GLY F 525 -46.98 -21.09 13.91
C GLY F 525 -48.33 -21.69 13.57
N ASN F 526 -49.32 -20.81 13.47
CA ASN F 526 -50.66 -21.26 13.12
C ASN F 526 -50.68 -21.68 11.66
N LEU F 527 -51.11 -22.91 11.42
CA LEU F 527 -51.13 -23.49 10.08
C LEU F 527 -52.44 -23.23 9.35
N SER F 528 -53.36 -22.50 9.95
CA SER F 528 -54.70 -22.34 9.43
C SER F 528 -55.03 -20.86 9.30
N ALA F 529 -56.00 -20.59 8.43
CA ALA F 529 -56.54 -19.26 8.24
C ALA F 529 -58.06 -19.36 8.24
N GLU F 530 -58.71 -18.19 8.24
CA GLU F 530 -60.16 -18.13 8.29
C GLU F 530 -60.77 -18.84 7.09
N ASN F 531 -61.60 -19.85 7.37
CA ASN F 531 -62.31 -20.63 6.35
C ASN F 531 -61.37 -21.36 5.40
N ASN F 532 -60.10 -21.52 5.78
CA ASN F 532 -59.08 -22.10 4.91
C ASN F 532 -58.21 -23.05 5.72
N ARG F 533 -58.85 -23.93 6.50
CA ARG F 533 -58.10 -24.83 7.38
C ARG F 533 -57.16 -25.72 6.58
N TYR F 534 -55.87 -25.64 6.92
CA TYR F 534 -54.85 -26.54 6.43
C TYR F 534 -54.64 -26.43 4.92
N ILE F 535 -55.06 -25.31 4.32
CA ILE F 535 -54.69 -25.05 2.94
C ILE F 535 -53.19 -24.93 2.80
N VAL F 536 -52.51 -24.44 3.85
CA VAL F 536 -51.07 -24.24 3.81
C VAL F 536 -50.32 -25.54 3.60
N ILE F 537 -50.92 -26.68 3.94
CA ILE F 537 -50.24 -27.97 3.95
C ILE F 537 -50.84 -28.98 3.00
N ASP F 538 -51.80 -28.57 2.16
CA ASP F 538 -52.39 -29.46 1.17
C ASP F 538 -51.33 -30.16 0.32
N GLY F 539 -50.24 -29.46 0.03
CA GLY F 539 -49.19 -29.98 -0.79
C GLY F 539 -48.22 -30.94 -0.12
N LEU F 540 -48.45 -31.30 1.15
CA LEU F 540 -47.52 -32.19 1.84
C LEU F 540 -47.38 -33.53 1.12
N ARG F 541 -48.38 -33.94 0.35
CA ARG F 541 -48.39 -35.26 -0.28
C ARG F 541 -47.17 -35.49 -1.16
N GLU F 542 -46.58 -34.43 -1.69
CA GLU F 542 -45.40 -34.57 -2.55
C GLU F 542 -44.13 -34.83 -1.75
N LEU F 543 -44.13 -34.59 -0.44
CA LEU F 543 -42.98 -34.88 0.42
C LEU F 543 -43.08 -36.33 0.85
N LYS F 544 -42.67 -37.21 -0.06
CA LYS F 544 -42.94 -38.64 0.07
C LYS F 544 -41.97 -39.38 0.98
N ARG F 545 -40.91 -38.72 1.46
CA ARG F 545 -39.90 -39.37 2.29
C ARG F 545 -39.90 -38.89 3.74
N LEU F 546 -40.89 -38.12 4.16
CA LEU F 546 -40.86 -37.55 5.50
C LEU F 546 -41.03 -38.64 6.55
N LYS F 547 -40.05 -38.76 7.43
CA LYS F 547 -40.04 -39.76 8.49
C LYS F 547 -40.39 -39.21 9.86
N VAL F 548 -40.31 -37.89 10.04
CA VAL F 548 -40.64 -37.25 11.30
C VAL F 548 -41.36 -35.95 10.97
N LEU F 549 -42.51 -35.74 11.58
CA LEU F 549 -43.22 -34.46 11.53
C LEU F 549 -43.51 -34.03 12.95
N ARG F 550 -43.19 -32.79 13.27
CA ARG F 550 -43.58 -32.17 14.54
C ARG F 550 -44.29 -30.86 14.24
N LEU F 551 -45.41 -30.62 14.92
CA LEU F 551 -46.22 -29.43 14.73
C LEU F 551 -46.56 -28.82 16.08
N LYS F 552 -46.33 -27.52 16.19
CA LYS F 552 -46.62 -26.73 17.37
C LYS F 552 -47.46 -25.55 16.88
N SER F 553 -48.75 -25.81 16.67
CA SER F 553 -49.56 -24.92 15.84
C SER F 553 -50.97 -24.66 16.40
N ASN F 554 -51.23 -25.00 17.66
CA ASN F 554 -52.52 -24.71 18.29
C ASN F 554 -53.68 -25.31 17.49
N LEU F 555 -53.60 -26.61 17.28
CA LEU F 555 -54.47 -27.27 16.30
C LEU F 555 -55.73 -27.81 16.97
N SER F 556 -56.87 -27.59 16.33
CA SER F 556 -58.14 -28.12 16.82
C SER F 556 -58.28 -29.61 16.56
N LYS F 557 -57.67 -30.10 15.48
CA LYS F 557 -57.81 -31.48 15.07
C LYS F 557 -56.49 -31.95 14.47
N LEU F 558 -56.41 -33.26 14.27
CA LEU F 558 -55.28 -33.84 13.54
C LEU F 558 -55.56 -33.72 12.04
N PRO F 559 -54.66 -33.12 11.24
CA PRO F 559 -54.98 -32.95 9.82
C PRO F 559 -55.16 -34.27 9.10
N GLN F 560 -56.08 -34.28 8.15
CA GLN F 560 -56.28 -35.44 7.30
C GLN F 560 -55.02 -35.77 6.52
N VAL F 561 -54.32 -34.74 6.05
CA VAL F 561 -53.15 -34.92 5.21
C VAL F 561 -52.04 -35.64 5.96
N VAL F 562 -51.96 -35.44 7.27
CA VAL F 562 -50.95 -36.16 8.07
C VAL F 562 -51.21 -37.64 8.01
N THR F 563 -52.44 -38.07 8.31
CA THR F 563 -52.76 -39.48 8.28
C THR F 563 -52.69 -40.04 6.87
N ASP F 564 -52.87 -39.19 5.86
CA ASP F 564 -52.68 -39.62 4.48
C ASP F 564 -51.20 -39.90 4.19
N VAL F 565 -50.32 -39.10 4.79
CA VAL F 565 -48.87 -39.25 4.64
C VAL F 565 -48.34 -40.29 5.63
N GLY F 566 -49.23 -40.82 6.49
CA GLY F 566 -48.84 -41.76 7.51
C GLY F 566 -48.35 -43.11 7.01
N VAL F 567 -48.31 -43.33 5.70
CA VAL F 567 -47.82 -44.60 5.18
C VAL F 567 -46.37 -44.81 5.58
N HIS F 568 -45.56 -43.76 5.55
CA HIS F 568 -44.12 -43.85 5.78
C HIS F 568 -43.64 -43.07 6.98
N LEU F 569 -44.49 -42.22 7.56
CA LEU F 569 -44.10 -41.47 8.76
C LEU F 569 -43.86 -42.41 9.93
N GLN F 570 -42.80 -42.13 10.70
CA GLN F 570 -42.40 -42.95 11.84
C GLN F 570 -42.64 -42.30 13.18
N LYS F 571 -42.51 -40.97 13.27
CA LYS F 571 -42.68 -40.25 14.52
C LYS F 571 -43.50 -39.00 14.25
N LEU F 572 -44.58 -38.84 15.00
CA LEU F 572 -45.40 -37.64 14.98
C LEU F 572 -45.49 -37.08 16.39
N SER F 573 -45.28 -35.77 16.51
CA SER F 573 -45.29 -35.09 17.80
C SER F 573 -46.10 -33.81 17.68
N ILE F 574 -47.14 -33.70 18.50
CA ILE F 574 -47.99 -32.52 18.55
C ILE F 574 -47.88 -31.92 19.94
N ASN F 575 -47.46 -30.66 20.02
CA ASN F 575 -47.50 -29.87 21.24
C ASN F 575 -48.54 -28.76 21.02
N ASN F 576 -49.69 -28.93 21.66
CA ASN F 576 -50.87 -28.11 21.40
C ASN F 576 -51.07 -27.02 22.45
N GLU F 577 -50.24 -27.00 23.50
CA GLU F 577 -50.27 -25.96 24.53
C GLU F 577 -51.65 -25.83 25.17
N GLY F 578 -52.25 -26.97 25.50
CA GLY F 578 -53.51 -26.99 26.22
C GLY F 578 -54.74 -26.84 25.34
N THR F 579 -54.57 -26.51 24.07
CA THR F 579 -55.71 -26.52 23.16
C THR F 579 -56.14 -27.95 22.89
N LYS F 580 -57.45 -28.20 22.96
CA LYS F 580 -57.95 -29.56 22.84
C LYS F 580 -57.76 -30.07 21.43
N LEU F 581 -57.16 -31.26 21.31
CA LEU F 581 -56.99 -31.93 20.03
C LEU F 581 -58.11 -32.94 19.84
N ILE F 582 -58.69 -32.96 18.64
CA ILE F 582 -59.65 -33.96 18.22
C ILE F 582 -58.91 -34.97 17.34
N VAL F 583 -59.01 -36.25 17.66
CA VAL F 583 -58.29 -37.29 16.90
C VAL F 583 -59.12 -37.82 15.74
N LEU F 584 -60.39 -38.15 15.99
CA LEU F 584 -61.30 -38.65 14.95
C LEU F 584 -60.90 -39.95 14.24
N ASN F 585 -60.30 -40.90 14.96
CA ASN F 585 -59.93 -42.22 14.40
C ASN F 585 -59.01 -42.26 13.18
N SER F 586 -58.73 -41.11 12.58
CA SER F 586 -57.79 -41.06 11.47
C SER F 586 -56.42 -41.60 11.88
N LEU F 587 -56.04 -41.38 13.14
CA LEU F 587 -54.78 -41.83 13.68
C LEU F 587 -54.55 -43.31 13.50
N LYS F 588 -55.61 -44.10 13.35
CA LYS F 588 -55.49 -45.54 13.22
C LYS F 588 -54.77 -45.96 11.94
N LYS F 589 -54.63 -45.07 10.95
CA LYS F 589 -53.96 -45.48 9.72
C LYS F 589 -52.44 -45.54 9.86
N MET F 590 -51.87 -44.93 10.90
CA MET F 590 -50.43 -44.77 11.00
C MET F 590 -49.82 -46.05 11.57
N ALA F 591 -49.70 -47.05 10.69
CA ALA F 591 -49.18 -48.35 11.10
C ALA F 591 -47.67 -48.32 11.28
N ASN F 592 -46.98 -47.39 10.63
CA ASN F 592 -45.53 -47.31 10.69
C ASN F 592 -45.03 -46.53 11.90
N LEU F 593 -45.93 -45.87 12.61
CA LEU F 593 -45.56 -45.02 13.75
C LEU F 593 -44.92 -45.85 14.85
N THR F 594 -43.73 -45.43 15.29
CA THR F 594 -42.99 -46.07 16.37
C THR F 594 -42.91 -45.22 17.63
N GLU F 595 -43.10 -43.91 17.52
CA GLU F 595 -43.12 -43.03 18.69
C GLU F 595 -44.18 -41.96 18.46
N LEU F 596 -45.06 -41.79 19.43
CA LEU F 596 -46.13 -40.80 19.37
C LEU F 596 -46.09 -39.94 20.62
N GLU F 597 -46.17 -38.63 20.42
CA GLU F 597 -46.25 -37.67 21.52
C GLU F 597 -47.41 -36.73 21.22
N LEU F 598 -48.46 -36.81 22.03
CA LEU F 598 -49.60 -35.90 21.95
C LEU F 598 -49.54 -35.05 23.21
N ILE F 599 -48.91 -33.89 23.05
CA ILE F 599 -48.41 -33.10 24.16
C ILE F 599 -49.33 -31.90 24.37
N ARG F 600 -49.73 -31.70 25.62
CA ARG F 600 -50.50 -30.52 26.02
C ARG F 600 -51.74 -30.37 25.15
N CYS F 601 -52.44 -31.48 24.96
CA CYS F 601 -53.66 -31.54 24.17
C CYS F 601 -54.91 -31.65 25.03
N ASP F 602 -54.77 -31.58 26.36
CA ASP F 602 -55.89 -31.63 27.30
C ASP F 602 -56.79 -32.83 27.02
N LEU F 603 -56.15 -33.99 26.84
CA LEU F 603 -56.90 -35.18 26.44
C LEU F 603 -57.76 -35.70 27.58
N GLU F 604 -57.22 -35.71 28.80
CA GLU F 604 -57.86 -36.11 30.05
C GLU F 604 -58.06 -37.61 30.20
N ARG F 605 -57.89 -38.38 29.12
CA ARG F 605 -57.93 -39.83 29.15
C ARG F 605 -57.14 -40.36 27.95
N ILE F 606 -56.38 -41.41 28.18
CA ILE F 606 -55.59 -42.04 27.13
C ILE F 606 -56.57 -42.63 26.12
N PRO F 607 -56.54 -42.23 24.84
CA PRO F 607 -57.49 -42.81 23.89
C PRO F 607 -57.18 -44.27 23.61
N HIS F 608 -58.18 -44.96 23.08
CA HIS F 608 -58.07 -46.38 22.77
C HIS F 608 -57.59 -46.66 21.36
N SER F 609 -57.46 -45.63 20.52
CA SER F 609 -56.85 -45.82 19.21
C SER F 609 -55.39 -46.22 19.32
N ILE F 610 -54.74 -45.86 20.43
CA ILE F 610 -53.31 -46.11 20.59
C ILE F 610 -53.01 -47.60 20.58
N PHE F 611 -53.96 -48.43 21.01
CA PHE F 611 -53.70 -49.85 21.17
C PHE F 611 -53.50 -50.56 19.84
N SER F 612 -53.98 -49.97 18.73
CA SER F 612 -53.74 -50.53 17.41
C SER F 612 -52.35 -50.21 16.86
N LEU F 613 -51.61 -49.33 17.52
CA LEU F 613 -50.28 -48.91 17.05
C LEU F 613 -49.25 -49.85 17.67
N HIS F 614 -49.15 -51.04 17.07
CA HIS F 614 -48.41 -52.15 17.66
C HIS F 614 -46.89 -51.99 17.59
N ASN F 615 -46.39 -50.93 16.96
CA ASN F 615 -44.95 -50.69 16.85
C ASN F 615 -44.44 -49.64 17.82
N LEU F 616 -45.29 -49.12 18.70
CA LEU F 616 -44.89 -48.02 19.57
C LEU F 616 -43.81 -48.45 20.54
N GLN F 617 -42.77 -47.63 20.64
CA GLN F 617 -41.67 -47.84 21.58
C GLN F 617 -41.68 -46.86 22.73
N GLU F 618 -42.18 -45.65 22.53
CA GLU F 618 -42.12 -44.59 23.52
C GLU F 618 -43.40 -43.77 23.46
N ILE F 619 -43.88 -43.36 24.63
CA ILE F 619 -45.07 -42.52 24.75
C ILE F 619 -44.74 -41.41 25.72
N ASP F 620 -45.18 -40.19 25.40
CA ASP F 620 -45.08 -39.05 26.31
C ASP F 620 -46.43 -38.35 26.35
N LEU F 621 -46.98 -38.22 27.55
CA LEU F 621 -48.29 -37.64 27.77
C LEU F 621 -48.21 -36.47 28.74
N LYS F 622 -47.28 -35.57 28.48
CA LYS F 622 -47.14 -34.32 29.21
C LYS F 622 -48.49 -33.61 29.35
N ASP F 623 -48.83 -33.26 30.58
CA ASP F 623 -49.85 -32.26 30.88
C ASP F 623 -51.20 -32.63 30.26
N ASN F 624 -51.77 -33.72 30.75
CA ASN F 624 -53.12 -34.13 30.38
C ASN F 624 -53.99 -34.39 31.59
N ASN F 625 -53.56 -33.96 32.79
CA ASN F 625 -54.37 -34.04 34.01
C ASN F 625 -54.77 -35.48 34.31
N LEU F 626 -53.86 -36.41 34.02
CA LEU F 626 -54.14 -37.82 34.20
C LEU F 626 -54.11 -38.19 35.68
N LYS F 627 -55.16 -38.86 36.13
CA LYS F 627 -55.30 -39.30 37.51
C LYS F 627 -55.22 -40.81 37.66
N THR F 628 -55.79 -41.56 36.72
CA THR F 628 -55.68 -43.01 36.69
C THR F 628 -55.27 -43.45 35.29
N ILE F 629 -54.44 -44.48 35.25
CA ILE F 629 -53.81 -44.95 34.02
C ILE F 629 -54.03 -46.45 33.85
N GLU F 630 -55.17 -46.96 34.31
CA GLU F 630 -55.41 -48.40 34.25
C GLU F 630 -55.29 -48.95 32.83
N GLU F 631 -55.58 -48.11 31.83
CA GLU F 631 -55.58 -48.54 30.43
C GLU F 631 -54.25 -49.15 30.00
N ILE F 632 -53.17 -48.90 30.74
CA ILE F 632 -51.86 -49.45 30.42
C ILE F 632 -51.86 -50.97 30.36
N ILE F 633 -52.88 -51.63 30.91
CA ILE F 633 -52.98 -53.07 30.74
C ILE F 633 -52.91 -53.46 29.27
N SER F 634 -53.61 -52.73 28.40
CA SER F 634 -53.55 -53.09 26.98
C SER F 634 -52.25 -52.68 26.32
N PHE F 635 -51.37 -51.95 27.02
CA PHE F 635 -50.01 -51.76 26.51
C PHE F 635 -49.17 -53.03 26.61
N GLN F 636 -49.67 -54.08 27.28
CA GLN F 636 -48.90 -55.31 27.41
C GLN F 636 -48.53 -55.94 26.06
N HIS F 637 -49.18 -55.55 24.97
CA HIS F 637 -48.88 -56.06 23.64
C HIS F 637 -47.83 -55.24 22.91
N LEU F 638 -47.36 -54.14 23.48
CA LEU F 638 -46.31 -53.31 22.87
C LEU F 638 -44.99 -53.82 23.43
N HIS F 639 -44.39 -54.77 22.71
CA HIS F 639 -43.28 -55.53 23.25
C HIS F 639 -41.98 -54.74 23.32
N ARG F 640 -41.87 -53.62 22.58
CA ARG F 640 -40.70 -52.77 22.61
C ARG F 640 -40.90 -51.52 23.44
N LEU F 641 -41.98 -51.42 24.21
CA LEU F 641 -42.21 -50.24 25.02
C LEU F 641 -41.20 -50.22 26.16
N THR F 642 -40.30 -49.23 26.13
CA THR F 642 -39.23 -49.11 27.10
C THR F 642 -39.28 -47.83 27.92
N CYS F 643 -40.05 -46.82 27.50
CA CYS F 643 -40.01 -45.50 28.10
C CYS F 643 -41.42 -44.95 28.18
N LEU F 644 -41.88 -44.66 29.40
CA LEU F 644 -43.19 -44.05 29.64
C LEU F 644 -42.96 -42.79 30.46
N LYS F 645 -43.41 -41.66 29.91
CA LYS F 645 -43.16 -40.33 30.45
C LYS F 645 -44.48 -39.67 30.83
N LEU F 646 -44.79 -39.70 32.14
CA LEU F 646 -46.09 -39.24 32.65
C LEU F 646 -45.92 -38.16 33.73
N TRP F 647 -44.88 -37.35 33.66
CA TRP F 647 -44.66 -36.33 34.68
C TRP F 647 -45.79 -35.31 34.72
N TYR F 648 -45.84 -34.55 35.82
CA TYR F 648 -46.71 -33.39 35.97
C TYR F 648 -48.16 -33.73 35.61
N ASN F 649 -48.67 -34.75 36.29
CA ASN F 649 -50.07 -35.15 36.17
C ASN F 649 -50.54 -35.31 37.61
N HIS F 650 -51.75 -35.83 37.78
CA HIS F 650 -52.39 -35.96 39.09
C HIS F 650 -52.55 -37.43 39.46
N ILE F 651 -51.56 -38.24 39.10
CA ILE F 651 -51.66 -39.67 39.28
C ILE F 651 -51.53 -40.01 40.75
N ALA F 652 -52.48 -40.80 41.26
CA ALA F 652 -52.54 -41.13 42.68
C ALA F 652 -51.91 -42.47 43.03
N TYR F 653 -51.87 -43.41 42.08
CA TYR F 653 -51.34 -44.74 42.36
C TYR F 653 -50.92 -45.39 41.05
N ILE F 654 -50.10 -46.43 41.19
CA ILE F 654 -49.58 -47.18 40.05
C ILE F 654 -50.41 -48.46 39.92
N PRO F 655 -51.10 -48.69 38.80
CA PRO F 655 -51.81 -49.96 38.64
C PRO F 655 -50.88 -51.17 38.66
N ILE F 656 -51.44 -52.30 39.12
CA ILE F 656 -50.67 -53.52 39.37
C ILE F 656 -50.16 -54.15 38.09
N GLN F 657 -50.86 -53.97 36.96
CA GLN F 657 -50.50 -54.64 35.72
C GLN F 657 -49.15 -54.22 35.16
N ILE F 658 -48.51 -53.20 35.75
CA ILE F 658 -47.18 -52.77 35.36
C ILE F 658 -46.19 -53.93 35.35
N GLY F 659 -46.41 -54.93 36.20
CA GLY F 659 -45.51 -56.08 36.23
C GLY F 659 -45.50 -56.89 34.94
N ASN F 660 -46.51 -56.72 34.09
CA ASN F 660 -46.55 -57.40 32.80
C ASN F 660 -45.83 -56.62 31.69
N LEU F 661 -45.34 -55.42 31.99
CA LEU F 661 -44.53 -54.66 31.04
C LEU F 661 -43.06 -54.94 31.30
N THR F 662 -42.68 -56.19 30.98
CA THR F 662 -41.39 -56.73 31.38
C THR F 662 -40.22 -56.14 30.60
N ASN F 663 -40.47 -55.47 29.48
CA ASN F 663 -39.42 -54.93 28.65
C ASN F 663 -39.09 -53.47 28.96
N LEU F 664 -39.66 -52.92 30.02
CA LEU F 664 -39.42 -51.52 30.35
C LEU F 664 -37.97 -51.29 30.73
N GLU F 665 -37.40 -50.18 30.24
CA GLU F 665 -36.06 -49.75 30.60
C GLU F 665 -36.06 -48.40 31.29
N ARG F 666 -37.02 -47.55 30.99
CA ARG F 666 -37.16 -46.21 31.54
C ARG F 666 -38.58 -46.06 32.04
N LEU F 667 -38.74 -45.58 33.27
CA LEU F 667 -40.05 -45.29 33.83
C LEU F 667 -39.96 -44.01 34.63
N TYR F 668 -40.68 -42.98 34.20
CA TYR F 668 -40.73 -41.69 34.88
C TYR F 668 -42.14 -41.45 35.37
N LEU F 669 -42.29 -41.44 36.69
CA LEU F 669 -43.55 -41.09 37.34
C LEU F 669 -43.34 -39.97 38.36
N ASN F 670 -42.26 -39.20 38.20
CA ASN F 670 -41.96 -38.08 39.08
C ASN F 670 -42.97 -36.94 38.91
N ARG F 671 -43.01 -36.07 39.91
CA ARG F 671 -43.88 -34.90 39.90
C ARG F 671 -45.34 -35.31 39.76
N ASN F 672 -45.76 -36.21 40.66
CA ASN F 672 -47.13 -36.73 40.65
C ASN F 672 -47.57 -36.86 42.10
N LYS F 673 -48.71 -37.53 42.32
CA LYS F 673 -49.36 -37.62 43.62
C LYS F 673 -49.34 -39.06 44.13
N ILE F 674 -48.26 -39.78 43.87
CA ILE F 674 -48.24 -41.21 44.11
C ILE F 674 -47.99 -41.47 45.59
N GLU F 675 -48.75 -42.41 46.15
CA GLU F 675 -48.75 -42.68 47.58
C GLU F 675 -47.95 -43.93 47.95
N LYS F 676 -47.85 -44.89 47.04
CA LYS F 676 -47.16 -46.14 47.33
C LYS F 676 -46.56 -46.69 46.05
N ILE F 677 -45.67 -47.65 46.22
CA ILE F 677 -45.04 -48.37 45.12
C ILE F 677 -45.59 -49.80 45.14
N PRO F 678 -46.25 -50.28 44.08
CA PRO F 678 -46.58 -51.70 44.03
C PRO F 678 -45.32 -52.53 43.85
N THR F 679 -45.30 -53.69 44.48
CA THR F 679 -44.19 -54.62 44.29
C THR F 679 -44.11 -55.11 42.84
N GLN F 680 -45.21 -55.03 42.11
CA GLN F 680 -45.26 -55.50 40.73
C GLN F 680 -44.36 -54.69 39.85
N LEU F 681 -44.05 -53.48 40.27
CA LEU F 681 -43.13 -52.64 39.51
C LEU F 681 -41.82 -53.37 39.32
N PHE F 682 -41.46 -54.22 40.28
CA PHE F 682 -40.18 -54.90 40.21
C PHE F 682 -40.05 -56.09 39.25
N TYR F 683 -41.16 -56.68 38.78
CA TYR F 683 -40.97 -57.69 37.74
C TYR F 683 -40.24 -57.14 36.52
N CYS F 684 -40.09 -55.82 36.40
CA CYS F 684 -39.37 -55.18 35.30
C CYS F 684 -37.88 -55.17 35.65
N ARG F 685 -37.25 -56.31 35.44
CA ARG F 685 -35.89 -56.54 35.89
C ARG F 685 -34.84 -56.01 34.92
N LYS F 686 -35.25 -55.45 33.78
CA LYS F 686 -34.34 -54.79 32.85
C LYS F 686 -34.34 -53.27 32.98
N LEU F 687 -34.98 -52.73 34.02
CA LEU F 687 -34.98 -51.28 34.20
C LEU F 687 -33.58 -50.76 34.52
N ARG F 688 -33.22 -49.66 33.87
CA ARG F 688 -32.01 -48.91 34.16
C ARG F 688 -32.29 -47.59 34.87
N TYR F 689 -33.35 -46.90 34.46
CA TYR F 689 -33.67 -45.57 34.95
C TYR F 689 -35.06 -45.63 35.56
N LEU F 690 -35.15 -45.17 36.81
CA LEU F 690 -36.42 -44.98 37.49
C LEU F 690 -36.33 -43.64 38.19
N ASP F 691 -37.30 -42.77 37.96
CA ASP F 691 -37.35 -41.46 38.60
C ASP F 691 -38.68 -41.32 39.31
N LEU F 692 -38.61 -41.30 40.64
CA LEU F 692 -39.78 -41.14 41.49
C LEU F 692 -39.65 -39.92 42.39
N SER F 693 -38.80 -38.96 42.01
CA SER F 693 -38.62 -37.75 42.79
C SER F 693 -39.92 -36.95 42.85
N HIS F 694 -40.09 -36.21 43.94
CA HIS F 694 -41.21 -35.30 44.10
C HIS F 694 -42.55 -36.04 44.07
N ASN F 695 -42.68 -37.02 44.96
CA ASN F 695 -43.94 -37.73 45.11
C ASN F 695 -44.20 -37.63 46.62
N ASN F 696 -44.89 -38.60 47.23
CA ASN F 696 -45.17 -38.61 48.66
C ASN F 696 -44.69 -39.91 49.29
N LEU F 697 -43.52 -40.38 48.85
CA LEU F 697 -42.99 -41.65 49.32
C LEU F 697 -42.28 -41.46 50.66
N THR F 698 -42.53 -42.40 51.57
CA THR F 698 -41.94 -42.41 52.90
C THR F 698 -40.79 -43.38 53.03
N PHE F 699 -40.87 -44.53 52.36
CA PHE F 699 -39.86 -45.57 52.46
C PHE F 699 -39.75 -46.26 51.11
N LEU F 700 -38.68 -47.03 50.95
CA LEU F 700 -38.42 -47.80 49.75
C LEU F 700 -38.59 -49.29 50.06
N PRO F 701 -39.47 -50.05 49.39
CA PRO F 701 -39.60 -51.47 49.73
C PRO F 701 -38.33 -52.27 49.49
N ALA F 702 -38.20 -53.37 50.24
CA ALA F 702 -37.06 -54.27 50.09
C ALA F 702 -36.99 -54.87 48.70
N ASP F 703 -38.14 -55.00 48.01
CA ASP F 703 -38.19 -55.56 46.67
C ASP F 703 -37.38 -54.78 45.65
N ILE F 704 -36.88 -53.60 46.01
CA ILE F 704 -35.97 -52.86 45.16
C ILE F 704 -34.70 -53.67 44.88
N GLY F 705 -34.41 -54.69 45.69
CA GLY F 705 -33.31 -55.58 45.39
C GLY F 705 -33.48 -56.37 44.10
N LEU F 706 -34.69 -56.41 43.54
CA LEU F 706 -34.94 -57.21 42.34
C LEU F 706 -34.51 -56.54 41.04
N LEU F 707 -34.20 -55.24 41.04
CA LEU F 707 -33.75 -54.56 39.81
C LEU F 707 -32.27 -54.88 39.61
N GLN F 708 -32.02 -56.07 39.08
CA GLN F 708 -30.65 -56.53 38.88
C GLN F 708 -29.91 -55.72 37.82
N ASN F 709 -30.64 -55.03 36.94
CA ASN F 709 -30.06 -54.25 35.86
C ASN F 709 -30.11 -52.74 36.12
N LEU F 710 -30.39 -52.32 37.34
CA LEU F 710 -30.47 -50.90 37.65
C LEU F 710 -29.09 -50.26 37.65
N GLN F 711 -28.98 -49.08 37.04
CA GLN F 711 -27.73 -48.32 36.97
C GLN F 711 -27.83 -46.94 37.58
N ASN F 712 -28.93 -46.23 37.38
CA ASN F 712 -29.11 -44.89 37.91
C ASN F 712 -30.52 -44.74 38.44
N LEU F 713 -30.68 -43.90 39.45
CA LEU F 713 -31.91 -43.84 40.22
C LEU F 713 -31.99 -42.50 40.94
N ALA F 714 -33.14 -41.85 40.85
CA ALA F 714 -33.41 -40.59 41.53
C ALA F 714 -34.71 -40.70 42.31
N ILE F 715 -34.63 -40.43 43.61
CA ILE F 715 -35.78 -40.42 44.50
C ILE F 715 -35.70 -39.08 45.26
N THR F 716 -35.16 -38.08 44.58
CA THR F 716 -34.84 -36.80 45.19
C THR F 716 -36.06 -36.13 45.81
N ALA F 717 -35.83 -35.42 46.92
CA ALA F 717 -36.79 -34.48 47.49
C ALA F 717 -38.05 -35.18 48.00
N ASN F 718 -37.88 -36.40 48.51
CA ASN F 718 -38.86 -37.04 49.34
C ASN F 718 -38.38 -36.96 50.79
N ARG F 719 -39.09 -37.61 51.71
CA ARG F 719 -38.79 -37.53 53.14
C ARG F 719 -38.32 -38.87 53.66
N ILE F 720 -37.46 -39.52 52.89
CA ILE F 720 -36.94 -40.83 53.27
C ILE F 720 -35.87 -40.62 54.34
N GLU F 721 -35.99 -41.37 55.43
CA GLU F 721 -35.07 -41.20 56.56
C GLU F 721 -33.84 -42.07 56.42
N THR F 722 -34.00 -43.28 55.88
CA THR F 722 -32.91 -44.23 55.74
C THR F 722 -33.21 -45.13 54.56
N LEU F 723 -32.15 -45.77 54.04
CA LEU F 723 -32.25 -46.62 52.85
C LEU F 723 -32.35 -48.07 53.27
N PRO F 724 -33.18 -48.91 52.63
CA PRO F 724 -33.19 -50.33 52.98
C PRO F 724 -31.88 -50.98 52.57
N PRO F 725 -31.45 -52.04 53.26
CA PRO F 725 -30.25 -52.75 52.81
C PRO F 725 -30.38 -53.34 51.42
N GLU F 726 -31.58 -53.79 51.04
CA GLU F 726 -31.78 -54.49 49.78
C GLU F 726 -31.48 -53.60 48.59
N LEU F 727 -31.45 -52.28 48.77
CA LEU F 727 -31.05 -51.37 47.70
C LEU F 727 -29.70 -51.75 47.12
N PHE F 728 -28.79 -52.27 47.94
CA PHE F 728 -27.47 -52.59 47.45
C PHE F 728 -27.39 -53.94 46.76
N GLN F 729 -28.52 -54.61 46.57
CA GLN F 729 -28.56 -55.76 45.67
C GLN F 729 -28.45 -55.35 44.21
N CYS F 730 -28.71 -54.08 43.90
CA CYS F 730 -28.55 -53.52 42.57
C CYS F 730 -27.06 -53.22 42.37
N ARG F 731 -26.33 -54.24 41.91
CA ARG F 731 -24.87 -54.17 41.82
C ARG F 731 -24.38 -53.21 40.75
N LYS F 732 -25.19 -52.93 39.73
CA LYS F 732 -24.75 -52.18 38.56
C LYS F 732 -24.92 -50.68 38.71
N LEU F 733 -25.21 -50.20 39.92
CA LEU F 733 -25.49 -48.78 40.12
C LEU F 733 -24.24 -47.94 39.86
N ARG F 734 -24.45 -46.83 39.15
CA ARG F 734 -23.41 -45.85 38.90
C ARG F 734 -23.73 -44.47 39.43
N ALA F 735 -25.01 -44.13 39.60
CA ALA F 735 -25.40 -42.84 40.14
C ALA F 735 -26.62 -43.01 41.02
N LEU F 736 -26.65 -42.29 42.15
CA LEU F 736 -27.76 -42.32 43.09
C LEU F 736 -28.01 -40.90 43.58
N HIS F 737 -29.11 -40.31 43.11
CA HIS F 737 -29.43 -38.92 43.41
C HIS F 737 -30.43 -38.90 44.56
N LEU F 738 -29.93 -38.59 45.76
CA LEU F 738 -30.72 -38.62 46.98
C LEU F 738 -30.64 -37.30 47.76
N GLY F 739 -30.12 -36.24 47.15
CA GLY F 739 -29.95 -34.99 47.85
C GLY F 739 -31.28 -34.34 48.22
N ASN F 740 -31.18 -33.35 49.11
CA ASN F 740 -32.32 -32.52 49.50
C ASN F 740 -33.47 -33.36 50.04
N ASN F 741 -33.12 -34.40 50.79
CA ASN F 741 -34.05 -35.21 51.56
C ASN F 741 -33.78 -34.89 53.04
N VAL F 742 -34.33 -35.70 53.94
CA VAL F 742 -34.17 -35.51 55.37
C VAL F 742 -33.40 -36.68 55.96
N LEU F 743 -32.47 -37.24 55.19
CA LEU F 743 -31.63 -38.33 55.67
C LEU F 743 -30.88 -37.92 56.93
N GLN F 744 -30.88 -38.80 57.92
CA GLN F 744 -30.15 -38.60 59.16
C GLN F 744 -28.83 -39.36 59.19
N SER F 745 -28.73 -40.45 58.43
CA SER F 745 -27.50 -41.21 58.34
C SER F 745 -27.38 -41.85 56.96
N LEU F 746 -26.14 -42.05 56.53
CA LEU F 746 -25.83 -42.70 55.26
C LEU F 746 -25.26 -44.09 55.56
N PRO F 747 -25.90 -45.19 55.16
CA PRO F 747 -25.37 -46.52 55.54
C PRO F 747 -23.97 -46.80 55.01
N SER F 748 -23.22 -47.59 55.78
CA SER F 748 -21.86 -47.97 55.39
C SER F 748 -21.82 -48.74 54.08
N ARG F 749 -22.90 -49.46 53.75
CA ARG F 749 -22.90 -50.34 52.58
C ARG F 749 -22.75 -49.62 51.26
N VAL F 750 -22.70 -48.28 51.27
CA VAL F 750 -22.28 -47.51 50.10
C VAL F 750 -20.92 -47.96 49.61
N GLY F 751 -20.09 -48.51 50.49
CA GLY F 751 -18.81 -49.08 50.10
C GLY F 751 -18.92 -50.17 49.05
N GLU F 752 -20.06 -50.84 48.96
CA GLU F 752 -20.20 -51.93 48.00
C GLU F 752 -20.43 -51.45 46.57
N LEU F 753 -20.84 -50.20 46.37
CA LEU F 753 -21.12 -49.69 45.04
C LEU F 753 -19.81 -49.41 44.33
N THR F 754 -19.31 -50.44 43.64
CA THR F 754 -18.05 -50.34 42.92
C THR F 754 -18.10 -49.25 41.85
N ASN F 755 -19.20 -49.19 41.09
CA ASN F 755 -19.24 -48.34 39.91
C ASN F 755 -19.84 -46.96 40.17
N LEU F 756 -19.98 -46.59 41.45
CA LEU F 756 -20.56 -45.29 41.77
C LEU F 756 -19.58 -44.18 41.40
N THR F 757 -20.07 -43.20 40.64
CA THR F 757 -19.30 -42.01 40.29
C THR F 757 -19.98 -40.72 40.67
N GLN F 758 -21.28 -40.74 40.96
CA GLN F 758 -22.03 -39.53 41.27
C GLN F 758 -23.08 -39.86 42.32
N ILE F 759 -23.14 -39.04 43.37
CA ILE F 759 -24.09 -39.28 44.45
C ILE F 759 -24.45 -37.93 45.06
N GLU F 760 -25.75 -37.71 45.30
CA GLU F 760 -26.25 -36.53 45.96
C GLU F 760 -26.60 -36.87 47.40
N LEU F 761 -26.02 -36.11 48.33
CA LEU F 761 -26.39 -36.15 49.73
C LEU F 761 -26.63 -34.77 50.29
N ARG F 762 -26.64 -33.74 49.44
CA ARG F 762 -26.68 -32.36 49.91
C ARG F 762 -28.03 -32.03 50.52
N GLY F 763 -28.04 -30.96 51.31
CA GLY F 763 -29.28 -30.49 51.91
C GLY F 763 -29.76 -31.33 53.07
N ASN F 764 -28.84 -32.00 53.77
CA ASN F 764 -29.16 -32.79 54.95
C ASN F 764 -28.50 -32.18 56.18
N ARG F 765 -29.05 -32.51 57.34
CA ARG F 765 -28.48 -32.10 58.62
C ARG F 765 -27.52 -33.17 59.16
N LEU F 766 -26.57 -33.56 58.33
CA LEU F 766 -25.54 -34.49 58.76
C LEU F 766 -24.43 -33.71 59.47
N GLU F 767 -23.78 -34.38 60.42
CA GLU F 767 -22.61 -33.82 61.08
C GLU F 767 -21.31 -34.33 60.49
N CYS F 768 -21.28 -35.57 60.03
CA CYS F 768 -20.11 -36.15 59.39
C CYS F 768 -20.59 -37.09 58.29
N LEU F 769 -19.62 -37.71 57.60
CA LEU F 769 -19.87 -38.72 56.57
C LEU F 769 -19.24 -40.04 56.97
N PRO F 770 -19.75 -41.17 56.49
CA PRO F 770 -19.11 -42.45 56.79
C PRO F 770 -17.89 -42.68 55.90
N VAL F 771 -16.84 -43.24 56.51
CA VAL F 771 -15.56 -43.45 55.84
C VAL F 771 -15.69 -44.31 54.59
N GLU F 772 -16.71 -45.19 54.55
CA GLU F 772 -16.79 -46.18 53.48
C GLU F 772 -17.03 -45.56 52.11
N LEU F 773 -17.36 -44.27 52.04
CA LEU F 773 -17.40 -43.58 50.76
C LEU F 773 -16.07 -43.65 50.05
N GLY F 774 -14.97 -43.70 50.79
CA GLY F 774 -13.66 -43.86 50.20
C GLY F 774 -13.45 -45.19 49.50
N GLU F 775 -14.31 -46.17 49.76
CA GLU F 775 -14.15 -47.50 49.18
C GLU F 775 -14.61 -47.60 47.73
N CYS F 776 -15.15 -46.50 47.15
CA CYS F 776 -15.66 -46.51 45.79
C CYS F 776 -14.53 -46.26 44.79
N PRO F 777 -14.14 -47.25 43.97
CA PRO F 777 -12.94 -47.04 43.12
C PRO F 777 -13.08 -45.93 42.09
N LEU F 778 -14.18 -45.90 41.34
CA LEU F 778 -14.28 -45.00 40.19
C LEU F 778 -14.75 -43.60 40.57
N LEU F 779 -14.92 -43.31 41.85
CA LEU F 779 -15.41 -42.01 42.29
C LEU F 779 -14.28 -40.98 42.29
N LYS F 780 -14.64 -39.73 41.99
CA LYS F 780 -13.72 -38.61 42.01
C LYS F 780 -14.25 -37.49 42.88
N ARG F 781 -13.35 -36.58 43.26
CA ARG F 781 -13.72 -35.44 44.09
C ARG F 781 -14.86 -34.64 43.46
N SER F 782 -14.78 -34.44 42.14
CA SER F 782 -15.84 -33.73 41.45
C SER F 782 -17.13 -34.54 41.43
N GLY F 783 -17.04 -35.87 41.54
CA GLY F 783 -18.21 -36.72 41.50
C GLY F 783 -18.88 -36.96 42.83
N LEU F 784 -18.16 -36.78 43.94
CA LEU F 784 -18.74 -36.95 45.26
C LEU F 784 -19.37 -35.62 45.63
N VAL F 785 -20.67 -35.51 45.38
CA VAL F 785 -21.38 -34.24 45.41
C VAL F 785 -22.01 -34.11 46.79
N VAL F 786 -21.34 -33.38 47.67
CA VAL F 786 -21.75 -33.23 49.06
C VAL F 786 -21.15 -31.94 49.59
N GLU F 787 -21.74 -31.43 50.68
CA GLU F 787 -21.22 -30.21 51.30
C GLU F 787 -19.77 -30.37 51.72
N GLU F 788 -19.02 -29.26 51.66
CA GLU F 788 -17.59 -29.30 51.89
C GLU F 788 -17.25 -29.62 53.34
N ASP F 789 -18.02 -29.06 54.29
CA ASP F 789 -17.74 -29.34 55.70
C ASP F 789 -17.96 -30.82 56.00
N LEU F 790 -18.99 -31.41 55.40
CA LEU F 790 -19.19 -32.85 55.52
C LEU F 790 -18.07 -33.61 54.80
N PHE F 791 -17.69 -33.14 53.60
CA PHE F 791 -16.63 -33.78 52.83
C PHE F 791 -15.32 -33.82 53.60
N ASN F 792 -15.05 -32.80 54.41
CA ASN F 792 -13.79 -32.70 55.13
C ASN F 792 -13.61 -33.83 56.12
N THR F 793 -14.70 -34.46 56.57
CA THR F 793 -14.63 -35.52 57.56
C THR F 793 -13.99 -36.79 57.04
N LEU F 794 -13.84 -36.94 55.73
CA LEU F 794 -13.25 -38.14 55.19
C LEU F 794 -11.76 -38.19 55.55
N PRO F 795 -11.15 -39.38 55.48
CA PRO F 795 -9.71 -39.48 55.75
C PRO F 795 -8.91 -38.66 54.76
N PRO F 796 -7.79 -38.05 55.18
CA PRO F 796 -6.91 -37.39 54.20
C PRO F 796 -6.44 -38.30 53.07
N GLU F 797 -6.19 -39.58 53.36
CA GLU F 797 -5.75 -40.51 52.32
C GLU F 797 -6.77 -40.60 51.19
N VAL F 798 -8.05 -40.64 51.54
CA VAL F 798 -9.10 -40.68 50.52
C VAL F 798 -9.03 -39.42 49.66
N LYS F 799 -8.89 -38.26 50.30
CA LYS F 799 -8.81 -37.01 49.55
C LYS F 799 -7.59 -36.97 48.65
N GLU F 800 -6.48 -37.57 49.08
CA GLU F 800 -5.31 -37.66 48.23
C GLU F 800 -5.58 -38.54 47.02
N ARG F 801 -6.23 -39.69 47.23
CA ARG F 801 -6.57 -40.55 46.10
C ARG F 801 -7.54 -39.85 45.17
N LEU F 802 -8.41 -39.00 45.70
CA LEU F 802 -9.30 -38.23 44.85
C LEU F 802 -8.52 -37.20 44.04
N TRP F 803 -7.52 -36.57 44.66
CA TRP F 803 -6.63 -35.66 43.93
C TRP F 803 -5.94 -36.38 42.78
N ARG F 804 -5.35 -37.55 43.07
CA ARG F 804 -4.72 -38.36 42.02
C ARG F 804 -5.72 -38.71 40.93
N ALA F 805 -6.95 -39.05 41.32
CA ALA F 805 -7.92 -39.55 40.36
C ALA F 805 -8.28 -38.50 39.31
N ASP F 806 -8.30 -37.23 39.70
CA ASP F 806 -8.80 -36.17 38.82
C ASP F 806 -7.89 -35.99 37.62
N LYS F 807 -6.58 -35.83 37.86
CA LYS F 807 -5.66 -35.48 36.79
C LYS F 807 -5.24 -36.69 35.96
C P5S G . -8.71 46.60 22.19
N P5S G . -8.97 49.01 22.01
O P5S G . -9.50 46.51 23.11
C1 P5S G . -3.80 47.30 17.67
C2 P5S G . -4.97 47.42 18.64
C3 P5S G . -4.41 47.42 20.04
CA P5S G . -8.02 47.90 21.88
CB P5S G . -6.87 48.07 22.87
OG P5S G . -6.27 46.80 23.10
P12 P5S G . -4.87 46.40 22.42
O13 P5S G . -3.83 47.40 22.80
O15 P5S G . -4.42 44.94 22.91
O16 P5S G . -5.03 46.41 20.82
C17 P5S G . -3.32 49.59 16.76
O18 P5S G . -2.81 50.68 16.96
O19 P5S G . -3.02 48.50 17.68
C20 P5S G . -4.25 49.39 15.59
C21 P5S G . -5.06 50.67 15.42
C22 P5S G . -6.30 50.43 14.58
C23 P5S G . -6.89 51.76 14.11
C24 P5S G . -7.81 51.55 12.90
C25 P5S G . -7.06 51.77 11.60
C26 P5S G . -6.99 53.26 11.25
C27 P5S G . -5.69 53.58 10.53
C28 P5S G . -5.95 54.33 9.23
C29 P5S G . -5.75 53.44 8.00
C30 P5S G . -4.75 52.33 8.30
C31 P5S G . -5.11 51.04 7.58
C32 P5S G . -6.53 50.57 7.89
C33 P5S G . -6.72 49.16 7.38
C34 P5S G . -8.00 49.05 6.55
C35 P5S G . -8.37 47.59 6.33
C36 P5S G . -8.83 47.35 4.91
O37 P5S G . -5.85 46.31 18.46
C38 P5S G . -7.23 46.65 18.12
C39 P5S G . -7.58 47.67 17.06
C40 P5S G . -8.39 48.81 17.68
C41 P5S G . -9.81 48.86 17.10
C42 P5S G . -9.81 49.27 15.63
C43 P5S G . -11.22 49.51 15.13
C44 P5S G . -11.21 49.90 13.65
C45 P5S G . -12.31 49.17 12.89
C46 P5S G . -12.46 49.71 11.47
O47 P5S G . -8.13 46.05 18.69
C48 P5S G . -11.28 50.60 11.09
C49 P5S G . -11.10 50.65 9.57
C50 P5S G . -10.20 51.80 9.15
C51 P5S G . -11.02 52.99 8.67
C52 P5S G . -10.11 54.14 8.25
C53 P5S G . -9.39 53.83 6.94
C54 P5S G . -10.06 54.56 5.76
C55 P5S G . -9.12 55.57 5.13
C56 P5S G . -9.62 56.02 3.78
OXT P5S G . -8.46 45.52 21.46
N POV H . -17.80 67.96 5.99
P POV H . -17.60 72.41 5.47
C1 POV H . -15.54 73.37 4.10
C2 POV H . -14.89 73.21 2.73
C3 POV H . -15.52 74.15 1.71
C210 POV H . -9.61 63.18 -2.57
C11 POV H . -16.62 70.01 4.94
O11 POV H . -16.87 72.84 4.10
C211 POV H . -9.86 61.70 -2.41
C12 POV H . -16.54 68.71 5.75
O12 POV H . -16.80 71.08 5.86
C212 POV H . -9.75 61.01 -3.77
C13 POV H . -18.12 67.13 4.83
O13 POV H . -17.32 73.45 6.52
C213 POV H . -8.35 60.49 -4.07
C14 POV H . -17.58 67.04 7.13
O14 POV H . -19.02 72.05 5.20
C15 POV H . -18.96 68.81 6.35
C21 POV H . -14.22 71.31 1.27
O21 POV H . -15.06 71.84 2.34
C22 POV H . -14.59 69.99 0.65
O22 POV H . -13.23 71.87 0.88
C23 POV H . -13.89 68.88 1.41
C24 POV H . -13.90 67.57 0.64
C25 POV H . -12.76 67.45 -0.37
C26 POV H . -12.60 66.02 -0.86
C27 POV H . -11.58 65.22 -0.07
C28 POV H . -11.21 63.91 -0.77
C29 POV H . -10.18 64.14 -1.86
C31 POV H . -13.58 74.84 0.24
O31 POV H . -14.58 75.12 1.27
C32 POV H . -13.96 74.56 -1.19
O32 POV H . -12.41 74.84 0.57
C33 POV H . -14.40 75.84 -1.88
C34 POV H . -13.22 76.62 -2.45
C35 POV H . -13.38 78.15 -2.38
C36 POV H . -12.52 78.80 -1.30
C37 POV H . -12.83 78.28 0.09
C1 CLR I . -33.07 64.51 -10.61
C2 CLR I . -33.36 65.82 -11.32
C3 CLR I . -34.37 66.77 -10.69
C4 CLR I . -35.67 66.07 -10.29
C5 CLR I . -35.47 64.62 -9.95
C6 CLR I . -36.54 63.82 -9.92
C7 CLR I . -36.66 62.71 -8.90
C8 CLR I . -35.30 62.11 -8.62
C9 CLR I . -34.29 62.54 -9.68
C10 CLR I . -34.12 64.05 -9.62
C11 CLR I . -32.95 61.86 -9.51
C12 CLR I . -33.02 60.35 -9.31
C13 CLR I . -34.05 60.02 -8.26
C14 CLR I . -35.36 60.61 -8.66
C15 CLR I . -36.40 59.90 -7.81
C16 CLR I . -35.82 58.49 -7.68
C17 CLR I . -34.36 58.55 -8.11
C18 CLR I . -33.60 60.58 -6.92
C19 CLR I . -33.71 64.44 -8.21
C20 CLR I . -33.46 57.89 -7.09
C21 CLR I . -32.24 57.30 -7.77
C22 CLR I . -34.24 56.84 -6.32
C23 CLR I . -33.38 55.61 -6.13
C24 CLR I . -33.97 54.42 -6.87
C25 CLR I . -32.95 53.31 -7.04
C26 CLR I . -31.97 53.64 -8.15
C27 CLR I . -32.22 53.05 -5.73
O1 CLR I . -33.79 67.39 -9.52
C1 CLR J . -32.77 65.52 -3.51
C2 CLR J . -32.86 67.00 -3.87
C3 CLR J . -33.56 67.19 -5.20
C4 CLR J . -34.99 66.66 -5.08
C5 CLR J . -35.05 65.27 -4.49
C6 CLR J . -35.94 64.42 -5.01
C7 CLR J . -35.86 62.93 -4.86
C8 CLR J . -35.23 62.59 -3.51
C9 CLR J . -33.94 63.37 -3.31
C10 CLR J . -34.14 64.89 -3.34
C11 CLR J . -33.25 62.96 -1.99
C12 CLR J . -33.12 61.44 -1.81
C13 CLR J . -34.44 60.73 -2.05
C14 CLR J . -34.87 61.12 -3.44
C15 CLR J . -35.93 60.11 -3.83
C16 CLR J . -35.40 58.82 -3.20
C17 CLR J . -34.39 59.21 -2.13
C18 CLR J . -35.48 61.13 -1.01
C19 CLR J . -34.77 65.34 -2.03
C20 CLR J . -34.70 58.49 -0.82
C21 CLR J . -33.46 58.13 -0.02
C22 CLR J . -35.50 57.22 -1.09
C23 CLR J . -34.84 56.02 -0.44
C24 CLR J . -34.75 54.84 -1.42
C25 CLR J . -36.11 54.50 -2.00
C26 CLR J . -35.94 53.91 -3.40
C27 CLR J . -36.87 53.55 -1.10
O1 CLR J . -33.62 68.58 -5.51
C1 CLR K . -7.73 72.99 2.75
C2 CLR K . -7.83 74.43 2.28
C3 CLR K . -9.14 74.68 1.56
C4 CLR K . -10.27 74.44 2.52
C5 CLR K . -10.23 72.99 2.99
C6 CLR K . -11.36 72.26 2.91
C7 CLR K . -11.45 70.83 3.34
C8 CLR K . -10.23 70.33 4.08
C9 CLR K . -8.99 70.90 3.41
C10 CLR K . -8.94 72.44 3.54
C11 CLR K . -7.69 70.17 3.79
C12 CLR K . -7.74 68.69 4.16
C13 CLR K . -8.99 68.24 4.91
C14 CLR K . -10.13 68.82 4.09
C15 CLR K . -11.37 68.09 4.55
C16 CLR K . -10.87 66.73 4.97
C17 CLR K . -9.33 66.73 4.87
C18 CLR K . -8.90 68.77 6.37
C19 CLR K . -8.89 72.95 5.00
C20 CLR K . -8.71 65.70 5.85
C21 CLR K . -7.18 65.68 5.78
C22 CLR K . -9.33 64.30 5.58
C23 CLR K . -8.56 63.09 6.09
C24 CLR K . -9.35 61.79 5.94
C25 CLR K . -8.84 60.68 6.86
C26 CLR K . -9.65 59.40 6.64
C27 CLR K . -7.36 60.38 6.70
O1 CLR K . -9.18 76.03 1.09
C1 CLR L . -0.65 74.86 5.46
C2 CLR L . -0.61 76.38 5.33
C3 CLR L . -1.63 76.92 4.33
C4 CLR L . -3.03 76.45 4.68
C5 CLR L . -3.02 74.96 4.93
C6 CLR L . -3.89 74.17 4.28
C7 CLR L . -4.41 72.88 4.87
C8 CLR L . -3.59 72.51 6.10
C9 CLR L . -2.13 72.88 5.90
C10 CLR L . -2.02 74.39 5.91
C11 CLR L . -1.25 72.31 7.01
C12 CLR L . -1.48 70.83 7.29
C13 CLR L . -2.95 70.59 7.59
C14 CLR L . -3.70 71.03 6.36
C15 CLR L . -5.10 70.49 6.60
C16 CLR L . -4.85 69.14 7.26
C17 CLR L . -3.40 69.15 7.74
C18 CLR L . -3.40 71.37 8.83
C19 CLR L . -2.31 74.90 7.33
C20 CLR L . -3.34 68.62 9.17
C21 CLR L . -2.09 67.79 9.41
C22 CLR L . -4.56 67.78 9.45
C23 CLR L . -4.13 66.39 9.91
C24 CLR L . -5.19 65.75 10.79
C25 CLR L . -4.54 64.72 11.70
C26 CLR L . -3.99 63.57 10.89
C27 CLR L . -3.44 65.36 12.54
O1 CLR L . -1.60 78.36 4.38
C P5S M . 24.57 50.34 5.62
N P5S M . 25.72 50.13 3.48
O P5S M . 23.55 50.94 5.31
C1 P5S M . 25.16 44.41 0.71
C2 P5S M . 24.70 45.08 1.99
C3 P5S M . 25.82 45.02 3.01
CA P5S M . 25.21 49.40 4.65
CB P5S M . 26.37 48.66 5.32
OG P5S M . 25.86 47.54 6.05
P12 P5S M . 25.95 46.06 5.42
O13 P5S M . 27.26 45.46 5.74
O15 P5S M . 24.78 45.13 6.03
O16 P5S M . 25.77 46.17 3.83
C17 P5S M . 24.19 44.94 -1.50
O18 P5S M . 24.24 43.78 -1.89
O19 P5S M . 25.01 45.32 -0.37
C20 P5S M . 23.31 45.95 -2.19
C21 P5S M . 23.30 47.25 -1.38
C22 P5S M . 21.87 47.76 -1.22
C23 P5S M . 21.70 49.14 -1.83
C24 P5S M . 20.32 49.71 -1.54
C25 P5S M . 19.42 49.63 -2.77
C26 P5S M . 19.07 51.02 -3.30
C27 P5S M . 19.05 51.02 -4.82
C28 P5S M . 17.85 51.79 -5.36
C29 P5S M . 16.67 50.85 -5.60
C30 P5S M . 17.10 49.65 -6.43
C31 P5S M . 16.26 48.42 -6.08
C32 P5S M . 15.52 48.58 -4.76
C33 P5S M . 14.68 47.33 -4.50
C34 P5S M . 13.36 47.71 -3.86
C35 P5S M . 12.47 46.48 -3.71
C36 P5S M . 11.03 46.79 -4.03
O37 P5S M . 23.54 44.41 2.49
C38 P5S M . 22.59 45.31 3.13
C39 P5S M . 21.90 46.40 2.34
C40 P5S M . 22.24 47.77 2.92
C41 P5S M . 21.01 48.53 3.39
C42 P5S M . 20.00 48.72 2.27
C43 P5S M . 18.65 49.20 2.78
C44 P5S M . 18.13 50.34 1.92
C45 P5S M . 16.74 50.07 1.38
C46 P5S M . 16.66 50.49 -0.08
O47 P5S M . 22.36 45.17 4.32
C48 P5S M . 15.23 50.54 -0.59
C49 P5S M . 14.83 52.00 -0.83
C50 P5S M . 15.28 52.48 -2.20
C51 P5S M . 14.63 53.82 -2.52
C52 P5S M . 14.79 54.17 -3.99
C53 P5S M . 13.64 53.60 -4.81
C54 P5S M . 13.46 54.38 -6.11
C55 P5S M . 12.00 54.76 -6.32
C56 P5S M . 11.82 55.51 -7.62
OXT P5S M . 25.11 50.52 6.82
N POV N . 13.08 69.30 -2.26
P POV N . 13.88 73.38 -3.97
C1 POV N . 14.09 73.54 -6.60
C2 POV N . 13.27 73.21 -7.85
C3 POV N . 12.35 74.38 -8.22
C210 POV N . 9.19 62.20 -12.15
C11 POV N . 13.36 70.80 -4.35
O11 POV N . 13.26 73.56 -5.44
C211 POV N . 8.81 60.92 -11.43
C12 POV N . 13.73 69.54 -3.57
O12 POV N . 14.28 71.83 -3.98
C212 POV N . 7.59 60.31 -12.11
C13 POV N . 11.76 68.71 -2.46
O13 POV N . 15.15 74.19 -3.86
C213 POV N . 7.94 59.31 -13.21
C14 POV N . 13.89 68.32 -1.51
O14 POV N . 12.82 73.58 -2.94
C15 POV N . 12.97 70.51 -1.41
C21 POV N . 11.95 71.27 -8.68
O21 POV N . 12.52 72.04 -7.57
C22 POV N . 10.92 70.23 -8.38
O22 POV N . 12.29 71.45 -9.82
C23 POV N . 11.63 68.91 -8.17
C24 POV N . 10.66 67.72 -8.24
C25 POV N . 10.40 67.24 -9.65
C26 POV N . 9.73 65.87 -9.66
C27 POV N . 10.71 64.71 -9.76
C28 POV N . 10.01 63.40 -10.08
C29 POV N . 9.71 63.27 -11.56
C31 POV N . 12.33 74.36 -10.75
O31 POV N . 12.72 74.94 -9.47
C32 POV N . 10.90 74.30 -11.21
O32 POV N . 13.22 73.90 -11.46
C33 POV N . 10.43 75.68 -11.63
C34 POV N . 10.78 76.00 -13.09
C35 POV N . 11.14 77.46 -13.35
C36 POV N . 12.63 77.69 -13.57
C37 POV N . 13.48 77.26 -12.39
C1 CLR O . 17.58 69.68 -12.73
C2 CLR O . 17.58 71.19 -12.99
C3 CLR O . 16.19 71.80 -12.85
C4 CLR O . 15.70 71.55 -11.44
C5 CLR O . 15.70 70.07 -11.25
C6 CLR O . 14.57 69.41 -11.01
C7 CLR O . 14.53 68.24 -10.07
C8 CLR O . 15.86 67.53 -10.07
C9 CLR O . 16.73 67.85 -11.27
C10 CLR O . 16.99 69.34 -11.37
C11 CLR O . 18.06 67.10 -11.17
C12 CLR O . 17.90 65.61 -10.88
C13 CLR O . 16.95 65.41 -9.73
C14 CLR O . 15.65 66.05 -10.12
C15 CLR O . 14.60 65.44 -9.21
C16 CLR O . 15.12 64.04 -8.93
C17 CLR O . 16.57 63.98 -9.40
C18 CLR O . 17.48 66.10 -8.48
C19 CLR O . 17.91 69.77 -10.25
C20 CLR O . 17.48 63.40 -8.34
C21 CLR O . 18.76 62.86 -8.93
C22 CLR O . 16.74 62.29 -7.61
C23 CLR O . 16.69 61.05 -8.48
C24 CLR O . 15.86 59.97 -7.82
C25 CLR O . 16.74 59.18 -6.88
C26 CLR O . 15.93 58.55 -5.77
C27 CLR O . 17.54 58.13 -7.65
O1 CLR O . 16.24 73.21 -13.08
C1 CLR P . 22.97 69.06 -16.96
C2 CLR P . 22.76 70.55 -17.28
C3 CLR P . 21.30 70.99 -17.12
C4 CLR P . 20.83 70.68 -15.71
C5 CLR P . 21.07 69.22 -15.47
C6 CLR P . 20.01 68.42 -15.24
C7 CLR P . 20.17 67.01 -14.75
C8 CLR P . 21.58 66.87 -14.22
C9 CLR P . 22.57 67.22 -15.30
C10 CLR P . 22.49 68.72 -15.55
C11 CLR P . 24.00 66.85 -14.89
C12 CLR P . 24.20 65.57 -14.06
C13 CLR P . 23.12 65.37 -13.01
C14 CLR P . 21.83 65.44 -13.76
C15 CLR P . 20.80 64.85 -12.84
C16 CLR P . 21.56 63.82 -12.01
C17 CLR P . 23.04 64.01 -12.35
C18 CLR P . 23.16 66.43 -11.91
C19 CLR P . 23.33 69.45 -14.51
C20 CLR P . 23.88 63.86 -11.09
C21 CLR P . 25.13 63.04 -11.35
C22 CLR P . 23.06 63.19 -9.98
C23 CLR P . 23.72 61.88 -9.57
C24 CLR P . 22.75 61.03 -8.77
C25 CLR P . 23.41 59.71 -8.38
C26 CLR P . 22.39 58.58 -8.34
C27 CLR P . 24.55 59.40 -9.34
O1 CLR P . 21.20 72.41 -17.35
C P5S Q . 29.54 31.76 -29.41
N P5S Q . 29.87 33.87 -30.60
O P5S Q . 30.71 31.68 -29.10
C1 P5S Q . 23.27 31.75 -32.10
C2 P5S Q . 24.69 31.97 -31.59
C3 P5S Q . 25.59 31.03 -32.38
CA P5S Q . 29.10 32.60 -30.57
CB P5S Q . 29.34 31.84 -31.86
OG P5S Q . 29.15 30.45 -31.62
P12 P5S Q . 27.83 29.69 -32.14
O13 P5S Q . 27.77 29.77 -33.62
O15 P5S Q . 27.89 28.14 -31.69
O16 P5S Q . 26.53 30.39 -31.51
C17 P5S Q . 22.57 33.63 -33.58
O18 P5S Q . 22.57 34.14 -34.68
O19 P5S Q . 23.13 32.29 -33.40
C20 P5S Q . 22.00 34.37 -32.40
C21 P5S Q . 22.49 35.82 -32.46
C22 P5S Q . 22.20 36.54 -31.16
C23 P5S Q . 22.34 38.04 -31.33
C24 P5S Q . 21.53 38.79 -30.28
C25 P5S Q . 20.07 38.92 -30.68
C26 P5S Q . 19.87 40.06 -31.67
C27 P5S Q . 18.62 39.84 -32.51
C28 P5S Q . 17.72 41.06 -32.50
C29 P5S Q . 16.49 40.85 -31.62
C30 P5S Q . 16.07 39.39 -31.62
C31 P5S Q . 15.41 39.00 -30.30
C32 P5S Q . 16.36 39.13 -29.13
C33 P5S Q . 15.87 38.30 -27.96
C34 P5S Q . 15.93 39.10 -26.66
C35 P5S Q . 15.55 38.21 -25.48
C36 P5S Q . 14.73 38.95 -24.46
O37 P5S Q . 24.76 31.68 -30.20
C38 P5S Q . 25.25 32.75 -29.34
C39 P5S Q . 24.69 34.15 -29.41
C40 P5S Q . 25.83 35.14 -29.64
C41 P5S Q . 25.96 36.13 -28.48
C42 P5S Q . 24.61 36.71 -28.10
C43 P5S Q . 24.75 37.69 -26.94
C44 P5S Q . 23.65 38.74 -26.96
C45 P5S Q . 23.25 39.09 -25.54
C46 P5S Q . 22.29 40.28 -25.48
O47 P5S Q . 26.13 32.48 -28.54
C48 P5S Q . 21.49 40.43 -26.76
C49 P5S Q . 20.08 40.93 -26.47
C50 P5S Q . 19.39 41.41 -27.74
C51 P5S Q . 19.50 42.93 -27.88
C52 P5S Q . 18.76 43.41 -29.12
C53 P5S Q . 17.26 43.42 -28.89
C54 P5S Q . 16.78 44.80 -28.46
C55 P5S Q . 15.81 45.38 -29.48
C56 P5S Q . 14.96 46.47 -28.85
OXT P5S Q . 28.63 31.08 -28.69
N POV R . 22.42 58.96 -31.41
P POV R . 22.44 62.49 -34.20
C1 POV R . 20.40 62.70 -35.87
C2 POV R . 18.88 62.78 -35.83
C3 POV R . 18.42 64.23 -35.66
C210 POV R . 10.46 54.48 -31.77
C11 POV R . 21.21 60.34 -33.23
O11 POV R . 20.96 62.98 -34.59
C211 POV R . 10.52 53.40 -30.70
C12 POV R . 21.70 59.00 -32.71
O12 POV R . 22.23 60.91 -34.05
C212 POV R . 9.20 53.35 -29.95
C13 POV R . 21.44 58.94 -30.31
O13 POV R . 23.37 62.74 -35.36
C213 POV R . 8.21 52.36 -30.53
C14 POV R . 23.18 57.71 -31.34
O14 POV R . 22.83 63.04 -32.85
C15 POV R . 23.39 60.06 -31.21
C21 POV R . 17.05 61.55 -34.68
O21 POV R . 18.44 61.98 -34.74
C22 POV R . 16.50 60.98 -33.41
O22 POV R . 16.30 61.65 -35.63
C23 POV R . 16.69 59.47 -33.44
C24 POV R . 15.86 58.77 -32.38
C25 POV R . 14.42 58.50 -32.82
C26 POV R . 13.73 57.51 -31.90
C27 POV R . 13.84 56.06 -32.37
C28 POV R . 12.88 55.15 -31.62
C29 POV R . 11.47 55.23 -32.17
C31 POV R . 16.31 64.34 -37.05
O31 POV R . 17.71 64.67 -36.82
C32 POV R . 15.19 64.89 -36.18
O32 POV R . 16.04 63.63 -38.00
C33 POV R . 14.98 66.36 -36.45
C34 POV R . 14.02 66.59 -37.64
C35 POV R . 14.36 67.81 -38.49
C36 POV R . 14.97 67.44 -39.84
C37 POV R . 16.28 66.66 -39.71
C P5S S . -0.74 23.75 -50.34
N P5S S . -3.07 23.08 -50.05
O P5S S . -0.71 24.88 -49.88
C1 P5S S . -5.82 21.18 -46.53
C2 P5S S . -4.36 21.01 -46.94
C3 P5S S . -4.26 19.72 -47.73
CA P5S S . -1.66 22.72 -49.78
CB P5S S . -1.36 21.36 -50.39
OG P5S S . -0.92 20.47 -49.37
P12 P5S S . -1.90 19.30 -48.86
O13 P5S S . -1.82 18.15 -49.78
O15 P5S S . -1.48 18.83 -47.37
O16 P5S S . -3.40 19.89 -48.85
C17 P5S S . -6.87 22.96 -45.16
O18 P5S S . -7.41 22.11 -44.47
O19 P5S S . -6.09 22.56 -46.31
C20 P5S S . -7.01 24.42 -44.83
C21 P5S S . -6.25 25.26 -45.84
C22 P5S S . -5.25 26.17 -45.15
C23 P5S S . -5.29 27.58 -45.72
C24 P5S S . -4.21 28.46 -45.09
C25 P5S S . -4.80 29.43 -44.10
C26 P5S S . -5.26 30.72 -44.79
C27 P5S S . -6.48 31.30 -44.10
C28 P5S S . -6.22 32.73 -43.63
C29 P5S S . -6.19 32.80 -42.11
C30 P5S S . -7.17 31.81 -41.49
C31 P5S S . -6.71 31.35 -40.12
C32 P5S S . -5.20 31.14 -40.07
C33 P5S S . -4.78 30.72 -38.67
C34 P5S S . -3.55 31.49 -38.24
C35 P5S S . -2.96 30.93 -36.95
C36 P5S S . -2.72 32.02 -35.92
O37 P5S S . -3.57 20.95 -45.75
C38 P5S S . -2.44 21.88 -45.76
C39 P5S S . -2.61 23.29 -45.29
C40 P5S S . -2.26 24.28 -46.40
C41 P5S S . -0.88 24.90 -46.21
C42 P5S S . -0.96 26.41 -46.09
C43 P5S S . 0.19 26.93 -45.23
C44 P5S S . -0.14 28.29 -44.66
C45 P5S S . 0.94 28.75 -43.68
C46 P5S S . 0.59 30.10 -43.08
O47 P5S S . -1.36 21.47 -46.15
C48 P5S S . -0.86 30.47 -43.32
C49 P5S S . -1.35 31.45 -42.26
C50 P5S S . -2.20 32.55 -42.90
C51 P5S S . -1.36 33.79 -43.20
C52 P5S S . -2.25 34.94 -43.67
C53 P5S S . -3.12 35.48 -42.54
C54 P5S S . -3.96 36.66 -43.01
C55 P5S S . -4.80 37.23 -41.87
C56 P5S S . -4.19 38.51 -41.33
OXT P5S S . 0.06 23.45 -51.35
N POV T . 0.83 47.54 -52.07
P POV T . -0.51 50.93 -54.69
C1 POV T . -2.88 51.98 -54.17
C2 POV T . -3.62 52.63 -53.00
C3 POV T . -3.35 54.13 -52.96
C210 POV T . -6.90 47.90 -41.89
C11 POV T . -0.92 49.37 -52.59
O11 POV T . -1.47 51.96 -53.92
C211 POV T . -6.27 46.83 -41.02
C12 POV T . -0.59 47.91 -52.30
O12 POV T . -0.90 49.54 -54.00
C212 POV T . -6.37 47.25 -39.57
C13 POV T . 1.20 47.83 -50.68
O13 POV T . -0.89 50.87 -56.14
C213 POV T . -7.63 46.73 -38.88
C14 POV T . 0.97 46.09 -52.25
O14 POV T . 0.93 51.22 -54.35
C15 POV T . 1.78 48.18 -53.00
C21 POV T . -3.97 52.13 -50.60
O21 POV T . -3.17 51.99 -51.80
C22 POV T . -3.37 51.73 -49.28
O22 POV T . -5.11 52.54 -50.61
C23 POV T . -3.69 50.27 -49.02
C24 POV T . -3.46 49.88 -47.57
C25 POV T . -4.63 50.19 -46.66
C26 POV T . -4.50 49.49 -45.31
C27 POV T . -5.20 48.13 -45.27
C28 POV T . -5.33 47.60 -43.85
C29 POV T . -6.49 48.24 -43.12
C31 POV T . -5.56 55.11 -52.19
O31 POV T . -4.55 54.87 -53.20
C32 POV T . -5.30 55.98 -50.97
O32 POV T . -6.65 54.59 -52.33
C33 POV T . -5.26 57.44 -51.38
C34 POV T . -6.66 58.07 -51.41
C35 POV T . -6.85 59.12 -52.50
C36 POV T . -7.72 58.62 -53.65
C37 POV T . -7.14 57.40 -54.35
C1 CLR U . 15.13 58.86 -40.03
C2 CLR U . 15.12 60.11 -40.87
C3 CLR U . 15.46 61.32 -40.02
C4 CLR U . 16.91 61.17 -39.61
C5 CLR U . 17.02 59.89 -38.82
C6 CLR U . 17.59 59.90 -37.60
C7 CLR U . 18.36 58.72 -37.09
C8 CLR U . 17.68 57.42 -37.55
C9 CLR U . 16.36 57.63 -38.26
C10 CLR U . 16.50 58.61 -39.40
C11 CLR U . 15.85 56.29 -38.77
C12 CLR U . 15.80 55.20 -37.70
C13 CLR U . 17.12 55.15 -36.98
C14 CLR U . 17.34 56.52 -36.39
C15 CLR U . 18.35 56.35 -35.28
C16 CLR U . 18.03 54.96 -34.74
C17 CLR U . 17.20 54.23 -35.78
C18 CLR U . 18.25 54.88 -37.97
C19 CLR U . 17.47 58.08 -40.43
C20 CLR U . 17.81 52.87 -36.10
C21 CLR U . 16.99 52.04 -37.07
C22 CLR U . 17.95 52.09 -34.80
C23 CLR U . 16.59 51.93 -34.15
C24 CLR U . 16.38 50.50 -33.68
C25 CLR U . 17.61 49.64 -33.97
C26 CLR U . 18.30 49.23 -32.68
C27 CLR U . 17.23 48.42 -34.79
O1 CLR U . 15.29 62.53 -40.78
C1 CLR V . 14.77 55.90 -47.62
C2 CLR V . 14.82 57.13 -48.54
C3 CLR V . 14.39 58.40 -47.81
C4 CLR V . 15.28 58.63 -46.60
C5 CLR V . 15.33 57.38 -45.76
C6 CLR V . 15.02 57.45 -44.45
C7 CLR V . 15.46 56.41 -43.45
C8 CLR V . 16.22 55.30 -44.15
C9 CLR V . 15.53 54.93 -45.46
C10 CLR V . 15.69 56.08 -46.43
C11 CLR V . 16.11 53.67 -46.07
C12 CLR V . 16.28 52.50 -45.10
C13 CLR V . 17.09 52.95 -43.90
C14 CLR V . 16.33 54.09 -43.26
C15 CLR V . 17.01 54.29 -41.93
C16 CLR V . 17.39 52.87 -41.52
C17 CLR V . 17.22 51.98 -42.74
C18 CLR V . 18.50 53.39 -44.31
C19 CLR V . 17.15 56.11 -46.90
C20 CLR V . 18.38 51.02 -42.86
C21 CLR V . 17.94 49.65 -43.37
C22 CLR V . 19.06 50.87 -41.51
C23 CLR V . 19.08 49.40 -41.09
C24 CLR V . 20.33 49.06 -40.30
C25 CLR V . 20.67 47.60 -40.49
C26 CLR V . 19.54 46.71 -39.98
C27 CLR V . 20.96 47.30 -41.95
O1 CLR V . 14.55 59.51 -48.71
C P5S W . -36.93 23.21 -34.56
N P5S W . -36.13 24.20 -32.50
O P5S W . -36.44 24.15 -35.16
C1 P5S W . -34.92 24.67 -27.19
C2 P5S W . -35.00 23.98 -28.54
C3 P5S W . -36.10 22.93 -28.48
CA P5S W . -36.57 22.95 -33.13
CB P5S W . -37.79 22.41 -32.38
OG P5S W . -37.45 21.17 -31.75
P12 P5S W . -36.58 21.16 -30.39
O13 P5S W . -37.20 20.25 -29.40
O15 P5S W . -35.09 20.63 -30.73
O16 P5S W . -36.55 22.65 -29.79
C17 P5S W . -35.53 27.10 -27.20
O18 P5S W . -36.39 27.95 -26.99
O19 P5S W . -35.91 25.70 -27.10
C20 P5S W . -34.13 27.51 -27.56
C21 P5S W . -34.24 28.60 -28.63
C22 P5S W . -32.96 28.72 -29.45
C23 P5S W . -33.11 29.78 -30.53
C24 P5S W . -31.78 30.46 -30.84
C25 P5S W . -31.37 31.43 -29.74
C26 P5S W . -31.76 32.86 -30.07
C27 P5S W . -31.87 33.69 -28.81
C28 P5S W . -31.21 35.06 -28.98
C29 P5S W . -29.91 35.15 -28.19
C30 P5S W . -29.98 34.37 -26.89
C31 P5S W . -28.62 33.83 -26.50
C32 P5S W . -28.07 32.87 -27.56
C33 P5S W . -26.83 32.17 -27.02
C34 P5S W . -25.60 32.56 -27.83
C35 P5S W . -24.48 31.55 -27.62
C36 P5S W . -23.14 32.23 -27.47
O37 P5S W . -33.74 23.35 -28.82
C38 P5S W . -33.21 23.67 -30.13
C39 P5S W . -32.48 24.97 -30.37
C40 P5S W . -32.78 25.49 -31.76
C41 P5S W . -31.58 25.35 -32.69
C42 P5S W . -31.26 26.65 -33.39
C43 P5S W . -29.75 26.87 -33.46
C44 P5S W . -29.42 28.33 -33.20
C45 P5S W . -27.94 28.59 -33.43
C46 P5S W . -27.64 30.07 -33.56
O47 P5S W . -33.35 22.88 -31.04
C48 P5S W . -28.34 30.90 -32.50
C49 P5S W . -27.39 31.88 -31.83
C50 P5S W . -28.06 33.25 -31.66
C51 P5S W . -27.75 34.14 -32.86
C52 P5S W . -28.24 35.57 -32.62
C53 P5S W . -27.76 36.09 -31.27
C54 P5S W . -26.74 37.20 -31.45
C55 P5S W . -27.25 38.53 -30.90
C56 P5S W . -26.23 39.63 -31.12
OXT P5S W . -37.78 22.40 -35.19
N POV X . -30.35 46.21 -43.66
P POV X . -32.33 49.99 -45.07
C1 POV X . -32.80 51.84 -43.23
C2 POV X . -32.04 52.66 -42.19
C3 POV X . -31.48 53.94 -42.82
C210 POV X . -25.62 48.97 -32.12
C11 POV X . -31.19 48.60 -43.10
O11 POV X . -31.90 51.27 -44.19
C211 POV X . -24.86 47.69 -31.81
C12 POV X . -31.15 47.10 -42.78
O12 POV X . -32.31 48.83 -43.96
C212 POV X . -23.58 48.04 -31.04
C13 POV X . -28.93 46.26 -43.26
O13 POV X . -33.74 50.16 -45.54
C213 POV X . -23.76 48.01 -29.52
C14 POV X . -30.80 44.82 -43.44
O14 POV X . -31.26 49.69 -46.08
C15 POV X . -30.48 46.49 -45.10
C21 POV X . -30.33 52.21 -40.44
O21 POV X . -30.97 51.84 -41.69
C22 POV X . -29.04 51.54 -40.06
O22 POV X . -30.81 53.02 -39.68
C23 POV X . -29.36 50.30 -39.25
C24 POV X . -28.13 49.77 -38.52
C25 POV X . -27.88 50.46 -37.18
C26 POV X . -26.88 49.69 -36.33
C27 POV X . -27.53 48.71 -35.37
C28 POV X . -26.54 48.20 -34.32
C29 POV X . -26.35 49.19 -33.20
C31 POV X . -31.69 55.65 -40.95
O31 POV X . -32.10 55.09 -42.23
C32 POV X . -30.33 56.28 -40.74
O32 POV X . -32.48 55.60 -40.03
C33 POV X . -30.27 57.64 -41.43
C34 POV X . -30.82 58.75 -40.53
C35 POV X . -31.57 59.86 -41.29
C36 POV X . -33.08 59.79 -41.11
C37 POV X . -33.68 58.48 -41.59
C1 CLR Y . -10.20 51.15 -51.42
C2 CLR Y . -10.37 52.42 -52.25
C3 CLR Y . -9.02 53.11 -52.40
C4 CLR Y . -8.13 52.21 -53.23
C5 CLR Y . -8.02 50.86 -52.55
C6 CLR Y . -6.79 50.34 -52.41
C7 CLR Y . -6.48 49.47 -51.22
C8 CLR Y . -7.59 48.44 -51.15
C9 CLR Y . -8.96 49.08 -51.02
C10 CLR Y . -9.26 50.15 -52.07
C11 CLR Y . -10.03 47.99 -51.09
C12 CLR Y . -9.78 46.84 -50.12
C13 CLR Y . -8.34 46.38 -50.23
C14 CLR Y . -7.49 47.57 -49.93
C15 CLR Y . -6.14 47.01 -49.54
C16 CLR Y . -6.49 45.72 -48.80
C17 CLR Y . -7.90 45.32 -49.23
C18 CLR Y . -8.05 45.89 -51.64
C19 CLR Y . -9.93 49.49 -53.26
C20 CLR Y . -7.88 43.96 -49.86
C21 CLR Y . -9.24 43.27 -49.80
C22 CLR Y . -6.85 43.09 -49.16
C23 CLR Y . -7.53 42.34 -48.02
C24 CLR Y . -6.49 41.89 -47.01
C25 CLR Y . -6.35 40.38 -47.06
C26 CLR Y . -5.18 39.90 -46.22
C27 CLR Y . -7.64 39.71 -46.62
O1 CLR Y . -9.19 54.36 -53.07
C1 CLR Z . -16.92 48.27 -54.23
C2 CLR Z . -17.09 49.58 -55.00
C3 CLR Z . -16.13 50.65 -54.50
C4 CLR Z . -14.71 50.16 -54.72
C5 CLR Z . -14.55 48.83 -54.04
C6 CLR Z . -13.56 48.72 -53.13
C7 CLR Z . -13.37 47.46 -52.32
C8 CLR Z . -13.86 46.32 -53.18
C9 CLR Z . -15.33 46.50 -53.48
C10 CLR Z . -15.51 47.71 -54.39
C11 CLR Z . -15.90 45.25 -54.17
C12 CLR Z . -15.42 43.89 -53.67
C13 CLR Z . -13.92 43.85 -53.44
C14 CLR Z . -13.63 44.99 -52.49
C15 CLR Z . -12.23 44.73 -51.99
C16 CLR Z . -12.16 43.21 -51.91
C17 CLR Z . -13.34 42.66 -52.70
C18 CLR Z . -13.14 44.03 -54.74
C19 CLR Z . -15.27 47.30 -55.83
C20 CLR Z . -12.88 41.53 -53.60
C21 CLR Z . -13.91 40.41 -53.69
C22 CLR Z . -11.56 40.97 -53.10
C23 CLR Z . -11.71 39.48 -52.80
C24 CLR Z . -10.61 39.00 -51.86
C25 CLR Z . -10.78 37.51 -51.62
C26 CLR Z . -10.43 37.14 -50.17
C27 CLR Z . -12.20 37.06 -51.95
O1 CLR Z . -16.34 51.87 -55.23
C P5S AA . -40.45 37.95 1.16
N P5S AA . -39.50 38.59 3.31
O P5S AA . -39.97 38.62 0.27
C1 P5S AA . -34.47 37.47 4.52
C2 P5S AA . -35.68 36.90 3.80
C3 P5S AA . -36.72 36.49 4.84
CA P5S AA . -39.62 37.50 2.32
CB P5S AA . -40.26 36.29 2.98
OG P5S AA . -39.31 35.23 3.06
P12 P5S AA . -38.73 34.80 4.50
O13 P5S AA . -39.45 35.53 5.57
O15 P5S AA . -38.90 33.21 4.71
O16 P5S AA . -37.16 35.17 4.57
C17 P5S AA . -33.15 39.20 3.33
O18 P5S AA . -32.04 39.02 3.79
O19 P5S AA . -34.31 38.82 4.12
C20 P5S AA . -33.32 39.79 1.95
C21 P5S AA . -34.46 40.80 1.96
C22 P5S AA . -34.75 41.29 0.56
C23 P5S AA . -33.54 42.03 -0.01
C24 P5S AA . -33.41 41.84 -1.51
C25 P5S AA . -32.17 42.56 -2.02
C26 P5S AA . -32.44 44.04 -2.17
C27 P5S AA . -31.27 44.88 -1.64
C28 P5S AA . -30.69 45.78 -2.73
C29 P5S AA . -29.36 45.23 -3.25
C30 P5S AA . -28.55 44.60 -2.12
C31 P5S AA . -27.76 43.40 -2.62
C32 P5S AA . -28.46 42.64 -3.74
C33 P5S AA . -27.68 41.37 -4.06
C34 P5S AA . -27.73 41.07 -5.56
C35 P5S AA . -26.94 39.81 -5.87
C36 P5S AA . -26.13 39.96 -7.14
O37 P5S AA . -35.30 35.78 3.01
C38 P5S AA . -35.81 35.84 1.64
C39 P5S AA . -35.31 36.88 0.67
C40 P5S AA . -36.46 37.76 0.20
C41 P5S AA . -36.71 37.64 -1.29
C42 P5S AA . -35.80 38.57 -2.07
C43 P5S AA . -35.92 38.31 -3.56
C44 P5S AA . -35.12 39.34 -4.34
C45 P5S AA . -34.71 38.79 -5.70
C46 P5S AA . -33.80 39.75 -6.44
O47 P5S AA . -36.65 35.02 1.30
C48 P5S AA . -33.31 40.89 -5.56
C49 P5S AA . -32.02 41.48 -6.09
C50 P5S AA . -32.04 43.00 -6.01
C51 P5S AA . -32.59 43.62 -7.28
C52 P5S AA . -32.33 45.12 -7.34
C53 P5S AA . -30.93 45.48 -6.85
C54 P5S AA . -30.07 46.02 -7.98
C55 P5S AA . -29.53 47.41 -7.68
C56 P5S AA . -28.83 47.98 -8.90
OXT P5S AA . -41.74 37.61 1.11
N POV BA . -39.65 56.42 -14.81
P POV BA . -40.86 60.73 -15.19
C1 POV BA . -39.15 62.54 -14.29
C2 POV BA . -37.69 62.96 -14.52
C3 POV BA . -37.59 63.96 -15.66
C210 POV BA . -27.08 56.64 -12.51
C11 POV BA . -39.03 58.92 -14.53
O11 POV BA . -39.60 61.72 -15.37
C211 POV BA . -26.75 55.16 -12.55
C12 POV BA . -39.12 57.52 -13.95
O12 POV BA . -40.26 59.59 -14.24
C212 POV BA . -25.38 54.96 -13.18
C13 POV BA . -38.57 55.92 -15.68
O13 POV BA . -41.95 61.45 -14.43
C213 POV BA . -24.25 54.95 -12.15
C14 POV BA . -40.07 55.31 -13.94
O14 POV BA . -41.21 60.09 -16.51
C15 POV BA . -40.82 56.80 -15.62
C21 POV BA . -35.50 61.80 -14.66
O21 POV BA . -36.95 61.77 -14.80
C22 POV BA . -34.68 60.69 -15.24
O22 POV BA . -34.92 62.70 -14.10
C23 POV BA . -34.50 59.62 -14.17
C24 POV BA . -33.40 58.64 -14.54
C25 POV BA . -32.00 59.11 -14.16
C26 POV BA . -30.98 57.98 -14.21
C27 POV BA . -30.79 57.28 -12.87
C28 POV BA . -29.56 56.38 -12.88
C29 POV BA . -28.30 57.18 -12.65
C31 POV BA . -35.74 65.53 -14.91
O31 POV BA . -37.14 65.23 -15.17
C32 POV BA . -34.70 65.59 -16.01
O32 POV BA . -35.42 65.75 -13.76
C33 POV BA . -34.89 66.86 -16.83
C34 POV BA . -34.16 68.05 -16.21
C35 POV BA . -34.88 69.39 -16.39
C36 POV BA . -35.53 69.89 -15.12
C37 POV BA . -36.58 68.93 -14.56
C1 CLR CA . -34.48 53.01 -35.89
C2 CLR CA . -34.83 54.34 -36.54
C3 CLR CA . -33.93 54.53 -37.73
C4 CLR CA . -34.40 53.56 -38.80
C5 CLR CA . -34.36 52.15 -38.28
C6 CLR CA . -34.10 51.16 -39.15
C7 CLR CA . -33.33 49.94 -38.75
C8 CLR CA . -33.63 49.58 -37.30
C9 CLR CA . -33.62 50.79 -36.38
C10 CLR CA . -34.62 51.82 -36.83
C11 CLR CA . -33.96 50.38 -34.94
C12 CLR CA . -33.20 49.16 -34.44
C13 CLR CA . -33.26 48.07 -35.48
C14 CLR CA . -32.62 48.64 -36.71
C15 CLR CA . -32.14 47.46 -37.53
C16 CLR CA . -31.70 46.46 -36.46
C17 CLR CA . -32.44 46.83 -35.18
C18 CLR CA . -34.70 47.70 -35.77
C19 CLR CA . -36.02 51.23 -36.71
C20 CLR CA . -33.34 45.68 -34.76
C21 CLR CA . -33.68 45.74 -33.29
C22 CLR CA . -32.65 44.37 -35.08
C23 CLR CA . -32.80 43.44 -33.90
C24 CLR CA . -31.45 42.98 -33.38
C25 CLR CA . -31.62 41.65 -32.66
C26 CLR CA . -32.19 40.60 -33.62
C27 CLR CA . -30.30 41.18 -32.07
O1 CLR CA . -34.03 55.87 -38.22
C1 CLR DA . -41.59 54.13 -31.20
C2 CLR DA . -42.24 55.42 -31.71
C3 CLR DA . -41.22 56.34 -32.40
C4 CLR DA . -40.55 55.61 -33.55
C5 CLR DA . -40.01 54.29 -33.06
C6 CLR DA . -38.72 54.00 -33.26
C7 CLR DA . -38.17 52.59 -33.24
C8 CLR DA . -39.29 51.61 -32.89
C9 CLR DA . -40.18 52.17 -31.79
C10 CLR DA . -40.95 53.35 -32.34
C11 CLR DA . -41.17 51.13 -31.29
C12 CLR DA . -40.55 49.77 -30.96
C13 CLR DA . -39.75 49.26 -32.14
C14 CLR DA . -38.69 50.29 -32.42
C15 CLR DA . -37.74 49.60 -33.37
C16 CLR DA . -37.75 48.15 -32.88
C17 CLR DA . -38.91 48.02 -31.90
C18 CLR DA . -40.64 49.02 -33.35
C19 CLR DA . -42.02 52.84 -33.29
C20 CLR DA . -39.66 46.72 -32.16
C21 CLR DA . -40.11 46.08 -30.85
C22 CLR DA . -38.77 45.74 -32.92
C23 CLR DA . -38.70 44.42 -32.18
C24 CLR DA . -38.69 43.25 -33.14
C25 CLR DA . -39.26 42.02 -32.46
C26 CLR DA . -38.41 41.63 -31.26
C27 CLR DA . -40.71 42.25 -32.04
O1 CLR DA . -41.91 57.48 -32.90
#